data_5IRO
#
_entry.id   5IRO
#
_cell.length_a   165.727
_cell.length_b   165.727
_cell.length_c   122.858
_cell.angle_alpha   90.00
_cell.angle_beta   90.00
_cell.angle_gamma   120.00
#
_symmetry.space_group_name_H-M   'P 3'
#
loop_
_entity.id
_entity.type
_entity.pdbx_description
1 polymer 'HLA class I histocompatibility antigen, A-2 alpha chain'
2 polymer 'TAX protein'
3 polymer Beta-2-microglobulin
4 polymer 'E3 19 kDa protein'
5 water water
#
loop_
_entity_poly.entity_id
_entity_poly.type
_entity_poly.pdbx_seq_one_letter_code
_entity_poly.pdbx_strand_id
1 'polypeptide(L)'
;GSHSMRYFFTSVSRPGRGEPRFIAVGYVDDTQFVRFDSDAASQRMEPRAPWIEQEGPEYWDGETRKVKAHSQTHRVDLGT
LRGYYNQSEAGSHTVQRMYGCDVGSDWRFLRGYHQYAYDGKDYIALKEDLRSWTAADMAAQTTKHKWEAAHVAEQLRAYL
EGTCVEWLRRYLENGKETLQRTDAPKTHMTHHAVSDHEATLRCWALSFYPAEITLTWQRDGEDQTQDTELVETRPAGDGT
FQKWAAVVVPSGQEQRYTCHVQHEGLPKPLTLRWE
;
A,E,I,M,Q,U
2 'polypeptide(L)' LLFGYPVYV B,F,J,N,R,V
3 'polypeptide(L)'
;MIQRTPKIQVYSRHPAENGKSNFLNCYVSGFHPSDIEVDLLKNGERIEKVEHSDLSFSKDWSFYLLYYTEFTPTEKDEYA
CRVNHVTLSQPKIVKWDRDM
;
C,G,K,O,S,W
4 'polypeptide(L)'
;AVVTEKADPCLTFNPDKCQLSFQPDGNRCAVLIKCGWECQSVAIQYKNKTRNNTLASTWQPGDPEWYTVSVPGADGFLRT
VNNTFIFEHMCNTAMFMSRQYHMWPPRK
;
D,H,L,P,T,X
#
# COMPACT_ATOMS: atom_id res chain seq x y z
N GLY A 1 -23.17 52.07 -8.11
CA GLY A 1 -23.13 53.37 -7.48
C GLY A 1 -21.74 53.94 -7.36
N SER A 2 -21.00 53.92 -8.46
CA SER A 2 -19.63 54.40 -8.50
C SER A 2 -18.82 53.73 -7.40
N HIS A 3 -19.14 52.46 -7.14
CA HIS A 3 -18.53 51.72 -6.05
C HIS A 3 -18.39 50.22 -6.36
N SER A 4 -17.14 49.78 -6.52
CA SER A 4 -16.82 48.41 -6.88
C SER A 4 -15.32 48.27 -6.90
N MET A 5 -14.80 47.10 -6.51
CA MET A 5 -13.34 47.00 -6.56
C MET A 5 -12.77 45.59 -6.79
N ARG A 6 -11.67 45.28 -6.13
CA ARG A 6 -10.74 44.27 -6.63
C ARG A 6 -10.27 43.20 -5.63
N TYR A 7 -9.46 42.27 -6.13
CA TYR A 7 -8.81 41.23 -5.34
C TYR A 7 -7.30 41.32 -5.56
N PHE A 8 -6.51 41.19 -4.50
CA PHE A 8 -5.06 41.31 -4.59
C PHE A 8 -4.36 40.03 -4.19
N PHE A 9 -3.25 39.75 -4.86
CA PHE A 9 -2.47 38.57 -4.58
C PHE A 9 -0.99 38.96 -4.58
N THR A 10 -0.26 38.43 -3.61
CA THR A 10 1.16 38.71 -3.47
C THR A 10 1.92 37.43 -3.16
N SER A 11 3.00 37.17 -3.90
CA SER A 11 3.82 36.00 -3.65
C SER A 11 5.29 36.41 -3.64
N VAL A 12 5.99 36.11 -2.55
CA VAL A 12 7.37 36.56 -2.45
C VAL A 12 8.36 35.40 -2.36
N SER A 13 9.26 35.33 -3.33
CA SER A 13 10.30 34.32 -3.31
C SER A 13 11.28 34.68 -2.21
N ARG A 14 11.50 33.73 -1.31
CA ARG A 14 12.32 33.94 -0.14
C ARG A 14 13.80 33.69 -0.44
N PRO A 15 14.71 34.41 0.25
CA PRO A 15 16.16 34.32 0.01
C PRO A 15 16.72 32.95 0.33
N GLY A 16 16.17 31.91 -0.31
CA GLY A 16 16.61 30.56 -0.05
C GLY A 16 15.88 30.09 1.19
N ARG A 17 14.94 30.92 1.64
CA ARG A 17 14.12 30.63 2.82
C ARG A 17 12.93 29.74 2.43
N GLY A 18 13.24 28.56 1.91
CA GLY A 18 12.22 27.55 1.63
C GLY A 18 11.23 27.91 0.54
N GLU A 19 10.00 28.15 0.96
CA GLU A 19 8.90 28.37 0.05
C GLU A 19 8.41 29.79 0.18
N PRO A 20 7.92 30.36 -0.93
CA PRO A 20 7.42 31.73 -0.92
C PRO A 20 6.29 31.92 0.07
N ARG A 21 5.98 33.16 0.41
CA ARG A 21 4.85 33.42 1.26
C ARG A 21 3.80 34.02 0.36
N PHE A 22 2.54 33.83 0.71
CA PHE A 22 1.46 34.23 -0.17
C PHE A 22 0.37 34.95 0.60
N ILE A 23 -0.04 36.06 0.03
CA ILE A 23 -1.01 36.95 0.63
C ILE A 23 -2.18 37.16 -0.32
N ALA A 24 -3.34 36.71 0.14
CA ALA A 24 -4.56 36.89 -0.63
C ALA A 24 -5.39 37.89 0.13
N VAL A 25 -5.70 39.00 -0.51
CA VAL A 25 -6.47 40.04 0.15
C VAL A 25 -7.62 40.38 -0.79
N GLY A 26 -8.75 40.81 -0.26
CA GLY A 26 -9.81 41.24 -1.15
C GLY A 26 -10.41 42.54 -0.69
N TYR A 27 -11.24 43.11 -1.54
CA TYR A 27 -11.71 44.48 -1.37
C TYR A 27 -13.03 44.66 -2.08
N VAL A 28 -13.91 45.44 -1.47
CA VAL A 28 -15.05 46.01 -2.17
C VAL A 28 -15.02 47.50 -1.85
N ASP A 29 -14.82 48.29 -2.90
CA ASP A 29 -14.43 49.69 -2.75
C ASP A 29 -13.16 49.75 -1.92
N ASP A 30 -13.03 50.77 -1.07
CA ASP A 30 -11.84 50.91 -0.27
C ASP A 30 -12.00 50.11 1.02
N THR A 31 -13.09 49.35 1.08
CA THR A 31 -13.39 48.48 2.21
C THR A 31 -12.96 47.05 1.92
N GLN A 32 -11.88 46.64 2.60
CA GLN A 32 -11.29 45.31 2.49
C GLN A 32 -12.23 44.22 2.98
N PHE A 33 -12.06 43.01 2.43
CA PHE A 33 -12.98 41.91 2.72
C PHE A 33 -12.37 40.67 3.38
N VAL A 34 -11.36 40.11 2.73
CA VAL A 34 -10.82 38.82 3.14
C VAL A 34 -9.32 38.86 3.40
N ARG A 35 -8.87 38.00 4.31
CA ARG A 35 -7.47 37.98 4.73
C ARG A 35 -6.89 36.57 4.75
N PHE A 36 -6.04 36.28 3.76
CA PHE A 36 -5.26 35.04 3.76
C PHE A 36 -3.76 35.30 3.77
N ASP A 37 -3.06 34.54 4.62
CA ASP A 37 -1.61 34.57 4.69
C ASP A 37 -1.11 33.14 4.91
N SER A 38 -0.02 32.79 4.25
CA SER A 38 0.45 31.40 4.26
C SER A 38 1.23 31.05 5.51
N ASP A 39 1.75 32.05 6.20
CA ASP A 39 2.46 31.84 7.45
C ASP A 39 1.56 32.25 8.62
N ALA A 40 0.28 32.42 8.32
CA ALA A 40 -0.72 32.66 9.35
C ALA A 40 -1.01 31.37 10.09
N ALA A 41 -1.47 31.49 11.33
CA ALA A 41 -1.76 30.34 12.17
C ALA A 41 -2.98 29.59 11.66
N SER A 42 -3.78 30.27 10.84
CA SER A 42 -4.96 29.68 10.25
C SER A 42 -4.73 29.34 8.79
N GLN A 43 -5.00 28.09 8.42
CA GLN A 43 -4.85 27.66 7.03
C GLN A 43 -6.16 27.93 6.29
N ARG A 44 -7.05 28.65 6.96
CA ARG A 44 -8.28 29.12 6.34
C ARG A 44 -8.13 30.60 6.03
N MET A 45 -9.06 31.13 5.24
CA MET A 45 -9.07 32.56 4.96
C MET A 45 -10.00 33.25 5.96
N GLU A 46 -9.53 34.35 6.51
CA GLU A 46 -10.25 35.02 7.57
C GLU A 46 -11.01 36.24 7.08
N PRO A 47 -12.23 36.44 7.61
CA PRO A 47 -13.02 37.64 7.35
C PRO A 47 -12.69 38.71 8.37
N ARG A 48 -12.31 39.89 7.87
CA ARG A 48 -11.98 40.99 8.75
C ARG A 48 -13.13 41.98 8.74
N ALA A 49 -13.93 41.93 7.68
CA ALA A 49 -15.17 42.68 7.61
C ALA A 49 -16.32 41.85 8.18
N PRO A 50 -17.18 42.47 9.00
CA PRO A 50 -18.29 41.77 9.65
C PRO A 50 -19.42 41.35 8.70
N TRP A 51 -19.62 42.10 7.61
CA TRP A 51 -20.76 41.86 6.70
C TRP A 51 -20.44 40.88 5.57
N ILE A 52 -19.36 40.12 5.75
CA ILE A 52 -19.06 38.99 4.88
C ILE A 52 -19.20 37.75 5.75
N GLU A 53 -19.36 37.99 7.04
CA GLU A 53 -19.60 36.94 8.01
C GLU A 53 -21.07 36.54 8.02
N GLN A 54 -21.84 37.11 7.11
CA GLN A 54 -23.21 36.67 6.87
C GLN A 54 -23.17 35.49 5.90
N GLU A 55 -21.96 35.13 5.50
CA GLU A 55 -21.75 34.00 4.61
C GLU A 55 -21.42 32.76 5.41
N GLY A 56 -21.92 31.62 4.95
CA GLY A 56 -21.75 30.38 5.67
C GLY A 56 -20.52 29.62 5.21
N PRO A 57 -20.23 28.49 5.87
CA PRO A 57 -19.10 27.61 5.58
C PRO A 57 -19.12 27.15 4.13
N GLU A 58 -20.30 27.18 3.51
CA GLU A 58 -20.46 26.90 2.09
C GLU A 58 -19.64 27.91 1.30
N TYR A 59 -19.52 29.13 1.84
CA TYR A 59 -18.75 30.19 1.19
C TYR A 59 -17.31 30.25 1.68
N TRP A 60 -17.05 29.74 2.87
CA TRP A 60 -15.71 29.82 3.45
C TRP A 60 -14.85 28.63 3.06
N ASP A 61 -15.42 27.44 3.21
CA ASP A 61 -14.74 26.21 2.88
C ASP A 61 -14.53 26.13 1.37
N GLY A 62 -15.43 26.76 0.63
CA GLY A 62 -15.35 26.81 -0.82
C GLY A 62 -14.52 27.96 -1.35
N GLU A 63 -13.89 28.71 -0.45
CA GLU A 63 -13.05 29.84 -0.82
C GLU A 63 -11.68 29.72 -0.17
N THR A 64 -11.54 28.74 0.71
CA THR A 64 -10.25 28.46 1.35
C THR A 64 -9.46 27.43 0.54
N ARG A 65 -10.17 26.69 -0.32
CA ARG A 65 -9.54 25.69 -1.17
C ARG A 65 -8.93 26.43 -2.35
N LYS A 66 -9.69 27.42 -2.81
CA LYS A 66 -9.36 28.22 -3.98
C LYS A 66 -8.15 29.12 -3.76
N VAL A 67 -8.02 29.66 -2.55
CA VAL A 67 -6.90 30.52 -2.23
C VAL A 67 -5.63 29.71 -2.06
N LYS A 68 -5.76 28.51 -1.53
CA LYS A 68 -4.64 27.58 -1.47
C LYS A 68 -4.20 27.25 -2.88
N ALA A 69 -5.18 27.05 -3.76
CA ALA A 69 -4.92 26.77 -5.16
C ALA A 69 -4.15 27.93 -5.79
N HIS A 70 -4.54 29.15 -5.43
CA HIS A 70 -3.85 30.35 -5.90
C HIS A 70 -2.41 30.40 -5.36
N SER A 71 -2.23 30.00 -4.12
CA SER A 71 -0.90 29.96 -3.51
C SER A 71 -0.02 28.97 -4.24
N GLN A 72 -0.63 27.89 -4.72
CA GLN A 72 0.13 26.85 -5.38
C GLN A 72 0.50 27.25 -6.80
N THR A 73 -0.47 27.81 -7.54
CA THR A 73 -0.20 28.29 -8.88
C THR A 73 0.81 29.44 -8.85
N HIS A 74 0.80 30.21 -7.78
CA HIS A 74 1.78 31.27 -7.59
C HIS A 74 3.16 30.68 -7.34
N ARG A 75 3.24 29.80 -6.36
CA ARG A 75 4.48 29.15 -5.94
C ARG A 75 5.13 28.35 -7.07
N VAL A 76 4.33 27.97 -8.06
CA VAL A 76 4.87 27.29 -9.24
C VAL A 76 5.25 28.30 -10.33
N ASP A 77 4.38 29.30 -10.51
CA ASP A 77 4.60 30.33 -11.52
C ASP A 77 5.91 31.08 -11.30
N LEU A 78 6.23 31.38 -10.04
CA LEU A 78 7.50 32.06 -9.74
C LEU A 78 8.71 31.19 -10.07
N GLY A 79 8.57 29.89 -9.84
CA GLY A 79 9.62 28.95 -10.17
C GLY A 79 9.84 28.96 -11.65
N THR A 80 8.76 29.10 -12.42
CA THR A 80 8.85 29.19 -13.86
C THR A 80 9.55 30.48 -14.29
N LEU A 81 8.99 31.62 -13.87
CA LEU A 81 9.44 32.92 -14.31
C LEU A 81 10.91 33.19 -13.96
N ARG A 82 11.32 32.81 -12.76
CA ARG A 82 12.72 32.93 -12.38
C ARG A 82 13.56 31.83 -13.02
N GLY A 83 12.91 30.73 -13.37
CA GLY A 83 13.59 29.62 -14.00
C GLY A 83 13.97 29.91 -15.45
N TYR A 84 13.26 30.84 -16.07
CA TYR A 84 13.47 31.11 -17.49
C TYR A 84 14.04 32.50 -17.82
N TYR A 85 14.21 33.33 -16.80
CA TYR A 85 15.03 34.53 -16.93
C TYR A 85 16.46 34.18 -16.52
N ASN A 86 17.13 35.11 -15.85
CA ASN A 86 18.46 34.87 -15.34
C ASN A 86 18.58 35.19 -13.86
N GLN A 87 18.34 34.18 -13.03
CA GLN A 87 18.37 34.35 -11.59
C GLN A 87 19.21 33.23 -10.97
N SER A 88 19.41 33.32 -9.66
CA SER A 88 19.99 32.27 -8.84
C SER A 88 18.94 31.98 -7.78
N GLU A 89 18.82 30.72 -7.37
CA GLU A 89 17.75 30.33 -6.45
C GLU A 89 17.95 30.93 -5.06
N ALA A 90 19.15 31.43 -4.78
CA ALA A 90 19.40 32.18 -3.55
C ALA A 90 18.72 33.55 -3.63
N GLY A 91 18.30 33.93 -4.83
CA GLY A 91 17.66 35.22 -5.05
C GLY A 91 16.24 35.27 -4.51
N SER A 92 15.71 36.49 -4.39
CA SER A 92 14.38 36.71 -3.83
C SER A 92 13.53 37.62 -4.70
N HIS A 93 12.54 37.06 -5.39
CA HIS A 93 11.74 37.86 -6.32
C HIS A 93 10.26 37.90 -5.92
N THR A 94 9.50 38.79 -6.54
CA THR A 94 8.11 39.04 -6.14
C THR A 94 7.11 39.06 -7.31
N VAL A 95 5.97 38.40 -7.10
CA VAL A 95 4.90 38.34 -8.10
C VAL A 95 3.56 38.81 -7.53
N GLN A 96 2.99 39.84 -8.13
CA GLN A 96 1.72 40.40 -7.65
C GLN A 96 0.66 40.31 -8.74
N ARG A 97 -0.59 40.06 -8.33
CA ARG A 97 -1.66 39.74 -9.26
C ARG A 97 -2.91 40.62 -9.19
N MET A 98 -3.75 40.50 -10.21
CA MET A 98 -5.00 41.25 -10.26
C MET A 98 -6.00 40.63 -11.22
N TYR A 99 -7.25 40.56 -10.80
CA TYR A 99 -8.40 40.29 -11.67
C TYR A 99 -9.66 40.81 -10.99
N GLY A 100 -10.58 41.39 -11.77
CA GLY A 100 -11.83 41.84 -11.18
C GLY A 100 -12.63 42.83 -12.00
N CYS A 101 -13.74 43.29 -11.42
CA CYS A 101 -14.74 44.05 -12.13
C CYS A 101 -15.12 45.34 -11.40
N ASP A 102 -15.63 46.32 -12.14
CA ASP A 102 -16.20 47.52 -11.56
C ASP A 102 -17.66 47.64 -12.01
N VAL A 103 -18.44 48.48 -11.35
CA VAL A 103 -19.84 48.67 -11.72
C VAL A 103 -20.25 50.13 -11.64
N GLY A 104 -21.20 50.52 -12.49
CA GLY A 104 -21.68 51.89 -12.54
C GLY A 104 -22.76 52.14 -11.51
N SER A 105 -23.45 53.27 -11.63
CA SER A 105 -24.50 53.64 -10.69
C SER A 105 -25.74 52.75 -10.78
N ASP A 106 -26.03 52.24 -11.97
CA ASP A 106 -27.11 51.28 -12.13
C ASP A 106 -26.67 49.90 -11.66
N TRP A 107 -25.51 49.86 -11.03
CA TRP A 107 -24.90 48.65 -10.49
C TRP A 107 -24.66 47.63 -11.60
N ARG A 108 -24.76 48.08 -12.84
CA ARG A 108 -24.59 47.19 -13.97
C ARG A 108 -23.11 47.14 -14.32
N PHE A 109 -22.73 46.15 -15.12
CA PHE A 109 -21.33 45.87 -15.34
C PHE A 109 -20.60 47.05 -15.99
N LEU A 110 -19.68 47.63 -15.23
CA LEU A 110 -18.68 48.52 -15.78
C LEU A 110 -17.53 47.59 -16.11
N ARG A 111 -16.60 48.04 -16.93
CA ARG A 111 -15.60 47.14 -17.50
C ARG A 111 -14.72 46.48 -16.44
N GLY A 112 -14.26 45.26 -16.71
CA GLY A 112 -13.50 44.52 -15.73
C GLY A 112 -12.03 44.47 -16.05
N TYR A 113 -11.24 43.89 -15.14
CA TYR A 113 -9.79 43.94 -15.25
C TYR A 113 -9.11 42.65 -14.83
N HIS A 114 -7.85 42.49 -15.25
CA HIS A 114 -7.06 41.31 -14.88
C HIS A 114 -5.58 41.47 -15.25
N GLN A 115 -4.71 41.70 -14.27
CA GLN A 115 -3.31 41.94 -14.58
C GLN A 115 -2.33 41.19 -13.69
N TYR A 116 -1.12 41.00 -14.19
CA TYR A 116 -0.05 40.28 -13.49
C TYR A 116 1.15 41.18 -13.28
N ALA A 117 2.12 40.71 -12.51
CA ALA A 117 3.34 41.46 -12.27
C ALA A 117 4.50 40.58 -11.81
N TYR A 118 5.64 40.74 -12.46
CA TYR A 118 6.88 40.13 -12.02
C TYR A 118 7.57 41.05 -11.01
N ASP A 119 8.90 41.00 -10.96
CA ASP A 119 9.67 41.91 -10.11
C ASP A 119 9.32 43.33 -10.45
N GLY A 120 9.37 43.63 -11.73
CA GLY A 120 9.06 44.96 -12.25
C GLY A 120 7.60 45.35 -12.13
N LYS A 121 7.20 46.24 -13.01
CA LYS A 121 5.86 46.82 -13.04
C LYS A 121 4.84 45.94 -13.75
N ASP A 122 4.60 46.24 -15.02
CA ASP A 122 3.62 45.56 -15.84
C ASP A 122 4.24 44.39 -16.59
N TYR A 123 3.62 43.22 -16.42
CA TYR A 123 4.04 42.02 -17.13
C TYR A 123 2.96 41.67 -18.14
N ILE A 124 1.87 41.11 -17.64
CA ILE A 124 0.70 40.82 -18.45
C ILE A 124 -0.57 41.37 -17.82
N ALA A 125 -1.36 42.08 -18.60
CA ALA A 125 -2.61 42.63 -18.12
C ALA A 125 -3.70 42.33 -19.14
N LEU A 126 -4.91 42.04 -18.66
CA LEU A 126 -6.03 41.92 -19.58
C LEU A 126 -6.26 43.33 -20.09
N LYS A 127 -6.43 43.49 -21.40
CA LYS A 127 -6.66 44.81 -21.96
C LYS A 127 -8.11 45.15 -21.71
N GLU A 128 -8.50 46.38 -22.01
CA GLU A 128 -9.84 46.88 -21.67
C GLU A 128 -10.92 46.27 -22.53
N ASP A 129 -10.57 45.14 -23.14
CA ASP A 129 -11.47 44.40 -24.00
C ASP A 129 -11.73 43.03 -23.41
N LEU A 130 -12.05 42.06 -24.27
CA LEU A 130 -12.44 40.70 -23.84
C LEU A 130 -11.36 39.59 -23.94
N ARG A 131 -10.89 39.30 -25.15
CA ARG A 131 -10.08 38.10 -25.44
C ARG A 131 -8.54 38.25 -25.32
N SER A 132 -8.16 39.52 -25.31
CA SER A 132 -6.81 40.04 -25.43
C SER A 132 -5.95 40.24 -24.17
N TRP A 133 -4.65 40.44 -24.43
CA TRP A 133 -3.65 40.69 -23.41
C TRP A 133 -2.74 41.82 -23.84
N THR A 134 -2.05 42.45 -22.89
CA THR A 134 -1.01 43.43 -23.19
C THR A 134 0.34 43.00 -22.62
N ALA A 135 1.23 42.56 -23.50
CA ALA A 135 2.57 42.11 -23.13
C ALA A 135 3.64 42.99 -23.78
N ALA A 136 4.76 43.16 -23.11
CA ALA A 136 5.84 44.02 -23.61
C ALA A 136 7.25 43.41 -23.44
N ASP A 137 7.31 42.18 -22.96
CA ASP A 137 8.57 41.47 -22.79
C ASP A 137 8.71 40.44 -23.90
N MET A 138 9.51 39.39 -23.67
CA MET A 138 9.62 38.28 -24.61
C MET A 138 8.97 37.00 -24.06
N ALA A 139 9.19 36.74 -22.77
CA ALA A 139 8.56 35.62 -22.07
C ALA A 139 7.06 35.87 -21.94
N ALA A 140 6.72 37.14 -21.89
CA ALA A 140 5.34 37.57 -21.78
C ALA A 140 4.51 37.02 -22.94
N GLN A 141 5.13 37.02 -24.12
CA GLN A 141 4.47 36.51 -25.33
C GLN A 141 4.27 35.01 -25.28
N THR A 142 5.26 34.28 -24.78
CA THR A 142 5.12 32.83 -24.73
C THR A 142 4.04 32.42 -23.75
N THR A 143 3.95 33.12 -22.62
CA THR A 143 2.92 32.79 -21.66
C THR A 143 1.53 33.29 -22.10
N LYS A 144 1.50 34.38 -22.86
CA LYS A 144 0.22 34.87 -23.36
C LYS A 144 -0.26 34.02 -24.53
N HIS A 145 0.68 33.35 -25.19
CA HIS A 145 0.35 32.34 -26.18
C HIS A 145 -0.24 31.16 -25.43
N LYS A 146 0.37 30.86 -24.29
CA LYS A 146 -0.12 29.79 -23.42
C LYS A 146 -1.53 30.11 -22.94
N TRP A 147 -1.90 31.38 -22.93
CA TRP A 147 -3.28 31.73 -22.56
C TRP A 147 -4.16 31.94 -23.79
N GLU A 148 -3.55 31.99 -24.97
CA GLU A 148 -4.29 32.01 -26.22
C GLU A 148 -4.71 30.58 -26.59
N ALA A 149 -3.96 29.61 -26.10
CA ALA A 149 -4.24 28.21 -26.37
C ALA A 149 -5.32 27.67 -25.44
N ALA A 150 -5.24 28.04 -24.17
CA ALA A 150 -6.16 27.54 -23.15
C ALA A 150 -7.51 28.25 -23.21
N HIS A 151 -7.59 29.28 -24.05
CA HIS A 151 -8.81 30.09 -24.19
C HIS A 151 -9.21 30.64 -22.83
N VAL A 152 -8.27 31.40 -22.26
CA VAL A 152 -8.39 31.96 -20.91
C VAL A 152 -9.23 33.21 -20.82
N ALA A 153 -9.03 34.11 -21.76
CA ALA A 153 -9.62 35.42 -21.71
C ALA A 153 -11.14 35.44 -21.61
N GLU A 154 -11.80 34.55 -22.35
CA GLU A 154 -13.25 34.50 -22.37
C GLU A 154 -13.78 33.73 -21.17
N GLN A 155 -13.00 32.76 -20.71
CA GLN A 155 -13.41 31.94 -19.57
C GLN A 155 -13.20 32.72 -18.27
N LEU A 156 -12.48 33.84 -18.38
CA LEU A 156 -12.24 34.76 -17.28
C LEU A 156 -13.23 35.91 -17.42
N ARG A 157 -13.62 36.17 -18.67
CA ARG A 157 -14.61 37.18 -19.00
C ARG A 157 -16.00 36.74 -18.56
N ALA A 158 -16.22 35.43 -18.53
CA ALA A 158 -17.48 34.89 -18.04
C ALA A 158 -17.55 34.95 -16.52
N TYR A 159 -16.43 35.28 -15.87
CA TYR A 159 -16.39 35.48 -14.43
C TYR A 159 -16.45 36.96 -14.11
N LEU A 160 -15.84 37.76 -14.97
CA LEU A 160 -15.81 39.20 -14.79
C LEU A 160 -17.22 39.73 -14.87
N GLU A 161 -18.03 39.04 -15.68
CA GLU A 161 -19.45 39.32 -15.81
C GLU A 161 -20.28 38.11 -15.40
N GLY A 162 -21.12 38.25 -14.39
CA GLY A 162 -22.04 37.19 -14.01
C GLY A 162 -21.61 36.39 -12.81
N THR A 163 -20.41 36.67 -12.30
CA THR A 163 -19.91 35.99 -11.11
C THR A 163 -19.24 36.97 -10.15
N CYS A 164 -18.46 37.90 -10.70
CA CYS A 164 -17.88 38.96 -9.89
C CYS A 164 -18.94 40.01 -9.62
N VAL A 165 -19.83 40.21 -10.59
CA VAL A 165 -20.78 41.32 -10.53
C VAL A 165 -21.99 41.04 -9.65
N GLU A 166 -22.57 39.83 -9.74
CA GLU A 166 -23.75 39.52 -8.96
C GLU A 166 -23.34 39.26 -7.50
N TRP A 167 -22.11 38.79 -7.32
CA TRP A 167 -21.55 38.65 -5.99
C TRP A 167 -21.21 40.03 -5.43
N LEU A 168 -20.84 40.95 -6.32
CA LEU A 168 -20.54 42.31 -5.91
C LEU A 168 -21.80 43.01 -5.41
N ARG A 169 -22.88 42.89 -6.17
CA ARG A 169 -24.17 43.46 -5.77
C ARG A 169 -24.72 42.76 -4.55
N ARG A 170 -24.45 41.45 -4.45
CA ARG A 170 -24.87 40.66 -3.31
C ARG A 170 -24.19 41.21 -2.06
N TYR A 171 -22.94 41.60 -2.22
CA TYR A 171 -22.15 42.19 -1.15
C TYR A 171 -22.64 43.60 -0.84
N LEU A 172 -23.11 44.30 -1.87
CA LEU A 172 -23.58 45.66 -1.72
C LEU A 172 -24.95 45.72 -1.06
N GLU A 173 -25.67 44.60 -1.09
CA GLU A 173 -26.99 44.53 -0.46
C GLU A 173 -26.92 43.83 0.90
N ASN A 174 -25.89 43.02 1.11
CA ASN A 174 -25.70 42.38 2.42
C ASN A 174 -24.87 43.26 3.35
N GLY A 175 -24.31 44.32 2.78
CA GLY A 175 -23.55 45.29 3.54
C GLY A 175 -24.04 46.66 3.14
N LYS A 176 -25.34 46.72 2.85
CA LYS A 176 -25.98 47.94 2.40
C LYS A 176 -25.91 49.00 3.47
N GLU A 177 -25.95 48.56 4.72
CA GLU A 177 -25.98 49.47 5.84
C GLU A 177 -24.63 50.14 6.05
N THR A 178 -23.56 49.46 5.65
CA THR A 178 -22.21 50.01 5.80
C THR A 178 -21.69 50.67 4.54
N LEU A 179 -22.50 50.69 3.49
CA LEU A 179 -22.11 51.33 2.24
C LEU A 179 -23.16 52.34 1.78
N GLN A 180 -23.96 52.78 2.75
CA GLN A 180 -24.91 53.87 2.55
C GLN A 180 -24.19 55.19 2.77
N ARG A 181 -23.03 55.09 3.40
CA ARG A 181 -22.34 56.28 3.89
C ARG A 181 -21.36 56.88 2.90
N THR A 182 -21.69 58.06 2.42
CA THR A 182 -20.73 58.86 1.68
C THR A 182 -20.26 59.93 2.65
N ASP A 183 -19.37 59.53 3.56
CA ASP A 183 -18.94 60.38 4.66
C ASP A 183 -18.28 61.65 4.15
N ALA A 184 -18.93 62.78 4.37
CA ALA A 184 -18.37 64.06 3.95
C ALA A 184 -17.17 64.41 4.80
N PRO A 185 -16.09 64.88 4.17
CA PRO A 185 -14.89 65.32 4.88
C PRO A 185 -15.08 66.71 5.46
N LYS A 186 -14.69 66.88 6.72
CA LYS A 186 -14.80 68.14 7.44
C LYS A 186 -13.54 68.98 7.38
N THR A 187 -13.69 70.25 7.02
CA THR A 187 -12.55 71.13 6.87
C THR A 187 -12.49 72.27 7.89
N HIS A 188 -11.28 72.75 8.11
CA HIS A 188 -10.94 73.87 8.99
C HIS A 188 -10.26 74.85 8.06
N MET A 189 -9.31 75.63 8.56
CA MET A 189 -8.52 76.56 7.77
C MET A 189 -7.40 77.06 8.69
N THR A 190 -6.17 76.54 8.57
CA THR A 190 -5.09 77.01 9.46
C THR A 190 -3.93 77.68 8.74
N HIS A 191 -3.05 78.32 9.50
CA HIS A 191 -1.89 79.04 8.96
C HIS A 191 -0.65 78.82 9.84
N HIS A 192 0.53 78.83 9.22
CA HIS A 192 1.77 78.91 9.99
C HIS A 192 2.87 79.59 9.17
N ALA A 193 3.52 80.58 9.76
CA ALA A 193 4.62 81.25 9.06
C ALA A 193 5.93 81.05 9.82
N VAL A 194 6.99 80.78 9.07
CA VAL A 194 8.32 80.57 9.63
C VAL A 194 9.25 81.74 9.32
N SER A 195 9.25 82.17 8.07
CA SER A 195 9.99 83.37 7.70
C SER A 195 9.07 84.56 7.84
N ASP A 196 9.65 85.74 8.03
CA ASP A 196 8.87 86.97 8.08
C ASP A 196 8.32 87.21 6.69
N HIS A 197 9.08 86.75 5.69
CA HIS A 197 8.74 86.94 4.29
C HIS A 197 8.80 85.63 3.53
N LEU A 201 0.55 76.85 3.38
CA LEU A 201 -0.62 76.56 4.20
C LEU A 201 -1.01 75.09 4.19
N ARG A 202 -2.28 74.80 3.89
CA ARG A 202 -2.81 73.46 4.11
C ARG A 202 -4.15 73.20 3.44
N CYS A 203 -4.17 72.24 2.52
CA CYS A 203 -5.42 71.75 1.95
C CYS A 203 -5.58 70.25 2.22
N TRP A 204 -6.60 69.91 3.00
CA TRP A 204 -6.74 68.59 3.60
C TRP A 204 -8.20 68.19 3.78
N ALA A 205 -8.44 66.89 3.88
CA ALA A 205 -9.75 66.33 4.22
C ALA A 205 -9.53 65.33 5.35
N LEU A 206 -10.50 65.18 6.25
CA LEU A 206 -10.25 64.39 7.46
C LEU A 206 -11.07 63.10 7.58
N SER A 207 -12.36 63.14 7.28
CA SER A 207 -13.19 61.95 7.49
C SER A 207 -14.09 61.64 6.29
N PHE A 208 -13.64 60.73 5.44
CA PHE A 208 -14.41 60.34 4.26
C PHE A 208 -14.34 58.84 3.94
N TYR A 209 -15.45 58.31 3.41
CA TYR A 209 -15.57 56.87 3.17
C TYR A 209 -14.96 56.41 1.83
N PRO A 210 -15.37 57.00 0.68
CA PRO A 210 -14.48 56.69 -0.44
C PRO A 210 -13.22 57.56 -0.40
N ALA A 211 -12.06 56.95 -0.61
CA ALA A 211 -10.78 57.67 -0.61
C ALA A 211 -10.64 58.64 -1.78
N GLU A 212 -11.43 58.41 -2.82
CA GLU A 212 -11.31 59.19 -4.05
C GLU A 212 -11.87 60.60 -3.88
N ILE A 213 -10.96 61.57 -3.83
CA ILE A 213 -11.33 62.98 -3.66
C ILE A 213 -10.38 63.88 -4.44
N THR A 214 -10.92 64.81 -5.21
CA THR A 214 -10.03 65.79 -5.83
C THR A 214 -10.03 67.08 -5.00
N LEU A 215 -8.82 67.56 -4.72
CA LEU A 215 -8.63 68.73 -3.87
C LEU A 215 -7.95 69.85 -4.66
N THR A 216 -8.72 70.54 -5.51
CA THR A 216 -8.18 71.62 -6.31
C THR A 216 -7.71 72.71 -5.35
N TRP A 217 -6.52 73.25 -5.61
CA TRP A 217 -5.85 74.14 -4.68
C TRP A 217 -5.92 75.59 -5.15
N ASP A 220 -7.58 81.48 -8.21
CA ASP A 220 -8.23 81.88 -9.46
C ASP A 220 -7.69 81.15 -10.68
N GLY A 221 -7.86 81.76 -11.84
CA GLY A 221 -7.49 81.17 -13.11
C GLY A 221 -5.99 80.99 -13.22
N GLU A 222 -5.46 80.02 -12.47
CA GLU A 222 -4.03 79.73 -12.50
C GLU A 222 -3.81 78.22 -12.39
N ASP A 223 -2.77 77.76 -13.08
CA ASP A 223 -2.36 76.36 -13.04
C ASP A 223 -0.99 76.25 -12.38
N GLN A 224 -0.68 75.08 -11.86
CA GLN A 224 0.50 74.91 -11.02
C GLN A 224 1.46 73.87 -11.55
N THR A 225 2.71 73.91 -11.09
CA THR A 225 3.71 72.94 -11.50
C THR A 225 4.83 72.73 -10.49
N GLN A 226 4.93 73.64 -9.52
CA GLN A 226 6.12 73.75 -8.68
C GLN A 226 5.81 73.82 -7.18
N ASP A 227 4.74 74.54 -6.87
CA ASP A 227 4.46 74.96 -5.50
C ASP A 227 3.85 73.89 -4.59
N THR A 228 2.96 73.07 -5.14
CA THR A 228 2.30 72.04 -4.35
C THR A 228 3.10 70.74 -4.32
N GLU A 229 3.08 70.07 -3.17
CA GLU A 229 3.68 68.75 -3.05
C GLU A 229 2.56 67.73 -3.02
N LEU A 230 2.49 66.92 -4.08
CA LEU A 230 1.43 65.94 -4.20
C LEU A 230 1.66 64.88 -3.14
N VAL A 231 0.67 64.71 -2.29
CA VAL A 231 0.75 63.75 -1.22
C VAL A 231 -0.25 62.64 -1.50
N GLU A 232 0.02 61.43 -1.01
CA GLU A 232 -0.92 60.34 -1.23
C GLU A 232 -2.05 60.38 -0.20
N THR A 233 -3.20 59.83 -0.57
CA THR A 233 -4.35 59.69 0.32
C THR A 233 -4.05 58.60 1.33
N ARG A 234 -4.51 58.76 2.57
CA ARG A 234 -4.08 57.89 3.66
C ARG A 234 -5.21 57.29 4.49
N PRO A 235 -5.04 56.05 4.95
CA PRO A 235 -6.03 55.34 5.77
C PRO A 235 -6.06 55.89 7.18
N ALA A 236 -7.25 56.13 7.72
CA ALA A 236 -7.38 56.57 9.10
C ALA A 236 -7.67 55.38 10.00
N GLY A 237 -7.35 54.19 9.49
CA GLY A 237 -7.40 52.96 10.26
C GLY A 237 -8.75 52.42 10.70
N ASP A 238 -9.82 53.09 10.29
CA ASP A 238 -11.18 52.69 10.67
C ASP A 238 -12.10 52.51 9.48
N GLY A 239 -11.61 52.86 8.30
CA GLY A 239 -12.42 52.84 7.10
C GLY A 239 -12.57 54.25 6.58
N THR A 240 -11.94 55.20 7.26
CA THR A 240 -11.95 56.58 6.80
C THR A 240 -10.56 56.92 6.27
N PHE A 241 -10.45 58.04 5.58
CA PHE A 241 -9.18 58.38 4.96
C PHE A 241 -8.85 59.85 5.22
N GLN A 242 -7.60 60.24 4.99
CA GLN A 242 -7.18 61.61 5.25
C GLN A 242 -6.23 62.12 4.17
N LYS A 243 -6.24 63.43 3.96
CA LYS A 243 -5.33 64.06 3.02
C LYS A 243 -4.84 65.37 3.61
N ALA A 246 -0.05 71.05 0.63
CA ALA A 246 0.19 72.33 1.29
C ALA A 246 0.93 73.30 0.37
N VAL A 247 0.66 74.60 0.50
CA VAL A 247 1.28 75.63 -0.34
C VAL A 247 1.55 76.92 0.45
N VAL A 248 2.74 77.50 0.28
CA VAL A 248 3.11 78.73 0.99
C VAL A 248 3.36 79.91 0.03
N VAL A 249 3.02 81.11 0.50
CA VAL A 249 3.04 82.35 -0.29
C VAL A 249 3.44 83.50 0.64
N PRO A 250 3.90 84.65 0.08
CA PRO A 250 4.15 85.86 0.86
C PRO A 250 3.06 86.18 1.90
N SER A 251 3.47 86.65 3.09
CA SER A 251 2.64 86.67 4.30
C SER A 251 1.39 87.57 4.28
N GLY A 252 1.20 88.31 3.19
CA GLY A 252 0.08 89.23 3.10
C GLY A 252 -0.74 88.91 1.89
N GLN A 253 -0.29 87.88 1.16
CA GLN A 253 -0.92 87.52 -0.10
C GLN A 253 -1.50 86.10 -0.06
N GLU A 254 -1.77 85.58 1.13
CA GLU A 254 -2.45 84.30 1.26
C GLU A 254 -3.89 84.59 1.61
N GLN A 255 -4.60 85.29 0.73
CA GLN A 255 -5.92 85.79 1.09
C GLN A 255 -6.87 86.01 -0.09
N ARG A 256 -6.53 85.48 -1.26
CA ARG A 256 -7.42 85.57 -2.41
C ARG A 256 -7.84 84.18 -2.88
N TYR A 257 -6.94 83.23 -2.67
CA TYR A 257 -7.15 81.85 -3.09
C TYR A 257 -8.13 81.13 -2.17
N THR A 258 -8.69 80.05 -2.67
CA THR A 258 -9.51 79.15 -1.87
C THR A 258 -9.18 77.73 -2.31
N CYS A 259 -9.64 76.73 -1.54
CA CYS A 259 -9.43 75.35 -1.93
C CYS A 259 -10.74 74.68 -2.33
N HIS A 260 -10.83 74.31 -3.59
CA HIS A 260 -12.02 73.62 -4.10
C HIS A 260 -11.90 72.12 -3.87
N VAL A 261 -12.99 71.51 -3.42
CA VAL A 261 -13.00 70.08 -3.12
C VAL A 261 -14.19 69.42 -3.80
N GLN A 262 -13.93 68.35 -4.54
CA GLN A 262 -15.03 67.54 -5.04
C GLN A 262 -14.87 66.10 -4.55
N HIS A 263 -15.94 65.64 -3.90
CA HIS A 263 -16.05 64.34 -3.25
C HIS A 263 -17.39 63.74 -3.63
N GLU A 264 -17.54 62.43 -3.46
CA GLU A 264 -18.78 61.76 -3.83
C GLU A 264 -19.89 62.10 -2.85
N GLY A 265 -19.51 62.25 -1.58
CA GLY A 265 -20.42 62.64 -0.53
C GLY A 265 -20.57 64.14 -0.41
N LEU A 266 -20.00 64.86 -1.37
CA LEU A 266 -20.16 66.29 -1.43
C LEU A 266 -20.97 66.64 -2.65
N PRO A 267 -22.23 67.05 -2.44
CA PRO A 267 -23.11 67.42 -3.55
C PRO A 267 -22.62 68.69 -4.20
N LYS A 268 -21.94 69.53 -3.42
CA LYS A 268 -21.43 70.80 -3.91
C LYS A 268 -19.91 70.89 -3.72
N PRO A 269 -19.20 71.42 -4.72
CA PRO A 269 -17.78 71.72 -4.55
C PRO A 269 -17.63 72.87 -3.56
N LEU A 270 -16.72 72.73 -2.60
CA LEU A 270 -16.56 73.72 -1.52
C LEU A 270 -15.58 74.85 -1.80
N THR A 271 -16.05 76.08 -1.57
CA THR A 271 -15.21 77.26 -1.64
C THR A 271 -14.41 77.39 -0.35
N LEU B 1 -17.25 33.66 -4.90
CA LEU B 1 -16.71 34.95 -5.31
C LEU B 1 -15.38 34.84 -6.04
N LEU B 2 -14.54 33.91 -5.60
CA LEU B 2 -13.21 33.80 -6.19
C LEU B 2 -13.23 33.10 -7.53
N PHE B 3 -12.22 33.42 -8.33
CA PHE B 3 -12.03 32.84 -9.64
C PHE B 3 -11.60 31.38 -9.50
N GLY B 4 -12.34 30.48 -10.13
CA GLY B 4 -12.21 29.06 -9.83
C GLY B 4 -11.41 28.09 -10.68
N TYR B 5 -10.73 28.57 -11.70
CA TYR B 5 -9.88 27.69 -12.50
C TYR B 5 -8.42 28.05 -12.24
N PRO B 6 -7.55 27.04 -12.12
CA PRO B 6 -6.13 27.26 -11.83
C PRO B 6 -5.34 27.87 -12.98
N VAL B 7 -5.10 29.18 -12.91
CA VAL B 7 -4.35 29.88 -13.95
C VAL B 7 -2.84 29.74 -13.71
N TYR B 8 -2.11 29.42 -14.77
CA TYR B 8 -0.67 29.18 -14.66
C TYR B 8 0.06 29.92 -15.78
N VAL B 9 1.29 30.35 -15.52
CA VAL B 9 2.05 31.11 -16.52
C VAL B 9 3.12 30.24 -17.18
N MET C 1 13.69 43.38 -8.92
CA MET C 1 15.01 43.86 -9.33
C MET C 1 15.04 45.38 -9.36
N ILE C 2 13.87 46.01 -9.27
CA ILE C 2 13.83 47.46 -9.25
C ILE C 2 13.51 47.98 -7.87
N GLN C 3 14.15 49.09 -7.51
CA GLN C 3 13.96 49.68 -6.19
C GLN C 3 13.19 50.98 -6.33
N ARG C 4 12.23 51.21 -5.45
CA ARG C 4 11.48 52.45 -5.45
C ARG C 4 11.44 53.00 -4.03
N THR C 5 11.54 54.33 -3.91
CA THR C 5 11.63 54.96 -2.61
C THR C 5 10.29 54.96 -1.85
N PRO C 6 10.31 54.43 -0.62
CA PRO C 6 9.15 54.38 0.27
C PRO C 6 8.83 55.74 0.88
N LYS C 7 7.55 56.07 0.93
CA LYS C 7 7.12 57.29 1.60
C LYS C 7 6.50 56.91 2.95
N ILE C 8 7.18 57.32 4.03
CA ILE C 8 6.80 56.99 5.40
C ILE C 8 6.09 58.13 6.15
N GLN C 9 5.13 57.76 6.99
CA GLN C 9 4.27 58.76 7.61
C GLN C 9 3.67 58.53 9.00
N VAL C 10 4.11 59.26 10.00
CA VAL C 10 3.51 59.09 11.31
C VAL C 10 2.40 60.12 11.47
N TYR C 11 1.22 59.71 11.91
CA TYR C 11 0.11 60.65 12.09
C TYR C 11 -0.93 60.03 13.02
N SER C 12 -2.05 60.71 13.17
CA SER C 12 -3.08 60.26 14.10
C SER C 12 -4.39 60.00 13.39
N ARG C 13 -5.12 59.01 13.89
CA ARG C 13 -6.42 58.66 13.35
C ARG C 13 -7.39 59.80 13.63
N HIS C 14 -7.29 60.36 14.83
CA HIS C 14 -8.10 61.50 15.20
C HIS C 14 -7.20 62.68 15.55
N PRO C 15 -7.68 63.90 15.33
CA PRO C 15 -6.96 65.11 15.76
C PRO C 15 -6.56 65.00 17.23
N ALA C 16 -5.28 65.22 17.52
CA ALA C 16 -4.74 65.00 18.85
C ALA C 16 -5.28 65.99 19.88
N GLU C 17 -5.79 65.47 20.99
CA GLU C 17 -6.23 66.28 22.11
C GLU C 17 -5.54 65.80 23.37
N ASN C 18 -5.21 66.72 24.26
CA ASN C 18 -4.43 66.39 25.45
C ASN C 18 -5.19 65.49 26.40
N GLY C 19 -4.81 64.21 26.45
CA GLY C 19 -5.40 63.27 27.39
C GLY C 19 -6.46 62.36 26.79
N LYS C 20 -6.84 62.62 25.54
CA LYS C 20 -7.90 61.87 24.89
C LYS C 20 -7.35 60.71 24.05
N SER C 21 -7.88 59.51 24.29
CA SER C 21 -7.41 58.30 23.63
C SER C 21 -7.41 58.40 22.11
N ASN C 22 -6.46 57.73 21.48
CA ASN C 22 -6.32 57.75 20.03
C ASN C 22 -5.51 56.58 19.50
N PHE C 23 -5.20 56.62 18.21
CA PHE C 23 -4.35 55.63 17.56
C PHE C 23 -3.16 56.29 16.88
N LEU C 24 -1.99 55.73 17.12
CA LEU C 24 -0.78 56.08 16.39
C LEU C 24 -0.77 55.29 15.08
N ASN C 25 -0.53 56.00 13.99
CA ASN C 25 -0.53 55.37 12.68
C ASN C 25 0.65 55.74 11.81
N CYS C 26 1.48 54.73 11.52
CA CYS C 26 2.59 54.86 10.59
C CYS C 26 2.19 54.24 9.27
N TYR C 27 1.97 55.10 8.28
CA TYR C 27 1.53 54.62 6.98
C TYR C 27 2.69 54.77 6.01
N VAL C 28 3.12 53.64 5.48
CA VAL C 28 4.24 53.58 4.55
C VAL C 28 3.71 53.13 3.20
N SER C 29 4.14 53.78 2.12
CA SER C 29 3.60 53.45 0.80
C SER C 29 4.49 53.86 -0.37
N GLY C 30 4.37 53.14 -1.48
CA GLY C 30 5.10 53.49 -2.69
C GLY C 30 6.35 52.65 -2.90
N PHE C 31 6.65 51.79 -1.93
CA PHE C 31 7.87 50.99 -1.97
C PHE C 31 7.80 49.67 -2.72
N HIS C 32 8.97 49.12 -3.02
CA HIS C 32 9.12 47.83 -3.66
C HIS C 32 10.59 47.43 -3.53
N PRO C 33 10.87 46.22 -3.04
CA PRO C 33 9.93 45.17 -2.59
C PRO C 33 9.33 45.45 -1.21
N SER C 34 8.57 44.48 -0.70
CA SER C 34 7.81 44.64 0.54
C SER C 34 8.59 44.33 1.81
N ASP C 35 9.89 44.09 1.71
CA ASP C 35 10.69 43.82 2.91
C ASP C 35 10.95 45.14 3.63
N ILE C 36 10.09 45.45 4.58
CA ILE C 36 10.18 46.72 5.29
C ILE C 36 10.10 46.46 6.78
N GLU C 37 11.08 46.95 7.53
CA GLU C 37 10.99 46.79 8.97
C GLU C 37 10.84 48.12 9.67
N VAL C 38 9.67 48.30 10.27
CA VAL C 38 9.32 49.57 10.90
C VAL C 38 9.02 49.33 12.37
N ASP C 39 9.38 50.30 13.19
CA ASP C 39 9.05 50.26 14.60
C ASP C 39 8.65 51.65 15.05
N LEU C 40 7.53 51.67 15.78
CA LEU C 40 7.04 52.86 16.40
C LEU C 40 7.84 53.10 17.66
N LEU C 41 8.24 54.35 17.85
CA LEU C 41 9.01 54.69 19.03
C LEU C 41 8.25 55.75 19.80
N LYS C 42 8.74 56.05 20.99
CA LYS C 42 8.14 57.05 21.84
C LYS C 42 9.23 58.01 22.31
N ASN C 43 9.85 57.67 23.44
CA ASN C 43 10.88 58.53 23.99
C ASN C 43 12.28 57.93 23.85
N GLY C 44 12.39 56.64 24.21
CA GLY C 44 13.60 55.87 24.00
C GLY C 44 13.36 54.65 23.14
N GLU C 45 12.75 53.64 23.74
CA GLU C 45 12.42 52.40 23.05
C GLU C 45 11.42 51.65 23.91
N ARG C 46 10.30 51.25 23.31
CA ARG C 46 9.26 50.61 24.10
C ARG C 46 8.29 49.68 23.40
N ILE C 47 7.68 50.16 22.32
CA ILE C 47 6.54 49.46 21.76
C ILE C 47 6.86 48.49 20.62
N GLU C 48 7.31 47.30 21.02
CA GLU C 48 7.51 46.20 20.11
C GLU C 48 6.22 45.40 20.05
N LYS C 49 5.18 45.95 20.69
CA LYS C 49 3.85 45.37 20.70
C LYS C 49 3.07 46.14 19.65
N VAL C 50 3.63 46.16 18.45
CA VAL C 50 3.05 46.86 17.31
C VAL C 50 2.11 45.95 16.54
N GLU C 51 0.99 46.51 16.10
CA GLU C 51 0.09 45.77 15.25
C GLU C 51 0.18 46.36 13.84
N HIS C 52 0.07 45.51 12.84
CA HIS C 52 0.26 45.94 11.46
C HIS C 52 -0.97 45.64 10.62
N SER C 53 -1.03 46.24 9.44
CA SER C 53 -2.05 45.91 8.46
C SER C 53 -1.48 44.84 7.55
N ASP C 54 -2.33 44.23 6.74
CA ASP C 54 -1.88 43.18 5.85
C ASP C 54 -1.31 43.77 4.57
N LEU C 55 -0.49 42.99 3.86
CA LEU C 55 0.25 43.51 2.73
C LEU C 55 -0.65 43.71 1.50
N SER C 56 -0.54 44.89 0.89
CA SER C 56 -1.24 45.18 -0.35
C SER C 56 -0.30 45.96 -1.26
N PHE C 57 -0.71 46.22 -2.50
CA PHE C 57 0.18 46.85 -3.47
C PHE C 57 -0.48 47.86 -4.42
N SER C 58 -1.53 48.52 -3.93
CA SER C 58 -2.18 49.62 -4.65
C SER C 58 -2.58 49.33 -6.10
N LYS C 59 -2.27 50.30 -6.95
CA LYS C 59 -2.67 50.33 -8.35
C LYS C 59 -1.51 50.04 -9.30
N ASP C 60 -0.35 50.63 -9.03
CA ASP C 60 0.83 50.45 -9.86
C ASP C 60 1.84 49.52 -9.20
N TRP C 61 1.32 48.52 -8.49
CA TRP C 61 2.13 47.45 -7.91
C TRP C 61 3.10 47.96 -6.85
N SER C 62 2.83 49.16 -6.32
CA SER C 62 3.64 49.73 -5.25
C SER C 62 2.95 49.46 -3.92
N PHE C 63 3.63 48.74 -3.03
CA PHE C 63 2.99 48.29 -1.79
C PHE C 63 2.63 49.44 -0.87
N TYR C 64 1.67 49.18 0.01
CA TYR C 64 1.28 50.13 1.05
C TYR C 64 0.84 49.36 2.29
N LEU C 65 1.37 49.78 3.44
CA LEU C 65 1.07 49.13 4.70
C LEU C 65 0.84 50.19 5.76
N LEU C 66 0.02 49.86 6.76
CA LEU C 66 -0.26 50.77 7.85
C LEU C 66 -0.05 50.07 9.19
N TYR C 67 0.97 50.52 9.93
CA TYR C 67 1.24 49.98 11.25
C TYR C 67 0.58 50.88 12.28
N TYR C 68 -0.10 50.28 13.25
CA TYR C 68 -0.86 51.08 14.18
C TYR C 68 -0.74 50.62 15.62
N THR C 69 -1.08 51.50 16.55
CA THR C 69 -1.18 51.13 17.96
C THR C 69 -2.10 52.12 18.66
N GLU C 70 -2.46 51.85 19.91
CA GLU C 70 -3.32 52.76 20.64
C GLU C 70 -2.50 53.55 21.65
N PHE C 71 -2.83 54.83 21.82
CA PHE C 71 -2.09 55.69 22.73
C PHE C 71 -2.94 56.86 23.23
N THR C 72 -2.29 57.77 23.96
CA THR C 72 -2.90 59.05 24.28
C THR C 72 -1.90 60.16 23.95
N PRO C 73 -2.27 61.07 23.03
CA PRO C 73 -1.40 62.17 22.60
C PRO C 73 -1.04 63.11 23.73
N THR C 74 0.24 63.46 23.84
CA THR C 74 0.73 64.32 24.89
C THR C 74 1.70 65.34 24.32
N ASP C 77 5.17 63.93 25.13
CA ASP C 77 5.98 62.79 24.72
C ASP C 77 6.17 62.79 23.20
N GLU C 78 7.34 62.35 22.75
CA GLU C 78 7.63 62.32 21.32
C GLU C 78 7.07 61.04 20.74
N TYR C 79 6.78 61.06 19.44
CA TYR C 79 6.33 59.87 18.74
C TYR C 79 6.86 59.87 17.32
N ALA C 80 7.64 58.85 16.97
CA ALA C 80 8.21 58.77 15.63
C ALA C 80 8.22 57.33 15.11
N CYS C 81 8.71 57.17 13.89
CA CYS C 81 8.80 55.84 13.29
C CYS C 81 10.15 55.66 12.65
N ARG C 82 10.83 54.59 13.09
CA ARG C 82 12.08 54.18 12.46
C ARG C 82 11.75 53.12 11.44
N VAL C 83 12.13 53.35 10.18
CA VAL C 83 11.76 52.44 9.11
C VAL C 83 12.95 52.13 8.24
N ASN C 84 13.26 50.83 8.11
CA ASN C 84 14.31 50.41 7.22
C ASN C 84 13.77 49.73 5.97
N HIS C 85 14.31 50.18 4.84
CA HIS C 85 13.98 49.69 3.51
C HIS C 85 15.27 49.34 2.79
N VAL C 86 15.18 48.76 1.60
CA VAL C 86 16.36 48.33 0.86
C VAL C 86 16.81 49.32 -0.23
N THR C 87 16.08 50.43 -0.39
CA THR C 87 16.46 51.45 -1.36
C THR C 87 17.85 51.93 -0.98
N LEU C 88 17.98 52.27 0.29
CA LEU C 88 19.26 52.64 0.87
C LEU C 88 19.43 51.89 2.20
N SER C 89 20.67 51.76 2.66
CA SER C 89 20.96 51.10 3.92
C SER C 89 21.23 52.11 5.03
N GLN C 90 20.59 53.28 4.93
CA GLN C 90 20.69 54.31 5.96
C GLN C 90 19.29 54.64 6.46
N PRO C 91 19.09 54.60 7.79
CA PRO C 91 17.75 54.73 8.36
C PRO C 91 17.03 56.05 8.07
N LYS C 92 15.75 56.08 8.47
CA LYS C 92 14.90 57.26 8.38
C LYS C 92 13.96 57.27 9.59
N ILE C 93 13.91 58.39 10.30
CA ILE C 93 13.08 58.50 11.48
C ILE C 93 12.06 59.62 11.30
N VAL C 94 10.86 59.30 10.85
CA VAL C 94 9.89 60.38 10.63
C VAL C 94 9.05 60.59 11.87
N LYS C 95 8.99 61.86 12.31
CA LYS C 95 8.35 62.20 13.56
C LYS C 95 6.93 62.72 13.37
N TRP C 96 6.15 62.67 14.44
CA TRP C 96 4.77 63.13 14.42
C TRP C 96 4.73 64.59 14.87
N ASP C 97 4.77 65.48 13.89
CA ASP C 97 4.86 66.91 14.16
C ASP C 97 3.52 67.62 13.95
N ARG C 98 2.55 67.25 14.78
CA ARG C 98 1.22 67.86 14.80
C ARG C 98 0.66 68.23 13.42
N ALA D 7 -27.48 12.38 17.12
CA ALA D 7 -27.53 13.82 17.33
C ALA D 7 -28.54 14.47 16.40
N ASP D 8 -28.96 15.69 16.75
CA ASP D 8 -29.95 16.43 15.98
C ASP D 8 -29.68 17.93 16.04
N PRO D 9 -29.77 18.62 14.91
CA PRO D 9 -29.50 20.06 14.98
C PRO D 9 -30.73 20.97 15.11
N CYS D 10 -31.78 20.68 14.35
CA CYS D 10 -32.79 21.70 14.08
C CYS D 10 -34.15 21.55 14.75
N LEU D 11 -34.40 20.44 15.44
CA LEU D 11 -35.66 20.31 16.18
C LEU D 11 -35.48 20.85 17.58
N THR D 12 -34.26 21.21 17.92
CA THR D 12 -33.96 21.69 19.27
C THR D 12 -34.53 23.08 19.41
N PHE D 13 -35.19 23.33 20.54
CA PHE D 13 -35.78 24.63 20.80
C PHE D 13 -34.76 25.52 21.50
N ASN D 14 -33.51 25.45 21.05
CA ASN D 14 -32.43 26.13 21.76
C ASN D 14 -31.91 27.46 21.18
N PRO D 15 -32.03 27.65 19.85
CA PRO D 15 -31.66 29.00 19.41
C PRO D 15 -32.64 30.08 19.90
N ASP D 16 -32.42 30.49 21.14
CA ASP D 16 -33.00 31.69 21.72
C ASP D 16 -31.77 32.56 21.91
N LYS D 17 -30.68 31.90 22.29
CA LYS D 17 -29.40 32.54 22.47
C LYS D 17 -28.61 32.40 21.17
N CYS D 18 -28.82 33.36 20.29
CA CYS D 18 -28.03 33.52 19.08
C CYS D 18 -27.02 34.63 19.32
N GLN D 19 -25.74 34.26 19.39
CA GLN D 19 -24.68 35.18 19.81
C GLN D 19 -24.55 36.40 18.91
N LEU D 20 -24.22 37.54 19.50
CA LEU D 20 -24.02 38.76 18.72
C LEU D 20 -22.78 39.56 19.14
N SER D 21 -22.12 40.16 18.15
CA SER D 21 -20.91 40.94 18.38
C SER D 21 -21.08 42.36 17.83
N PHE D 22 -20.38 43.31 18.44
CA PHE D 22 -20.44 44.70 18.01
C PHE D 22 -19.05 45.18 17.61
N GLN D 23 -18.99 46.04 16.59
CA GLN D 23 -17.70 46.47 16.08
C GLN D 23 -17.76 47.86 15.44
N PRO D 24 -16.72 48.68 15.67
CA PRO D 24 -16.59 50.01 15.08
C PRO D 24 -16.16 49.96 13.62
N ASP D 25 -17.04 50.37 12.71
CA ASP D 25 -16.69 50.39 11.29
C ASP D 25 -17.10 51.70 10.62
N GLY D 26 -16.17 52.62 10.46
CA GLY D 26 -16.49 53.90 9.85
C GLY D 26 -17.37 54.81 10.71
N ASN D 27 -17.11 54.82 12.01
CA ASN D 27 -17.84 55.65 12.99
C ASN D 27 -19.34 55.38 13.12
N ARG D 28 -19.70 54.11 13.07
CA ARG D 28 -21.07 53.65 13.27
C ARG D 28 -20.99 52.32 13.98
N CYS D 29 -21.96 52.03 14.83
CA CYS D 29 -21.92 50.77 15.55
C CYS D 29 -22.46 49.60 14.73
N ALA D 30 -21.52 48.82 14.16
CA ALA D 30 -21.87 47.66 13.35
C ALA D 30 -22.29 46.49 14.22
N VAL D 31 -23.51 46.02 13.98
CA VAL D 31 -24.10 44.91 14.72
C VAL D 31 -24.01 43.62 13.93
N LEU D 32 -23.64 42.54 14.60
CA LEU D 32 -23.53 41.23 13.96
C LEU D 32 -24.23 40.17 14.80
N ILE D 33 -25.45 39.82 14.42
CA ILE D 33 -26.20 38.78 15.12
C ILE D 33 -25.92 37.41 14.51
N LYS D 34 -25.12 36.62 15.21
CA LYS D 34 -24.77 35.29 14.72
C LYS D 34 -25.53 34.16 15.43
N CYS D 35 -26.37 33.46 14.67
CA CYS D 35 -27.02 32.26 15.16
C CYS D 35 -26.42 31.04 14.49
N GLY D 36 -26.97 29.86 14.78
CA GLY D 36 -26.38 28.62 14.32
C GLY D 36 -26.39 28.42 12.81
N TRP D 37 -25.32 27.82 12.30
CA TRP D 37 -25.20 27.50 10.88
C TRP D 37 -25.42 26.00 10.65
N GLU D 38 -25.94 25.33 11.67
CA GLU D 38 -26.20 23.90 11.62
C GLU D 38 -27.66 23.68 11.25
N CYS D 39 -28.39 24.78 11.11
CA CYS D 39 -29.82 24.75 10.83
C CYS D 39 -30.13 25.67 9.66
N GLN D 40 -30.99 25.22 8.75
CA GLN D 40 -31.50 26.07 7.68
C GLN D 40 -32.89 26.53 8.15
N SER D 41 -33.44 27.56 7.50
CA SER D 41 -34.78 28.04 7.79
C SER D 41 -34.90 28.75 9.15
N VAL D 42 -33.86 28.63 9.97
CA VAL D 42 -33.79 29.44 11.17
C VAL D 42 -33.51 30.87 10.72
N ALA D 43 -34.59 31.64 10.60
CA ALA D 43 -34.48 32.96 10.01
C ALA D 43 -34.27 34.04 11.07
N ILE D 44 -33.30 34.92 10.83
CA ILE D 44 -33.04 35.99 11.77
C ILE D 44 -33.48 37.32 11.19
N GLN D 45 -34.21 38.09 11.98
CA GLN D 45 -34.68 39.39 11.55
C GLN D 45 -34.35 40.43 12.62
N TYR D 46 -33.92 41.61 12.21
CA TYR D 46 -33.51 42.65 13.14
C TYR D 46 -34.41 43.88 12.97
N LYS D 47 -34.18 44.65 11.90
CA LYS D 47 -35.03 45.81 11.64
C LYS D 47 -36.09 45.46 10.61
N ASN D 48 -35.77 45.74 9.35
CA ASN D 48 -36.63 45.44 8.23
C ASN D 48 -35.80 44.59 7.27
N LYS D 49 -34.75 44.03 7.84
CA LYS D 49 -33.79 43.22 7.09
C LYS D 49 -33.84 41.80 7.65
N THR D 50 -33.94 40.84 6.75
CA THR D 50 -34.00 39.43 7.13
C THR D 50 -32.80 38.76 6.49
N ARG D 51 -32.02 38.03 7.27
CA ARG D 51 -30.79 37.46 6.72
C ARG D 51 -30.39 36.12 7.31
N ASN D 52 -31.14 35.08 6.98
CA ASN D 52 -30.71 33.70 7.15
C ASN D 52 -30.25 33.34 8.56
N ASN D 53 -29.00 32.88 8.66
CA ASN D 53 -28.43 32.43 9.93
C ASN D 53 -27.66 33.52 10.65
N THR D 54 -27.02 34.41 9.88
CA THR D 54 -26.23 35.49 10.46
C THR D 54 -26.62 36.81 9.82
N LEU D 55 -26.81 37.83 10.65
CA LEU D 55 -27.27 39.13 10.17
C LEU D 55 -26.26 40.21 10.52
N ALA D 56 -26.13 41.21 9.64
CA ALA D 56 -25.24 42.34 9.90
C ALA D 56 -25.92 43.65 9.58
N SER D 57 -26.04 44.51 10.58
CA SER D 57 -26.63 45.83 10.39
C SER D 57 -25.90 46.89 11.20
N THR D 58 -26.63 47.92 11.61
CA THR D 58 -26.07 48.99 12.42
C THR D 58 -27.06 49.44 13.47
N TRP D 59 -26.55 50.00 14.57
CA TRP D 59 -27.42 50.61 15.56
C TRP D 59 -27.11 52.08 15.82
N GLN D 60 -28.16 52.90 15.80
CA GLN D 60 -28.08 54.31 16.17
C GLN D 60 -29.29 54.59 17.08
N PRO D 61 -29.24 55.69 17.85
CA PRO D 61 -30.37 56.06 18.72
C PRO D 61 -31.71 56.04 18.00
N GLY D 62 -32.62 55.18 18.48
CA GLY D 62 -33.93 55.04 17.87
C GLY D 62 -34.11 53.68 17.23
N ASP D 63 -33.00 53.08 16.79
CA ASP D 63 -33.03 51.79 16.13
C ASP D 63 -33.45 50.66 17.08
N PRO D 64 -34.02 49.56 16.54
CA PRO D 64 -34.64 48.52 17.36
C PRO D 64 -33.69 47.86 18.35
N GLU D 65 -34.26 47.36 19.44
CA GLU D 65 -33.49 46.71 20.49
C GLU D 65 -34.06 45.34 20.76
N TRP D 66 -34.78 44.83 19.76
CA TRP D 66 -35.31 43.48 19.79
C TRP D 66 -35.08 42.89 18.41
N TYR D 67 -35.13 41.56 18.32
CA TYR D 67 -34.98 40.87 17.06
C TYR D 67 -35.77 39.57 17.06
N THR D 68 -36.22 39.15 15.89
CA THR D 68 -37.07 37.96 15.80
C THR D 68 -36.30 36.77 15.26
N VAL D 69 -36.58 35.60 15.83
CA VAL D 69 -35.98 34.36 15.35
C VAL D 69 -37.07 33.37 14.95
N SER D 70 -37.13 33.06 13.67
CA SER D 70 -38.14 32.16 13.13
C SER D 70 -37.55 30.76 13.13
N VAL D 71 -38.17 29.86 13.90
CA VAL D 71 -37.67 28.49 14.03
C VAL D 71 -38.78 27.45 14.05
N PRO D 72 -38.66 26.42 13.20
CA PRO D 72 -39.62 25.32 13.13
C PRO D 72 -39.58 24.42 14.36
N GLY D 73 -40.75 23.95 14.77
CA GLY D 73 -40.87 23.14 15.98
C GLY D 73 -40.86 21.65 15.70
N ALA D 74 -41.09 20.86 16.74
CA ALA D 74 -41.14 19.41 16.61
C ALA D 74 -42.39 18.97 15.87
N ASP D 75 -43.42 19.81 15.91
CA ASP D 75 -44.66 19.56 15.17
C ASP D 75 -44.53 19.89 13.69
N GLY D 76 -43.39 20.48 13.32
CA GLY D 76 -43.13 20.82 11.93
C GLY D 76 -43.62 22.22 11.63
N PHE D 77 -44.16 22.87 12.65
CA PHE D 77 -44.68 24.22 12.49
C PHE D 77 -43.68 25.24 12.99
N LEU D 78 -43.54 26.34 12.24
CA LEU D 78 -42.58 27.36 12.58
C LEU D 78 -43.14 28.36 13.58
N ARG D 79 -42.34 28.69 14.57
CA ARG D 79 -42.73 29.71 15.55
C ARG D 79 -41.66 30.80 15.60
N THR D 80 -42.11 32.04 15.56
CA THR D 80 -41.23 33.20 15.63
C THR D 80 -41.16 33.69 17.07
N VAL D 81 -39.94 33.90 17.56
CA VAL D 81 -39.73 34.27 18.95
C VAL D 81 -39.02 35.63 19.03
N ASN D 82 -39.59 36.55 19.81
CA ASN D 82 -38.99 37.86 20.00
C ASN D 82 -37.96 37.86 21.12
N ASN D 83 -36.75 38.32 20.82
CA ASN D 83 -35.71 38.41 21.83
C ASN D 83 -35.21 39.85 21.99
N THR D 84 -35.09 40.30 23.23
CA THR D 84 -34.64 41.66 23.47
C THR D 84 -33.18 41.68 23.94
N PHE D 85 -32.31 42.25 23.11
CA PHE D 85 -30.93 42.50 23.49
C PHE D 85 -30.67 43.97 23.25
N ILE D 86 -30.15 44.65 24.26
CA ILE D 86 -29.93 46.07 24.17
C ILE D 86 -28.63 46.45 23.46
N PHE D 87 -28.79 47.14 22.33
CA PHE D 87 -27.65 47.56 21.51
C PHE D 87 -27.13 48.88 22.07
N GLU D 88 -27.97 49.54 22.86
CA GLU D 88 -27.62 50.80 23.50
C GLU D 88 -26.55 50.59 24.58
N HIS D 89 -26.28 49.33 24.90
CA HIS D 89 -25.33 49.00 25.97
C HIS D 89 -24.05 48.39 25.42
N MET D 90 -23.99 48.25 24.10
CA MET D 90 -22.82 47.68 23.44
C MET D 90 -22.35 48.55 22.28
N CYS D 91 -23.20 49.50 21.88
CA CYS D 91 -22.81 50.47 20.86
C CYS D 91 -22.23 51.72 21.49
N ASN D 92 -22.54 51.94 22.77
CA ASN D 92 -21.92 53.04 23.51
C ASN D 92 -20.51 52.68 24.00
N THR D 93 -20.25 51.38 24.11
CA THR D 93 -18.95 50.90 24.58
C THR D 93 -18.00 50.68 23.41
N ALA D 94 -18.53 50.15 22.30
CA ALA D 94 -17.72 49.92 21.12
C ALA D 94 -17.36 51.25 20.45
N MET D 95 -18.33 52.15 20.41
CA MET D 95 -18.13 53.48 19.85
C MET D 95 -17.78 54.43 20.98
N PHE D 96 -16.56 54.34 21.49
CA PHE D 96 -16.14 55.17 22.61
C PHE D 96 -15.18 56.29 22.18
N MET D 97 -14.30 55.97 21.24
CA MET D 97 -13.32 56.93 20.78
C MET D 97 -13.99 57.88 19.79
N SER D 98 -15.13 57.46 19.27
CA SER D 98 -15.87 58.30 18.34
C SER D 98 -16.72 59.31 19.10
N ARG D 99 -16.80 59.16 20.42
CA ARG D 99 -17.54 60.10 21.26
C ARG D 99 -16.70 61.32 21.59
N GLN D 100 -15.43 61.07 21.88
CA GLN D 100 -14.49 62.13 22.27
C GLN D 100 -14.28 63.12 21.12
N TYR D 101 -14.56 62.66 19.90
CA TYR D 101 -14.26 63.45 18.71
C TYR D 101 -15.52 63.80 17.91
N HIS D 102 -16.69 63.58 18.52
CA HIS D 102 -17.97 64.02 17.99
C HIS D 102 -18.33 63.51 16.60
N MET D 103 -18.11 62.23 16.32
CA MET D 103 -18.50 61.68 15.03
C MET D 103 -19.65 60.69 15.18
N TRP D 104 -19.96 60.33 16.41
CA TRP D 104 -21.12 59.48 16.67
C TRP D 104 -21.85 60.14 17.84
N PRO D 105 -23.20 60.21 17.79
CA PRO D 105 -24.19 59.71 16.83
C PRO D 105 -23.96 60.13 15.38
N PRO D 106 -24.46 59.32 14.42
CA PRO D 106 -24.29 59.49 12.96
C PRO D 106 -24.49 60.91 12.42
N ARG D 107 -25.12 61.78 13.18
CA ARG D 107 -25.32 63.16 12.73
C ARG D 107 -24.14 64.07 13.05
N LYS D 108 -23.75 64.85 12.05
CA LYS D 108 -22.60 65.77 12.12
C LYS D 108 -21.27 65.05 12.33
N GLY E 1 -34.39 9.69 -25.41
CA GLY E 1 -34.55 8.43 -26.10
C GLY E 1 -34.94 7.28 -25.18
N SER E 2 -35.96 7.50 -24.36
CA SER E 2 -36.45 6.49 -23.42
C SER E 2 -35.35 5.90 -22.53
N HIS E 3 -34.43 6.75 -22.09
CA HIS E 3 -33.30 6.29 -21.29
C HIS E 3 -32.90 7.32 -20.24
N SER E 4 -33.16 6.98 -18.97
CA SER E 4 -32.90 7.89 -17.85
C SER E 4 -33.26 7.20 -16.54
N MET E 5 -32.52 7.50 -15.47
CA MET E 5 -32.88 6.93 -14.18
C MET E 5 -32.52 7.81 -12.97
N ARG E 6 -32.15 7.16 -11.88
CA ARG E 6 -32.31 7.75 -10.56
C ARG E 6 -31.09 7.63 -9.65
N TYR E 7 -31.27 8.11 -8.42
CA TYR E 7 -30.28 7.94 -7.38
C TYR E 7 -30.91 7.22 -6.19
N PHE E 8 -30.19 6.22 -5.69
CA PHE E 8 -30.66 5.37 -4.60
C PHE E 8 -29.76 5.49 -3.38
N PHE E 9 -30.38 5.45 -2.21
CA PHE E 9 -29.67 5.60 -0.95
C PHE E 9 -30.23 4.62 0.06
N THR E 10 -29.35 4.02 0.85
CA THR E 10 -29.76 3.07 1.87
C THR E 10 -28.98 3.35 3.14
N SER E 11 -29.68 3.46 4.27
CA SER E 11 -28.98 3.63 5.53
C SER E 11 -29.56 2.64 6.52
N VAL E 12 -28.70 1.79 7.05
CA VAL E 12 -29.13 0.69 7.92
C VAL E 12 -28.52 0.80 9.30
N SER E 13 -29.39 0.89 10.31
CA SER E 13 -28.99 0.96 11.70
C SER E 13 -28.44 -0.36 12.25
N ARG E 14 -27.22 -0.32 12.76
CA ARG E 14 -26.53 -1.50 13.26
C ARG E 14 -26.81 -1.75 14.75
N PRO E 15 -26.86 -3.03 15.16
CA PRO E 15 -27.16 -3.44 16.54
C PRO E 15 -26.11 -3.05 17.59
N GLY E 16 -25.78 -1.77 17.69
CA GLY E 16 -24.86 -1.29 18.70
C GLY E 16 -23.37 -1.41 18.39
N ARG E 17 -23.03 -1.83 17.18
CA ARG E 17 -21.63 -1.89 16.77
C ARG E 17 -21.26 -0.51 16.23
N GLY E 18 -21.31 0.47 17.14
CA GLY E 18 -21.03 1.86 16.84
C GLY E 18 -22.14 2.52 16.05
N GLU E 19 -21.86 2.91 14.82
CA GLU E 19 -22.81 3.68 14.03
C GLU E 19 -23.24 2.96 12.74
N PRO E 20 -24.45 3.26 12.24
CA PRO E 20 -25.07 2.63 11.05
C PRO E 20 -24.24 2.68 9.77
N ARG E 21 -24.67 1.89 8.78
CA ARG E 21 -23.99 1.79 7.49
C ARG E 21 -24.77 2.55 6.43
N PHE E 22 -24.07 3.03 5.40
CA PHE E 22 -24.71 3.83 4.35
C PHE E 22 -24.21 3.41 2.97
N ILE E 23 -25.15 3.22 2.06
CA ILE E 23 -24.86 2.77 0.70
C ILE E 23 -25.49 3.74 -0.30
N ALA E 24 -24.63 4.39 -1.08
CA ALA E 24 -25.08 5.33 -2.09
C ALA E 24 -24.84 4.73 -3.47
N VAL E 25 -25.90 4.60 -4.24
CA VAL E 25 -25.79 4.05 -5.58
C VAL E 25 -26.41 5.03 -6.53
N GLY E 26 -25.90 5.09 -7.76
CA GLY E 26 -26.50 5.96 -8.75
C GLY E 26 -26.69 5.24 -10.06
N TYR E 27 -27.41 5.89 -10.95
CA TYR E 27 -27.91 5.23 -12.14
C TYR E 27 -28.17 6.17 -13.30
N VAL E 28 -27.87 5.67 -14.49
CA VAL E 28 -28.40 6.20 -15.73
C VAL E 28 -28.88 4.96 -16.48
N ASP E 29 -30.19 4.87 -16.69
CA ASP E 29 -30.84 3.63 -17.12
C ASP E 29 -30.53 2.51 -16.13
N ASP E 30 -30.36 1.29 -16.64
CA ASP E 30 -30.06 0.14 -15.79
C ASP E 30 -28.55 -0.02 -15.60
N THR E 31 -27.82 0.99 -16.03
CA THR E 31 -26.36 1.03 -15.89
C THR E 31 -25.97 1.81 -14.64
N GLN E 32 -25.51 1.09 -13.62
CA GLN E 32 -25.07 1.72 -12.38
C GLN E 32 -23.84 2.58 -12.64
N PHE E 33 -23.68 3.61 -11.82
CA PHE E 33 -22.64 4.61 -12.05
C PHE E 33 -21.62 4.67 -10.92
N VAL E 34 -22.12 4.87 -9.71
CA VAL E 34 -21.29 5.14 -8.54
C VAL E 34 -21.56 4.15 -7.41
N ARG E 35 -20.53 3.87 -6.62
CA ARG E 35 -20.65 2.93 -5.51
C ARG E 35 -20.06 3.53 -4.24
N PHE E 36 -20.92 3.92 -3.31
CA PHE E 36 -20.43 4.35 -2.01
C PHE E 36 -20.88 3.41 -0.90
N ASP E 37 -19.92 3.05 -0.07
CA ASP E 37 -20.17 2.26 1.12
C ASP E 37 -19.22 2.82 2.17
N SER E 38 -19.68 2.96 3.41
CA SER E 38 -18.87 3.65 4.42
C SER E 38 -17.84 2.73 5.08
N ASP E 39 -17.97 1.41 4.92
CA ASP E 39 -16.94 0.49 5.43
C ASP E 39 -16.05 0.04 4.28
N ALA E 40 -16.14 0.75 3.16
CA ALA E 40 -15.22 0.51 2.06
C ALA E 40 -13.88 1.10 2.47
N ALA E 41 -12.80 0.60 1.89
CA ALA E 41 -11.46 1.04 2.27
C ALA E 41 -11.22 2.49 1.83
N SER E 42 -12.03 2.95 0.89
CA SER E 42 -11.94 4.32 0.41
C SER E 42 -13.09 5.14 0.98
N GLN E 43 -12.77 6.26 1.62
CA GLN E 43 -13.79 7.12 2.18
C GLN E 43 -14.26 8.09 1.12
N ARG E 44 -13.82 7.84 -0.11
CA ARG E 44 -14.32 8.58 -1.26
C ARG E 44 -15.31 7.66 -1.95
N MET E 45 -16.08 8.18 -2.90
CA MET E 45 -17.02 7.36 -3.66
C MET E 45 -16.35 6.85 -4.94
N GLU E 46 -16.59 5.59 -5.28
CA GLU E 46 -15.89 4.97 -6.39
C GLU E 46 -16.72 4.91 -7.67
N PRO E 47 -16.05 5.11 -8.82
CA PRO E 47 -16.64 4.99 -10.14
C PRO E 47 -16.53 3.56 -10.67
N ARG E 48 -17.67 2.97 -11.02
CA ARG E 48 -17.66 1.62 -11.56
C ARG E 48 -17.93 1.57 -13.05
N ALA E 49 -18.58 2.61 -13.56
CA ALA E 49 -18.72 2.76 -14.99
C ALA E 49 -17.48 3.50 -15.50
N PRO E 50 -16.92 3.02 -16.62
CA PRO E 50 -15.69 3.58 -17.19
C PRO E 50 -15.89 4.98 -17.73
N TRP E 51 -17.10 5.29 -18.17
CA TRP E 51 -17.38 6.55 -18.83
C TRP E 51 -17.80 7.66 -17.85
N ILE E 52 -17.52 7.45 -16.57
CA ILE E 52 -17.64 8.50 -15.58
C ILE E 52 -16.23 8.79 -15.06
N GLU E 53 -15.30 7.94 -15.45
CA GLU E 53 -13.89 8.15 -15.13
C GLU E 53 -13.30 9.14 -16.12
N GLN E 54 -14.16 9.69 -16.98
CA GLN E 54 -13.79 10.77 -17.87
C GLN E 54 -13.90 12.08 -17.12
N GLU E 55 -14.32 12.00 -15.87
CA GLU E 55 -14.45 13.17 -15.01
C GLU E 55 -13.24 13.32 -14.10
N GLY E 56 -12.84 14.56 -13.84
CA GLY E 56 -11.67 14.84 -13.05
C GLY E 56 -11.95 15.02 -11.58
N PRO E 57 -10.90 15.18 -10.76
CA PRO E 57 -10.98 15.36 -9.30
C PRO E 57 -11.86 16.54 -8.88
N GLU E 58 -12.03 17.51 -9.77
CA GLU E 58 -12.97 18.61 -9.56
C GLU E 58 -14.37 18.07 -9.41
N TYR E 59 -14.61 16.93 -10.06
CA TYR E 59 -15.91 16.29 -10.08
C TYR E 59 -16.03 15.23 -8.98
N TRP E 60 -14.89 14.75 -8.50
CA TRP E 60 -14.86 13.70 -7.48
C TRP E 60 -14.88 14.25 -6.07
N ASP E 61 -14.08 15.28 -5.82
CA ASP E 61 -13.99 15.90 -4.49
C ASP E 61 -15.30 16.59 -4.11
N GLY E 62 -16.02 17.07 -5.12
CA GLY E 62 -17.29 17.72 -4.89
C GLY E 62 -18.43 16.72 -4.86
N GLU E 63 -18.08 15.44 -4.89
CA GLU E 63 -19.10 14.41 -4.86
C GLU E 63 -18.83 13.37 -3.79
N THR E 64 -17.66 13.48 -3.17
CA THR E 64 -17.31 12.62 -2.06
C THR E 64 -17.73 13.34 -0.79
N ARG E 65 -17.92 14.65 -0.89
CA ARG E 65 -18.33 15.49 0.23
C ARG E 65 -19.84 15.39 0.42
N LYS E 66 -20.54 15.38 -0.72
CA LYS E 66 -22.00 15.41 -0.77
C LYS E 66 -22.61 14.10 -0.27
N VAL E 67 -21.94 12.99 -0.56
CA VAL E 67 -22.41 11.68 -0.13
C VAL E 67 -22.18 11.52 1.36
N LYS E 68 -21.12 12.12 1.86
CA LYS E 68 -20.86 12.19 3.30
C LYS E 68 -21.96 12.98 3.97
N ALA E 69 -22.38 14.06 3.31
CA ALA E 69 -23.49 14.85 3.82
C ALA E 69 -24.75 13.98 3.89
N HIS E 70 -24.94 13.14 2.88
CA HIS E 70 -26.09 12.21 2.89
C HIS E 70 -25.98 11.19 4.03
N SER E 71 -24.78 10.70 4.28
CA SER E 71 -24.54 9.73 5.34
C SER E 71 -24.83 10.34 6.70
N GLN E 72 -24.55 11.63 6.82
CA GLN E 72 -24.77 12.30 8.10
C GLN E 72 -26.24 12.62 8.33
N THR E 73 -26.89 13.16 7.29
CA THR E 73 -28.32 13.47 7.39
C THR E 73 -29.13 12.19 7.60
N HIS E 74 -28.66 11.08 7.05
CA HIS E 74 -29.30 9.78 7.29
C HIS E 74 -29.06 9.32 8.73
N ARG E 75 -27.80 9.32 9.14
CA ARG E 75 -27.42 8.83 10.47
C ARG E 75 -28.12 9.60 11.58
N VAL E 76 -28.53 10.83 11.29
CA VAL E 76 -29.31 11.60 12.25
C VAL E 76 -30.82 11.40 12.06
N ASP E 77 -31.26 11.30 10.80
CA ASP E 77 -32.69 11.08 10.50
C ASP E 77 -33.22 9.80 11.13
N LEU E 78 -32.40 8.76 11.16
CA LEU E 78 -32.85 7.52 11.82
C LEU E 78 -33.05 7.79 13.31
N GLY E 79 -32.21 8.65 13.86
CA GLY E 79 -32.32 9.06 15.25
C GLY E 79 -33.61 9.82 15.51
N THR E 80 -34.00 10.64 14.54
CA THR E 80 -35.25 11.39 14.64
C THR E 80 -36.49 10.48 14.57
N LEU E 81 -36.61 9.77 13.45
CA LEU E 81 -37.79 8.95 13.19
C LEU E 81 -37.95 7.89 14.25
N ARG E 82 -36.84 7.28 14.66
CA ARG E 82 -36.86 6.32 15.74
C ARG E 82 -36.99 7.04 17.08
N GLY E 83 -36.69 8.34 17.08
CA GLY E 83 -36.83 9.14 18.27
C GLY E 83 -38.26 9.50 18.63
N TYR E 84 -39.15 9.57 17.63
CA TYR E 84 -40.55 9.98 17.90
C TYR E 84 -41.60 8.89 17.67
N TYR E 85 -41.19 7.73 17.19
CA TYR E 85 -42.10 6.59 17.17
C TYR E 85 -41.95 5.89 18.51
N ASN E 86 -42.07 4.57 18.51
CA ASN E 86 -41.87 3.81 19.74
C ASN E 86 -40.90 2.66 19.56
N GLN E 87 -39.63 2.92 19.86
CA GLN E 87 -38.59 1.91 19.67
C GLN E 87 -37.75 1.70 20.90
N SER E 88 -36.83 0.74 20.76
CA SER E 88 -35.77 0.49 21.70
C SER E 88 -34.53 0.66 20.86
N GLU E 89 -33.50 1.28 21.42
CA GLU E 89 -32.31 1.61 20.63
C GLU E 89 -31.49 0.37 20.27
N ALA E 90 -31.77 -0.75 20.94
CA ALA E 90 -31.14 -2.02 20.56
C ALA E 90 -31.70 -2.52 19.24
N GLY E 91 -32.81 -1.94 18.81
CA GLY E 91 -33.45 -2.32 17.56
C GLY E 91 -32.66 -1.84 16.36
N SER E 92 -32.95 -2.42 15.20
CA SER E 92 -32.24 -2.10 13.97
C SER E 92 -33.22 -1.84 12.84
N HIS E 93 -33.29 -0.59 12.40
CA HIS E 93 -34.25 -0.18 11.38
C HIS E 93 -33.54 0.24 10.10
N THR E 94 -34.31 0.42 9.03
CA THR E 94 -33.74 0.77 7.74
C THR E 94 -34.46 1.97 7.15
N VAL E 95 -33.68 2.95 6.69
CA VAL E 95 -34.24 4.14 6.07
C VAL E 95 -33.58 4.30 4.71
N GLN E 96 -34.37 4.24 3.64
CA GLN E 96 -33.83 4.32 2.30
C GLN E 96 -34.48 5.45 1.49
N ARG E 97 -33.68 6.12 0.67
CA ARG E 97 -34.13 7.27 -0.09
C ARG E 97 -33.89 7.12 -1.57
N MET E 98 -34.52 8.00 -2.35
CA MET E 98 -34.42 7.98 -3.80
C MET E 98 -34.78 9.34 -4.38
N TYR E 99 -34.01 9.77 -5.38
CA TYR E 99 -34.42 10.93 -6.20
C TYR E 99 -33.72 10.98 -7.56
N GLY E 100 -34.40 11.50 -8.58
CA GLY E 100 -33.81 11.59 -9.90
C GLY E 100 -34.79 11.93 -11.00
N CYS E 101 -34.30 11.88 -12.23
CA CYS E 101 -35.00 12.46 -13.37
C CYS E 101 -35.19 11.49 -14.52
N ASP E 102 -36.21 11.76 -15.35
CA ASP E 102 -36.39 11.04 -16.60
C ASP E 102 -36.33 12.00 -17.78
N VAL E 103 -36.14 11.44 -18.97
CA VAL E 103 -35.98 12.24 -20.18
C VAL E 103 -36.69 11.64 -21.40
N GLY E 104 -37.15 12.50 -22.30
CA GLY E 104 -37.87 12.09 -23.49
C GLY E 104 -37.00 11.71 -24.68
N SER E 105 -37.64 11.55 -25.83
CA SER E 105 -36.94 11.16 -27.06
C SER E 105 -36.05 12.29 -27.59
N ASP E 106 -36.54 13.51 -27.41
CA ASP E 106 -35.80 14.71 -27.71
C ASP E 106 -34.79 15.03 -26.62
N TRP E 107 -34.65 14.08 -25.70
CA TRP E 107 -33.77 14.21 -24.53
C TRP E 107 -34.22 15.37 -23.66
N ARG E 108 -35.44 15.84 -23.88
CA ARG E 108 -35.96 16.93 -23.09
C ARG E 108 -36.66 16.35 -21.87
N PHE E 109 -36.92 17.20 -20.89
CA PHE E 109 -37.36 16.78 -19.56
C PHE E 109 -38.70 16.05 -19.55
N LEU E 110 -38.66 14.77 -19.21
CA LEU E 110 -39.85 14.04 -18.83
C LEU E 110 -39.90 14.12 -17.30
N ARG E 111 -41.06 13.84 -16.71
CA ARG E 111 -41.27 14.12 -15.29
C ARG E 111 -40.35 13.31 -14.37
N GLY E 112 -40.01 13.92 -13.24
CA GLY E 112 -39.07 13.33 -12.31
C GLY E 112 -39.71 12.80 -11.05
N TYR E 113 -38.88 12.23 -10.17
CA TYR E 113 -39.36 11.56 -8.97
C TYR E 113 -38.46 11.89 -7.78
N HIS E 114 -38.99 11.67 -6.58
CA HIS E 114 -38.25 11.93 -5.35
C HIS E 114 -39.00 11.31 -4.15
N GLN E 115 -38.56 10.15 -3.69
CA GLN E 115 -39.30 9.43 -2.64
C GLN E 115 -38.41 8.82 -1.55
N TYR E 116 -38.96 8.68 -0.34
CA TYR E 116 -38.23 8.08 0.78
C TYR E 116 -39.06 6.93 1.36
N ALA E 117 -38.46 6.18 2.28
CA ALA E 117 -39.14 5.09 2.98
C ALA E 117 -38.41 4.76 4.27
N TYR E 118 -39.17 4.64 5.35
CA TYR E 118 -38.63 4.16 6.61
C TYR E 118 -38.63 2.65 6.63
N ASP E 119 -38.74 2.07 7.83
CA ASP E 119 -38.84 0.63 8.01
C ASP E 119 -39.98 0.06 7.17
N GLY E 120 -41.15 0.68 7.30
CA GLY E 120 -42.33 0.24 6.57
C GLY E 120 -42.23 0.47 5.07
N LYS E 121 -43.38 0.59 4.42
CA LYS E 121 -43.42 0.72 2.96
C LYS E 121 -43.21 2.15 2.51
N ASP E 122 -44.29 2.87 2.22
CA ASP E 122 -44.18 4.24 1.74
C ASP E 122 -44.28 5.21 2.91
N TYR E 123 -43.27 6.06 3.01
CA TYR E 123 -43.23 7.12 4.00
C TYR E 123 -43.37 8.46 3.34
N ILE E 124 -42.32 8.86 2.64
CA ILE E 124 -42.27 10.13 1.98
C ILE E 124 -41.97 10.01 0.48
N ALA E 125 -42.85 10.54 -0.36
CA ALA E 125 -42.63 10.54 -1.81
C ALA E 125 -43.05 11.87 -2.42
N LEU E 126 -42.23 12.43 -3.29
CA LEU E 126 -42.61 13.63 -4.01
C LEU E 126 -43.65 13.22 -5.04
N LYS E 127 -44.69 14.04 -5.18
CA LYS E 127 -45.73 13.75 -6.14
C LYS E 127 -45.27 14.16 -7.54
N GLU E 128 -45.99 13.69 -8.55
CA GLU E 128 -45.61 13.95 -9.95
C GLU E 128 -45.86 15.39 -10.39
N ASP E 129 -46.00 16.27 -9.41
CA ASP E 129 -46.16 17.68 -9.67
C ASP E 129 -44.90 18.31 -9.07
N LEU E 130 -44.96 19.57 -8.68
CA LEU E 130 -43.77 20.25 -8.19
C LEU E 130 -43.75 20.42 -6.67
N ARG E 131 -44.72 21.16 -6.15
CA ARG E 131 -44.77 21.55 -4.73
C ARG E 131 -45.69 20.62 -3.95
N SER E 132 -46.45 19.81 -4.67
CA SER E 132 -47.54 19.03 -4.09
C SER E 132 -47.03 17.91 -3.21
N TRP E 133 -47.91 17.35 -2.39
CA TRP E 133 -47.50 16.22 -1.58
C TRP E 133 -48.47 15.03 -1.49
N THR E 134 -47.89 13.85 -1.20
CA THR E 134 -48.63 12.65 -0.85
C THR E 134 -48.18 12.07 0.51
N ALA E 135 -48.98 12.28 1.55
CA ALA E 135 -48.68 11.75 2.89
C ALA E 135 -49.81 10.84 3.38
N ALA E 136 -49.45 9.84 4.20
CA ALA E 136 -50.47 8.94 4.72
C ALA E 136 -50.30 8.60 6.20
N ASP E 137 -49.30 9.16 6.86
CA ASP E 137 -49.13 8.98 8.30
C ASP E 137 -49.42 10.29 9.02
N MET E 138 -48.96 10.41 10.25
CA MET E 138 -49.09 11.63 11.04
C MET E 138 -47.73 12.31 11.18
N ALA E 139 -46.68 11.52 11.38
CA ALA E 139 -45.32 12.07 11.43
C ALA E 139 -44.88 12.57 10.06
N ALA E 140 -45.36 11.90 9.02
CA ALA E 140 -45.07 12.28 7.64
C ALA E 140 -45.58 13.69 7.38
N GLN E 141 -46.74 14.01 7.93
CA GLN E 141 -47.34 15.32 7.78
C GLN E 141 -46.48 16.38 8.48
N THR E 142 -45.94 16.03 9.64
CA THR E 142 -45.11 16.97 10.39
C THR E 142 -43.77 17.24 9.70
N THR E 143 -43.16 16.21 9.12
CA THR E 143 -41.88 16.42 8.43
C THR E 143 -42.10 17.10 7.07
N LYS E 144 -43.27 16.86 6.49
CA LYS E 144 -43.59 17.50 5.24
C LYS E 144 -43.94 18.95 5.53
N HIS E 145 -44.37 19.23 6.76
CA HIS E 145 -44.57 20.60 7.21
C HIS E 145 -43.19 21.24 7.35
N LYS E 146 -42.25 20.44 7.88
CA LYS E 146 -40.87 20.88 8.06
C LYS E 146 -40.25 21.24 6.71
N TRP E 147 -40.79 20.68 5.64
CA TRP E 147 -40.32 21.02 4.30
C TRP E 147 -41.24 22.04 3.59
N GLU E 148 -42.41 22.27 4.16
CA GLU E 148 -43.31 23.29 3.64
C GLU E 148 -42.78 24.63 4.11
N ALA E 149 -42.03 24.58 5.21
CA ALA E 149 -41.39 25.77 5.75
C ALA E 149 -40.06 26.02 5.05
N ALA E 150 -39.30 24.95 4.82
CA ALA E 150 -37.96 25.07 4.24
C ALA E 150 -37.96 25.24 2.72
N HIS E 151 -39.12 25.09 2.10
CA HIS E 151 -39.27 25.22 0.65
C HIS E 151 -38.33 24.26 -0.07
N VAL E 152 -38.45 22.98 0.21
CA VAL E 152 -37.52 21.99 -0.33
C VAL E 152 -37.90 21.63 -1.76
N ALA E 153 -39.19 21.48 -1.99
CA ALA E 153 -39.72 20.99 -3.27
C ALA E 153 -39.29 21.79 -4.49
N GLU E 154 -39.22 23.12 -4.35
CA GLU E 154 -38.93 23.99 -5.49
C GLU E 154 -37.43 24.09 -5.80
N GLN E 155 -36.60 24.04 -4.77
CA GLN E 155 -35.15 23.98 -4.96
C GLN E 155 -34.72 22.56 -5.30
N LEU E 156 -35.68 21.64 -5.22
CA LEU E 156 -35.43 20.25 -5.58
C LEU E 156 -35.84 20.08 -7.02
N ARG E 157 -36.83 20.86 -7.42
CA ARG E 157 -37.26 20.89 -8.81
C ARG E 157 -36.22 21.68 -9.62
N ALA E 158 -35.57 22.64 -8.98
CA ALA E 158 -34.54 23.44 -9.66
C ALA E 158 -33.28 22.60 -9.88
N TYR E 159 -33.27 21.42 -9.27
CA TYR E 159 -32.20 20.46 -9.48
C TYR E 159 -32.70 19.41 -10.47
N LEU E 160 -34.00 19.14 -10.43
CA LEU E 160 -34.60 18.11 -11.27
C LEU E 160 -34.52 18.45 -12.77
N GLU E 161 -34.62 19.72 -13.11
CA GLU E 161 -34.40 20.15 -14.50
C GLU E 161 -33.27 21.18 -14.52
N GLY E 162 -32.22 20.90 -15.28
CA GLY E 162 -31.15 21.85 -15.47
C GLY E 162 -29.91 21.53 -14.66
N THR E 163 -30.00 20.51 -13.81
CA THR E 163 -28.87 20.03 -13.02
C THR E 163 -28.84 18.52 -13.04
N CYS E 164 -30.00 17.89 -12.91
CA CYS E 164 -30.09 16.44 -13.09
C CYS E 164 -30.12 16.12 -14.58
N VAL E 165 -30.75 17.02 -15.36
CA VAL E 165 -31.05 16.77 -16.76
C VAL E 165 -29.92 17.04 -17.77
N GLU E 166 -29.25 18.19 -17.66
CA GLU E 166 -28.19 18.53 -18.59
C GLU E 166 -26.93 17.72 -18.28
N TRP E 167 -26.80 17.34 -17.01
CA TRP E 167 -25.73 16.46 -16.59
C TRP E 167 -26.06 15.06 -17.10
N LEU E 168 -27.35 14.77 -17.20
CA LEU E 168 -27.83 13.50 -17.71
C LEU E 168 -27.51 13.38 -19.20
N ARG E 169 -27.78 14.43 -19.97
CA ARG E 169 -27.43 14.44 -21.39
C ARG E 169 -25.93 14.44 -21.57
N ARG E 170 -25.22 15.09 -20.65
CA ARG E 170 -23.77 15.14 -20.69
C ARG E 170 -23.25 13.71 -20.55
N TYR E 171 -23.93 12.94 -19.72
CA TYR E 171 -23.60 11.54 -19.50
C TYR E 171 -23.98 10.75 -20.76
N LEU E 172 -25.04 11.19 -21.44
CA LEU E 172 -25.52 10.52 -22.64
C LEU E 172 -24.63 10.80 -23.84
N GLU E 173 -23.82 11.85 -23.74
CA GLU E 173 -22.89 12.20 -24.82
C GLU E 173 -21.48 11.71 -24.51
N ASN E 174 -21.18 11.49 -23.23
CA ASN E 174 -19.89 10.93 -22.85
C ASN E 174 -19.91 9.40 -22.82
N GLY E 175 -21.10 8.83 -22.95
CA GLY E 175 -21.24 7.38 -22.96
C GLY E 175 -22.09 6.96 -24.13
N LYS E 176 -21.96 7.69 -25.24
CA LYS E 176 -22.75 7.41 -26.43
C LYS E 176 -22.40 6.03 -26.99
N GLU E 177 -21.11 5.69 -26.92
CA GLU E 177 -20.60 4.42 -27.45
C GLU E 177 -20.96 3.20 -26.60
N THR E 178 -21.19 3.42 -25.31
CA THR E 178 -21.57 2.32 -24.44
C THR E 178 -23.08 2.33 -24.31
N LEU E 179 -23.70 3.32 -24.94
CA LEU E 179 -25.15 3.42 -24.98
C LEU E 179 -25.69 3.70 -26.40
N GLN E 180 -24.92 3.36 -27.43
CA GLN E 180 -25.42 3.38 -28.82
C GLN E 180 -26.19 2.11 -29.09
N ARG E 181 -25.97 1.13 -28.21
CA ARG E 181 -26.46 -0.22 -28.44
C ARG E 181 -27.86 -0.45 -27.90
N THR E 182 -28.76 -0.73 -28.83
CA THR E 182 -30.09 -1.18 -28.48
C THR E 182 -30.12 -2.69 -28.68
N ASP E 183 -29.55 -3.41 -27.71
CA ASP E 183 -29.31 -4.84 -27.79
C ASP E 183 -30.56 -5.70 -27.94
N ALA E 184 -30.70 -6.34 -29.10
CA ALA E 184 -31.82 -7.23 -29.38
C ALA E 184 -31.68 -8.55 -28.61
N PRO E 185 -32.79 -9.04 -28.07
CA PRO E 185 -32.84 -10.32 -27.33
C PRO E 185 -32.87 -11.53 -28.27
N LYS E 186 -32.08 -12.55 -27.94
CA LYS E 186 -32.02 -13.78 -28.72
C LYS E 186 -32.93 -14.85 -28.10
N THR E 187 -33.82 -15.44 -28.90
CA THR E 187 -34.84 -16.36 -28.37
C THR E 187 -34.75 -17.82 -28.84
N HIS E 188 -35.19 -18.78 -28.03
CA HIS E 188 -35.28 -20.16 -28.52
C HIS E 188 -36.65 -20.82 -28.24
N MET E 189 -36.71 -22.16 -28.25
CA MET E 189 -37.95 -22.91 -28.01
C MET E 189 -37.83 -24.44 -27.90
N THR E 190 -37.87 -24.96 -26.68
CA THR E 190 -37.84 -26.41 -26.44
C THR E 190 -39.07 -26.82 -25.67
N HIS E 191 -39.20 -28.12 -25.43
CA HIS E 191 -40.26 -28.63 -24.60
C HIS E 191 -39.64 -29.65 -23.67
N HIS E 192 -40.24 -29.78 -22.49
CA HIS E 192 -39.92 -30.85 -21.56
C HIS E 192 -41.22 -31.23 -20.89
N ALA E 193 -41.53 -32.52 -20.98
CA ALA E 193 -42.71 -33.08 -20.38
C ALA E 193 -42.23 -34.11 -19.37
N VAL E 194 -42.88 -34.17 -18.22
CA VAL E 194 -42.47 -35.13 -17.20
C VAL E 194 -43.47 -36.28 -17.16
N SER E 195 -44.75 -35.96 -17.20
CA SER E 195 -45.79 -36.96 -17.34
C SER E 195 -46.14 -37.11 -18.82
N ASP E 196 -46.72 -38.24 -19.18
CA ASP E 196 -47.15 -38.48 -20.56
C ASP E 196 -48.28 -37.53 -20.95
N HIS E 197 -49.09 -37.11 -19.98
CA HIS E 197 -50.23 -36.25 -20.26
C HIS E 197 -50.23 -35.01 -19.37
N LEU E 201 -43.95 -25.30 -22.24
CA LEU E 201 -42.79 -24.99 -23.07
C LEU E 201 -41.97 -23.85 -22.44
N ARG E 202 -41.61 -22.84 -23.24
CA ARG E 202 -40.68 -21.81 -22.78
C ARG E 202 -40.58 -20.60 -23.72
N CYS E 203 -40.85 -19.42 -23.21
CA CYS E 203 -40.63 -18.21 -23.99
C CYS E 203 -39.56 -17.37 -23.33
N TRP E 204 -38.47 -17.10 -24.05
CA TRP E 204 -37.27 -16.63 -23.36
C TRP E 204 -36.58 -15.47 -24.07
N ALA E 205 -35.91 -14.65 -23.27
CA ALA E 205 -35.03 -13.60 -23.76
C ALA E 205 -33.74 -13.64 -22.97
N LEU E 206 -32.62 -13.41 -23.63
CA LEU E 206 -31.31 -13.60 -23.01
C LEU E 206 -30.43 -12.35 -22.95
N SER E 207 -30.41 -11.57 -24.02
CA SER E 207 -29.50 -10.42 -24.10
C SER E 207 -30.17 -9.13 -24.57
N PHE E 208 -30.54 -8.30 -23.60
CA PHE E 208 -31.17 -7.00 -23.83
C PHE E 208 -30.62 -5.96 -22.85
N TYR E 209 -30.53 -4.71 -23.29
CA TYR E 209 -29.83 -3.68 -22.51
C TYR E 209 -30.66 -3.02 -21.35
N PRO E 210 -31.82 -2.35 -21.58
CA PRO E 210 -32.57 -2.33 -20.33
C PRO E 210 -33.36 -3.59 -20.08
N ALA E 211 -33.52 -3.92 -18.81
CA ALA E 211 -34.29 -5.07 -18.37
C ALA E 211 -35.75 -4.92 -18.82
N GLU E 212 -36.14 -3.69 -19.19
CA GLU E 212 -37.52 -3.40 -19.51
C GLU E 212 -37.92 -4.05 -20.83
N ILE E 213 -38.64 -5.15 -20.72
CA ILE E 213 -39.16 -5.89 -21.87
C ILE E 213 -40.43 -6.61 -21.44
N THR E 214 -41.50 -6.46 -22.20
CA THR E 214 -42.71 -7.23 -21.92
C THR E 214 -42.73 -8.48 -22.79
N LEU E 215 -42.98 -9.63 -22.18
CA LEU E 215 -42.94 -10.89 -22.90
C LEU E 215 -44.32 -11.57 -22.83
N THR E 216 -45.26 -11.03 -23.58
CA THR E 216 -46.63 -11.54 -23.60
C THR E 216 -46.72 -12.96 -24.18
N TRP E 217 -47.52 -13.81 -23.54
CA TRP E 217 -47.60 -15.24 -23.84
C TRP E 217 -48.87 -15.65 -24.59
N GLN E 218 -49.35 -14.79 -25.49
CA GLN E 218 -50.68 -14.92 -26.08
C GLN E 218 -50.87 -16.06 -27.10
N ARG E 219 -51.67 -17.05 -26.72
CA ARG E 219 -52.16 -18.07 -27.64
C ARG E 219 -53.41 -17.53 -28.33
N ASP E 220 -53.23 -16.42 -29.06
CA ASP E 220 -54.29 -15.53 -29.57
C ASP E 220 -55.01 -14.70 -28.49
N GLY E 221 -56.24 -14.26 -28.79
CA GLY E 221 -56.99 -13.36 -27.92
C GLY E 221 -57.55 -13.87 -26.59
N GLU E 222 -56.67 -14.13 -25.63
CA GLU E 222 -57.08 -14.53 -24.28
C GLU E 222 -56.04 -14.06 -23.26
N ASP E 223 -56.48 -13.81 -22.04
CA ASP E 223 -55.62 -13.37 -20.95
C ASP E 223 -55.50 -14.46 -19.87
N GLN E 224 -54.43 -14.39 -19.08
CA GLN E 224 -54.10 -15.47 -18.16
C GLN E 224 -53.99 -14.98 -16.72
N THR E 225 -54.02 -15.92 -15.79
CA THR E 225 -53.91 -15.64 -14.37
C THR E 225 -53.29 -16.81 -13.63
N GLN E 226 -53.17 -17.95 -14.34
CA GLN E 226 -52.93 -19.22 -13.66
C GLN E 226 -51.77 -20.07 -14.22
N ASP E 227 -51.60 -20.10 -15.54
CA ASP E 227 -50.66 -21.05 -16.15
C ASP E 227 -49.19 -20.64 -16.07
N THR E 228 -48.90 -19.35 -16.25
CA THR E 228 -47.53 -18.86 -16.23
C THR E 228 -47.08 -18.53 -14.81
N GLU E 229 -45.82 -18.80 -14.50
CA GLU E 229 -45.23 -18.44 -13.22
C GLU E 229 -44.27 -17.26 -13.42
N LEU E 230 -44.63 -16.09 -12.89
CA LEU E 230 -43.83 -14.88 -13.09
C LEU E 230 -42.51 -14.88 -12.30
N VAL E 231 -41.41 -14.72 -13.01
CA VAL E 231 -40.10 -14.57 -12.41
C VAL E 231 -39.64 -13.13 -12.70
N GLU E 232 -38.75 -12.62 -11.87
CA GLU E 232 -38.27 -11.25 -12.06
C GLU E 232 -37.18 -11.19 -13.12
N THR E 233 -37.00 -10.01 -13.72
CA THR E 233 -35.92 -9.83 -14.68
C THR E 233 -34.63 -9.85 -13.87
N ARG E 234 -33.58 -10.42 -14.46
CA ARG E 234 -32.36 -10.71 -13.71
C ARG E 234 -31.10 -10.21 -14.41
N PRO E 235 -30.11 -9.77 -13.62
CA PRO E 235 -28.83 -9.26 -14.12
C PRO E 235 -27.94 -10.37 -14.65
N ALA E 236 -27.36 -10.18 -15.83
CA ALA E 236 -26.43 -11.16 -16.37
C ALA E 236 -24.99 -10.75 -16.07
N GLY E 237 -24.83 -9.84 -15.12
CA GLY E 237 -23.52 -9.47 -14.61
C GLY E 237 -22.60 -8.75 -15.58
N ASP E 238 -23.10 -8.47 -16.79
CA ASP E 238 -22.28 -7.84 -17.83
C ASP E 238 -22.90 -6.56 -18.38
N GLY E 239 -24.14 -6.28 -17.99
CA GLY E 239 -24.86 -5.13 -18.51
C GLY E 239 -26.06 -5.57 -19.32
N THR E 240 -26.24 -6.88 -19.43
CA THR E 240 -27.42 -7.45 -20.09
C THR E 240 -28.31 -8.10 -19.04
N PHE E 241 -29.54 -8.43 -19.43
CA PHE E 241 -30.49 -9.01 -18.50
C PHE E 241 -31.18 -10.22 -19.11
N GLN E 242 -31.83 -11.03 -18.29
CA GLN E 242 -32.46 -12.26 -18.74
C GLN E 242 -33.83 -12.42 -18.10
N LYS E 243 -34.71 -13.16 -18.77
CA LYS E 243 -36.04 -13.40 -18.23
C LYS E 243 -36.44 -14.86 -18.41
N TRP E 244 -37.13 -15.40 -17.40
CA TRP E 244 -37.44 -16.81 -17.33
C TRP E 244 -38.95 -17.03 -17.33
N ALA E 245 -39.59 -16.96 -18.50
CA ALA E 245 -41.05 -17.08 -18.58
C ALA E 245 -41.52 -18.36 -19.30
N ALA E 246 -42.16 -19.25 -18.58
CA ALA E 246 -42.51 -20.56 -19.12
C ALA E 246 -43.96 -20.95 -18.89
N VAL E 247 -44.49 -21.75 -19.81
CA VAL E 247 -45.86 -22.22 -19.75
C VAL E 247 -45.95 -23.65 -20.30
N VAL E 248 -46.66 -24.52 -19.59
CA VAL E 248 -46.79 -25.92 -20.03
C VAL E 248 -48.25 -26.28 -20.33
N VAL E 249 -48.45 -27.09 -21.36
CA VAL E 249 -49.78 -27.41 -21.86
C VAL E 249 -49.76 -28.87 -22.35
N PRO E 250 -50.92 -29.56 -22.39
CA PRO E 250 -51.05 -30.94 -22.90
C PRO E 250 -50.23 -31.26 -24.16
N SER E 251 -49.72 -32.49 -24.24
CA SER E 251 -48.67 -32.87 -25.19
C SER E 251 -48.95 -32.84 -26.70
N GLY E 252 -50.18 -32.51 -27.12
CA GLY E 252 -50.46 -32.55 -28.55
C GLY E 252 -51.00 -31.30 -29.22
N GLN E 253 -51.30 -30.27 -28.44
CA GLN E 253 -51.80 -29.01 -28.99
C GLN E 253 -50.85 -27.92 -28.54
N GLU E 254 -49.62 -28.34 -28.24
CA GLU E 254 -48.55 -27.42 -27.87
C GLU E 254 -47.76 -27.15 -29.12
N GLN E 255 -48.45 -26.61 -30.12
CA GLN E 255 -47.88 -26.49 -31.45
C GLN E 255 -48.54 -25.37 -32.27
N ARG E 256 -49.34 -24.54 -31.60
CA ARG E 256 -49.94 -23.38 -32.23
C ARG E 256 -49.47 -22.12 -31.51
N TYR E 257 -49.10 -22.27 -30.24
CA TYR E 257 -48.72 -21.12 -29.41
C TYR E 257 -47.36 -20.60 -29.79
N THR E 258 -47.14 -19.32 -29.49
CA THR E 258 -45.83 -18.70 -29.56
C THR E 258 -45.80 -17.71 -28.41
N CYS E 259 -44.63 -17.16 -28.13
CA CYS E 259 -44.50 -16.10 -27.13
C CYS E 259 -44.17 -14.82 -27.85
N HIS E 260 -45.06 -13.82 -27.74
CA HIS E 260 -44.85 -12.55 -28.41
C HIS E 260 -43.95 -11.65 -27.57
N VAL E 261 -42.98 -11.00 -28.22
CA VAL E 261 -42.06 -10.11 -27.53
C VAL E 261 -41.93 -8.78 -28.24
N GLN E 262 -42.11 -7.69 -27.50
CA GLN E 262 -41.78 -6.36 -28.01
C GLN E 262 -40.74 -5.75 -27.08
N HIS E 263 -39.65 -5.27 -27.67
CA HIS E 263 -38.56 -4.70 -26.91
C HIS E 263 -38.20 -3.40 -27.60
N GLU E 264 -37.49 -2.52 -26.90
CA GLU E 264 -37.16 -1.23 -27.49
C GLU E 264 -36.11 -1.37 -28.57
N GLY E 265 -35.20 -2.33 -28.40
CA GLY E 265 -34.18 -2.58 -29.40
C GLY E 265 -34.76 -3.47 -30.49
N LEU E 266 -36.07 -3.70 -30.41
CA LEU E 266 -36.79 -4.44 -31.43
C LEU E 266 -37.78 -3.53 -32.14
N PRO E 267 -37.48 -3.17 -33.40
CA PRO E 267 -38.34 -2.35 -34.24
C PRO E 267 -39.57 -3.17 -34.58
N LYS E 268 -39.39 -4.49 -34.50
CA LYS E 268 -40.44 -5.42 -34.85
C LYS E 268 -40.81 -6.25 -33.63
N PRO E 269 -42.12 -6.40 -33.37
CA PRO E 269 -42.52 -7.33 -32.33
C PRO E 269 -42.33 -8.75 -32.83
N LEU E 270 -41.67 -9.62 -32.07
CA LEU E 270 -41.49 -10.98 -32.57
C LEU E 270 -42.62 -11.87 -32.05
N THR E 271 -43.32 -12.51 -32.98
CA THR E 271 -44.36 -13.46 -32.64
C THR E 271 -43.75 -14.81 -32.32
N LEU F 1 -23.83 16.14 -10.05
CA LEU F 1 -24.98 15.29 -10.27
C LEU F 1 -25.86 15.16 -9.02
N LEU F 2 -25.25 15.17 -7.83
CA LEU F 2 -26.01 15.01 -6.61
C LEU F 2 -26.76 16.24 -6.15
N PHE F 3 -27.81 15.98 -5.39
CA PHE F 3 -28.59 17.04 -4.78
C PHE F 3 -27.72 17.63 -3.68
N GLY F 4 -27.57 18.95 -3.70
CA GLY F 4 -26.58 19.61 -2.88
C GLY F 4 -27.10 20.21 -1.60
N TYR F 5 -28.36 19.93 -1.28
CA TYR F 5 -28.96 20.45 -0.05
C TYR F 5 -29.16 19.37 1.00
N PRO F 6 -28.80 19.68 2.25
CA PRO F 6 -28.95 18.74 3.38
C PRO F 6 -30.41 18.61 3.77
N VAL F 7 -31.03 17.52 3.33
CA VAL F 7 -32.44 17.26 3.59
C VAL F 7 -32.60 16.68 4.99
N TYR F 8 -33.60 17.15 5.73
CA TYR F 8 -33.76 16.68 7.10
C TYR F 8 -35.20 16.22 7.30
N VAL F 9 -35.38 15.16 8.07
CA VAL F 9 -36.71 14.59 8.29
C VAL F 9 -37.21 14.91 9.70
N MET G 1 -39.87 -3.39 9.38
CA MET G 1 -40.54 -4.09 10.47
C MET G 1 -41.43 -5.18 9.89
N ILE G 2 -41.60 -5.13 8.57
CA ILE G 2 -42.38 -6.13 7.84
C ILE G 2 -41.43 -7.04 7.06
N GLN G 3 -41.79 -8.32 6.95
CA GLN G 3 -40.92 -9.29 6.29
C GLN G 3 -41.47 -9.63 4.91
N ARG G 4 -40.58 -9.74 3.94
CA ARG G 4 -40.97 -10.10 2.58
C ARG G 4 -40.12 -11.26 2.10
N THR G 5 -40.74 -12.16 1.34
CA THR G 5 -40.06 -13.38 0.92
C THR G 5 -39.02 -13.07 -0.16
N PRO G 6 -37.77 -13.50 0.07
CA PRO G 6 -36.71 -13.29 -0.90
C PRO G 6 -36.83 -14.25 -2.08
N LYS G 7 -36.64 -13.74 -3.29
CA LYS G 7 -36.62 -14.57 -4.48
C LYS G 7 -35.18 -14.77 -4.93
N ILE G 8 -34.71 -16.00 -4.81
CA ILE G 8 -33.35 -16.36 -5.21
C ILE G 8 -33.40 -17.04 -6.57
N GLN G 9 -32.39 -16.79 -7.41
CA GLN G 9 -32.44 -17.22 -8.79
C GLN G 9 -31.02 -17.56 -9.22
N VAL G 10 -30.74 -18.86 -9.30
CA VAL G 10 -29.40 -19.36 -9.63
C VAL G 10 -29.30 -19.65 -11.11
N TYR G 11 -28.24 -19.15 -11.74
CA TYR G 11 -28.07 -19.31 -13.19
C TYR G 11 -26.66 -19.02 -13.70
N SER G 12 -26.55 -18.96 -15.03
CA SER G 12 -25.29 -18.76 -15.72
C SER G 12 -25.32 -17.49 -16.56
N ARG G 13 -24.17 -16.83 -16.65
CA ARG G 13 -24.03 -15.60 -17.42
C ARG G 13 -24.20 -15.87 -18.91
N HIS G 14 -23.61 -16.97 -19.37
CA HIS G 14 -23.75 -17.39 -20.76
C HIS G 14 -24.36 -18.79 -20.79
N PRO G 15 -25.08 -19.12 -21.88
CA PRO G 15 -25.61 -20.47 -22.12
C PRO G 15 -24.57 -21.55 -21.88
N ALA G 16 -24.90 -22.55 -21.06
CA ALA G 16 -23.92 -23.54 -20.63
C ALA G 16 -23.42 -24.46 -21.74
N GLU G 17 -22.10 -24.51 -21.89
CA GLU G 17 -21.46 -25.45 -22.81
C GLU G 17 -20.33 -26.15 -22.05
N ASN G 18 -20.11 -27.43 -22.35
CA ASN G 18 -19.16 -28.25 -21.60
C ASN G 18 -17.70 -27.83 -21.77
N GLY G 19 -17.14 -27.25 -20.70
CA GLY G 19 -15.72 -26.90 -20.68
C GLY G 19 -15.37 -25.44 -20.90
N LYS G 20 -16.36 -24.62 -21.27
CA LYS G 20 -16.08 -23.20 -21.53
C LYS G 20 -16.34 -22.34 -20.30
N SER G 21 -15.34 -21.56 -19.91
CA SER G 21 -15.41 -20.71 -18.71
C SER G 21 -16.61 -19.77 -18.75
N ASN G 22 -17.16 -19.48 -17.57
CA ASN G 22 -18.35 -18.63 -17.46
C ASN G 22 -18.48 -18.05 -16.05
N PHE G 23 -19.66 -17.51 -15.73
CA PHE G 23 -19.95 -16.96 -14.41
C PHE G 23 -21.14 -17.68 -13.76
N LEU G 24 -20.95 -18.08 -12.50
CA LEU G 24 -22.04 -18.54 -11.66
C LEU G 24 -22.69 -17.31 -11.03
N ASN G 25 -24.01 -17.20 -11.15
CA ASN G 25 -24.71 -16.06 -10.56
C ASN G 25 -25.99 -16.40 -9.79
N CYS G 26 -25.96 -16.12 -8.49
CA CYS G 26 -27.13 -16.23 -7.63
C CYS G 26 -27.71 -14.85 -7.38
N TYR G 27 -28.89 -14.60 -7.93
CA TYR G 27 -29.54 -13.30 -7.86
C TYR G 27 -30.73 -13.31 -6.90
N VAL G 28 -30.63 -12.48 -5.86
CA VAL G 28 -31.67 -12.42 -4.84
C VAL G 28 -32.39 -11.07 -4.90
N SER G 29 -33.71 -11.08 -4.80
CA SER G 29 -34.48 -9.84 -4.93
C SER G 29 -35.88 -9.97 -4.33
N GLY G 30 -36.42 -8.86 -3.86
CA GLY G 30 -37.78 -8.84 -3.33
C GLY G 30 -37.80 -8.91 -1.83
N PHE G 31 -36.63 -9.07 -1.23
CA PHE G 31 -36.53 -9.24 0.22
C PHE G 31 -36.46 -7.93 0.98
N HIS G 32 -36.71 -8.01 2.28
CA HIS G 32 -36.60 -6.89 3.20
C HIS G 32 -36.68 -7.43 4.61
N PRO G 33 -35.75 -7.02 5.50
CA PRO G 33 -34.65 -6.08 5.26
C PRO G 33 -33.46 -6.69 4.51
N SER G 34 -32.38 -5.92 4.38
CA SER G 34 -31.23 -6.31 3.58
C SER G 34 -30.18 -7.17 4.28
N ASP G 35 -30.45 -7.57 5.52
CA ASP G 35 -29.51 -8.45 6.22
C ASP G 35 -29.73 -9.86 5.72
N ILE G 36 -28.91 -10.27 4.75
CA ILE G 36 -29.10 -11.55 4.08
C ILE G 36 -27.82 -12.35 4.05
N GLU G 37 -27.90 -13.62 4.43
CA GLU G 37 -26.69 -14.40 4.40
C GLU G 37 -26.80 -15.41 3.27
N VAL G 38 -26.00 -15.22 2.22
CA VAL G 38 -26.10 -16.05 1.02
C VAL G 38 -24.75 -16.72 0.81
N ASP G 39 -24.76 -17.94 0.27
CA ASP G 39 -23.52 -18.63 0.02
C ASP G 39 -23.53 -19.48 -1.25
N LEU G 40 -22.51 -19.31 -2.08
CA LEU G 40 -22.34 -20.16 -3.24
C LEU G 40 -21.60 -21.44 -2.89
N LEU G 41 -22.15 -22.55 -3.37
CA LEU G 41 -21.63 -23.89 -3.12
C LEU G 41 -21.34 -24.63 -4.43
N LYS G 42 -20.79 -25.83 -4.31
CA LYS G 42 -20.48 -26.64 -5.48
C LYS G 42 -21.10 -28.03 -5.33
N ASN G 43 -20.37 -28.97 -4.74
CA ASN G 43 -20.89 -30.31 -4.53
C ASN G 43 -21.30 -30.33 -3.07
N GLY G 44 -20.46 -29.69 -2.26
CA GLY G 44 -20.82 -29.37 -0.90
C GLY G 44 -20.81 -27.85 -0.89
N GLU G 45 -19.62 -27.28 -0.81
CA GLU G 45 -19.36 -25.85 -0.98
C GLU G 45 -17.86 -25.72 -1.04
N ARG G 46 -17.39 -24.71 -1.76
CA ARG G 46 -15.98 -24.55 -2.07
C ARG G 46 -15.64 -23.08 -2.16
N ILE G 47 -16.49 -22.35 -2.88
CA ILE G 47 -16.20 -20.97 -3.23
C ILE G 47 -16.79 -19.96 -2.25
N GLU G 48 -16.09 -19.79 -1.13
CA GLU G 48 -16.43 -18.78 -0.14
C GLU G 48 -15.72 -17.51 -0.54
N LYS G 49 -15.12 -17.58 -1.73
CA LYS G 49 -14.41 -16.46 -2.33
C LYS G 49 -15.36 -15.90 -3.39
N VAL G 50 -16.60 -15.65 -2.98
CA VAL G 50 -17.62 -15.09 -3.84
C VAL G 50 -17.70 -13.58 -3.73
N GLU G 51 -17.88 -12.92 -4.87
CA GLU G 51 -18.04 -11.47 -4.90
C GLU G 51 -19.49 -11.12 -5.19
N HIS G 52 -19.97 -10.03 -4.60
CA HIS G 52 -21.37 -9.65 -4.77
C HIS G 52 -21.41 -8.24 -5.34
N SER G 53 -22.59 -7.83 -5.80
CA SER G 53 -22.79 -6.46 -6.23
C SER G 53 -23.26 -5.65 -5.03
N ASP G 54 -23.27 -4.33 -5.17
CA ASP G 54 -23.68 -3.49 -4.05
C ASP G 54 -25.18 -3.37 -3.97
N LEU G 55 -25.66 -2.95 -2.80
CA LEU G 55 -27.08 -2.99 -2.50
C LEU G 55 -27.87 -1.89 -3.20
N SER G 56 -28.99 -2.30 -3.79
CA SER G 56 -29.94 -1.37 -4.37
C SER G 56 -31.28 -1.94 -3.97
N PHE G 57 -32.37 -1.23 -4.26
CA PHE G 57 -33.67 -1.66 -3.78
C PHE G 57 -34.82 -1.41 -4.75
N SER G 58 -34.51 -1.45 -6.04
CA SER G 58 -35.51 -1.37 -7.10
C SER G 58 -36.50 -0.21 -6.94
N LYS G 59 -37.78 -0.50 -7.16
CA LYS G 59 -38.82 0.52 -7.20
C LYS G 59 -39.73 0.51 -5.97
N ASP G 60 -40.11 -0.68 -5.53
CA ASP G 60 -41.04 -0.81 -4.41
C ASP G 60 -40.30 -1.17 -3.13
N TRP G 61 -39.09 -0.64 -3.00
CA TRP G 61 -38.29 -0.76 -1.78
C TRP G 61 -37.89 -2.20 -1.48
N SER G 62 -37.93 -3.06 -2.50
CA SER G 62 -37.49 -4.43 -2.36
C SER G 62 -36.06 -4.54 -2.88
N PHE G 63 -35.14 -4.92 -1.99
CA PHE G 63 -33.72 -4.90 -2.31
C PHE G 63 -33.36 -5.96 -3.35
N TYR G 64 -32.25 -5.76 -4.07
CA TYR G 64 -31.79 -6.79 -5.01
C TYR G 64 -30.26 -6.81 -5.09
N LEU G 65 -29.70 -8.02 -5.03
CA LEU G 65 -28.25 -8.25 -5.06
C LEU G 65 -27.91 -9.41 -5.98
N LEU G 66 -26.71 -9.40 -6.52
CA LEU G 66 -26.24 -10.47 -7.39
C LEU G 66 -24.88 -10.99 -6.92
N TYR G 67 -24.84 -12.22 -6.43
CA TYR G 67 -23.56 -12.82 -6.05
C TYR G 67 -23.03 -13.66 -7.19
N TYR G 68 -21.75 -13.49 -7.50
CA TYR G 68 -21.19 -14.12 -8.68
C TYR G 68 -19.78 -14.66 -8.47
N THR G 69 -19.37 -15.58 -9.36
CA THR G 69 -17.98 -16.04 -9.37
C THR G 69 -17.66 -16.61 -10.74
N GLU G 70 -16.40 -16.93 -10.98
CA GLU G 70 -16.00 -17.48 -12.28
C GLU G 70 -15.86 -18.99 -12.16
N PHE G 71 -16.25 -19.71 -13.20
CA PHE G 71 -16.18 -21.16 -13.14
C PHE G 71 -16.08 -21.84 -14.50
N THR G 72 -16.10 -23.17 -14.47
CA THR G 72 -16.22 -23.97 -15.67
C THR G 72 -17.33 -25.00 -15.45
N PRO G 73 -18.39 -24.92 -16.28
CA PRO G 73 -19.56 -25.79 -16.21
C PRO G 73 -19.24 -27.27 -16.39
N THR G 74 -19.79 -28.10 -15.52
CA THR G 74 -19.55 -29.54 -15.56
C THR G 74 -20.86 -30.27 -15.34
N GLU G 75 -21.01 -31.42 -15.98
CA GLU G 75 -22.18 -32.28 -15.77
C GLU G 75 -21.95 -33.15 -14.55
N LYS G 76 -20.72 -33.13 -14.06
CA LYS G 76 -20.31 -33.98 -12.94
C LYS G 76 -20.41 -33.26 -11.60
N ASP G 77 -20.48 -31.93 -11.63
CA ASP G 77 -20.53 -31.16 -10.39
C ASP G 77 -21.82 -30.37 -10.25
N GLU G 78 -22.28 -30.27 -9.01
CA GLU G 78 -23.50 -29.56 -8.66
C GLU G 78 -23.16 -28.09 -8.44
N TYR G 79 -24.16 -27.22 -8.55
CA TYR G 79 -23.99 -25.81 -8.22
C TYR G 79 -25.27 -25.26 -7.63
N ALA G 80 -25.19 -24.76 -6.40
CA ALA G 80 -26.37 -24.22 -5.74
C ALA G 80 -26.06 -22.98 -4.92
N CYS G 81 -27.11 -22.43 -4.30
CA CYS G 81 -26.99 -21.25 -3.46
C CYS G 81 -27.80 -21.47 -2.19
N ARG G 82 -27.13 -21.37 -1.05
CA ARG G 82 -27.81 -21.42 0.25
C ARG G 82 -28.12 -20.02 0.73
N VAL G 83 -29.39 -19.74 1.03
CA VAL G 83 -29.77 -18.38 1.38
C VAL G 83 -30.65 -18.33 2.63
N ASN G 84 -30.18 -17.61 3.65
CA ASN G 84 -31.02 -17.35 4.81
C ASN G 84 -31.44 -15.89 4.92
N HIS G 85 -32.73 -15.76 5.22
CA HIS G 85 -33.46 -14.50 5.44
C HIS G 85 -34.11 -14.70 6.80
N VAL G 86 -34.80 -13.68 7.30
CA VAL G 86 -35.43 -13.78 8.61
C VAL G 86 -36.91 -14.18 8.49
N THR G 87 -37.39 -14.37 7.26
CA THR G 87 -38.77 -14.79 7.03
C THR G 87 -39.06 -16.10 7.73
N LEU G 88 -38.19 -17.08 7.53
CA LEU G 88 -38.30 -18.36 8.20
C LEU G 88 -36.94 -18.66 8.81
N SER G 89 -36.90 -19.56 9.78
CA SER G 89 -35.64 -19.94 10.40
C SER G 89 -35.20 -21.23 9.74
N GLN G 90 -35.61 -21.39 8.49
CA GLN G 90 -35.24 -22.54 7.69
C GLN G 90 -34.58 -22.07 6.40
N PRO G 91 -33.34 -22.55 6.15
CA PRO G 91 -32.57 -22.12 4.98
C PRO G 91 -33.23 -22.57 3.67
N LYS G 92 -32.67 -22.14 2.54
CA LYS G 92 -33.17 -22.55 1.23
C LYS G 92 -31.97 -22.74 0.32
N ILE G 93 -31.88 -23.90 -0.33
CA ILE G 93 -30.75 -24.21 -1.18
C ILE G 93 -31.21 -24.47 -2.62
N VAL G 94 -31.14 -23.43 -3.45
CA VAL G 94 -31.59 -23.55 -4.84
C VAL G 94 -30.44 -23.93 -5.77
N LYS G 95 -30.64 -24.97 -6.58
CA LYS G 95 -29.57 -25.52 -7.38
C LYS G 95 -29.57 -25.02 -8.82
N TRP G 96 -28.43 -25.19 -9.48
CA TRP G 96 -28.27 -24.78 -10.86
C TRP G 96 -28.65 -25.92 -11.79
N ASP G 97 -29.91 -25.94 -12.22
CA ASP G 97 -30.39 -27.03 -13.06
C ASP G 97 -30.46 -26.52 -14.50
N ARG G 98 -29.29 -26.22 -15.03
CA ARG G 98 -29.09 -25.77 -16.41
C ARG G 98 -30.19 -24.87 -16.97
N LYS H 6 11.21 24.97 -8.81
CA LYS H 6 10.98 23.67 -8.16
C LYS H 6 10.11 22.76 -9.01
N ALA H 7 8.79 22.86 -8.86
CA ALA H 7 7.90 21.94 -9.58
C ALA H 7 7.19 22.64 -10.74
N ASP H 8 6.76 21.85 -11.71
CA ASP H 8 6.06 22.36 -12.89
C ASP H 8 5.10 21.29 -13.40
N PRO H 9 3.86 21.69 -13.76
CA PRO H 9 2.88 20.73 -14.25
C PRO H 9 2.94 20.50 -15.77
N CYS H 10 2.52 21.48 -16.56
CA CYS H 10 2.24 21.29 -17.98
C CYS H 10 3.24 21.90 -18.97
N LEU H 11 4.31 22.50 -18.46
CA LEU H 11 5.33 23.06 -19.35
C LEU H 11 6.27 21.94 -19.78
N THR H 12 6.11 20.79 -19.15
CA THR H 12 6.87 19.58 -19.44
C THR H 12 6.26 18.87 -20.66
N PHE H 13 7.09 18.31 -21.53
CA PHE H 13 6.62 17.60 -22.73
C PHE H 13 6.29 16.13 -22.43
N ASN H 14 5.58 15.88 -21.34
CA ASN H 14 5.39 14.49 -20.90
C ASN H 14 4.13 13.73 -21.35
N PRO H 15 3.05 14.42 -21.77
CA PRO H 15 2.01 13.50 -22.26
C PRO H 15 2.40 12.79 -23.58
N ASP H 16 3.21 11.76 -23.41
CA ASP H 16 3.45 10.75 -24.43
C ASP H 16 2.85 9.48 -23.84
N LYS H 17 3.09 9.30 -22.54
CA LYS H 17 2.58 8.17 -21.80
C LYS H 17 1.28 8.58 -21.14
N CYS H 18 0.18 8.44 -21.88
CA CYS H 18 -1.13 8.57 -21.31
C CYS H 18 -1.65 7.15 -21.10
N GLN H 19 -1.73 6.74 -19.84
CA GLN H 19 -2.08 5.37 -19.50
C GLN H 19 -3.49 5.05 -20.00
N LEU H 20 -3.70 3.82 -20.47
CA LEU H 20 -5.01 3.44 -20.94
C LEU H 20 -5.45 2.07 -20.44
N SER H 21 -6.73 1.94 -20.16
CA SER H 21 -7.30 0.71 -19.62
C SER H 21 -8.44 0.20 -20.50
N PHE H 22 -8.64 -1.10 -20.51
CA PHE H 22 -9.68 -1.73 -21.31
C PHE H 22 -10.65 -2.49 -20.42
N GLN H 23 -11.93 -2.50 -20.81
CA GLN H 23 -12.93 -3.12 -19.96
C GLN H 23 -14.12 -3.67 -20.74
N PRO H 24 -14.62 -4.85 -20.35
CA PRO H 24 -15.81 -5.44 -20.99
C PRO H 24 -17.11 -4.79 -20.49
N ASP H 25 -17.81 -4.08 -21.37
CA ASP H 25 -19.08 -3.42 -21.03
C ASP H 25 -20.19 -3.64 -22.04
N GLY H 26 -21.14 -4.51 -21.71
CA GLY H 26 -22.24 -4.78 -22.60
C GLY H 26 -21.77 -5.51 -23.85
N ASN H 27 -20.86 -6.45 -23.65
CA ASN H 27 -20.27 -7.24 -24.73
C ASN H 27 -19.52 -6.37 -25.73
N ARG H 28 -18.86 -5.34 -25.19
CA ARG H 28 -18.03 -4.47 -26.00
C ARG H 28 -16.82 -4.06 -25.20
N CYS H 29 -15.65 -3.96 -25.84
CA CYS H 29 -14.47 -3.50 -25.12
C CYS H 29 -14.40 -1.98 -25.11
N ALA H 30 -14.80 -1.42 -23.97
CA ALA H 30 -14.75 0.01 -23.71
C ALA H 30 -13.31 0.39 -23.42
N VAL H 31 -12.83 1.35 -24.19
CA VAL H 31 -11.46 1.83 -24.08
C VAL H 31 -11.43 3.12 -23.26
N LEU H 32 -10.43 3.24 -22.40
CA LEU H 32 -10.30 4.41 -21.54
C LEU H 32 -8.88 4.96 -21.59
N ILE H 33 -8.69 6.04 -22.34
CA ILE H 33 -7.40 6.69 -22.43
C ILE H 33 -7.29 7.72 -21.31
N LYS H 34 -6.53 7.39 -20.27
CA LYS H 34 -6.36 8.29 -19.14
C LYS H 34 -5.04 9.05 -19.19
N CYS H 35 -5.12 10.36 -19.32
CA CYS H 35 -3.95 11.20 -19.20
C CYS H 35 -3.99 11.97 -17.89
N GLY H 36 -3.01 12.82 -17.65
CA GLY H 36 -2.89 13.53 -16.39
C GLY H 36 -4.02 14.52 -16.16
N TRP H 37 -4.43 14.68 -14.90
CA TRP H 37 -5.44 15.66 -14.56
C TRP H 37 -4.88 16.90 -13.85
N GLU H 38 -3.56 17.06 -13.89
CA GLU H 38 -2.93 18.21 -13.26
C GLU H 38 -2.69 19.29 -14.30
N CYS H 39 -3.01 18.97 -15.54
CA CYS H 39 -2.76 19.89 -16.64
C CYS H 39 -4.00 20.07 -17.51
N GLN H 40 -4.25 21.31 -17.90
CA GLN H 40 -5.33 21.62 -18.83
C GLN H 40 -4.69 21.70 -20.22
N SER H 41 -5.52 21.73 -21.26
CA SER H 41 -5.07 21.87 -22.66
C SER H 41 -4.36 20.63 -23.19
N VAL H 42 -3.99 19.71 -22.30
CA VAL H 42 -3.55 18.39 -22.77
C VAL H 42 -4.80 17.68 -23.25
N ALA H 43 -5.06 17.81 -24.54
CA ALA H 43 -6.29 17.34 -25.15
C ALA H 43 -6.12 15.94 -25.71
N ILE H 44 -7.09 15.08 -25.43
CA ILE H 44 -7.03 13.72 -25.93
C ILE H 44 -8.03 13.52 -27.06
N GLN H 45 -7.53 12.96 -28.16
CA GLN H 45 -8.34 12.64 -29.31
C GLN H 45 -8.03 11.21 -29.71
N TYR H 46 -9.05 10.44 -30.05
CA TYR H 46 -8.89 9.04 -30.38
C TYR H 46 -9.37 8.77 -31.80
N LYS H 47 -10.68 8.74 -31.99
CA LYS H 47 -11.28 8.55 -33.30
C LYS H 47 -11.68 9.89 -33.89
N ASN H 48 -12.93 10.26 -33.66
CA ASN H 48 -13.46 11.53 -34.11
C ASN H 48 -13.97 12.27 -32.89
N LYS H 49 -13.56 11.80 -31.72
CA LYS H 49 -14.01 12.38 -30.46
C LYS H 49 -12.82 12.91 -29.65
N THR H 50 -12.97 14.14 -29.18
CA THR H 50 -11.94 14.78 -28.37
C THR H 50 -12.56 15.11 -27.02
N ARG H 51 -11.90 14.72 -25.94
CA ARG H 51 -12.47 14.88 -24.62
C ARG H 51 -11.44 15.14 -23.51
N ASN H 52 -10.90 16.36 -23.49
CA ASN H 52 -10.17 16.87 -22.33
C ASN H 52 -8.96 16.03 -21.92
N ASN H 53 -8.98 15.59 -20.66
CA ASN H 53 -7.86 14.86 -20.07
C ASN H 53 -8.03 13.34 -20.14
N THR H 54 -9.28 12.87 -20.05
CA THR H 54 -9.56 11.44 -20.07
C THR H 54 -10.66 11.14 -21.08
N LEU H 55 -10.45 10.10 -21.90
CA LEU H 55 -11.37 9.76 -22.96
C LEU H 55 -11.90 8.34 -22.78
N ALA H 56 -13.16 8.13 -23.16
CA ALA H 56 -13.74 6.79 -23.13
C ALA H 56 -14.53 6.51 -24.40
N SER H 57 -14.13 5.45 -25.10
CA SER H 57 -14.82 5.04 -26.31
C SER H 57 -14.94 3.53 -26.34
N THR H 58 -14.95 2.95 -27.53
CA THR H 58 -15.03 1.51 -27.69
C THR H 58 -14.12 1.10 -28.83
N TRP H 59 -13.64 -0.14 -28.82
CA TRP H 59 -12.89 -0.61 -29.98
C TRP H 59 -13.54 -1.84 -30.61
N GLN H 60 -13.66 -1.77 -31.93
CA GLN H 60 -14.18 -2.87 -32.73
C GLN H 60 -13.28 -3.04 -33.96
N PRO H 61 -13.29 -4.24 -34.57
CA PRO H 61 -12.48 -4.50 -35.78
C PRO H 61 -12.67 -3.43 -36.86
N GLY H 62 -11.57 -2.77 -37.24
CA GLY H 62 -11.63 -1.72 -38.24
C GLY H 62 -11.32 -0.34 -37.65
N ASP H 63 -11.58 -0.19 -36.36
CA ASP H 63 -11.35 1.07 -35.67
C ASP H 63 -9.85 1.42 -35.56
N PRO H 64 -9.54 2.72 -35.43
CA PRO H 64 -8.16 3.20 -35.51
C PRO H 64 -7.25 2.58 -34.45
N GLU H 65 -5.95 2.55 -34.72
CA GLU H 65 -4.97 1.99 -33.81
C GLU H 65 -3.91 3.03 -33.49
N TRP H 66 -4.32 4.30 -33.65
CA TRP H 66 -3.53 5.45 -33.25
C TRP H 66 -4.43 6.45 -32.53
N TYR H 67 -3.83 7.35 -31.76
CA TYR H 67 -4.59 8.44 -31.13
C TYR H 67 -3.71 9.67 -30.94
N THR H 68 -4.31 10.86 -31.01
CA THR H 68 -3.56 12.11 -30.96
C THR H 68 -3.70 12.84 -29.61
N VAL H 69 -2.60 13.43 -29.15
CA VAL H 69 -2.59 14.23 -27.92
C VAL H 69 -2.08 15.64 -28.21
N SER H 70 -2.95 16.63 -28.02
CA SER H 70 -2.59 18.02 -28.30
C SER H 70 -2.08 18.71 -27.04
N VAL H 71 -0.83 19.16 -27.06
CA VAL H 71 -0.24 19.80 -25.90
C VAL H 71 0.63 21.00 -26.27
N PRO H 72 0.35 22.17 -25.66
CA PRO H 72 1.14 23.37 -25.90
C PRO H 72 2.55 23.28 -25.30
N GLY H 73 3.54 23.87 -26.00
CA GLY H 73 4.96 23.78 -25.65
C GLY H 73 5.46 24.89 -24.73
N ALA H 74 6.78 24.96 -24.50
CA ALA H 74 7.39 25.91 -23.54
C ALA H 74 7.37 27.37 -24.04
N ASP H 75 7.31 27.40 -25.37
CA ASP H 75 7.14 28.54 -26.27
C ASP H 75 5.65 28.97 -26.39
N GLY H 76 4.79 28.11 -25.87
CA GLY H 76 3.38 28.39 -25.81
C GLY H 76 2.58 27.93 -26.99
N PHE H 77 3.23 27.21 -27.88
CA PHE H 77 2.55 26.81 -29.11
C PHE H 77 1.98 25.41 -28.94
N LEU H 78 0.83 25.10 -29.52
CA LEU H 78 0.32 23.75 -29.31
C LEU H 78 0.94 22.76 -30.30
N ARG H 79 1.31 21.59 -29.80
CA ARG H 79 1.87 20.52 -30.63
C ARG H 79 1.05 19.24 -30.50
N THR H 80 0.64 18.68 -31.63
CA THR H 80 -0.16 17.46 -31.63
C THR H 80 0.69 16.22 -31.87
N VAL H 81 0.54 15.20 -31.03
CA VAL H 81 1.38 14.01 -31.14
C VAL H 81 0.57 12.75 -31.41
N ASN H 82 0.94 12.02 -32.46
CA ASN H 82 0.30 10.74 -32.75
C ASN H 82 0.99 9.60 -32.02
N ASN H 83 0.20 8.82 -31.29
CA ASN H 83 0.71 7.68 -30.55
C ASN H 83 0.07 6.39 -31.04
N THR H 84 0.89 5.36 -31.22
CA THR H 84 0.39 4.08 -31.71
C THR H 84 0.27 3.09 -30.56
N PHE H 85 -0.96 2.73 -30.25
CA PHE H 85 -1.27 1.68 -29.30
C PHE H 85 -2.24 0.75 -30.01
N ILE H 86 -1.90 -0.54 -30.05
CA ILE H 86 -2.77 -1.49 -30.75
C ILE H 86 -3.89 -1.94 -29.81
N PHE H 87 -5.11 -1.57 -30.18
CA PHE H 87 -6.30 -1.86 -29.38
C PHE H 87 -6.79 -3.25 -29.71
N GLU H 88 -6.33 -3.74 -30.86
CA GLU H 88 -6.65 -5.07 -31.35
C GLU H 88 -6.02 -6.15 -30.47
N HIS H 89 -5.13 -5.74 -29.58
CA HIS H 89 -4.42 -6.69 -28.73
C HIS H 89 -4.77 -6.64 -27.23
N MET H 90 -5.67 -5.76 -26.83
CA MET H 90 -6.05 -5.69 -25.42
C MET H 90 -7.57 -5.72 -25.25
N CYS H 91 -8.30 -5.50 -26.32
CA CYS H 91 -9.73 -5.65 -26.28
C CYS H 91 -10.14 -7.05 -26.72
N ASN H 92 -9.24 -7.71 -27.42
CA ASN H 92 -9.40 -9.12 -27.75
C ASN H 92 -9.06 -9.94 -26.52
N THR H 93 -8.34 -9.31 -25.61
CA THR H 93 -7.92 -9.97 -24.37
C THR H 93 -8.86 -9.77 -23.18
N ALA H 94 -9.37 -8.56 -22.99
CA ALA H 94 -10.22 -8.28 -21.82
C ALA H 94 -11.59 -8.92 -21.89
N MET H 95 -12.26 -8.79 -23.04
CA MET H 95 -13.56 -9.40 -23.24
C MET H 95 -13.41 -10.71 -24.00
N PHE H 96 -13.02 -11.75 -23.28
CA PHE H 96 -12.71 -13.06 -23.86
C PHE H 96 -13.89 -14.02 -23.69
N MET H 97 -14.67 -13.82 -22.64
CA MET H 97 -15.76 -14.73 -22.32
C MET H 97 -16.94 -14.57 -23.28
N SER H 98 -17.06 -13.41 -23.90
CA SER H 98 -18.13 -13.19 -24.86
C SER H 98 -17.72 -13.65 -26.26
N ARG H 99 -16.43 -13.97 -26.40
CA ARG H 99 -15.91 -14.47 -27.68
C ARG H 99 -16.22 -15.96 -27.79
N GLN H 100 -16.18 -16.65 -26.65
CA GLN H 100 -16.46 -18.08 -26.60
C GLN H 100 -17.88 -18.36 -27.06
N TYR H 101 -18.73 -17.34 -27.00
CA TYR H 101 -20.15 -17.50 -27.33
C TYR H 101 -20.55 -16.63 -28.52
N HIS H 102 -19.56 -16.09 -29.23
CA HIS H 102 -19.79 -15.36 -30.48
C HIS H 102 -20.73 -14.16 -30.33
N MET H 103 -20.47 -13.33 -29.32
CA MET H 103 -21.23 -12.11 -29.09
C MET H 103 -20.40 -10.90 -29.48
N TRP H 104 -19.12 -11.15 -29.74
CA TRP H 104 -18.18 -10.16 -30.25
C TRP H 104 -17.34 -10.79 -31.36
N PRO H 105 -17.08 -10.07 -32.46
CA PRO H 105 -17.36 -8.69 -32.88
C PRO H 105 -18.84 -8.33 -32.83
N PRO H 106 -19.16 -7.03 -32.73
CA PRO H 106 -20.53 -6.52 -32.60
C PRO H 106 -21.55 -7.19 -33.52
N ARG H 107 -21.07 -7.84 -34.58
CA ARG H 107 -21.96 -8.53 -35.51
C ARG H 107 -22.27 -9.98 -35.10
N LYS H 108 -23.56 -10.31 -35.17
CA LYS H 108 -24.10 -11.61 -34.76
C LYS H 108 -23.89 -11.92 -33.27
N GLY I 1 19.41 -35.48 -31.22
CA GLY I 1 18.48 -36.32 -30.48
C GLY I 1 17.46 -36.99 -31.36
N SER I 2 17.93 -37.62 -32.43
CA SER I 2 17.08 -38.29 -33.41
C SER I 2 16.00 -37.35 -33.94
N HIS I 3 16.36 -36.07 -34.09
CA HIS I 3 15.40 -35.07 -34.53
C HIS I 3 16.01 -33.93 -35.36
N SER I 4 15.69 -33.93 -36.65
CA SER I 4 16.21 -32.94 -37.60
C SER I 4 15.64 -33.23 -38.99
N MET I 5 15.38 -32.19 -39.79
CA MET I 5 14.82 -32.41 -41.13
C MET I 5 15.19 -31.43 -42.24
N ARG I 6 14.21 -31.15 -43.10
CA ARG I 6 14.46 -30.70 -44.46
C ARG I 6 13.68 -29.51 -45.00
N TYR I 7 14.00 -29.21 -46.26
CA TYR I 7 13.31 -28.25 -47.10
C TYR I 7 12.83 -28.97 -48.36
N PHE I 8 11.56 -28.72 -48.70
CA PHE I 8 10.89 -29.32 -49.84
C PHE I 8 10.47 -28.20 -50.80
N PHE I 9 10.52 -28.49 -52.08
CA PHE I 9 10.16 -27.52 -53.11
C PHE I 9 9.30 -28.21 -54.14
N THR I 10 8.26 -27.51 -54.61
CA THR I 10 7.37 -28.06 -55.62
C THR I 10 7.10 -26.99 -56.67
N SER I 11 7.27 -27.34 -57.94
CA SER I 11 6.97 -26.42 -59.02
C SER I 11 6.15 -27.11 -60.08
N VAL I 12 4.99 -26.55 -60.39
CA VAL I 12 4.09 -27.20 -61.35
C VAL I 12 3.86 -26.28 -62.54
N SER I 13 4.24 -26.76 -63.73
CA SER I 13 4.04 -26.00 -64.96
C SER I 13 2.56 -25.96 -65.28
N ARG I 14 2.02 -24.76 -65.42
CA ARG I 14 0.59 -24.59 -65.64
C ARG I 14 0.22 -24.72 -67.11
N PRO I 15 -0.97 -25.29 -67.38
CA PRO I 15 -1.45 -25.49 -68.76
C PRO I 15 -1.76 -24.18 -69.48
N GLY I 16 -0.79 -23.28 -69.56
CA GLY I 16 -1.00 -22.01 -70.21
C GLY I 16 -1.58 -20.90 -69.35
N ARG I 17 -1.67 -21.12 -68.04
CA ARG I 17 -2.12 -20.05 -67.15
C ARG I 17 -0.89 -19.22 -66.85
N GLY I 18 -0.32 -18.63 -67.89
CA GLY I 18 0.85 -17.83 -67.68
C GLY I 18 1.92 -18.79 -67.20
N GLU I 19 2.24 -18.67 -65.93
CA GLU I 19 3.40 -19.33 -65.39
C GLU I 19 3.17 -20.38 -64.31
N PRO I 20 4.13 -21.33 -64.20
CA PRO I 20 4.05 -22.37 -63.19
C PRO I 20 3.87 -21.81 -61.81
N ARG I 21 3.43 -22.67 -60.91
CA ARG I 21 3.21 -22.29 -59.54
C ARG I 21 4.29 -22.93 -58.69
N PHE I 22 4.60 -22.30 -57.56
CA PHE I 22 5.70 -22.74 -56.72
C PHE I 22 5.30 -22.77 -55.26
N ILE I 23 5.60 -23.89 -54.61
CA ILE I 23 5.28 -24.10 -53.22
C ILE I 23 6.54 -24.53 -52.48
N ALA I 24 6.98 -23.69 -51.55
CA ALA I 24 8.16 -23.95 -50.75
C ALA I 24 7.75 -24.28 -49.33
N VAL I 25 8.16 -25.45 -48.85
CA VAL I 25 7.81 -25.88 -47.51
C VAL I 25 9.12 -26.26 -46.83
N GLY I 26 9.21 -26.14 -45.51
CA GLY I 26 10.40 -26.59 -44.81
C GLY I 26 9.98 -27.36 -43.58
N TYR I 27 10.93 -27.96 -42.88
CA TYR I 27 10.63 -28.95 -41.85
C TYR I 27 11.70 -28.92 -40.77
N VAL I 28 11.28 -29.10 -39.52
CA VAL I 28 12.19 -29.50 -38.45
C VAL I 28 11.50 -30.65 -37.73
N ASP I 29 12.09 -31.84 -37.84
CA ASP I 29 11.43 -33.09 -37.51
C ASP I 29 10.13 -33.19 -38.30
N ASP I 30 9.08 -33.70 -37.67
CA ASP I 30 7.80 -33.80 -38.33
C ASP I 30 7.04 -32.50 -38.12
N THR I 31 7.70 -31.54 -37.47
CA THR I 31 7.09 -30.22 -37.30
C THR I 31 7.68 -29.30 -38.36
N GLN I 32 6.90 -29.14 -39.43
CA GLN I 32 7.24 -28.28 -40.55
C GLN I 32 7.18 -26.81 -40.12
N PHE I 33 7.89 -25.94 -40.83
CA PHE I 33 8.06 -24.55 -40.40
C PHE I 33 7.47 -23.47 -41.30
N VAL I 34 7.81 -23.50 -42.58
CA VAL I 34 7.52 -22.37 -43.46
C VAL I 34 6.63 -22.69 -44.67
N ARG I 35 5.89 -21.68 -45.10
CA ARG I 35 4.91 -21.81 -46.18
C ARG I 35 4.97 -20.73 -47.24
N PHE I 36 5.50 -21.05 -48.43
CA PHE I 36 5.40 -20.11 -49.54
C PHE I 36 4.63 -20.68 -50.73
N ASP I 37 3.76 -19.85 -51.32
CA ASP I 37 3.06 -20.20 -52.56
C ASP I 37 2.96 -18.96 -53.45
N SER I 38 3.07 -19.19 -54.75
CA SER I 38 3.13 -18.09 -55.71
C SER I 38 1.74 -17.53 -56.02
N ASP I 39 0.71 -18.31 -55.73
CA ASP I 39 -0.66 -17.85 -55.91
C ASP I 39 -1.28 -17.48 -54.56
N ALA I 40 -0.43 -17.38 -53.54
CA ALA I 40 -0.87 -16.89 -52.23
C ALA I 40 -1.03 -15.37 -52.22
N ALA I 41 -1.86 -14.87 -51.31
CA ALA I 41 -2.14 -13.44 -51.22
C ALA I 41 -0.94 -12.65 -50.68
N SER I 42 -0.03 -13.35 -50.00
CA SER I 42 1.18 -12.72 -49.49
C SER I 42 2.37 -13.13 -50.34
N GLN I 43 3.13 -12.16 -50.84
CA GLN I 43 4.29 -12.45 -51.66
C GLN I 43 5.52 -12.67 -50.78
N ARG I 44 5.28 -12.76 -49.48
CA ARG I 44 6.31 -13.14 -48.54
C ARG I 44 6.11 -14.59 -48.17
N MET I 45 7.06 -15.18 -47.47
CA MET I 45 6.91 -16.55 -47.00
C MET I 45 6.28 -16.51 -45.61
N GLU I 46 5.28 -17.35 -45.38
CA GLU I 46 4.56 -17.28 -44.12
C GLU I 46 4.94 -18.40 -43.16
N PRO I 47 5.14 -18.03 -41.89
CA PRO I 47 5.37 -18.94 -40.76
C PRO I 47 4.07 -19.25 -40.05
N ARG I 48 3.76 -20.53 -39.90
CA ARG I 48 2.56 -20.95 -39.22
C ARG I 48 2.89 -21.52 -37.86
N ALA I 49 4.14 -21.95 -37.70
CA ALA I 49 4.60 -22.43 -36.41
C ALA I 49 5.06 -21.23 -35.60
N PRO I 50 4.66 -21.18 -34.33
CA PRO I 50 4.91 -20.07 -33.41
C PRO I 50 6.37 -19.92 -33.00
N TRP I 51 7.13 -21.02 -32.98
CA TRP I 51 8.49 -21.00 -32.47
C TRP I 51 9.52 -20.68 -33.55
N ILE I 52 9.05 -20.17 -34.68
CA ILE I 52 9.92 -19.58 -35.70
C ILE I 52 9.60 -18.10 -35.85
N GLU I 53 8.51 -17.67 -35.23
CA GLU I 53 8.11 -16.27 -35.23
C GLU I 53 8.89 -15.49 -34.19
N GLN I 54 9.88 -16.16 -33.60
CA GLN I 54 10.83 -15.54 -32.69
C GLN I 54 11.95 -14.88 -33.48
N GLU I 55 11.86 -14.96 -34.80
CA GLU I 55 12.84 -14.36 -35.68
C GLU I 55 12.35 -13.01 -36.20
N GLY I 56 13.28 -12.07 -36.38
CA GLY I 56 12.93 -10.72 -36.77
C GLY I 56 12.94 -10.54 -38.28
N PRO I 57 12.56 -9.33 -38.74
CA PRO I 57 12.48 -8.94 -40.15
C PRO I 57 13.80 -9.15 -40.89
N GLU I 58 14.90 -9.15 -40.13
CA GLU I 58 16.21 -9.48 -40.66
C GLU I 58 16.20 -10.90 -41.21
N TYR I 59 15.38 -11.75 -40.59
CA TYR I 59 15.27 -13.15 -40.99
C TYR I 59 14.13 -13.36 -41.99
N TRP I 60 13.17 -12.44 -42.03
CA TRP I 60 12.03 -12.64 -42.90
C TRP I 60 12.30 -12.05 -44.28
N ASP I 61 12.80 -10.83 -44.29
CA ASP I 61 13.14 -10.14 -45.53
C ASP I 61 14.36 -10.79 -46.16
N GLY I 62 15.21 -11.39 -45.33
CA GLY I 62 16.39 -12.08 -45.81
C GLY I 62 16.12 -13.52 -46.20
N GLU I 63 14.85 -13.91 -46.16
CA GLU I 63 14.45 -15.27 -46.53
C GLU I 63 13.28 -15.26 -47.52
N THR I 64 12.71 -14.08 -47.77
CA THR I 64 11.64 -13.95 -48.75
C THR I 64 12.21 -13.63 -50.13
N ARG I 65 13.44 -13.15 -50.16
CA ARG I 65 14.13 -12.88 -51.41
C ARG I 65 14.65 -14.21 -51.94
N LYS I 66 15.10 -15.04 -51.00
CA LYS I 66 15.71 -16.33 -51.30
C LYS I 66 14.70 -17.32 -51.88
N VAL I 67 13.47 -17.25 -51.38
CA VAL I 67 12.42 -18.15 -51.88
C VAL I 67 11.94 -17.67 -53.25
N LYS I 68 11.94 -16.36 -53.46
CA LYS I 68 11.67 -15.80 -54.78
C LYS I 68 12.75 -16.28 -55.75
N ALA I 69 13.98 -16.30 -55.28
CA ALA I 69 15.10 -16.80 -56.07
C ALA I 69 14.90 -18.26 -56.42
N HIS I 70 14.40 -19.04 -55.46
CA HIS I 70 14.09 -20.44 -55.71
C HIS I 70 13.00 -20.57 -56.75
N SER I 71 12.01 -19.68 -56.68
CA SER I 71 10.91 -19.66 -57.64
C SER I 71 11.43 -19.33 -59.03
N GLN I 72 12.48 -18.51 -59.10
CA GLN I 72 13.04 -18.09 -60.37
C GLN I 72 13.89 -19.20 -60.97
N THR I 73 14.74 -19.81 -60.15
CA THR I 73 15.56 -20.89 -60.63
C THR I 73 14.67 -22.06 -61.04
N HIS I 74 13.54 -22.25 -60.36
CA HIS I 74 12.59 -23.28 -60.77
C HIS I 74 11.92 -22.91 -62.09
N ARG I 75 11.38 -21.70 -62.15
CA ARG I 75 10.64 -21.22 -63.31
C ARG I 75 11.49 -21.23 -64.58
N VAL I 76 12.81 -21.17 -64.40
CA VAL I 76 13.71 -21.27 -65.54
C VAL I 76 14.13 -22.72 -65.79
N ASP I 77 14.41 -23.44 -64.70
CA ASP I 77 14.89 -24.81 -64.80
C ASP I 77 13.87 -25.73 -65.48
N LEU I 78 12.58 -25.54 -65.19
CA LEU I 78 11.56 -26.36 -65.85
C LEU I 78 11.51 -26.07 -67.35
N GLY I 79 11.75 -24.81 -67.71
CA GLY I 79 11.82 -24.41 -69.11
C GLY I 79 12.97 -25.10 -69.79
N THR I 80 14.08 -25.25 -69.06
CA THR I 80 15.25 -25.95 -69.58
C THR I 80 14.93 -27.43 -69.78
N LEU I 81 14.49 -28.09 -68.72
CA LEU I 81 14.26 -29.53 -68.73
C LEU I 81 13.22 -29.94 -69.76
N ARG I 82 12.16 -29.14 -69.89
CA ARG I 82 11.15 -29.40 -70.90
C ARG I 82 11.65 -29.01 -72.28
N GLY I 83 12.62 -28.09 -72.32
CA GLY I 83 13.19 -27.67 -73.59
C GLY I 83 14.13 -28.68 -74.21
N TYR I 84 14.75 -29.51 -73.39
CA TYR I 84 15.74 -30.47 -73.91
C TYR I 84 15.30 -31.92 -73.69
N GLU I 89 4.71 -26.56 -75.06
CA GLU I 89 4.60 -25.84 -73.80
C GLU I 89 3.19 -25.98 -73.24
N ALA I 90 2.29 -26.48 -74.07
CA ALA I 90 0.92 -26.76 -73.64
C ALA I 90 0.88 -27.92 -72.66
N GLY I 91 1.98 -28.66 -72.57
CA GLY I 91 2.07 -29.74 -71.62
C GLY I 91 2.25 -29.14 -70.24
N SER I 92 2.00 -29.93 -69.20
CA SER I 92 2.09 -29.44 -67.83
C SER I 92 2.93 -30.39 -66.99
N HIS I 93 4.14 -29.96 -66.66
CA HIS I 93 5.07 -30.82 -65.95
C HIS I 93 5.47 -30.27 -64.59
N THR I 94 6.13 -31.10 -63.78
CA THR I 94 6.46 -30.73 -62.42
C THR I 94 7.91 -31.02 -62.04
N VAL I 95 8.54 -30.03 -61.39
CA VAL I 95 9.90 -30.16 -60.90
C VAL I 95 9.90 -29.88 -59.40
N GLN I 96 10.29 -30.87 -58.62
CA GLN I 96 10.29 -30.76 -57.18
C GLN I 96 11.69 -31.02 -56.63
N ARG I 97 12.07 -30.29 -55.59
CA ARG I 97 13.43 -30.39 -55.06
C ARG I 97 13.40 -30.68 -53.57
N MET I 98 14.54 -31.06 -53.02
CA MET I 98 14.61 -31.43 -51.62
C MET I 98 16.05 -31.24 -51.14
N TYR I 99 16.23 -30.67 -49.95
CA TYR I 99 17.54 -30.66 -49.29
C TYR I 99 17.48 -30.38 -47.80
N GLY I 100 18.41 -30.97 -47.05
CA GLY I 100 18.49 -30.71 -45.63
C GLY I 100 19.40 -31.66 -44.87
N CYS I 101 19.43 -31.50 -43.56
CA CYS I 101 20.43 -32.16 -42.73
C CYS I 101 19.79 -32.92 -41.58
N ASP I 102 20.50 -33.91 -41.07
CA ASP I 102 20.08 -34.62 -39.87
C ASP I 102 21.16 -34.50 -38.80
N VAL I 103 20.81 -34.76 -37.55
CA VAL I 103 21.77 -34.69 -36.44
C VAL I 103 21.55 -35.84 -35.46
N GLY I 104 22.63 -36.25 -34.79
CA GLY I 104 22.58 -37.36 -33.86
C GLY I 104 22.11 -36.95 -32.48
N SER I 105 22.28 -37.84 -31.50
CA SER I 105 21.84 -37.59 -30.14
C SER I 105 22.62 -36.47 -29.45
N ASP I 106 23.89 -36.35 -29.83
CA ASP I 106 24.73 -35.26 -29.35
C ASP I 106 24.45 -33.97 -30.10
N TRP I 107 23.41 -34.00 -30.93
CA TRP I 107 23.01 -32.86 -31.76
C TRP I 107 24.08 -32.43 -32.75
N ARG I 108 25.10 -33.27 -32.92
CA ARG I 108 26.18 -32.96 -33.85
C ARG I 108 25.81 -33.49 -35.22
N PHE I 109 26.53 -33.04 -36.24
CA PHE I 109 26.15 -33.28 -37.61
C PHE I 109 26.13 -34.76 -37.98
N LEU I 110 24.93 -35.27 -38.23
CA LEU I 110 24.81 -36.53 -38.94
C LEU I 110 24.68 -36.04 -40.36
N ARG I 111 24.95 -36.87 -41.35
CA ARG I 111 25.07 -36.37 -42.70
C ARG I 111 23.76 -35.84 -43.31
N GLY I 112 23.89 -34.88 -44.21
CA GLY I 112 22.74 -34.21 -44.79
C GLY I 112 22.51 -34.69 -46.21
N TYR I 113 21.46 -34.18 -46.85
CA TYR I 113 21.05 -34.71 -48.14
C TYR I 113 20.62 -33.58 -49.09
N HIS I 114 20.58 -33.88 -50.39
CA HIS I 114 20.24 -32.87 -51.41
C HIS I 114 19.94 -33.46 -52.79
N GLN I 115 18.66 -33.55 -53.14
CA GLN I 115 18.23 -34.19 -54.39
C GLN I 115 17.10 -33.43 -55.11
N TYR I 116 17.00 -33.61 -56.43
CA TYR I 116 15.89 -33.01 -57.18
C TYR I 116 15.17 -34.10 -57.97
N ALA I 117 14.06 -33.72 -58.59
CA ALA I 117 13.26 -34.64 -59.40
C ALA I 117 12.38 -33.91 -60.40
N TYR I 118 12.36 -34.40 -61.63
CA TYR I 118 11.44 -33.90 -62.65
C TYR I 118 10.10 -34.64 -62.47
N ASP I 119 9.35 -34.83 -63.55
CA ASP I 119 8.09 -35.57 -63.51
C ASP I 119 8.23 -36.97 -62.92
N GLY I 120 9.20 -37.71 -63.42
CA GLY I 120 9.45 -39.07 -62.95
C GLY I 120 9.97 -39.14 -61.53
N LYS I 121 10.68 -40.22 -61.22
CA LYS I 121 11.17 -40.45 -59.86
C LYS I 121 12.49 -39.71 -59.63
N ASP I 122 13.61 -40.42 -59.83
CA ASP I 122 14.93 -39.86 -59.56
C ASP I 122 15.52 -39.18 -60.78
N TYR I 123 15.93 -37.92 -60.61
CA TYR I 123 16.60 -37.18 -61.67
C TYR I 123 18.06 -36.97 -61.27
N ILE I 124 18.30 -36.02 -60.36
CA ILE I 124 19.64 -35.82 -59.81
C ILE I 124 19.59 -35.78 -58.29
N ALA I 125 20.44 -36.56 -57.66
CA ALA I 125 20.52 -36.59 -56.21
C ALA I 125 21.98 -36.52 -55.80
N LEU I 126 22.27 -35.75 -54.76
CA LEU I 126 23.60 -35.75 -54.19
C LEU I 126 23.76 -37.12 -53.56
N LYS I 127 24.92 -37.74 -53.73
CA LYS I 127 25.15 -39.03 -53.13
C LYS I 127 25.41 -38.81 -51.65
N GLU I 128 25.49 -39.90 -50.90
CA GLU I 128 25.60 -39.89 -49.45
C GLU I 128 26.96 -39.34 -49.02
N ASP I 129 27.65 -38.68 -49.94
CA ASP I 129 28.97 -38.08 -49.71
C ASP I 129 28.93 -36.56 -49.91
N LEU I 130 30.08 -36.00 -50.30
CA LEU I 130 30.24 -34.54 -50.41
C LEU I 130 30.14 -34.01 -51.85
N ARG I 131 31.05 -34.47 -52.72
CA ARG I 131 31.19 -33.91 -54.06
C ARG I 131 30.41 -34.75 -55.08
N SER I 132 30.01 -35.94 -54.66
CA SER I 132 29.41 -36.92 -55.55
C SER I 132 27.98 -36.60 -55.99
N TRP I 133 27.55 -37.21 -57.07
CA TRP I 133 26.18 -37.09 -57.55
C TRP I 133 25.66 -38.44 -58.00
N THR I 134 24.35 -38.58 -58.10
CA THR I 134 23.76 -39.79 -58.67
C THR I 134 22.94 -39.45 -59.90
N ALA I 135 23.51 -39.75 -61.07
CA ALA I 135 22.82 -39.52 -62.33
C ALA I 135 22.64 -40.86 -63.01
N ALA I 136 21.52 -41.01 -63.72
CA ALA I 136 21.23 -42.26 -64.41
C ALA I 136 20.64 -41.97 -65.78
N ASP I 137 20.57 -40.69 -66.12
CA ASP I 137 20.10 -40.28 -67.43
C ASP I 137 21.29 -39.76 -68.24
N MET I 138 21.01 -39.03 -69.31
CA MET I 138 22.04 -38.41 -70.13
C MET I 138 22.05 -36.92 -69.86
N ALA I 139 20.86 -36.35 -69.72
CA ALA I 139 20.70 -34.95 -69.36
C ALA I 139 21.16 -34.78 -67.91
N ALA I 140 20.98 -35.83 -67.12
CA ALA I 140 21.42 -35.83 -65.74
C ALA I 140 22.92 -35.64 -65.67
N GLN I 141 23.63 -36.30 -66.58
CA GLN I 141 25.08 -36.22 -66.63
C GLN I 141 25.55 -34.83 -67.02
N THR I 142 24.89 -34.22 -68.01
CA THR I 142 25.28 -32.90 -68.48
C THR I 142 24.98 -31.78 -67.47
N THR I 143 23.84 -31.87 -66.79
CA THR I 143 23.53 -30.84 -65.80
C THR I 143 24.36 -31.04 -64.54
N LYS I 144 24.72 -32.29 -64.26
CA LYS I 144 25.58 -32.54 -63.12
C LYS I 144 26.99 -32.12 -63.48
N HIS I 145 27.28 -32.07 -64.79
CA HIS I 145 28.51 -31.49 -65.29
C HIS I 145 28.47 -29.98 -65.06
N LYS I 146 27.29 -29.41 -65.28
CA LYS I 146 27.08 -27.98 -65.04
C LYS I 146 27.32 -27.65 -63.57
N TRP I 147 27.16 -28.64 -62.70
CA TRP I 147 27.43 -28.41 -61.28
C TRP I 147 28.82 -28.90 -60.88
N GLU I 148 29.45 -29.65 -61.78
CA GLU I 148 30.85 -30.05 -61.60
C GLU I 148 31.77 -28.91 -61.99
N ALA I 149 31.29 -28.03 -62.87
CA ALA I 149 32.07 -26.87 -63.30
C ALA I 149 31.95 -25.72 -62.30
N ALA I 150 30.73 -25.47 -61.84
CA ALA I 150 30.46 -24.35 -60.93
C ALA I 150 30.85 -24.65 -59.50
N HIS I 151 31.22 -25.91 -59.25
CA HIS I 151 31.61 -26.37 -57.92
C HIS I 151 30.51 -26.09 -56.89
N VAL I 152 29.33 -26.65 -57.15
CA VAL I 152 28.16 -26.41 -56.32
C VAL I 152 28.27 -27.29 -55.08
N ALA I 153 28.72 -28.52 -55.26
CA ALA I 153 28.76 -29.52 -54.21
C ALA I 153 29.50 -29.05 -52.94
N GLU I 154 30.58 -28.32 -53.13
CA GLU I 154 31.40 -27.87 -52.00
C GLU I 154 30.86 -26.62 -51.31
N GLN I 155 30.26 -25.72 -52.09
CA GLN I 155 29.67 -24.51 -51.52
C GLN I 155 28.32 -24.81 -50.88
N LEU I 156 27.80 -26.00 -51.18
CA LEU I 156 26.54 -26.47 -50.64
C LEU I 156 26.80 -27.39 -49.46
N ARG I 157 27.94 -28.07 -49.49
CA ARG I 157 28.41 -28.88 -48.39
C ARG I 157 28.84 -27.93 -47.28
N ALA I 158 29.31 -26.76 -47.72
CA ALA I 158 29.67 -25.70 -46.80
C ALA I 158 28.41 -25.04 -46.25
N TYR I 159 27.26 -25.40 -46.79
CA TYR I 159 25.99 -24.91 -46.27
C TYR I 159 25.32 -25.90 -45.33
N LEU I 160 25.44 -27.19 -45.63
CA LEU I 160 24.80 -28.20 -44.82
C LEU I 160 25.41 -28.31 -43.42
N GLU I 161 26.69 -27.95 -43.30
CA GLU I 161 27.33 -27.91 -41.98
C GLU I 161 27.69 -26.47 -41.66
N GLY I 162 27.13 -25.94 -40.58
CA GLY I 162 27.48 -24.61 -40.13
C GLY I 162 26.44 -23.57 -40.51
N THR I 163 25.45 -24.00 -41.29
CA THR I 163 24.36 -23.13 -41.70
C THR I 163 23.01 -23.85 -41.59
N CYS I 164 22.97 -25.11 -42.00
CA CYS I 164 21.77 -25.91 -41.79
C CYS I 164 21.70 -26.42 -40.35
N VAL I 165 22.87 -26.72 -39.79
CA VAL I 165 22.99 -27.40 -38.49
C VAL I 165 22.92 -26.49 -37.24
N GLU I 166 23.61 -25.37 -37.27
CA GLU I 166 23.62 -24.47 -36.11
C GLU I 166 22.28 -23.74 -36.03
N TRP I 167 21.63 -23.59 -37.18
CA TRP I 167 20.28 -23.06 -37.24
C TRP I 167 19.31 -24.10 -36.69
N LEU I 168 19.69 -25.36 -36.88
CA LEU I 168 18.91 -26.48 -36.36
C LEU I 168 18.96 -26.48 -34.84
N ARG I 169 20.16 -26.30 -34.29
CA ARG I 169 20.32 -26.23 -32.84
C ARG I 169 19.65 -24.97 -32.29
N ARG I 170 19.69 -23.90 -33.08
CA ARG I 170 19.05 -22.65 -32.70
C ARG I 170 17.54 -22.84 -32.61
N TYR I 171 16.99 -23.62 -33.53
CA TYR I 171 15.57 -23.91 -33.52
C TYR I 171 15.23 -24.86 -32.36
N LEU I 172 16.18 -25.73 -32.03
CA LEU I 172 15.99 -26.70 -30.96
C LEU I 172 16.12 -26.04 -29.59
N GLU I 173 16.73 -24.85 -29.56
CA GLU I 173 16.86 -24.12 -28.30
C GLU I 173 15.75 -23.08 -28.21
N ASN I 174 15.20 -22.69 -29.36
CA ASN I 174 14.07 -21.77 -29.38
C ASN I 174 12.70 -22.45 -29.33
N GLY I 175 12.67 -23.77 -29.51
CA GLY I 175 11.42 -24.50 -29.47
C GLY I 175 11.48 -25.73 -28.60
N LYS I 176 12.26 -25.65 -27.53
CA LYS I 176 12.44 -26.78 -26.63
C LYS I 176 11.14 -27.15 -25.92
N GLU I 177 10.31 -26.15 -25.64
CA GLU I 177 9.06 -26.39 -24.93
C GLU I 177 8.04 -27.10 -25.81
N THR I 178 8.18 -26.94 -27.13
CA THR I 178 7.30 -27.63 -28.07
C THR I 178 7.97 -28.86 -28.68
N LEU I 179 9.23 -29.10 -28.31
CA LEU I 179 9.98 -30.27 -28.77
C LEU I 179 10.67 -31.00 -27.62
N GLN I 180 10.14 -30.78 -26.42
CA GLN I 180 10.52 -31.55 -25.25
C GLN I 180 9.66 -32.80 -25.31
N ARG I 181 8.66 -32.74 -26.19
CA ARG I 181 7.63 -33.76 -26.27
C ARG I 181 7.94 -34.92 -27.21
N THR I 182 8.16 -36.08 -26.60
CA THR I 182 8.19 -37.33 -27.33
C THR I 182 6.87 -38.03 -27.00
N ASP I 183 5.81 -37.59 -27.67
CA ASP I 183 4.46 -38.03 -27.32
C ASP I 183 4.31 -39.54 -27.47
N ALA I 184 4.13 -40.22 -26.34
CA ALA I 184 3.89 -41.65 -26.38
C ALA I 184 2.49 -41.91 -26.88
N PRO I 185 2.33 -42.87 -27.81
CA PRO I 185 0.97 -43.17 -28.27
C PRO I 185 0.29 -44.11 -27.28
N LYS I 186 -0.95 -43.80 -26.88
CA LYS I 186 -1.66 -44.70 -25.97
C LYS I 186 -2.55 -45.61 -26.80
N THR I 187 -2.39 -46.91 -26.62
CA THR I 187 -3.07 -47.90 -27.45
C THR I 187 -4.05 -48.78 -26.69
N HIS I 188 -5.00 -49.33 -27.44
CA HIS I 188 -5.98 -50.24 -26.87
C HIS I 188 -5.93 -51.54 -27.68
N MET I 189 -7.03 -52.26 -27.80
CA MET I 189 -7.00 -53.52 -28.54
C MET I 189 -8.43 -53.97 -28.80
N THR I 190 -8.92 -53.75 -30.02
CA THR I 190 -10.31 -54.07 -30.34
C THR I 190 -10.45 -55.10 -31.45
N HIS I 191 -11.67 -55.61 -31.64
CA HIS I 191 -11.93 -56.64 -32.63
C HIS I 191 -13.27 -56.46 -33.34
N HIS I 192 -13.33 -56.92 -34.59
CA HIS I 192 -14.59 -57.07 -35.29
C HIS I 192 -14.48 -58.25 -36.26
N ALA I 193 -15.46 -59.15 -36.19
CA ALA I 193 -15.49 -60.32 -37.04
C ALA I 193 -16.68 -60.27 -37.98
N VAL I 194 -16.48 -60.69 -39.22
CA VAL I 194 -17.55 -60.65 -40.21
C VAL I 194 -18.09 -62.05 -40.48
N SER I 195 -17.19 -63.00 -40.67
CA SER I 195 -17.57 -64.40 -40.79
C SER I 195 -17.51 -65.05 -39.42
N ASP I 196 -18.24 -66.16 -39.26
CA ASP I 196 -18.22 -66.93 -38.02
C ASP I 196 -16.85 -67.59 -37.83
N HIS I 197 -16.16 -67.84 -38.93
CA HIS I 197 -14.87 -68.50 -38.91
C HIS I 197 -13.82 -67.66 -39.63
N LEU I 201 -7.53 -58.90 -35.71
CA LEU I 201 -7.82 -57.98 -34.62
C LEU I 201 -7.31 -56.58 -34.93
N ARG I 202 -6.57 -55.98 -33.99
CA ARG I 202 -6.21 -54.57 -34.11
C ARG I 202 -5.12 -54.12 -33.14
N CYS I 203 -3.96 -53.75 -33.67
CA CYS I 203 -2.88 -53.14 -32.89
C CYS I 203 -2.63 -51.75 -33.44
N TRP I 204 -2.79 -50.73 -32.61
CA TRP I 204 -2.96 -49.36 -33.09
C TRP I 204 -2.16 -48.35 -32.27
N ALA I 205 -1.89 -47.19 -32.87
CA ALA I 205 -1.27 -46.08 -32.15
C ALA I 205 -2.10 -44.84 -32.41
N LEU I 206 -2.21 -43.97 -31.39
CA LEU I 206 -3.15 -42.85 -31.48
C LEU I 206 -2.52 -41.46 -31.43
N SER I 207 -1.60 -41.25 -30.51
CA SER I 207 -1.03 -39.92 -30.31
C SER I 207 0.48 -39.92 -30.14
N PHE I 208 1.22 -39.66 -31.21
CA PHE I 208 2.67 -39.61 -31.11
C PHE I 208 3.29 -38.45 -31.87
N TYR I 209 4.35 -37.89 -31.30
CA TYR I 209 4.98 -36.68 -31.81
C TYR I 209 6.01 -36.96 -32.92
N PRO I 210 7.01 -37.83 -32.67
CA PRO I 210 7.72 -38.24 -33.88
C PRO I 210 6.92 -39.27 -34.66
N ALA I 211 6.81 -39.12 -35.98
CA ALA I 211 6.05 -40.06 -36.80
C ALA I 211 6.71 -41.44 -36.87
N GLU I 212 8.02 -41.48 -36.62
CA GLU I 212 8.77 -42.72 -36.74
C GLU I 212 8.47 -43.66 -35.58
N ILE I 213 7.71 -44.70 -35.86
CA ILE I 213 7.31 -45.71 -34.88
C ILE I 213 7.19 -47.05 -35.59
N THR I 214 7.84 -48.09 -35.05
CA THR I 214 7.67 -49.41 -35.63
C THR I 214 6.59 -50.20 -34.90
N LEU I 215 5.69 -50.80 -35.67
CA LEU I 215 4.55 -51.54 -35.15
C LEU I 215 4.63 -53.00 -35.56
N THR I 216 5.50 -53.76 -34.91
CA THR I 216 5.71 -55.17 -35.22
C THR I 216 4.45 -55.99 -34.92
N TRP I 217 4.12 -56.92 -35.82
CA TRP I 217 2.88 -57.67 -35.75
C TRP I 217 3.18 -59.07 -35.23
N GLN I 218 4.15 -59.13 -34.32
CA GLN I 218 4.76 -60.40 -33.94
C GLN I 218 3.86 -61.33 -33.13
N ARG I 219 3.38 -62.38 -33.78
CA ARG I 219 2.69 -63.47 -33.10
C ARG I 219 3.71 -64.52 -32.69
N ASP I 220 4.70 -64.12 -31.89
CA ASP I 220 5.92 -64.91 -31.67
C ASP I 220 6.77 -65.01 -32.94
N GLY I 221 7.59 -66.05 -33.05
CA GLY I 221 8.54 -66.15 -34.14
C GLY I 221 8.06 -66.32 -35.58
N GLU I 222 7.51 -65.27 -36.19
CA GLU I 222 7.15 -65.29 -37.61
C GLU I 222 7.42 -63.93 -38.25
N THR I 228 -0.79 -58.83 -43.97
CA THR I 228 -1.06 -57.59 -43.26
C THR I 228 -1.33 -56.51 -44.30
N GLU I 229 -2.21 -55.56 -43.99
CA GLU I 229 -2.45 -54.48 -44.93
C GLU I 229 -1.74 -53.20 -44.49
N LEU I 230 -0.69 -52.83 -45.23
CA LEU I 230 0.12 -51.68 -44.90
C LEU I 230 -0.61 -50.35 -45.17
N VAL I 231 -0.72 -49.53 -44.14
CA VAL I 231 -1.28 -48.19 -44.29
C VAL I 231 -0.15 -47.20 -44.04
N GLU I 232 -0.26 -46.01 -44.61
CA GLU I 232 0.75 -44.99 -44.35
C GLU I 232 0.40 -44.36 -43.01
N THR I 233 1.41 -43.81 -42.32
CA THR I 233 1.16 -43.11 -41.07
C THR I 233 0.47 -41.80 -41.43
N ARG I 234 -0.45 -41.35 -40.57
CA ARG I 234 -1.35 -40.26 -40.93
C ARG I 234 -1.32 -39.13 -39.91
N PRO I 235 -1.46 -37.88 -40.38
CA PRO I 235 -1.45 -36.68 -39.54
C PRO I 235 -2.74 -36.52 -38.75
N ALA I 236 -2.63 -36.19 -37.47
CA ALA I 236 -3.82 -35.92 -36.67
C ALA I 236 -4.06 -34.43 -36.68
N GLY I 237 -3.44 -33.74 -37.63
CA GLY I 237 -3.69 -32.34 -37.89
C GLY I 237 -3.27 -31.38 -36.79
N ASP I 238 -2.65 -31.90 -35.74
CA ASP I 238 -2.27 -31.10 -34.57
C ASP I 238 -0.79 -31.18 -34.25
N GLY I 239 -0.07 -32.06 -34.93
CA GLY I 239 1.34 -32.29 -34.66
C GLY I 239 1.59 -33.70 -34.16
N THR I 240 0.50 -34.45 -34.04
CA THR I 240 0.58 -35.86 -33.67
C THR I 240 0.20 -36.70 -34.88
N PHE I 241 0.47 -37.99 -34.81
CA PHE I 241 0.21 -38.89 -35.94
C PHE I 241 -0.50 -40.15 -35.47
N GLN I 242 -1.03 -40.90 -36.44
CA GLN I 242 -1.79 -42.11 -36.16
C GLN I 242 -1.40 -43.18 -37.17
N PRO I 250 -9.13 -66.65 -36.97
CA PRO I 250 -10.12 -67.54 -36.37
C PRO I 250 -10.50 -67.16 -34.94
N SER I 251 -11.78 -67.28 -34.61
CA SER I 251 -12.33 -66.70 -33.38
C SER I 251 -11.79 -67.35 -32.10
N GLY I 252 -10.99 -68.40 -32.26
CA GLY I 252 -10.43 -69.14 -31.15
C GLY I 252 -8.92 -69.19 -31.25
N GLN I 253 -8.39 -68.63 -32.34
CA GLN I 253 -6.95 -68.64 -32.58
C GLN I 253 -6.42 -67.21 -32.62
N GLU I 254 -7.21 -66.28 -32.11
CA GLU I 254 -6.78 -64.89 -32.00
C GLU I 254 -6.47 -64.46 -30.57
N GLN I 255 -5.53 -65.12 -29.90
CA GLN I 255 -5.27 -64.86 -28.48
C GLN I 255 -3.89 -65.27 -27.95
N ARG I 256 -2.96 -65.56 -28.85
CA ARG I 256 -1.59 -65.93 -28.45
C ARG I 256 -0.65 -64.85 -28.94
N TYR I 257 -1.12 -64.17 -29.98
CA TYR I 257 -0.38 -63.11 -30.67
C TYR I 257 -0.35 -61.84 -29.83
N THR I 258 0.60 -60.97 -30.16
CA THR I 258 0.63 -59.63 -29.59
C THR I 258 1.10 -58.66 -30.66
N CYS I 259 0.98 -57.37 -30.40
CA CYS I 259 1.52 -56.38 -31.30
C CYS I 259 2.67 -55.70 -30.60
N HIS I 260 3.88 -55.90 -31.09
CA HIS I 260 5.03 -55.24 -30.49
C HIS I 260 5.20 -53.87 -31.12
N VAL I 261 5.46 -52.89 -30.26
CA VAL I 261 5.61 -51.51 -30.69
C VAL I 261 6.91 -50.95 -30.13
N GLN I 262 7.72 -50.37 -30.98
CA GLN I 262 8.87 -49.61 -30.51
C GLN I 262 8.73 -48.19 -31.01
N HIS I 263 8.77 -47.25 -30.06
CA HIS I 263 8.61 -45.84 -30.38
C HIS I 263 9.66 -45.03 -29.64
N GLU I 264 9.88 -43.80 -30.11
CA GLU I 264 10.89 -42.93 -29.51
C GLU I 264 10.43 -42.40 -28.15
N GLY I 265 9.14 -42.17 -28.02
CA GLY I 265 8.57 -41.73 -26.75
C GLY I 265 8.24 -42.88 -25.83
N LEU I 266 8.63 -44.09 -26.23
CA LEU I 266 8.46 -45.28 -25.39
C LEU I 266 9.83 -45.83 -25.03
N PRO I 267 10.24 -45.69 -23.75
CA PRO I 267 11.54 -46.17 -23.27
C PRO I 267 11.61 -47.68 -23.32
N LYS I 268 10.47 -48.34 -23.21
CA LYS I 268 10.41 -49.80 -23.26
C LYS I 268 9.52 -50.22 -24.42
N PRO I 269 9.94 -51.23 -25.18
CA PRO I 269 9.03 -51.74 -26.21
C PRO I 269 7.84 -52.42 -25.56
N LEU I 270 6.63 -52.10 -26.01
CA LEU I 270 5.45 -52.66 -25.38
C LEU I 270 5.04 -53.96 -26.05
N THR I 271 4.94 -55.01 -25.26
CA THR I 271 4.45 -56.30 -25.73
C THR I 271 2.93 -56.32 -25.75
N LEU J 1 18.82 -19.45 -43.10
CA LEU J 1 18.53 -20.89 -43.00
C LEU J 1 18.57 -21.56 -44.38
N LEU J 2 18.06 -20.86 -45.39
CA LEU J 2 18.01 -21.42 -46.75
C LEU J 2 19.34 -21.30 -47.48
N PHE J 3 19.52 -22.15 -48.47
CA PHE J 3 20.67 -22.09 -49.34
C PHE J 3 20.54 -20.84 -50.19
N GLY J 4 21.58 -20.01 -50.17
CA GLY J 4 21.52 -18.68 -50.73
C GLY J 4 22.11 -18.52 -52.11
N TYR J 5 22.47 -19.64 -52.73
CA TYR J 5 23.05 -19.59 -54.05
C TYR J 5 22.07 -20.10 -55.11
N PRO J 6 21.95 -19.36 -56.23
CA PRO J 6 21.03 -19.72 -57.30
C PRO J 6 21.52 -20.92 -58.10
N VAL J 7 20.98 -22.09 -57.81
CA VAL J 7 21.36 -23.33 -58.49
C VAL J 7 20.60 -23.43 -59.82
N TYR J 8 21.31 -23.82 -60.87
CA TYR J 8 20.75 -23.86 -62.22
C TYR J 8 20.97 -25.23 -62.85
N VAL J 9 20.01 -25.71 -63.64
CA VAL J 9 20.14 -27.04 -64.25
C VAL J 9 20.45 -26.93 -65.74
N MET K 1 4.70 -37.25 -65.89
CA MET K 1 4.41 -38.11 -67.04
C MET K 1 4.08 -39.52 -66.56
N ILE K 2 4.37 -39.79 -65.30
CA ILE K 2 4.03 -41.07 -64.70
C ILE K 2 2.87 -40.90 -63.72
N GLN K 3 1.99 -41.90 -63.65
CA GLN K 3 0.82 -41.82 -62.79
C GLN K 3 1.03 -42.73 -61.59
N ARG K 4 0.63 -42.24 -60.42
CA ARG K 4 0.74 -43.04 -59.20
C ARG K 4 -0.57 -43.06 -58.44
N THR K 5 -0.85 -44.20 -57.81
CA THR K 5 -2.13 -44.41 -57.15
C THR K 5 -2.24 -43.61 -55.86
N PRO K 6 -3.29 -42.78 -55.77
CA PRO K 6 -3.54 -42.00 -54.56
C PRO K 6 -4.15 -42.87 -53.48
N LYS K 7 -3.63 -42.75 -52.26
CA LYS K 7 -4.21 -43.43 -51.12
C LYS K 7 -4.93 -42.40 -50.28
N ILE K 8 -6.25 -42.51 -50.22
CA ILE K 8 -7.08 -41.59 -49.46
C ILE K 8 -7.40 -42.26 -48.13
N GLN K 9 -7.45 -41.46 -47.07
CA GLN K 9 -7.55 -42.00 -45.73
C GLN K 9 -8.42 -41.05 -44.92
N VAL K 10 -9.68 -41.44 -44.75
CA VAL K 10 -10.66 -40.62 -44.06
C VAL K 10 -10.78 -41.04 -42.61
N TYR K 11 -10.72 -40.06 -41.71
CA TYR K 11 -10.74 -40.34 -40.28
C TYR K 11 -11.06 -39.10 -39.46
N SER K 12 -10.87 -39.24 -38.15
CA SER K 12 -11.17 -38.18 -37.20
C SER K 12 -9.89 -37.80 -36.45
N ARG K 13 -9.80 -36.52 -36.07
CA ARG K 13 -8.64 -36.02 -35.34
C ARG K 13 -8.58 -36.69 -33.98
N HIS K 14 -9.74 -36.81 -33.34
CA HIS K 14 -9.86 -37.54 -32.09
C HIS K 14 -10.89 -38.65 -32.26
N PRO K 15 -10.74 -39.73 -31.48
CA PRO K 15 -11.72 -40.81 -31.41
C PRO K 15 -13.13 -40.25 -31.22
N ALA K 16 -14.07 -40.70 -32.05
CA ALA K 16 -15.40 -40.11 -32.07
C ALA K 16 -16.17 -40.32 -30.78
N GLU K 17 -16.67 -39.22 -30.24
CA GLU K 17 -17.51 -39.27 -29.05
C GLU K 17 -18.80 -38.50 -29.34
N ASN K 18 -19.91 -39.00 -28.83
CA ASN K 18 -21.23 -38.48 -29.17
C ASN K 18 -21.53 -37.06 -28.66
N GLY K 19 -21.58 -36.11 -29.58
CA GLY K 19 -21.92 -34.74 -29.26
C GLY K 19 -20.69 -33.86 -29.13
N LYS K 20 -19.49 -34.45 -29.16
CA LYS K 20 -18.28 -33.64 -28.98
C LYS K 20 -17.56 -33.21 -30.24
N SER K 21 -17.34 -31.90 -30.33
CA SER K 21 -16.71 -31.31 -31.49
C SER K 21 -15.35 -31.96 -31.78
N ASN K 22 -15.01 -32.02 -33.05
CA ASN K 22 -13.78 -32.64 -33.50
C ASN K 22 -13.42 -32.15 -34.90
N PHE K 23 -12.48 -32.83 -35.54
CA PHE K 23 -12.10 -32.48 -36.90
C PHE K 23 -12.26 -33.69 -37.83
N LEU K 24 -12.89 -33.45 -38.97
CA LEU K 24 -12.94 -34.40 -40.07
C LEU K 24 -11.65 -34.24 -40.85
N ASN K 25 -10.98 -35.36 -41.12
CA ASN K 25 -9.73 -35.32 -41.86
C ASN K 25 -9.65 -36.34 -43.00
N CYS K 26 -9.56 -35.82 -44.22
CA CYS K 26 -9.31 -36.63 -45.40
C CYS K 26 -7.86 -36.44 -45.78
N TYR K 27 -7.06 -37.47 -45.58
CA TYR K 27 -5.62 -37.39 -45.85
C TYR K 27 -5.24 -38.19 -47.07
N VAL K 28 -4.72 -37.53 -48.09
CA VAL K 28 -4.36 -38.21 -49.34
C VAL K 28 -2.86 -38.22 -49.57
N SER K 29 -2.33 -39.36 -50.00
CA SER K 29 -0.87 -39.51 -50.18
C SER K 29 -0.51 -40.68 -51.10
N GLY K 30 0.63 -40.56 -51.78
CA GLY K 30 1.12 -41.64 -52.62
C GLY K 30 0.86 -41.40 -54.10
N PHE K 31 0.18 -40.31 -54.40
CA PHE K 31 -0.19 -39.96 -55.76
C PHE K 31 0.86 -39.12 -56.50
N HIS K 32 0.71 -39.04 -57.82
CA HIS K 32 1.54 -38.19 -58.67
C HIS K 32 0.88 -38.14 -60.05
N PRO K 33 0.71 -36.94 -60.60
CA PRO K 33 1.07 -35.61 -60.07
C PRO K 33 0.12 -35.08 -58.99
N SER K 34 0.32 -33.82 -58.62
CA SER K 34 -0.42 -33.22 -57.51
C SER K 34 -1.79 -32.70 -57.93
N ASP K 35 -2.20 -33.03 -59.15
CA ASP K 35 -3.52 -32.63 -59.65
C ASP K 35 -4.61 -33.51 -59.04
N ILE K 36 -5.18 -33.06 -57.93
CA ILE K 36 -6.15 -33.85 -57.18
C ILE K 36 -7.35 -32.99 -56.83
N GLU K 37 -8.55 -33.51 -57.11
CA GLU K 37 -9.76 -32.77 -56.79
C GLU K 37 -10.50 -33.50 -55.68
N VAL K 38 -10.51 -32.91 -54.48
CA VAL K 38 -11.14 -33.57 -53.35
C VAL K 38 -12.20 -32.66 -52.77
N ASP K 39 -13.29 -33.24 -52.29
CA ASP K 39 -14.33 -32.47 -51.63
C ASP K 39 -14.97 -33.27 -50.50
N LEU K 40 -15.09 -32.63 -49.33
CA LEU K 40 -15.81 -33.22 -48.20
C LEU K 40 -17.31 -33.03 -48.32
N LEU K 41 -18.01 -34.12 -48.04
CA LEU K 41 -19.46 -34.15 -48.12
C LEU K 41 -20.02 -34.57 -46.77
N LYS K 42 -21.34 -34.57 -46.65
CA LYS K 42 -22.00 -34.95 -45.41
C LYS K 42 -23.01 -36.04 -45.75
N ASN K 43 -24.23 -35.65 -46.06
CA ASN K 43 -25.24 -36.62 -46.47
C ASN K 43 -25.53 -36.48 -47.95
N GLY K 44 -25.62 -35.23 -48.42
CA GLY K 44 -25.69 -34.96 -49.84
C GLY K 44 -24.49 -34.12 -50.24
N GLU K 45 -24.54 -32.83 -49.95
CA GLU K 45 -23.46 -31.89 -50.23
C GLU K 45 -23.73 -30.60 -49.45
N ARG K 46 -22.72 -30.10 -48.74
CA ARG K 46 -22.92 -28.97 -47.85
C ARG K 46 -21.68 -28.12 -47.61
N ILE K 47 -20.57 -28.79 -47.30
CA ILE K 47 -19.37 -28.09 -46.84
C ILE K 47 -18.34 -27.74 -47.92
N GLU K 48 -18.59 -26.63 -48.60
CA GLU K 48 -17.66 -26.09 -49.59
C GLU K 48 -16.64 -25.17 -48.91
N LYS K 49 -16.68 -25.14 -47.59
CA LYS K 49 -15.74 -24.34 -46.80
C LYS K 49 -14.71 -25.26 -46.12
N VAL K 50 -14.05 -26.09 -46.92
CA VAL K 50 -13.03 -27.00 -46.41
C VAL K 50 -11.64 -26.38 -46.44
N GLU K 51 -10.86 -26.60 -45.39
CA GLU K 51 -9.50 -26.05 -45.31
C GLU K 51 -8.42 -27.10 -45.52
N HIS K 52 -7.33 -26.70 -46.17
CA HIS K 52 -6.26 -27.61 -46.54
C HIS K 52 -4.88 -27.15 -46.03
N SER K 53 -3.93 -28.08 -46.03
CA SER K 53 -2.52 -27.79 -45.78
C SER K 53 -1.80 -27.60 -47.10
N ASP K 54 -0.57 -27.10 -47.06
CA ASP K 54 0.18 -26.88 -48.29
C ASP K 54 0.91 -28.12 -48.76
N LEU K 55 1.29 -28.12 -50.03
CA LEU K 55 1.79 -29.30 -50.74
C LEU K 55 3.22 -29.74 -50.38
N SER K 56 3.38 -31.04 -50.16
CA SER K 56 4.68 -31.66 -49.93
C SER K 56 4.69 -32.99 -50.68
N PHE K 57 5.82 -33.70 -50.67
CA PHE K 57 5.94 -34.91 -51.50
C PHE K 57 6.68 -36.09 -50.88
N SER K 58 6.58 -36.24 -49.55
CA SER K 58 7.14 -37.40 -48.84
C SER K 58 8.62 -37.67 -49.14
N LYS K 59 8.95 -38.94 -49.35
CA LYS K 59 10.34 -39.36 -49.53
C LYS K 59 10.62 -39.71 -50.98
N ASP K 60 9.67 -40.41 -51.61
CA ASP K 60 9.83 -40.86 -52.99
C ASP K 60 9.05 -39.97 -53.96
N TRP K 61 8.98 -38.68 -53.64
CA TRP K 61 8.38 -37.67 -54.51
C TRP K 61 6.88 -37.89 -54.72
N SER K 62 6.26 -38.65 -53.82
CA SER K 62 4.81 -38.86 -53.84
C SER K 62 4.15 -37.88 -52.88
N PHE K 63 3.30 -37.02 -53.41
CA PHE K 63 2.73 -35.93 -52.64
C PHE K 63 1.80 -36.38 -51.51
N TYR K 64 1.62 -35.52 -50.52
CA TYR K 64 0.67 -35.76 -49.44
C TYR K 64 0.03 -34.46 -48.95
N LEU K 65 -1.29 -34.50 -48.82
CA LEU K 65 -2.09 -33.35 -48.40
C LEU K 65 -3.17 -33.78 -47.41
N LEU K 66 -3.59 -32.84 -46.57
CA LEU K 66 -4.63 -33.11 -45.59
C LEU K 66 -5.75 -32.07 -45.68
N TYR K 67 -6.92 -32.52 -46.14
CA TYR K 67 -8.07 -31.62 -46.18
C TYR K 67 -8.88 -31.85 -44.92
N TYR K 68 -9.23 -30.78 -44.22
CA TYR K 68 -9.88 -30.93 -42.93
C TYR K 68 -10.99 -29.92 -42.68
N THR K 69 -11.84 -30.22 -41.71
CA THR K 69 -12.86 -29.27 -41.27
C THR K 69 -13.28 -29.60 -39.86
N GLU K 70 -14.09 -28.74 -39.26
CA GLU K 70 -14.55 -28.97 -37.89
C GLU K 70 -15.97 -29.51 -37.93
N PHE K 71 -16.29 -30.43 -37.04
CA PHE K 71 -17.62 -31.04 -37.04
C PHE K 71 -18.02 -31.59 -35.69
N THR K 72 -19.16 -32.27 -35.66
CA THR K 72 -19.59 -33.02 -34.50
C THR K 72 -19.94 -34.43 -34.96
N PRO K 73 -19.22 -35.44 -34.42
CA PRO K 73 -19.46 -36.83 -34.79
C PRO K 73 -20.87 -37.25 -34.44
N THR K 74 -21.54 -37.90 -35.39
CA THR K 74 -22.92 -38.30 -35.21
C THR K 74 -23.10 -39.71 -35.74
N GLU K 75 -23.97 -40.47 -35.09
CA GLU K 75 -24.32 -41.80 -35.56
C GLU K 75 -25.44 -41.71 -36.59
N LYS K 76 -26.04 -40.54 -36.69
CA LYS K 76 -27.17 -40.34 -37.59
C LYS K 76 -26.75 -39.77 -38.93
N ASP K 77 -25.57 -39.15 -38.98
CA ASP K 77 -25.11 -38.51 -40.21
C ASP K 77 -23.86 -39.17 -40.75
N GLU K 78 -23.82 -39.28 -42.06
CA GLU K 78 -22.72 -39.90 -42.78
C GLU K 78 -21.67 -38.84 -43.12
N TYR K 79 -20.43 -39.27 -43.33
CA TYR K 79 -19.34 -38.37 -43.75
C TYR K 79 -18.37 -39.08 -44.67
N ALA K 80 -18.19 -38.51 -45.87
CA ALA K 80 -17.29 -39.11 -46.84
C ALA K 80 -16.45 -38.07 -47.57
N CYS K 81 -15.57 -38.54 -48.45
CA CYS K 81 -14.71 -37.67 -49.24
C CYS K 81 -14.71 -38.14 -50.68
N ARG K 82 -15.08 -37.24 -51.60
CA ARG K 82 -15.02 -37.55 -53.02
C ARG K 82 -13.69 -37.07 -53.58
N VAL K 83 -12.92 -37.99 -54.17
CA VAL K 83 -11.57 -37.67 -54.62
C VAL K 83 -11.28 -38.16 -56.04
N ASN K 84 -10.91 -37.22 -56.90
CA ASN K 84 -10.49 -37.50 -58.25
C ASN K 84 -8.99 -37.28 -58.47
N HIS K 85 -8.39 -38.25 -59.16
CA HIS K 85 -6.99 -38.17 -59.56
C HIS K 85 -7.01 -38.47 -61.05
N VAL K 86 -5.83 -38.39 -61.67
CA VAL K 86 -5.74 -38.61 -63.11
C VAL K 86 -5.37 -40.08 -63.32
N THR K 87 -5.20 -40.79 -62.20
CA THR K 87 -4.94 -42.23 -62.20
C THR K 87 -6.10 -42.97 -62.84
N LEU K 88 -7.31 -42.62 -62.42
CA LEU K 88 -8.52 -43.19 -62.98
C LEU K 88 -9.46 -42.07 -63.37
N SER K 89 -10.38 -42.35 -64.29
CA SER K 89 -11.39 -41.36 -64.66
C SER K 89 -12.67 -41.75 -63.95
N GLN K 90 -12.51 -42.48 -62.85
CA GLN K 90 -13.63 -42.86 -62.00
C GLN K 90 -13.32 -42.41 -60.57
N PRO K 91 -14.23 -41.62 -60.00
CA PRO K 91 -14.03 -41.02 -58.68
C PRO K 91 -13.89 -42.03 -57.56
N LYS K 92 -13.63 -41.53 -56.36
CA LYS K 92 -13.53 -42.38 -55.18
C LYS K 92 -14.17 -41.63 -54.03
N ILE K 93 -15.13 -42.28 -53.38
CA ILE K 93 -15.86 -41.67 -52.28
C ILE K 93 -15.68 -42.52 -51.03
N VAL K 94 -14.68 -42.17 -50.21
CA VAL K 94 -14.42 -42.96 -49.01
C VAL K 94 -15.14 -42.41 -47.78
N LYS K 95 -15.87 -43.27 -47.09
CA LYS K 95 -16.72 -42.83 -45.98
C LYS K 95 -16.09 -43.09 -44.62
N TRP K 96 -16.63 -42.40 -43.62
CA TRP K 96 -16.15 -42.48 -42.25
C TRP K 96 -16.86 -43.60 -41.49
N ASP K 97 -16.28 -44.79 -41.52
CA ASP K 97 -16.89 -45.95 -40.88
C ASP K 97 -16.17 -46.35 -39.60
N ARG K 98 -16.22 -45.46 -38.59
CA ARG K 98 -15.63 -45.69 -37.28
C ARG K 98 -14.31 -46.46 -37.28
N LYS L 6 11.85 11.24 -38.02
CA LYS L 6 10.49 11.73 -37.86
C LYS L 6 9.75 10.88 -36.82
N ALA L 7 10.38 9.78 -36.44
CA ALA L 7 9.85 8.78 -35.52
C ALA L 7 10.65 8.71 -34.22
N ASP L 8 10.11 7.99 -33.22
CA ASP L 8 10.85 7.79 -31.98
C ASP L 8 10.58 6.34 -31.54
N PRO L 9 11.65 5.61 -31.20
CA PRO L 9 11.48 4.18 -30.87
C PRO L 9 11.71 3.75 -29.41
N CYS L 10 12.97 3.66 -28.98
CA CYS L 10 13.30 2.87 -27.79
C CYS L 10 13.63 3.66 -26.52
N LEU L 11 13.55 4.98 -26.59
CA LEU L 11 13.71 5.81 -25.40
C LEU L 11 12.32 5.93 -24.76
N THR L 12 11.34 5.38 -25.45
CA THR L 12 9.95 5.43 -25.00
C THR L 12 9.77 4.42 -23.88
N PHE L 13 9.07 4.84 -22.83
CA PHE L 13 8.81 3.98 -21.69
C PHE L 13 7.52 3.22 -21.99
N ASN L 14 7.37 2.78 -23.24
CA ASN L 14 6.11 2.23 -23.71
C ASN L 14 5.98 0.69 -23.76
N PRO L 15 7.10 -0.03 -23.88
CA PRO L 15 6.91 -1.49 -23.77
C PRO L 15 6.43 -1.92 -22.38
N ASP L 16 5.13 -1.80 -22.16
CA ASP L 16 4.50 -2.46 -21.01
C ASP L 16 3.59 -3.51 -21.62
N LYS L 17 2.95 -3.13 -22.71
CA LYS L 17 2.12 -4.05 -23.46
C LYS L 17 2.92 -4.62 -24.62
N CYS L 18 3.58 -5.74 -24.36
CA CYS L 18 4.21 -6.50 -25.41
C CYS L 18 3.22 -7.62 -25.72
N GLN L 19 2.61 -7.53 -26.90
CA GLN L 19 1.48 -8.38 -27.28
C GLN L 19 1.82 -9.87 -27.25
N LEU L 20 0.86 -10.69 -26.85
CA LEU L 20 1.07 -12.13 -26.78
C LEU L 20 -0.10 -12.92 -27.36
N SER L 21 0.23 -14.02 -28.02
CA SER L 21 -0.76 -14.88 -28.66
C SER L 21 -0.65 -16.32 -28.17
N PHE L 22 -1.77 -17.04 -28.18
CA PHE L 22 -1.78 -18.42 -27.72
C PHE L 22 -2.20 -19.36 -28.84
N GLN L 23 -1.61 -20.56 -28.86
CA GLN L 23 -1.89 -21.50 -29.93
C GLN L 23 -1.69 -22.95 -29.49
N PRO L 24 -2.60 -23.85 -29.92
CA PRO L 24 -2.48 -25.28 -29.64
C PRO L 24 -1.48 -25.99 -30.55
N ASP L 25 -0.39 -26.46 -29.96
CA ASP L 25 0.64 -27.20 -30.70
C ASP L 25 1.04 -28.47 -29.94
N GLY L 26 0.54 -29.61 -30.40
CA GLY L 26 0.84 -30.89 -29.77
C GLY L 26 0.21 -31.04 -28.39
N ASN L 27 -1.02 -30.54 -28.25
CA ASN L 27 -1.76 -30.63 -26.99
C ASN L 27 -1.03 -29.94 -25.83
N ARG L 28 -0.43 -28.80 -26.13
CA ARG L 28 0.23 -27.95 -25.16
C ARG L 28 -0.13 -26.53 -25.52
N CYS L 29 -0.34 -25.68 -24.53
CA CYS L 29 -0.68 -24.29 -24.82
C CYS L 29 0.58 -23.50 -25.11
N ALA L 30 0.89 -23.33 -26.38
CA ALA L 30 2.07 -22.59 -26.79
C ALA L 30 1.80 -21.10 -26.69
N VAL L 31 2.59 -20.43 -25.85
CA VAL L 31 2.46 -19.00 -25.63
C VAL L 31 3.55 -18.27 -26.40
N LEU L 32 3.19 -17.16 -27.04
CA LEU L 32 4.12 -16.37 -27.83
C LEU L 32 4.04 -14.90 -27.46
N ILE L 33 5.00 -14.43 -26.67
CA ILE L 33 5.06 -13.03 -26.27
C ILE L 33 5.80 -12.22 -27.31
N LYS L 34 5.06 -11.47 -28.10
CA LYS L 34 5.64 -10.65 -29.15
C LYS L 34 5.74 -9.18 -28.74
N CYS L 35 6.96 -8.68 -28.63
CA CYS L 35 7.16 -7.27 -28.44
C CYS L 35 7.73 -6.68 -29.71
N GLY L 36 8.03 -5.39 -29.71
CA GLY L 36 8.43 -4.71 -30.92
C GLY L 36 9.75 -5.21 -31.49
N TRP L 37 9.85 -5.22 -32.82
CA TRP L 37 11.08 -5.57 -33.49
C TRP L 37 11.77 -4.31 -33.98
N GLU L 38 11.28 -3.17 -33.51
CA GLU L 38 11.85 -1.88 -33.90
C GLU L 38 12.85 -1.41 -32.84
N CYS L 39 12.94 -2.16 -31.76
CA CYS L 39 13.82 -1.80 -30.65
C CYS L 39 14.69 -2.96 -30.16
N GLN L 40 15.95 -2.62 -29.86
CA GLN L 40 16.89 -3.54 -29.24
C GLN L 40 16.83 -3.28 -27.75
N SER L 41 17.43 -4.16 -26.94
CA SER L 41 17.52 -4.01 -25.49
C SER L 41 16.18 -4.23 -24.78
N VAL L 42 15.10 -4.32 -25.54
CA VAL L 42 13.84 -4.77 -24.95
C VAL L 42 13.98 -6.27 -24.69
N ALA L 43 14.35 -6.62 -23.47
CA ALA L 43 14.60 -8.02 -23.16
C ALA L 43 13.31 -8.63 -22.62
N ILE L 44 12.93 -9.78 -23.14
CA ILE L 44 11.70 -10.42 -22.69
C ILE L 44 12.02 -11.65 -21.86
N GLN L 45 11.39 -11.74 -20.70
CA GLN L 45 11.58 -12.90 -19.84
C GLN L 45 10.21 -13.41 -19.42
N TYR L 46 10.04 -14.73 -19.41
CA TYR L 46 8.75 -15.32 -19.10
C TYR L 46 8.85 -16.17 -17.83
N LYS L 47 9.44 -17.34 -17.97
CA LYS L 47 9.67 -18.22 -16.83
C LYS L 47 11.11 -18.02 -16.39
N ASN L 48 11.97 -18.86 -16.93
CA ASN L 48 13.39 -18.77 -16.65
C ASN L 48 14.14 -18.64 -17.98
N LYS L 49 13.41 -18.29 -19.04
CA LYS L 49 13.99 -18.17 -20.37
C LYS L 49 13.88 -16.75 -20.88
N THR L 50 15.00 -16.21 -21.34
CA THR L 50 15.04 -14.85 -21.88
C THR L 50 15.60 -14.83 -23.30
N ARG L 51 14.86 -14.21 -24.22
CA ARG L 51 15.26 -14.16 -25.63
C ARG L 51 14.77 -12.94 -26.40
N ASN L 52 15.45 -11.81 -26.23
CA ASN L 52 15.29 -10.67 -27.13
C ASN L 52 13.93 -10.01 -27.26
N ASN L 53 13.44 -9.91 -28.51
CA ASN L 53 12.23 -9.16 -28.80
C ASN L 53 10.95 -10.00 -28.79
N THR L 54 11.07 -11.25 -29.20
CA THR L 54 9.93 -12.14 -29.25
C THR L 54 10.29 -13.45 -28.57
N LEU L 55 9.39 -13.91 -27.72
CA LEU L 55 9.63 -15.10 -26.91
C LEU L 55 8.56 -16.15 -27.19
N ALA L 56 8.95 -17.42 -27.14
CA ALA L 56 7.99 -18.51 -27.30
C ALA L 56 8.22 -19.60 -26.27
N SER L 57 7.20 -19.86 -25.46
CA SER L 57 7.27 -20.94 -24.49
C SER L 57 5.94 -21.67 -24.43
N THR L 58 5.63 -22.25 -23.27
CA THR L 58 4.38 -22.98 -23.08
C THR L 58 3.82 -22.71 -21.69
N TRP L 59 2.51 -22.85 -21.54
CA TRP L 59 1.92 -22.72 -20.22
C TRP L 59 1.13 -23.97 -19.81
N GLN L 60 1.37 -24.43 -18.58
CA GLN L 60 0.61 -25.51 -17.98
C GLN L 60 0.27 -25.12 -16.53
N PRO L 61 -0.73 -25.78 -15.92
CA PRO L 61 -1.09 -25.52 -14.52
C PRO L 61 0.12 -25.50 -13.58
N GLY L 62 0.34 -24.36 -12.93
CA GLY L 62 1.46 -24.19 -12.02
C GLY L 62 2.48 -23.19 -12.55
N ASP L 63 2.55 -23.07 -13.87
CA ASP L 63 3.49 -22.17 -14.53
C ASP L 63 3.13 -20.69 -14.28
N PRO L 64 4.13 -19.78 -14.37
CA PRO L 64 3.95 -18.38 -13.96
C PRO L 64 2.86 -17.64 -14.73
N GLU L 65 2.30 -16.61 -14.09
CA GLU L 65 1.24 -15.82 -14.70
C GLU L 65 1.65 -14.35 -14.68
N TRP L 66 2.96 -14.13 -14.59
CA TRP L 66 3.56 -12.82 -14.69
C TRP L 66 4.79 -12.96 -15.58
N TYR L 67 5.29 -11.85 -16.13
CA TYR L 67 6.49 -11.90 -16.96
C TYR L 67 7.26 -10.59 -16.90
N THR L 68 8.57 -10.64 -17.14
CA THR L 68 9.40 -9.44 -17.01
C THR L 68 9.74 -8.81 -18.35
N VAL L 69 9.71 -7.48 -18.37
CA VAL L 69 10.04 -6.67 -19.54
C VAL L 69 11.17 -5.70 -19.22
N SER L 70 12.32 -5.92 -19.84
CA SER L 70 13.49 -5.08 -19.59
C SER L 70 13.63 -3.98 -20.63
N VAL L 71 13.60 -2.73 -20.18
CA VAL L 71 13.71 -1.60 -21.10
C VAL L 71 14.58 -0.47 -20.55
N PRO L 72 15.54 0.00 -21.36
CA PRO L 72 16.43 1.11 -20.98
C PRO L 72 15.67 2.42 -20.91
N GLY L 73 16.02 3.29 -19.96
CA GLY L 73 15.28 4.52 -19.76
C GLY L 73 15.86 5.71 -20.51
N ALA L 74 15.27 6.88 -20.30
CA ALA L 74 15.74 8.10 -20.94
C ALA L 74 17.05 8.55 -20.32
N ASP L 75 17.28 8.13 -19.08
CA ASP L 75 18.54 8.38 -18.38
C ASP L 75 19.60 7.40 -18.86
N GLY L 76 19.20 6.46 -19.72
CA GLY L 76 20.11 5.49 -20.27
C GLY L 76 20.20 4.24 -19.42
N PHE L 77 19.38 4.20 -18.37
CA PHE L 77 19.41 3.08 -17.44
C PHE L 77 18.33 2.05 -17.73
N LEU L 78 18.70 0.79 -17.60
CA LEU L 78 17.81 -0.32 -17.91
C LEU L 78 16.95 -0.62 -16.68
N ARG L 79 15.64 -0.75 -16.89
CA ARG L 79 14.75 -1.12 -15.80
C ARG L 79 13.86 -2.29 -16.20
N THR L 80 13.78 -3.29 -15.34
CA THR L 80 12.93 -4.46 -15.57
C THR L 80 11.58 -4.27 -14.86
N VAL L 81 10.51 -4.47 -15.61
CA VAL L 81 9.15 -4.24 -15.13
C VAL L 81 8.30 -5.51 -15.23
N ASN L 82 7.63 -5.89 -14.14
CA ASN L 82 6.74 -7.04 -14.16
C ASN L 82 5.35 -6.72 -14.66
N ASN L 83 4.88 -7.53 -15.61
CA ASN L 83 3.53 -7.40 -16.16
C ASN L 83 2.71 -8.63 -15.84
N THR L 84 1.47 -8.40 -15.41
CA THR L 84 0.59 -9.49 -15.02
C THR L 84 -0.44 -9.80 -16.10
N PHE L 85 -0.28 -10.97 -16.71
CA PHE L 85 -1.23 -11.53 -17.66
C PHE L 85 -1.52 -12.96 -17.25
N ILE L 86 -2.79 -13.30 -17.06
CA ILE L 86 -3.12 -14.67 -16.66
C ILE L 86 -3.22 -15.58 -17.87
N PHE L 87 -2.33 -16.57 -17.93
CA PHE L 87 -2.27 -17.50 -19.06
C PHE L 87 -3.29 -18.60 -18.83
N GLU L 88 -3.73 -18.73 -17.59
CA GLU L 88 -4.75 -19.71 -17.20
C GLU L 88 -6.12 -19.32 -17.77
N HIS L 89 -6.21 -18.12 -18.32
CA HIS L 89 -7.46 -17.58 -18.84
C HIS L 89 -7.45 -17.57 -20.36
N MET L 90 -6.35 -18.04 -20.94
CA MET L 90 -6.23 -18.10 -22.39
C MET L 90 -5.75 -19.49 -22.83
N CYS L 91 -5.23 -20.26 -21.88
CA CYS L 91 -4.81 -21.64 -22.15
C CYS L 91 -5.86 -22.72 -21.83
N ASN L 92 -6.85 -22.39 -21.01
CA ASN L 92 -7.93 -23.32 -20.74
C ASN L 92 -8.94 -23.34 -21.90
N THR L 93 -8.94 -22.27 -22.67
CA THR L 93 -9.83 -22.11 -23.82
C THR L 93 -9.16 -22.62 -25.10
N ALA L 94 -7.86 -22.35 -25.23
CA ALA L 94 -7.11 -22.79 -26.40
C ALA L 94 -6.98 -24.30 -26.35
N MET L 95 -6.75 -24.82 -25.15
CA MET L 95 -6.68 -26.26 -24.98
C MET L 95 -8.07 -26.70 -24.59
N PHE L 96 -8.98 -26.64 -25.55
CA PHE L 96 -10.37 -27.00 -25.29
C PHE L 96 -10.68 -28.37 -25.89
N MET L 97 -10.20 -28.62 -27.09
CA MET L 97 -10.50 -29.87 -27.77
C MET L 97 -9.66 -31.01 -27.21
N SER L 98 -8.55 -30.64 -26.59
CA SER L 98 -7.66 -31.61 -25.96
C SER L 98 -8.03 -31.90 -24.50
N ARG L 99 -8.94 -31.10 -23.95
CA ARG L 99 -9.36 -31.28 -22.56
C ARG L 99 -10.39 -32.38 -22.41
N GLN L 100 -11.33 -32.38 -23.35
CA GLN L 100 -12.45 -33.31 -23.40
C GLN L 100 -12.01 -34.75 -23.69
N TYR L 101 -10.80 -34.90 -24.19
CA TYR L 101 -10.26 -36.21 -24.50
C TYR L 101 -9.09 -36.41 -23.54
N HIS L 102 -9.02 -35.49 -22.58
CA HIS L 102 -8.11 -35.58 -21.44
C HIS L 102 -6.66 -35.77 -21.87
N MET L 103 -6.23 -34.96 -22.83
CA MET L 103 -4.85 -35.03 -23.30
C MET L 103 -4.09 -33.79 -22.83
N TRP L 104 -4.86 -32.84 -22.29
CA TRP L 104 -4.34 -31.68 -21.59
C TRP L 104 -5.16 -31.54 -20.33
N PRO L 105 -4.52 -31.25 -19.18
CA PRO L 105 -3.13 -30.94 -18.86
C PRO L 105 -2.11 -32.00 -19.30
N PRO L 106 -0.84 -31.59 -19.50
CA PRO L 106 0.28 -32.39 -20.00
C PRO L 106 0.42 -33.79 -19.38
N ARG L 107 -0.21 -34.02 -18.24
CA ARG L 107 -0.18 -35.32 -17.60
C ARG L 107 -1.29 -36.21 -18.16
N LYS L 108 -0.93 -37.47 -18.47
CA LYS L 108 -1.85 -38.43 -19.09
C LYS L 108 -2.34 -38.01 -20.48
N GLY M 1 44.60 -0.69 -22.15
CA GLY M 1 44.52 0.75 -22.34
C GLY M 1 45.77 1.42 -21.80
N SER M 2 46.92 0.89 -22.22
CA SER M 2 48.23 1.36 -21.77
C SER M 2 48.33 1.41 -20.24
N HIS M 3 47.67 0.47 -19.58
CA HIS M 3 47.65 0.40 -18.12
C HIS M 3 47.51 -1.04 -17.63
N SER M 4 48.57 -1.55 -17.00
CA SER M 4 48.62 -2.93 -16.53
C SER M 4 49.91 -3.12 -15.75
N MET M 5 49.87 -3.95 -14.70
CA MET M 5 51.08 -4.21 -13.91
C MET M 5 51.19 -5.55 -13.20
N ARG M 6 51.64 -5.48 -11.95
CA ARG M 6 52.36 -6.57 -11.30
C ARG M 6 51.90 -7.03 -9.92
N TYR M 7 52.66 -7.98 -9.39
CA TYR M 7 52.53 -8.50 -8.04
C TYR M 7 53.84 -8.28 -7.31
N PHE M 8 53.75 -7.79 -6.07
CA PHE M 8 54.92 -7.47 -5.27
C PHE M 8 54.95 -8.32 -3.99
N PHE M 9 56.16 -8.74 -3.63
CA PHE M 9 56.36 -9.60 -2.47
C PHE M 9 57.58 -9.12 -1.69
N THR M 10 57.46 -9.11 -0.36
CA THR M 10 58.57 -8.68 0.48
C THR M 10 58.72 -9.62 1.66
N SER M 11 59.92 -10.12 1.87
CA SER M 11 60.18 -10.98 3.00
C SER M 11 61.41 -10.48 3.71
N VAL M 12 61.29 -10.17 4.98
CA VAL M 12 62.40 -9.59 5.70
C VAL M 12 62.78 -10.57 6.80
N SER M 13 64.02 -11.03 6.79
CA SER M 13 64.47 -11.97 7.80
C SER M 13 64.55 -11.23 9.12
N ARG M 14 63.81 -11.71 10.11
CA ARG M 14 63.75 -11.03 11.38
C ARG M 14 64.90 -11.50 12.28
N PRO M 15 65.45 -10.58 13.09
CA PRO M 15 66.62 -10.85 13.94
C PRO M 15 66.35 -11.87 15.04
N GLY M 16 65.91 -13.06 14.69
CA GLY M 16 65.72 -14.10 15.68
C GLY M 16 64.42 -14.07 16.47
N ARG M 17 63.49 -13.20 16.09
CA ARG M 17 62.20 -13.17 16.76
C ARG M 17 61.29 -14.22 16.12
N GLY M 18 61.68 -15.49 16.28
CA GLY M 18 60.93 -16.57 15.68
C GLY M 18 61.16 -16.60 14.19
N GLU M 19 60.16 -16.23 13.41
CA GLU M 19 60.24 -16.38 11.97
C GLU M 19 60.23 -15.05 11.22
N PRO M 20 60.89 -15.02 10.05
CA PRO M 20 60.93 -13.84 9.18
C PRO M 20 59.53 -13.38 8.80
N ARG M 21 59.43 -12.17 8.27
CA ARG M 21 58.15 -11.56 7.94
C ARG M 21 57.90 -11.53 6.41
N PHE M 22 56.64 -11.60 5.98
CA PHE M 22 56.28 -11.59 4.55
C PHE M 22 55.01 -10.79 4.20
N ILE M 23 55.14 -9.88 3.25
CA ILE M 23 54.07 -8.97 2.85
C ILE M 23 53.82 -9.06 1.35
N ALA M 24 52.60 -9.45 0.97
CA ALA M 24 52.26 -9.50 -0.44
C ALA M 24 51.28 -8.39 -0.74
N VAL M 25 51.73 -7.47 -1.60
CA VAL M 25 50.89 -6.34 -2.02
C VAL M 25 51.01 -6.31 -3.52
N GLY M 26 49.97 -5.86 -4.23
CA GLY M 26 50.10 -5.78 -5.67
C GLY M 26 49.54 -4.53 -6.32
N TYR M 27 49.25 -4.68 -7.61
CA TYR M 27 48.90 -3.57 -8.46
C TYR M 27 48.01 -4.00 -9.62
N VAL M 28 47.01 -3.18 -9.90
CA VAL M 28 46.36 -3.13 -11.21
C VAL M 28 46.30 -1.62 -11.40
N ASP M 29 47.08 -1.13 -12.36
CA ASP M 29 47.41 0.29 -12.41
C ASP M 29 47.97 0.70 -11.04
N ASP M 30 47.67 1.91 -10.61
CA ASP M 30 48.13 2.38 -9.30
C ASP M 30 47.10 2.01 -8.25
N THR M 31 46.13 1.19 -8.63
CA THR M 31 45.12 0.75 -7.71
C THR M 31 45.55 -0.59 -7.12
N GLN M 32 46.01 -0.53 -5.87
CA GLN M 32 46.44 -1.72 -5.15
C GLN M 32 45.21 -2.59 -4.90
N PHE M 33 45.41 -3.91 -4.81
CA PHE M 33 44.26 -4.81 -4.70
C PHE M 33 44.23 -5.63 -3.40
N VAL M 34 45.30 -6.35 -3.08
CA VAL M 34 45.27 -7.25 -1.93
C VAL M 34 46.41 -6.94 -0.94
N ARG M 35 46.14 -7.23 0.33
CA ARG M 35 47.03 -6.97 1.44
C ARG M 35 47.21 -8.24 2.27
N PHE M 36 48.40 -8.82 2.26
CA PHE M 36 48.71 -9.97 3.12
C PHE M 36 49.69 -9.61 4.23
N ASP M 37 49.34 -10.03 5.44
CA ASP M 37 50.23 -9.85 6.57
C ASP M 37 50.15 -11.02 7.56
N SER M 38 51.31 -11.52 7.99
CA SER M 38 51.36 -12.71 8.85
C SER M 38 51.26 -12.38 10.34
N ASP M 39 51.59 -11.13 10.70
CA ASP M 39 51.41 -10.73 12.09
C ASP M 39 50.17 -9.87 12.18
N ALA M 40 49.40 -9.86 11.09
CA ALA M 40 48.07 -9.28 11.10
C ALA M 40 47.23 -10.29 11.84
N ALA M 41 46.12 -9.86 12.41
CA ALA M 41 45.27 -10.77 13.15
C ALA M 41 44.62 -11.77 12.19
N SER M 42 44.60 -11.42 10.90
CA SER M 42 44.02 -12.28 9.88
C SER M 42 45.10 -12.97 9.03
N GLN M 43 45.03 -14.30 8.97
CA GLN M 43 45.95 -15.09 8.16
C GLN M 43 45.44 -15.32 6.74
N ARG M 44 44.39 -14.59 6.38
CA ARG M 44 43.89 -14.62 5.01
C ARG M 44 44.36 -13.39 4.27
N MET M 45 44.12 -13.36 2.97
CA MET M 45 44.47 -12.20 2.16
C MET M 45 43.30 -11.24 2.16
N GLU M 46 43.61 -9.96 2.35
CA GLU M 46 42.57 -8.95 2.48
C GLU M 46 42.38 -8.16 1.20
N PRO M 47 41.13 -7.87 0.85
CA PRO M 47 40.82 -7.03 -0.31
C PRO M 47 40.76 -5.55 0.07
N ARG M 48 41.54 -4.74 -0.62
CA ARG M 48 41.56 -3.30 -0.36
C ARG M 48 40.80 -2.53 -1.44
N ALA M 49 40.68 -3.14 -2.62
CA ALA M 49 39.86 -2.61 -3.71
C ALA M 49 38.43 -3.11 -3.56
N PRO M 50 37.44 -2.23 -3.80
CA PRO M 50 36.05 -2.64 -3.60
C PRO M 50 35.56 -3.64 -4.64
N TRP M 51 36.10 -3.54 -5.85
CA TRP M 51 35.67 -4.39 -6.97
C TRP M 51 36.48 -5.68 -7.10
N ILE M 52 37.19 -6.02 -6.03
CA ILE M 52 37.81 -7.33 -5.93
C ILE M 52 37.05 -8.02 -4.80
N GLU M 53 36.22 -7.25 -4.13
CA GLU M 53 35.32 -7.79 -3.12
C GLU M 53 34.08 -8.36 -3.81
N GLN M 54 34.11 -8.32 -5.15
CA GLN M 54 33.11 -8.98 -5.98
C GLN M 54 33.51 -10.43 -6.18
N GLU M 55 34.62 -10.83 -5.56
CA GLU M 55 35.08 -12.19 -5.71
C GLU M 55 34.54 -13.04 -4.58
N GLY M 56 34.22 -14.29 -4.89
CA GLY M 56 33.60 -15.18 -3.93
C GLY M 56 34.62 -15.99 -3.17
N PRO M 57 34.14 -16.81 -2.21
CA PRO M 57 34.97 -17.67 -1.36
C PRO M 57 35.85 -18.59 -2.19
N GLU M 58 35.40 -18.88 -3.40
CA GLU M 58 36.17 -19.61 -4.38
C GLU M 58 37.46 -18.87 -4.72
N TYR M 59 37.41 -17.55 -4.67
CA TYR M 59 38.56 -16.74 -5.02
C TYR M 59 39.38 -16.37 -3.78
N TRP M 60 38.77 -16.41 -2.61
CA TRP M 60 39.50 -16.02 -1.40
C TRP M 60 40.23 -17.19 -0.76
N ASP M 61 39.51 -18.29 -0.58
CA ASP M 61 40.10 -19.49 0.00
C ASP M 61 41.11 -20.07 -0.97
N GLY M 62 40.88 -19.84 -2.26
CA GLY M 62 41.77 -20.31 -3.31
C GLY M 62 42.91 -19.34 -3.59
N GLU M 63 43.01 -18.27 -2.80
CA GLU M 63 44.07 -17.29 -2.96
C GLU M 63 44.80 -17.01 -1.66
N THR M 64 44.32 -17.59 -0.56
CA THR M 64 45.00 -17.43 0.72
C THR M 64 46.04 -18.53 0.85
N ARG M 65 45.84 -19.58 0.07
CA ARG M 65 46.72 -20.73 0.04
C ARG M 65 47.94 -20.41 -0.79
N LYS M 66 47.74 -19.65 -1.87
CA LYS M 66 48.84 -19.30 -2.75
C LYS M 66 49.79 -18.32 -2.04
N VAL M 67 49.24 -17.42 -1.22
CA VAL M 67 50.09 -16.50 -0.45
C VAL M 67 50.73 -17.22 0.73
N LYS M 68 50.05 -18.21 1.31
CA LYS M 68 50.72 -19.01 2.33
C LYS M 68 51.92 -19.72 1.70
N ALA M 69 51.72 -20.22 0.48
CA ALA M 69 52.77 -20.87 -0.29
C ALA M 69 53.92 -19.92 -0.65
N HIS M 70 53.60 -18.69 -1.04
CA HIS M 70 54.61 -17.68 -1.35
C HIS M 70 55.41 -17.31 -0.10
N SER M 71 54.69 -17.20 1.01
CA SER M 71 55.30 -16.87 2.28
C SER M 71 56.26 -17.97 2.67
N GLN M 72 55.89 -19.20 2.34
CA GLN M 72 56.69 -20.35 2.73
C GLN M 72 57.92 -20.51 1.85
N THR M 73 57.75 -20.34 0.54
CA THR M 73 58.85 -20.38 -0.40
C THR M 73 59.85 -19.27 -0.06
N HIS M 74 59.34 -18.16 0.48
CA HIS M 74 60.24 -17.13 0.97
C HIS M 74 60.97 -17.62 2.24
N ARG M 75 60.21 -18.14 3.21
CA ARG M 75 60.75 -18.58 4.51
C ARG M 75 61.86 -19.59 4.36
N VAL M 76 61.81 -20.32 3.26
CA VAL M 76 62.84 -21.30 2.94
C VAL M 76 63.97 -20.72 2.05
N ASP M 77 63.59 -19.93 1.05
CA ASP M 77 64.55 -19.30 0.14
C ASP M 77 65.56 -18.40 0.84
N LEU M 78 65.12 -17.63 1.82
CA LEU M 78 66.07 -16.77 2.54
C LEU M 78 67.06 -17.60 3.34
N GLY M 79 66.59 -18.73 3.88
CA GLY M 79 67.47 -19.64 4.59
C GLY M 79 68.52 -20.19 3.65
N THR M 80 68.12 -20.49 2.42
CA THR M 80 69.06 -20.99 1.42
C THR M 80 70.09 -19.92 1.05
N LEU M 81 69.59 -18.77 0.59
CA LEU M 81 70.45 -17.69 0.11
C LEU M 81 71.42 -17.17 1.17
N ARG M 82 70.95 -17.08 2.41
CA ARG M 82 71.83 -16.69 3.51
C ARG M 82 72.74 -17.88 3.84
N GLY M 83 72.30 -19.07 3.47
CA GLY M 83 73.07 -20.28 3.67
C GLY M 83 74.22 -20.48 2.69
N TYR M 84 74.14 -19.84 1.52
CA TYR M 84 75.11 -20.09 0.47
C TYR M 84 76.02 -18.91 0.16
N TYR M 85 75.75 -17.77 0.78
CA TYR M 85 76.71 -16.68 0.79
C TYR M 85 77.56 -16.86 2.03
N ASN M 86 77.96 -15.75 2.64
CA ASN M 86 78.69 -15.80 3.90
C ASN M 86 78.06 -14.88 4.94
N GLN M 87 77.18 -15.45 5.76
CA GLN M 87 76.44 -14.70 6.75
C GLN M 87 76.55 -15.29 8.14
N SER M 88 75.94 -14.59 9.08
CA SER M 88 75.75 -15.07 10.44
C SER M 88 74.25 -15.02 10.67
N GLU M 89 73.72 -15.98 11.43
CA GLU M 89 72.28 -16.05 11.63
C GLU M 89 71.82 -14.86 12.48
N ALA M 90 72.78 -14.16 13.06
CA ALA M 90 72.53 -12.92 13.78
C ALA M 90 72.14 -11.79 12.84
N GLY M 91 72.36 -12.00 11.54
CA GLY M 91 72.03 -11.00 10.54
C GLY M 91 70.55 -10.87 10.24
N SER M 92 70.19 -9.76 9.59
CA SER M 92 68.81 -9.48 9.22
C SER M 92 68.85 -9.10 7.75
N HIS M 93 68.35 -10.01 6.92
CA HIS M 93 68.43 -9.82 5.48
C HIS M 93 67.07 -9.73 4.81
N THR M 94 67.06 -9.34 3.54
CA THR M 94 65.81 -9.10 2.85
C THR M 94 65.73 -9.80 1.49
N VAL M 95 64.58 -10.43 1.26
CA VAL M 95 64.25 -11.17 0.06
C VAL M 95 62.95 -10.65 -0.55
N GLN M 96 63.02 -10.02 -1.72
CA GLN M 96 61.80 -9.48 -2.34
C GLN M 96 61.59 -9.97 -3.75
N ARG M 97 60.33 -10.22 -4.10
CA ARG M 97 60.02 -10.75 -5.41
C ARG M 97 59.00 -9.87 -6.11
N MET M 98 58.88 -10.06 -7.41
CA MET M 98 57.95 -9.28 -8.21
C MET M 98 57.67 -10.11 -9.45
N TYR M 99 56.41 -10.16 -9.88
CA TYR M 99 56.13 -10.74 -11.20
C TYR M 99 54.79 -10.28 -11.77
N GLY M 100 54.72 -10.19 -13.09
CA GLY M 100 53.48 -9.80 -13.72
C GLY M 100 53.60 -9.47 -15.19
N CYS M 101 52.49 -9.00 -15.74
CA CYS M 101 52.32 -8.87 -17.17
C CYS M 101 51.91 -7.45 -17.47
N ASP M 102 52.13 -7.00 -18.69
CA ASP M 102 51.66 -5.70 -19.10
C ASP M 102 50.68 -5.90 -20.24
N VAL M 103 49.86 -4.90 -20.51
CA VAL M 103 48.86 -4.99 -21.55
C VAL M 103 48.76 -3.67 -22.31
N GLY M 104 48.48 -3.75 -23.61
CA GLY M 104 48.40 -2.57 -24.44
C GLY M 104 47.04 -1.90 -24.46
N SER M 105 46.89 -0.96 -25.39
CA SER M 105 45.65 -0.21 -25.56
C SER M 105 44.56 -1.14 -26.09
N ASP M 106 44.98 -2.11 -26.89
CA ASP M 106 44.11 -3.16 -27.39
C ASP M 106 43.87 -4.23 -26.33
N TRP M 107 44.36 -3.97 -25.12
CA TRP M 107 44.24 -4.87 -23.98
C TRP M 107 44.86 -6.23 -24.22
N ARG M 108 45.60 -6.37 -25.32
CA ARG M 108 46.24 -7.63 -25.62
C ARG M 108 47.63 -7.65 -25.00
N PHE M 109 48.25 -8.82 -24.97
CA PHE M 109 49.47 -9.03 -24.22
C PHE M 109 50.61 -8.13 -24.64
N LEU M 110 50.99 -7.24 -23.74
CA LEU M 110 52.26 -6.56 -23.83
C LEU M 110 53.20 -7.42 -22.99
N ARG M 111 54.50 -7.25 -23.18
CA ARG M 111 55.45 -8.20 -22.59
C ARG M 111 55.44 -8.16 -21.06
N GLY M 112 55.69 -9.32 -20.45
CA GLY M 112 55.63 -9.46 -19.02
C GLY M 112 56.99 -9.60 -18.35
N TYR M 113 56.98 -9.66 -17.03
CA TYR M 113 58.22 -9.70 -16.25
C TYR M 113 58.09 -10.65 -15.07
N HIS M 114 59.24 -11.02 -14.52
CA HIS M 114 59.35 -11.90 -13.37
C HIS M 114 60.75 -11.80 -12.78
N GLN M 115 60.86 -11.07 -11.68
CA GLN M 115 62.16 -10.75 -11.11
C GLN M 115 62.24 -10.95 -9.62
N TYR M 116 63.45 -11.17 -9.15
CA TYR M 116 63.72 -11.35 -7.74
C TYR M 116 64.79 -10.34 -7.33
N ALA M 117 65.01 -10.24 -6.02
CA ALA M 117 66.05 -9.38 -5.47
C ALA M 117 66.39 -9.86 -4.06
N TYR M 118 67.68 -10.02 -3.81
CA TYR M 118 68.16 -10.34 -2.48
C TYR M 118 68.34 -9.06 -1.69
N ASP M 119 69.29 -9.07 -0.74
CA ASP M 119 69.63 -7.88 0.02
C ASP M 119 69.99 -6.76 -0.95
N GLY M 120 70.88 -7.07 -1.89
CA GLY M 120 71.31 -6.12 -2.90
C GLY M 120 70.21 -5.78 -3.90
N LYS M 121 70.62 -5.33 -5.08
CA LYS M 121 69.68 -4.91 -6.12
C LYS M 121 69.16 -6.05 -6.99
N ASP M 122 69.78 -6.27 -8.15
CA ASP M 122 69.31 -7.28 -9.08
C ASP M 122 70.02 -8.61 -8.83
N TYR M 123 69.23 -9.66 -8.59
CA TYR M 123 69.76 -11.00 -8.41
C TYR M 123 69.30 -11.87 -9.58
N ILE M 124 68.02 -12.22 -9.60
CA ILE M 124 67.44 -12.93 -10.74
C ILE M 124 66.20 -12.23 -11.28
N ALA M 125 66.20 -11.98 -12.59
CA ALA M 125 65.08 -11.33 -13.26
C ALA M 125 64.78 -12.05 -14.57
N LEU M 126 63.50 -12.20 -14.90
CA LEU M 126 63.12 -12.72 -16.19
C LEU M 126 63.47 -11.68 -17.25
N LYS M 127 64.05 -12.14 -18.36
CA LYS M 127 64.39 -11.25 -19.44
C LYS M 127 63.13 -10.99 -20.28
N GLU M 128 63.22 -10.00 -21.17
CA GLU M 128 62.12 -9.55 -22.02
C GLU M 128 61.80 -10.58 -23.11
N ASP M 129 62.28 -11.82 -22.91
CA ASP M 129 62.10 -12.90 -23.87
C ASP M 129 61.26 -14.03 -23.25
N LEU M 130 61.48 -15.24 -23.75
CA LEU M 130 60.67 -16.40 -23.35
C LEU M 130 61.39 -17.27 -22.31
N ARG M 131 62.53 -17.81 -22.69
CA ARG M 131 63.22 -18.82 -21.89
C ARG M 131 64.35 -18.24 -21.04
N SER M 132 64.77 -17.02 -21.35
CA SER M 132 65.95 -16.43 -20.74
C SER M 132 65.78 -15.96 -19.30
N TRP M 133 66.91 -15.76 -18.62
CA TRP M 133 66.97 -15.22 -17.27
C TRP M 133 68.07 -14.18 -17.25
N THR M 134 68.09 -13.33 -16.23
CA THR M 134 69.19 -12.40 -16.08
C THR M 134 69.94 -12.62 -14.76
N ALA M 135 71.12 -13.22 -14.88
CA ALA M 135 72.00 -13.45 -13.74
C ALA M 135 73.33 -12.76 -13.97
N ALA M 136 73.93 -12.26 -12.89
CA ALA M 136 75.21 -11.58 -12.96
C ALA M 136 76.06 -11.98 -11.75
N ASP M 137 75.55 -12.94 -10.98
CA ASP M 137 76.20 -13.45 -9.79
C ASP M 137 76.81 -14.82 -10.06
N MET M 138 77.15 -15.55 -9.00
CA MET M 138 77.68 -16.90 -9.12
C MET M 138 76.65 -17.90 -8.64
N ALA M 139 75.99 -17.57 -7.54
CA ALA M 139 74.90 -18.38 -7.01
C ALA M 139 73.68 -18.27 -7.91
N ALA M 140 73.52 -17.10 -8.53
CA ALA M 140 72.42 -16.84 -9.45
C ALA M 140 72.44 -17.80 -10.61
N GLN M 141 73.64 -18.11 -11.08
CA GLN M 141 73.79 -19.02 -12.21
C GLN M 141 73.37 -20.43 -11.84
N THR M 142 73.73 -20.85 -10.65
CA THR M 142 73.41 -22.19 -10.17
C THR M 142 71.92 -22.35 -9.89
N THR M 143 71.30 -21.32 -9.32
CA THR M 143 69.87 -21.39 -9.06
C THR M 143 69.06 -21.22 -10.35
N LYS M 144 69.62 -20.52 -11.32
CA LYS M 144 68.96 -20.37 -12.61
C LYS M 144 69.13 -21.66 -13.37
N HIS M 145 70.15 -22.45 -13.00
CA HIS M 145 70.25 -23.83 -13.46
C HIS M 145 69.16 -24.64 -12.80
N LYS M 146 68.91 -24.36 -11.52
CA LYS M 146 67.85 -25.03 -10.78
C LYS M 146 66.47 -24.74 -11.40
N TRP M 147 66.35 -23.61 -12.10
CA TRP M 147 65.11 -23.29 -12.79
C TRP M 147 65.17 -23.64 -14.28
N GLU M 148 66.38 -23.92 -14.76
CA GLU M 148 66.58 -24.40 -16.12
C GLU M 148 66.27 -25.89 -16.17
N ALA M 149 66.40 -26.56 -15.02
CA ALA M 149 66.13 -27.99 -14.90
C ALA M 149 64.64 -28.26 -14.67
N ALA M 150 64.00 -27.45 -13.85
CA ALA M 150 62.59 -27.65 -13.52
C ALA M 150 61.70 -27.13 -14.64
N HIS M 151 62.31 -26.43 -15.59
CA HIS M 151 61.62 -25.85 -16.73
C HIS M 151 60.47 -24.95 -16.29
N VAL M 152 60.82 -23.96 -15.49
CA VAL M 152 59.86 -23.05 -14.88
C VAL M 152 59.47 -21.90 -15.84
N ALA M 153 60.41 -21.41 -16.64
CA ALA M 153 60.21 -20.22 -17.47
C ALA M 153 58.98 -20.26 -18.39
N GLU M 154 58.75 -21.40 -19.03
CA GLU M 154 57.64 -21.54 -19.98
C GLU M 154 56.32 -21.83 -19.25
N GLN M 155 56.44 -22.51 -18.12
CA GLN M 155 55.28 -22.83 -17.28
C GLN M 155 54.87 -21.58 -16.49
N LEU M 156 55.73 -20.56 -16.54
CA LEU M 156 55.51 -19.26 -15.93
C LEU M 156 55.02 -18.32 -17.01
N ARG M 157 55.44 -18.62 -18.24
CA ARG M 157 55.00 -17.92 -19.44
C ARG M 157 53.56 -18.28 -19.75
N ALA M 158 53.17 -19.48 -19.36
CA ALA M 158 51.78 -19.93 -19.49
C ALA M 158 50.92 -19.25 -18.44
N TYR M 159 51.56 -18.56 -17.50
CA TYR M 159 50.85 -17.78 -16.49
C TYR M 159 50.85 -16.30 -16.87
N LEU M 160 51.93 -15.85 -17.50
CA LEU M 160 52.06 -14.46 -17.89
C LEU M 160 51.00 -14.18 -18.95
N GLU M 161 50.70 -15.22 -19.73
CA GLU M 161 49.59 -15.22 -20.68
C GLU M 161 48.58 -16.32 -20.40
N GLY M 162 47.33 -15.95 -20.19
CA GLY M 162 46.25 -16.91 -20.05
C GLY M 162 45.83 -17.10 -18.61
N THR M 163 46.54 -16.45 -17.70
CA THR M 163 46.19 -16.49 -16.28
C THR M 163 46.32 -15.12 -15.65
N CYS M 164 47.42 -14.42 -15.96
CA CYS M 164 47.61 -13.05 -15.51
C CYS M 164 46.82 -12.05 -16.35
N VAL M 165 46.70 -12.35 -17.65
CA VAL M 165 46.17 -11.38 -18.60
C VAL M 165 44.64 -11.30 -18.65
N GLU M 166 43.98 -12.46 -18.70
CA GLU M 166 42.51 -12.46 -18.78
C GLU M 166 41.87 -12.13 -17.43
N TRP M 167 42.59 -12.43 -16.34
CA TRP M 167 42.16 -11.99 -15.00
C TRP M 167 42.36 -10.49 -14.84
N LEU M 168 43.39 -9.97 -15.50
CA LEU M 168 43.69 -8.54 -15.47
C LEU M 168 42.60 -7.76 -16.19
N ARG M 169 42.24 -8.23 -17.39
CA ARG M 169 41.15 -7.61 -18.15
C ARG M 169 39.84 -7.81 -17.43
N ARG M 170 39.72 -8.94 -16.74
CA ARG M 170 38.54 -9.26 -15.96
C ARG M 170 38.38 -8.19 -14.90
N TYR M 171 39.51 -7.74 -14.36
CA TYR M 171 39.52 -6.66 -13.39
C TYR M 171 39.18 -5.35 -14.07
N LEU M 172 39.57 -5.22 -15.34
CA LEU M 172 39.31 -3.97 -16.05
C LEU M 172 37.84 -3.84 -16.46
N GLU M 173 37.12 -4.95 -16.48
CA GLU M 173 35.69 -4.91 -16.76
C GLU M 173 34.85 -5.00 -15.48
N ASN M 174 35.46 -5.47 -14.40
CA ASN M 174 34.77 -5.52 -13.11
C ASN M 174 34.88 -4.23 -12.30
N GLY M 175 35.76 -3.32 -12.73
CA GLY M 175 35.90 -2.05 -12.06
C GLY M 175 35.98 -0.88 -13.03
N LYS M 176 35.27 -0.99 -14.15
CA LYS M 176 35.36 0.05 -15.18
C LYS M 176 34.86 1.40 -14.66
N GLU M 177 33.93 1.36 -13.72
CA GLU M 177 33.37 2.59 -13.17
C GLU M 177 34.43 3.32 -12.35
N THR M 178 35.39 2.57 -11.81
CA THR M 178 36.50 3.15 -11.07
C THR M 178 37.78 3.17 -11.92
N LEU M 179 37.68 2.65 -13.14
CA LEU M 179 38.83 2.63 -14.05
C LEU M 179 38.48 3.21 -15.42
N GLN M 180 37.41 3.99 -15.47
CA GLN M 180 37.10 4.79 -16.64
C GLN M 180 37.81 6.12 -16.49
N ARG M 181 38.26 6.40 -15.27
CA ARG M 181 38.75 7.73 -14.95
C ARG M 181 40.25 7.88 -15.12
N THR M 182 40.64 8.68 -16.12
CA THR M 182 42.02 9.11 -16.28
C THR M 182 42.09 10.58 -15.81
N ASP M 183 42.16 10.74 -14.50
CA ASP M 183 42.03 12.04 -13.84
C ASP M 183 43.07 13.07 -14.29
N ALA M 184 42.61 14.12 -14.95
CA ALA M 184 43.50 15.21 -15.35
C ALA M 184 43.89 16.01 -14.12
N PRO M 185 45.17 16.38 -14.01
CA PRO M 185 45.66 17.23 -12.92
C PRO M 185 45.30 18.70 -13.12
N LYS M 186 44.86 19.37 -12.06
CA LYS M 186 44.50 20.78 -12.18
C LYS M 186 45.68 21.67 -11.83
N THR M 187 46.00 22.59 -12.75
CA THR M 187 47.18 23.42 -12.65
C THR M 187 46.86 24.89 -12.44
N HIS M 188 47.80 25.59 -11.80
CA HIS M 188 47.73 27.03 -11.62
C HIS M 188 49.03 27.52 -12.21
N MET M 189 49.50 28.66 -11.73
CA MET M 189 50.78 29.24 -12.18
C MET M 189 51.13 30.40 -11.19
N THR M 190 52.07 30.06 -10.32
CA THR M 190 52.25 30.52 -8.98
C THR M 190 53.80 30.77 -8.57
N HIS M 191 54.15 31.78 -7.71
CA HIS M 191 55.56 32.18 -7.43
C HIS M 191 55.83 32.54 -5.97
N HIS M 192 57.08 32.36 -5.50
CA HIS M 192 57.62 32.85 -4.21
C HIS M 192 59.13 33.20 -4.32
N ALA M 193 59.51 34.37 -3.81
CA ALA M 193 60.90 34.84 -3.87
C ALA M 193 61.61 35.02 -2.51
N VAL M 194 62.90 34.66 -2.47
CA VAL M 194 63.71 34.79 -1.25
C VAL M 194 64.75 35.92 -1.30
N SER M 195 65.49 36.00 -2.40
CA SER M 195 66.44 37.09 -2.60
C SER M 195 65.82 38.24 -3.38
N ASP M 196 66.41 39.42 -3.23
CA ASP M 196 66.00 40.57 -4.03
C ASP M 196 66.42 40.23 -5.46
N HIS M 197 67.49 39.44 -5.56
CA HIS M 197 68.03 39.01 -6.84
C HIS M 197 68.28 37.50 -6.84
N LEU M 201 59.26 29.98 -9.92
CA LEU M 201 57.83 29.84 -9.69
C LEU M 201 57.54 28.45 -9.10
N ARG M 202 56.54 27.78 -9.66
CA ARG M 202 56.12 26.47 -9.14
C ARG M 202 55.21 25.84 -10.23
N CYS M 203 55.69 24.71 -10.78
CA CYS M 203 54.99 23.85 -11.77
C CYS M 203 54.69 22.52 -11.12
N TRP M 204 53.40 22.24 -11.03
CA TRP M 204 52.90 21.22 -10.13
C TRP M 204 51.64 20.54 -10.62
N ALA M 205 51.37 19.33 -10.15
CA ALA M 205 50.05 18.75 -10.37
C ALA M 205 49.53 18.16 -9.08
N LEU M 206 48.22 18.19 -8.94
CA LEU M 206 47.57 17.90 -7.67
C LEU M 206 46.70 16.65 -7.66
N SER M 207 45.88 16.48 -8.70
CA SER M 207 44.92 15.38 -8.70
C SER M 207 44.89 14.61 -10.02
N PHE M 208 45.60 13.50 -10.08
CA PHE M 208 45.65 12.66 -11.28
C PHE M 208 45.60 11.15 -10.98
N TYR M 209 44.95 10.41 -11.87
CA TYR M 209 44.68 8.99 -11.62
C TYR M 209 45.83 8.03 -12.00
N PRO M 210 46.32 8.05 -13.26
CA PRO M 210 47.60 7.34 -13.41
C PRO M 210 48.78 8.18 -12.92
N ALA M 211 49.72 7.56 -12.23
CA ALA M 211 50.90 8.25 -11.71
C ALA M 211 51.87 8.74 -12.79
N GLU M 212 51.84 8.10 -13.97
CA GLU M 212 52.80 8.40 -15.03
C GLU M 212 52.53 9.70 -15.77
N ILE M 213 53.39 10.70 -15.53
CA ILE M 213 53.26 12.02 -16.15
C ILE M 213 54.60 12.65 -16.40
N THR M 214 54.82 13.16 -17.60
CA THR M 214 56.05 13.92 -17.86
C THR M 214 55.84 15.42 -17.74
N LEU M 215 56.75 16.02 -17.00
CA LEU M 215 56.72 17.45 -16.66
C LEU M 215 57.86 18.26 -17.18
N THR M 216 57.83 18.50 -18.48
CA THR M 216 58.91 19.23 -19.09
C THR M 216 58.94 20.67 -18.57
N TRP M 217 60.14 21.15 -18.29
CA TRP M 217 60.33 22.45 -17.64
C TRP M 217 60.70 23.48 -18.68
N GLN M 218 60.19 23.30 -19.89
CA GLN M 218 60.71 24.07 -21.02
C GLN M 218 60.25 25.52 -20.98
N GLU M 222 65.84 24.38 -24.56
CA GLU M 222 66.88 24.30 -23.55
C GLU M 222 66.69 23.08 -22.63
N ASP M 223 67.81 22.47 -22.26
CA ASP M 223 67.81 21.36 -21.31
C ASP M 223 68.58 21.77 -20.05
N GLN M 224 68.35 21.08 -18.94
CA GLN M 224 68.91 21.49 -17.66
C GLN M 224 69.78 20.39 -17.09
N THR M 225 70.60 20.74 -16.11
CA THR M 225 71.48 19.77 -15.47
C THR M 225 71.73 20.19 -14.02
N GLN M 226 71.33 21.41 -13.68
CA GLN M 226 71.76 22.03 -12.44
C GLN M 226 70.62 22.58 -11.57
N ASP M 227 69.64 23.21 -12.21
CA ASP M 227 68.62 23.96 -11.47
C ASP M 227 67.49 23.12 -10.85
N THR M 228 67.07 22.07 -11.54
CA THR M 228 65.95 21.27 -11.04
C THR M 228 66.33 20.19 -10.04
N GLU M 229 65.48 20.06 -9.02
CA GLU M 229 65.57 19.01 -8.03
C GLU M 229 64.46 18.01 -8.29
N LEU M 230 64.83 16.81 -8.72
CA LEU M 230 63.84 15.80 -9.05
C LEU M 230 63.21 15.25 -7.78
N VAL M 231 61.88 15.33 -7.76
CA VAL M 231 61.13 14.82 -6.64
C VAL M 231 60.34 13.60 -7.09
N GLU M 232 60.05 12.69 -6.16
CA GLU M 232 59.31 11.51 -6.52
C GLU M 232 57.82 11.82 -6.55
N THR M 233 57.08 11.07 -7.34
CA THR M 233 55.64 11.23 -7.42
C THR M 233 55.06 10.71 -6.12
N ARG M 234 54.03 11.39 -5.63
CA ARG M 234 53.53 11.15 -4.28
C ARG M 234 52.02 10.95 -4.21
N PRO M 235 51.58 10.03 -3.34
CA PRO M 235 50.19 9.63 -3.07
C PRO M 235 49.38 10.63 -2.26
N ALA M 236 48.17 10.90 -2.71
CA ALA M 236 47.24 11.75 -1.98
C ALA M 236 46.28 10.91 -1.15
N GLY M 237 46.64 9.64 -0.96
CA GLY M 237 45.92 8.76 -0.06
C GLY M 237 44.51 8.35 -0.48
N ASP M 238 44.09 8.76 -1.67
CA ASP M 238 42.73 8.48 -2.14
C ASP M 238 42.72 7.74 -3.48
N GLY M 239 43.88 7.60 -4.08
CA GLY M 239 44.00 6.99 -5.40
C GLY M 239 44.51 8.01 -6.39
N THR M 240 44.75 9.22 -5.90
CA THR M 240 45.32 10.27 -6.72
C THR M 240 46.75 10.54 -6.28
N PHE M 241 47.49 11.27 -7.10
CA PHE M 241 48.90 11.53 -6.85
C PHE M 241 49.24 12.99 -7.02
N GLN M 242 50.42 13.37 -6.56
CA GLN M 242 50.85 14.76 -6.61
C GLN M 242 52.31 14.84 -7.03
N LYS M 243 52.72 15.94 -7.63
CA LYS M 243 54.14 16.18 -7.91
C LYS M 243 54.53 17.64 -7.73
N TRP M 244 55.76 17.83 -7.27
CA TRP M 244 56.25 19.11 -6.82
C TRP M 244 57.49 19.60 -7.60
N ALA M 245 57.28 20.32 -8.71
CA ALA M 245 58.42 20.77 -9.52
C ALA M 245 58.65 22.28 -9.43
N ALA M 246 59.82 22.68 -8.94
CA ALA M 246 60.09 24.10 -8.68
C ALA M 246 61.43 24.52 -9.29
N VAL M 247 61.52 25.79 -9.69
CA VAL M 247 62.70 26.36 -10.33
C VAL M 247 62.89 27.82 -9.92
N VAL M 248 64.12 28.23 -9.61
CA VAL M 248 64.33 29.63 -9.25
C VAL M 248 65.21 30.38 -10.25
N VAL M 249 64.82 31.61 -10.54
CA VAL M 249 65.50 32.46 -11.51
C VAL M 249 65.30 33.91 -11.03
N PRO M 250 66.23 34.82 -11.37
CA PRO M 250 66.16 36.27 -11.11
C PRO M 250 64.78 36.87 -11.41
N SER M 251 64.37 37.86 -10.63
CA SER M 251 62.98 38.32 -10.57
C SER M 251 62.31 38.98 -11.80
N GLY M 252 63.02 39.17 -12.91
CA GLY M 252 62.40 39.86 -14.03
C GLY M 252 62.35 39.16 -15.38
N GLN M 253 63.00 38.01 -15.47
CA GLN M 253 63.01 37.22 -16.71
C GLN M 253 62.45 35.83 -16.43
N GLU M 254 61.64 35.75 -15.37
CA GLU M 254 60.92 34.53 -15.02
C GLU M 254 59.56 34.75 -15.61
N GLN M 255 59.51 34.98 -16.92
CA GLN M 255 58.29 35.48 -17.53
C GLN M 255 58.11 35.23 -19.03
N ARG M 256 58.94 34.38 -19.66
CA ARG M 256 58.73 34.07 -21.08
C ARG M 256 58.54 32.57 -21.20
N TYR M 257 59.10 31.87 -20.21
CA TYR M 257 59.13 30.42 -20.18
C TYR M 257 57.76 29.89 -19.83
N THR M 258 57.52 28.62 -20.11
CA THR M 258 56.32 27.96 -19.63
C THR M 258 56.64 26.52 -19.22
N CYS M 259 55.72 25.89 -18.49
CA CYS M 259 55.85 24.47 -18.14
C CYS M 259 54.77 23.65 -18.83
N HIS M 260 55.16 22.82 -19.80
CA HIS M 260 54.24 21.93 -20.49
C HIS M 260 54.13 20.56 -19.82
N VAL M 261 52.93 19.99 -19.84
CA VAL M 261 52.64 18.72 -19.16
C VAL M 261 52.06 17.67 -20.10
N GLN M 262 52.59 16.46 -20.07
CA GLN M 262 51.97 15.36 -20.80
C GLN M 262 51.48 14.27 -19.85
N HIS M 263 50.19 13.96 -19.99
CA HIS M 263 49.50 12.99 -19.16
C HIS M 263 48.60 12.14 -20.06
N GLU M 264 48.21 10.96 -19.59
CA GLU M 264 47.36 10.05 -20.36
C GLU M 264 45.93 10.58 -20.39
N GLY M 265 45.53 11.18 -19.27
CA GLY M 265 44.23 11.81 -19.13
C GLY M 265 44.22 13.22 -19.66
N LEU M 266 45.31 13.61 -20.33
CA LEU M 266 45.40 14.90 -20.99
C LEU M 266 45.45 14.62 -22.48
N PRO M 267 44.35 14.94 -23.19
CA PRO M 267 44.28 14.68 -24.63
C PRO M 267 45.24 15.57 -25.39
N LYS M 268 45.49 16.75 -24.83
CA LYS M 268 46.38 17.74 -25.42
C LYS M 268 47.48 18.15 -24.46
N PRO M 269 48.69 18.40 -24.99
CA PRO M 269 49.77 18.94 -24.13
C PRO M 269 49.38 20.32 -23.64
N LEU M 270 49.53 20.57 -22.36
CA LEU M 270 49.10 21.84 -21.76
C LEU M 270 50.14 22.95 -21.72
N THR M 271 49.72 24.11 -22.20
CA THR M 271 50.52 25.33 -22.14
C THR M 271 50.45 25.98 -20.76
N LEU N 1 44.61 -15.60 -10.17
CA LEU N 1 45.40 -14.43 -10.50
C LEU N 1 46.87 -14.63 -10.09
N LEU N 2 47.10 -15.29 -8.97
CA LEU N 2 48.45 -15.54 -8.50
C LEU N 2 49.12 -16.69 -9.23
N PHE N 3 50.45 -16.65 -9.24
CA PHE N 3 51.23 -17.73 -9.81
C PHE N 3 51.11 -18.94 -8.90
N GLY N 4 50.72 -20.07 -9.47
CA GLY N 4 50.33 -21.22 -8.69
C GLY N 4 51.41 -22.27 -8.54
N TYR N 5 52.62 -21.97 -9.01
CA TYR N 5 53.73 -22.91 -8.86
C TYR N 5 54.73 -22.45 -7.82
N PRO N 6 55.13 -23.37 -6.92
CA PRO N 6 56.08 -23.06 -5.87
C PRO N 6 57.49 -22.90 -6.43
N VAL N 7 57.90 -21.66 -6.64
CA VAL N 7 59.24 -21.40 -7.17
C VAL N 7 60.24 -21.43 -6.02
N TYR N 8 61.37 -22.09 -6.25
CA TYR N 8 62.37 -22.29 -5.21
C TYR N 8 63.73 -21.86 -5.74
N VAL N 9 64.57 -21.31 -4.86
CA VAL N 9 65.87 -20.80 -5.30
C VAL N 9 67.00 -21.73 -4.86
N MET O 1 72.77 -4.77 2.55
CA MET O 1 74.18 -4.53 2.77
C MET O 1 74.55 -3.16 2.21
N ILE O 2 73.64 -2.59 1.42
CA ILE O 2 73.82 -1.27 0.85
C ILE O 2 72.88 -0.29 1.53
N GLN O 3 73.34 0.96 1.71
CA GLN O 3 72.51 1.96 2.37
C GLN O 3 72.03 2.96 1.35
N ARG O 4 70.75 3.32 1.46
CA ARG O 4 70.16 4.29 0.57
C ARG O 4 69.45 5.38 1.35
N THR O 5 69.53 6.60 0.84
CA THR O 5 68.94 7.73 1.54
C THR O 5 67.42 7.70 1.37
N PRO O 6 66.70 7.73 2.50
CA PRO O 6 65.25 7.79 2.42
C PRO O 6 64.82 9.20 2.04
N LYS O 7 63.86 9.32 1.13
CA LYS O 7 63.32 10.62 0.81
C LYS O 7 61.99 10.73 1.54
N ILE O 8 61.96 11.59 2.55
CA ILE O 8 60.75 11.79 3.34
C ILE O 8 60.11 13.05 2.81
N GLN O 9 58.79 13.06 2.74
CA GLN O 9 58.10 14.15 2.08
C GLN O 9 56.78 14.39 2.80
N VAL O 10 56.73 15.46 3.58
CA VAL O 10 55.55 15.77 4.37
C VAL O 10 54.68 16.73 3.57
N TYR O 11 53.39 16.40 3.47
CA TYR O 11 52.46 17.19 2.68
C TYR O 11 51.01 16.88 3.03
N SER O 12 50.10 17.43 2.23
CA SER O 12 48.67 17.25 2.45
C SER O 12 47.98 16.66 1.22
N ARG O 13 46.94 15.87 1.46
CA ARG O 13 46.17 15.23 0.39
C ARG O 13 45.41 16.28 -0.43
N HIS O 14 44.87 17.29 0.25
CA HIS O 14 44.22 18.41 -0.42
C HIS O 14 44.89 19.74 -0.07
N PRO O 15 44.78 20.73 -0.98
CA PRO O 15 45.22 22.11 -0.77
C PRO O 15 44.74 22.65 0.58
N ALA O 16 45.65 23.21 1.35
CA ALA O 16 45.34 23.62 2.72
C ALA O 16 44.33 24.76 2.76
N GLU O 17 43.26 24.57 3.52
CA GLU O 17 42.25 25.59 3.73
C GLU O 17 42.00 25.78 5.23
N ASN O 18 41.80 27.03 5.64
CA ASN O 18 41.68 27.34 7.07
C ASN O 18 40.40 26.81 7.71
N GLY O 19 40.54 25.76 8.52
CA GLY O 19 39.42 25.24 9.29
C GLY O 19 38.76 24.03 8.66
N LYS O 20 39.15 23.71 7.42
CA LYS O 20 38.55 22.60 6.71
C LYS O 20 39.39 21.34 6.85
N SER O 21 38.76 20.25 7.30
CA SER O 21 39.45 18.98 7.54
C SER O 21 40.20 18.47 6.33
N ASN O 22 41.31 17.77 6.59
CA ASN O 22 42.17 17.22 5.55
C ASN O 22 43.00 16.07 6.12
N PHE O 23 43.98 15.62 5.36
CA PHE O 23 44.85 14.54 5.81
C PHE O 23 46.32 14.95 5.77
N LEU O 24 47.03 14.69 6.87
CA LEU O 24 48.48 14.83 6.92
C LEU O 24 49.12 13.56 6.38
N ASN O 25 50.07 13.72 5.45
CA ASN O 25 50.77 12.57 4.88
C ASN O 25 52.28 12.76 4.79
N CYS O 26 53.00 11.94 5.55
CA CYS O 26 54.46 11.87 5.51
C CYS O 26 54.79 10.63 4.68
N TYR O 27 55.31 10.88 3.47
CA TYR O 27 55.57 9.81 2.51
C TYR O 27 57.07 9.61 2.32
N VAL O 28 57.57 8.43 2.68
CA VAL O 28 59.01 8.15 2.59
C VAL O 28 59.32 7.06 1.55
N SER O 29 60.38 7.25 0.77
CA SER O 29 60.71 6.31 -0.31
C SER O 29 62.16 6.37 -0.78
N GLY O 30 62.67 5.25 -1.30
CA GLY O 30 64.01 5.21 -1.84
C GLY O 30 65.03 4.56 -0.92
N PHE O 31 64.58 4.21 0.29
CA PHE O 31 65.42 3.62 1.31
C PHE O 31 65.55 2.09 1.21
N HIS O 32 66.55 1.55 1.91
CA HIS O 32 66.76 0.10 2.01
C HIS O 32 67.77 -0.19 3.11
N PRO O 33 67.44 -1.11 4.02
CA PRO O 33 66.19 -1.89 4.11
C PRO O 33 65.00 -1.11 4.66
N SER O 34 63.89 -1.82 4.85
CA SER O 34 62.61 -1.22 5.21
C SER O 34 62.39 -0.99 6.71
N ASP O 35 63.41 -1.19 7.53
CA ASP O 35 63.29 -0.95 8.97
C ASP O 35 63.38 0.56 9.22
N ILE O 36 62.22 1.21 9.32
CA ILE O 36 62.16 2.68 9.42
C ILE O 36 61.30 3.13 10.59
N GLU O 37 61.81 4.06 11.39
CA GLU O 37 61.04 4.54 12.53
C GLU O 37 60.56 5.97 12.37
N VAL O 38 59.25 6.15 12.26
CA VAL O 38 58.67 7.47 12.02
C VAL O 38 57.68 7.83 13.11
N ASP O 39 57.58 9.13 13.39
CA ASP O 39 56.57 9.63 14.29
C ASP O 39 56.08 10.96 13.75
N LEU O 40 54.77 11.09 13.59
CA LEU O 40 54.19 12.35 13.20
C LEU O 40 54.02 13.19 14.45
N LEU O 41 54.41 14.45 14.37
CA LEU O 41 54.28 15.32 15.52
C LEU O 41 53.38 16.47 15.15
N LYS O 42 53.10 17.30 16.15
CA LYS O 42 52.27 18.47 15.98
C LYS O 42 53.09 19.63 16.49
N ASN O 43 53.00 19.87 17.79
CA ASN O 43 53.73 20.96 18.40
C ASN O 43 54.91 20.39 19.21
N GLY O 44 54.65 19.31 19.94
CA GLY O 44 55.70 18.55 20.59
C GLY O 44 55.70 17.10 20.09
N GLU O 45 54.73 16.35 20.60
CA GLU O 45 54.45 14.96 20.28
C GLU O 45 53.05 14.76 20.80
N ARG O 46 52.17 14.17 20.00
CA ARG O 46 50.78 14.12 20.44
C ARG O 46 50.00 12.94 19.89
N ILE O 47 50.03 12.75 18.58
CA ILE O 47 49.19 11.71 17.95
C ILE O 47 49.99 10.43 17.61
N GLU O 48 50.18 9.55 18.58
CA GLU O 48 50.93 8.31 18.34
C GLU O 48 50.06 7.15 17.82
N LYS O 49 48.80 7.45 17.51
CA LYS O 49 47.90 6.48 16.92
C LYS O 49 47.74 6.81 15.44
N VAL O 50 48.88 6.86 14.75
CA VAL O 50 48.92 7.19 13.33
C VAL O 50 48.71 5.93 12.49
N GLU O 51 47.99 6.10 11.39
CA GLU O 51 47.69 4.98 10.51
C GLU O 51 48.58 5.00 9.28
N HIS O 52 48.97 3.81 8.83
CA HIS O 52 49.90 3.66 7.73
C HIS O 52 49.40 2.75 6.61
N SER O 53 50.04 2.83 5.46
CA SER O 53 49.82 1.84 4.40
C SER O 53 50.92 0.80 4.54
N ASP O 54 50.75 -0.35 3.91
CA ASP O 54 51.75 -1.42 4.02
C ASP O 54 52.87 -1.34 2.99
N LEU O 55 53.93 -2.11 3.25
CA LEU O 55 55.20 -2.01 2.56
C LEU O 55 55.22 -2.52 1.12
N SER O 56 55.81 -1.71 0.24
CA SER O 56 56.04 -2.05 -1.16
C SER O 56 57.43 -1.51 -1.51
N PHE O 57 57.90 -1.76 -2.71
CA PHE O 57 59.29 -1.39 -3.07
C PHE O 57 59.52 -0.86 -4.49
N SER O 58 58.53 -0.18 -5.05
CA SER O 58 58.67 0.49 -6.36
C SER O 58 59.22 -0.40 -7.48
N LYS O 59 60.17 0.14 -8.24
CA LYS O 59 60.70 -0.52 -9.43
C LYS O 59 62.11 -1.04 -9.18
N ASP O 60 62.91 -0.23 -8.50
CA ASP O 60 64.30 -0.56 -8.22
C ASP O 60 64.49 -1.08 -6.81
N TRP O 61 63.48 -1.79 -6.31
CA TRP O 61 63.55 -2.47 -5.02
C TRP O 61 63.74 -1.47 -3.88
N SER O 62 63.38 -0.21 -4.15
CA SER O 62 63.45 0.84 -3.16
C SER O 62 62.07 0.99 -2.54
N PHE O 63 61.99 0.76 -1.24
CA PHE O 63 60.71 0.72 -0.56
C PHE O 63 60.03 2.08 -0.55
N TYR O 64 58.72 2.06 -0.39
CA TYR O 64 57.95 3.29 -0.25
C TYR O 64 56.78 3.07 0.70
N LEU O 65 56.62 4.00 1.64
CA LEU O 65 55.57 3.91 2.64
C LEU O 65 54.92 5.28 2.78
N LEU O 66 53.64 5.27 3.15
CA LEU O 66 52.89 6.49 3.34
C LEU O 66 52.20 6.49 4.70
N TYR O 67 52.66 7.35 5.62
CA TYR O 67 52.00 7.49 6.91
C TYR O 67 51.06 8.68 6.88
N TYR O 68 49.83 8.47 7.34
CA TYR O 68 48.81 9.50 7.22
C TYR O 68 47.95 9.59 8.46
N THR O 69 47.27 10.72 8.61
CA THR O 69 46.28 10.87 9.68
C THR O 69 45.31 11.98 9.29
N GLU O 70 44.26 12.14 10.08
CA GLU O 70 43.25 13.15 9.79
C GLU O 70 43.46 14.36 10.68
N PHE O 71 43.27 15.56 10.12
CA PHE O 71 43.49 16.79 10.88
C PHE O 71 42.72 17.99 10.33
N THR O 72 42.97 19.17 10.90
CA THR O 72 42.51 20.42 10.33
C THR O 72 43.70 21.39 10.26
N PRO O 73 44.04 21.82 9.04
CA PRO O 73 45.17 22.74 8.78
C PRO O 73 44.98 24.08 9.46
N THR O 74 46.01 24.54 10.15
CA THR O 74 45.94 25.80 10.87
C THR O 74 47.26 26.56 10.80
N GLU O 75 47.18 27.88 10.88
CA GLU O 75 48.36 28.74 10.90
C GLU O 75 49.00 28.85 12.30
N LYS O 76 48.31 28.32 13.30
CA LYS O 76 48.79 28.41 14.69
C LYS O 76 49.55 27.18 15.14
N ASP O 77 49.37 26.05 14.46
CA ASP O 77 50.01 24.81 14.89
C ASP O 77 50.96 24.27 13.82
N GLU O 78 52.08 23.72 14.28
CA GLU O 78 53.09 23.13 13.41
C GLU O 78 52.77 21.66 13.16
N TYR O 79 53.29 21.10 12.07
CA TYR O 79 53.15 19.67 11.78
C TYR O 79 54.41 19.14 11.10
N ALA O 80 55.04 18.14 11.71
CA ALA O 80 56.28 17.59 11.17
C ALA O 80 56.37 16.06 11.29
N CYS O 81 57.48 15.53 10.81
CA CYS O 81 57.73 14.10 10.81
C CYS O 81 59.16 13.83 11.30
N ARG O 82 59.28 13.08 12.41
CA ARG O 82 60.59 12.64 12.90
C ARG O 82 60.87 11.25 12.37
N VAL O 83 61.99 11.09 11.68
CA VAL O 83 62.31 9.82 11.02
C VAL O 83 63.73 9.35 11.26
N ASN O 84 63.88 8.16 11.83
CA ASN O 84 65.17 7.52 12.01
C ASN O 84 65.34 6.30 11.10
N HIS O 85 66.52 6.24 10.46
CA HIS O 85 66.93 5.12 9.60
C HIS O 85 68.34 4.71 9.99
N VAL O 86 68.85 3.66 9.35
CA VAL O 86 70.17 3.13 9.68
C VAL O 86 71.30 3.73 8.82
N THR O 87 70.93 4.57 7.85
CA THR O 87 71.92 5.24 7.03
C THR O 87 72.79 6.12 7.93
N LEU O 88 72.14 6.94 8.75
CA LEU O 88 72.82 7.77 9.74
C LEU O 88 72.12 7.64 11.09
N SER O 89 72.80 8.00 12.18
CA SER O 89 72.19 7.95 13.51
C SER O 89 71.76 9.33 14.05
N GLN O 90 71.39 10.24 13.15
CA GLN O 90 70.92 11.57 13.56
C GLN O 90 69.53 11.84 12.96
N PRO O 91 68.54 12.23 13.80
CA PRO O 91 67.17 12.29 13.27
C PRO O 91 66.95 13.24 12.10
N LYS O 92 65.74 13.21 11.56
CA LYS O 92 65.35 14.09 10.48
C LYS O 92 63.92 14.49 10.77
N ILE O 93 63.69 15.80 10.83
CA ILE O 93 62.36 16.30 11.17
C ILE O 93 61.88 17.19 10.04
N VAL O 94 61.10 16.61 9.13
CA VAL O 94 60.62 17.39 7.99
C VAL O 94 59.28 18.02 8.34
N LYS O 95 59.19 19.33 8.11
CA LYS O 95 58.07 20.13 8.56
C LYS O 95 57.06 20.31 7.42
N TRP O 96 55.82 20.61 7.77
CA TRP O 96 54.80 20.84 6.75
C TRP O 96 54.79 22.32 6.40
N ASP O 97 55.57 22.64 5.38
CA ASP O 97 55.84 24.02 5.01
C ASP O 97 55.09 24.45 3.74
N ARG O 98 53.76 24.48 3.82
CA ARG O 98 52.85 24.90 2.74
C ARG O 98 53.29 24.51 1.32
N LYS P 6 19.51 -30.14 7.25
CA LYS P 6 18.39 -29.45 7.91
C LYS P 6 18.25 -28.00 7.53
N ALA P 7 19.26 -27.48 6.86
CA ALA P 7 19.31 -26.05 6.62
C ALA P 7 18.99 -25.75 5.17
N ASP P 8 18.69 -24.50 4.89
CA ASP P 8 18.33 -24.11 3.53
C ASP P 8 18.88 -22.73 3.22
N PRO P 9 19.49 -22.58 2.04
CA PRO P 9 20.05 -21.29 1.63
C PRO P 9 19.18 -20.53 0.62
N CYS P 10 19.04 -21.05 -0.61
CA CYS P 10 18.51 -20.24 -1.72
C CYS P 10 17.10 -20.52 -2.24
N LEU P 11 16.41 -21.51 -1.67
CA LEU P 11 15.01 -21.71 -2.03
C LEU P 11 14.20 -20.78 -1.15
N THR P 12 14.91 -20.18 -0.20
CA THR P 12 14.36 -19.28 0.82
C THR P 12 14.08 -17.90 0.23
N PHE P 13 12.95 -17.29 0.62
CA PHE P 13 12.56 -15.98 0.10
C PHE P 13 13.18 -14.81 0.88
N ASN P 14 14.47 -14.88 1.22
CA ASN P 14 15.03 -13.83 2.09
C ASN P 14 15.90 -12.69 1.51
N PRO P 15 16.57 -12.88 0.35
CA PRO P 15 17.25 -11.68 -0.15
C PRO P 15 16.35 -10.56 -0.63
N ASP P 16 15.91 -9.72 0.30
CA ASP P 16 15.29 -8.44 -0.02
C ASP P 16 16.34 -7.47 0.49
N LYS P 17 16.97 -7.89 1.58
CA LYS P 17 18.06 -7.15 2.22
C LYS P 17 19.42 -7.67 1.75
N CYS P 18 19.94 -7.06 0.69
CA CYS P 18 21.31 -7.33 0.29
C CYS P 18 22.15 -6.18 0.84
N GLN P 19 22.96 -6.47 1.86
CA GLN P 19 23.69 -5.42 2.55
C GLN P 19 24.67 -4.74 1.59
N LEU P 20 24.83 -3.42 1.75
CA LEU P 20 25.69 -2.67 0.86
C LEU P 20 26.58 -1.65 1.56
N SER P 21 27.79 -1.46 1.04
CA SER P 21 28.75 -0.55 1.62
C SER P 21 29.21 0.49 0.62
N PHE P 22 29.54 1.69 1.11
CA PHE P 22 29.96 2.78 0.25
C PHE P 22 31.34 3.30 0.65
N GLN P 23 32.15 3.70 -0.32
CA GLN P 23 33.52 4.10 -0.01
C GLN P 23 34.12 5.13 -0.97
N PRO P 24 34.89 6.09 -0.44
CA PRO P 24 35.58 7.06 -1.29
C PRO P 24 36.82 6.48 -1.95
N ASP P 25 36.78 6.32 -3.28
CA ASP P 25 37.92 5.80 -4.03
C ASP P 25 38.19 6.66 -5.26
N GLY P 26 39.24 7.47 -5.18
CA GLY P 26 39.58 8.37 -6.26
C GLY P 26 38.58 9.51 -6.35
N ASN P 27 38.17 9.99 -5.18
CA ASN P 27 37.18 11.08 -5.10
C ASN P 27 35.88 10.65 -5.75
N ARG P 28 35.51 9.39 -5.50
CA ARG P 28 34.29 8.85 -6.06
C ARG P 28 33.54 7.97 -5.05
N CYS P 29 32.21 8.05 -5.07
CA CYS P 29 31.42 7.23 -4.16
C CYS P 29 31.23 5.86 -4.77
N ALA P 30 32.05 4.93 -4.32
CA ALA P 30 32.01 3.54 -4.76
C ALA P 30 30.89 2.80 -4.04
N VAL P 31 30.00 2.23 -4.85
CA VAL P 31 28.86 1.47 -4.36
C VAL P 31 29.20 -0.01 -4.40
N LEU P 32 28.90 -0.71 -3.32
CA LEU P 32 29.17 -2.14 -3.26
C LEU P 32 27.96 -2.87 -2.71
N ILE P 33 27.16 -3.47 -3.60
CA ILE P 33 26.01 -4.24 -3.18
C ILE P 33 26.43 -5.68 -2.94
N LYS P 34 26.55 -6.04 -1.66
CA LYS P 34 26.96 -7.39 -1.29
C LYS P 34 25.76 -8.22 -0.86
N CYS P 35 25.46 -9.26 -1.62
CA CYS P 35 24.44 -10.22 -1.22
C CYS P 35 25.14 -11.49 -0.77
N GLY P 36 24.38 -12.50 -0.41
CA GLY P 36 24.97 -13.71 0.14
C GLY P 36 25.80 -14.43 -0.93
N TRP P 37 26.91 -15.05 -0.52
CA TRP P 37 27.73 -15.84 -1.43
C TRP P 37 27.52 -17.32 -1.22
N GLU P 38 26.46 -17.66 -0.49
CA GLU P 38 26.12 -19.04 -0.21
C GLU P 38 25.08 -19.46 -1.23
N CYS P 39 24.69 -18.51 -2.09
CA CYS P 39 23.64 -18.76 -3.04
C CYS P 39 24.02 -18.40 -4.48
N GLN P 40 23.67 -19.30 -5.39
CA GLN P 40 23.84 -19.09 -6.82
C GLN P 40 22.48 -18.61 -7.35
N SER P 41 22.47 -18.11 -8.57
CA SER P 41 21.24 -17.69 -9.27
C SER P 41 20.59 -16.44 -8.69
N VAL P 42 21.05 -16.01 -7.51
CA VAL P 42 20.68 -14.71 -6.96
C VAL P 42 21.42 -13.64 -7.76
N ALA P 43 20.73 -13.06 -8.74
CA ALA P 43 21.38 -12.11 -9.64
C ALA P 43 21.20 -10.70 -9.11
N ILE P 44 22.28 -9.93 -9.06
CA ILE P 44 22.18 -8.55 -8.58
C ILE P 44 22.34 -7.56 -9.74
N GLN P 45 21.42 -6.62 -9.81
CA GLN P 45 21.48 -5.57 -10.82
C GLN P 45 21.27 -4.20 -10.18
N TYR P 46 22.02 -3.21 -10.64
CA TYR P 46 21.94 -1.87 -10.10
C TYR P 46 21.52 -0.87 -11.18
N LYS P 47 22.45 -0.55 -12.08
CA LYS P 47 22.17 0.35 -13.19
C LYS P 47 21.86 -0.46 -14.43
N ASN P 48 22.92 -0.70 -15.20
CA ASN P 48 22.85 -1.50 -16.43
C ASN P 48 23.87 -2.62 -16.28
N LYS P 49 24.27 -2.87 -15.04
CA LYS P 49 25.28 -3.86 -14.74
C LYS P 49 24.71 -5.00 -13.91
N THR P 50 25.01 -6.23 -14.34
CA THR P 50 24.54 -7.42 -13.65
C THR P 50 25.77 -8.21 -13.22
N ARG P 51 25.87 -8.54 -11.94
CA ARG P 51 27.06 -9.21 -11.44
C ARG P 51 26.82 -10.16 -10.26
N ASN P 52 26.18 -11.29 -10.54
CA ASN P 52 26.16 -12.43 -9.62
C ASN P 52 25.63 -12.10 -8.21
N ASN P 53 26.47 -12.40 -7.21
CA ASN P 53 26.09 -12.23 -5.81
C ASN P 53 26.52 -10.88 -5.27
N THR P 54 27.63 -10.36 -5.79
CA THR P 54 28.13 -9.08 -5.33
C THR P 54 28.40 -8.18 -6.53
N LEU P 55 27.93 -6.94 -6.42
CA LEU P 55 28.04 -5.99 -7.50
C LEU P 55 28.83 -4.81 -6.99
N ALA P 56 29.63 -4.21 -7.87
CA ALA P 56 30.37 -3.01 -7.52
C ALA P 56 30.21 -2.00 -8.63
N SER P 57 29.65 -0.85 -8.28
CA SER P 57 29.47 0.22 -9.23
C SER P 57 29.80 1.54 -8.53
N THR P 58 29.22 2.63 -9.01
CA THR P 58 29.42 3.93 -8.36
C THR P 58 28.15 4.78 -8.49
N TRP P 59 27.95 5.73 -7.58
CA TRP P 59 26.79 6.63 -7.68
C TRP P 59 27.10 8.13 -7.75
N GLN P 60 26.46 8.80 -8.71
CA GLN P 60 26.52 10.25 -8.87
C GLN P 60 25.13 10.82 -9.10
N PRO P 61 24.97 12.16 -8.91
CA PRO P 61 23.69 12.83 -9.18
C PRO P 61 23.09 12.48 -10.53
N GLY P 62 21.89 11.90 -10.50
CA GLY P 62 21.20 11.48 -11.71
C GLY P 62 21.11 9.97 -11.82
N ASP P 63 22.08 9.28 -11.24
CA ASP P 63 22.13 7.82 -11.26
C ASP P 63 21.00 7.20 -10.42
N PRO P 64 20.59 5.97 -10.78
CA PRO P 64 19.42 5.33 -10.17
C PRO P 64 19.53 5.15 -8.66
N GLU P 65 18.37 5.08 -8.00
CA GLU P 65 18.31 4.92 -6.56
C GLU P 65 17.48 3.69 -6.21
N TRP P 66 17.41 2.77 -7.16
CA TRP P 66 16.77 1.48 -6.97
C TRP P 66 17.68 0.39 -7.55
N TYR P 67 17.46 -0.85 -7.15
CA TYR P 67 18.22 -1.99 -7.68
C TYR P 67 17.38 -3.25 -7.68
N THR P 68 17.65 -4.15 -8.62
CA THR P 68 16.87 -5.38 -8.75
C THR P 68 17.62 -6.61 -8.25
N VAL P 69 16.87 -7.49 -7.60
CA VAL P 69 17.42 -8.76 -7.13
C VAL P 69 16.59 -9.88 -7.74
N SER P 70 17.23 -10.67 -8.60
CA SER P 70 16.59 -11.76 -9.31
C SER P 70 16.75 -13.08 -8.56
N VAL P 71 15.64 -13.71 -8.17
CA VAL P 71 15.69 -14.93 -7.36
C VAL P 71 14.70 -16.02 -7.77
N PRO P 72 15.18 -17.25 -8.01
CA PRO P 72 14.27 -18.35 -8.32
C PRO P 72 13.45 -18.71 -7.08
N GLY P 73 12.19 -19.06 -7.24
CA GLY P 73 11.31 -19.30 -6.11
C GLY P 73 11.25 -20.75 -5.68
N ALA P 74 10.38 -21.06 -4.71
CA ALA P 74 10.22 -22.43 -4.25
C ALA P 74 9.53 -23.25 -5.33
N ASP P 75 8.81 -22.57 -6.20
CA ASP P 75 8.18 -23.20 -7.36
C ASP P 75 9.22 -23.45 -8.46
N GLY P 76 10.43 -22.93 -8.25
CA GLY P 76 11.51 -23.14 -9.21
C GLY P 76 11.51 -22.05 -10.25
N PHE P 77 10.58 -21.10 -10.11
CA PHE P 77 10.43 -20.02 -11.07
C PHE P 77 11.13 -18.76 -10.58
N LEU P 78 11.79 -18.06 -11.50
CA LEU P 78 12.54 -16.87 -11.15
C LEU P 78 11.65 -15.63 -11.08
N ARG P 79 11.82 -14.87 -10.01
CA ARG P 79 11.12 -13.61 -9.80
C ARG P 79 12.11 -12.49 -9.48
N THR P 80 11.97 -11.38 -10.19
CA THR P 80 12.82 -10.21 -9.98
C THR P 80 12.15 -9.18 -9.08
N VAL P 81 12.86 -8.71 -8.07
CA VAL P 81 12.28 -7.80 -7.07
C VAL P 81 13.03 -6.46 -7.00
N ASN P 82 12.29 -5.36 -7.07
CA ASN P 82 12.88 -4.03 -6.96
C ASN P 82 13.02 -3.59 -5.50
N ASN P 83 14.23 -3.17 -5.13
CA ASN P 83 14.51 -2.65 -3.80
C ASN P 83 14.99 -1.21 -3.86
N THR P 84 14.46 -0.39 -2.98
CA THR P 84 14.79 1.03 -2.94
C THR P 84 15.76 1.37 -1.82
N PHE P 85 16.97 1.76 -2.21
CA PHE P 85 17.96 2.28 -1.29
C PHE P 85 18.45 3.59 -1.90
N ILE P 86 18.39 4.68 -1.15
CA ILE P 86 18.83 5.97 -1.68
C ILE P 86 20.34 6.12 -1.52
N PHE P 87 21.02 6.19 -2.66
CA PHE P 87 22.48 6.27 -2.68
C PHE P 87 22.91 7.73 -2.49
N GLU P 88 21.99 8.65 -2.74
CA GLU P 88 22.24 10.07 -2.54
C GLU P 88 22.36 10.44 -1.07
N HIS P 89 22.02 9.50 -0.18
CA HIS P 89 22.00 9.81 1.23
C HIS P 89 23.16 9.17 1.98
N MET P 90 24.00 8.45 1.23
CA MET P 90 25.20 7.83 1.82
C MET P 90 26.43 8.15 0.99
N CYS P 91 26.21 8.66 -0.21
CA CYS P 91 27.30 9.10 -1.07
C CYS P 91 27.59 10.58 -0.82
N ASN P 92 26.61 11.29 -0.27
CA ASN P 92 26.81 12.66 0.17
C ASN P 92 27.51 12.69 1.53
N THR P 93 27.42 11.58 2.24
CA THR P 93 28.04 11.45 3.56
C THR P 93 29.46 10.92 3.43
N ALA P 94 29.63 9.95 2.53
CA ALA P 94 30.94 9.35 2.28
C ALA P 94 31.87 10.32 1.55
N MET P 95 31.32 11.02 0.57
CA MET P 95 32.09 11.99 -0.21
C MET P 95 31.98 13.40 0.34
N PHE P 96 32.63 13.67 1.47
CA PHE P 96 32.56 14.99 2.05
C PHE P 96 33.83 15.82 1.89
N MET P 97 35.00 15.17 1.98
CA MET P 97 36.24 15.93 1.92
C MET P 97 36.49 16.35 0.49
N SER P 98 35.88 15.63 -0.44
CA SER P 98 35.98 16.01 -1.84
C SER P 98 34.91 17.03 -2.16
N ARG P 99 33.99 17.22 -1.22
CA ARG P 99 32.90 18.17 -1.38
C ARG P 99 33.39 19.57 -0.99
N GLN P 100 34.19 19.66 0.06
CA GLN P 100 34.73 20.94 0.52
C GLN P 100 35.67 21.58 -0.48
N TYR P 101 36.24 20.75 -1.35
CA TYR P 101 37.28 21.22 -2.27
C TYR P 101 36.79 21.08 -3.71
N HIS P 102 35.50 20.79 -3.82
CA HIS P 102 34.78 20.80 -5.09
C HIS P 102 35.39 19.86 -6.14
N MET P 103 35.69 18.63 -5.72
CA MET P 103 36.19 17.61 -6.62
C MET P 103 35.11 16.58 -6.84
N TRP P 104 34.07 16.67 -6.01
CA TRP P 104 32.86 15.87 -6.17
C TRP P 104 31.68 16.81 -5.95
N PRO P 105 30.63 16.72 -6.79
CA PRO P 105 30.33 15.83 -7.92
C PRO P 105 31.40 15.80 -9.02
N PRO P 106 31.47 14.69 -9.79
CA PRO P 106 32.47 14.40 -10.82
C PRO P 106 32.84 15.56 -11.76
N ARG P 107 31.99 16.59 -11.81
CA ARG P 107 32.26 17.76 -12.64
C ARG P 107 33.11 18.81 -11.91
N LYS P 108 34.10 19.34 -12.63
CA LYS P 108 35.03 20.34 -12.09
C LYS P 108 35.89 19.84 -10.93
N GLY Q 1 -21.92 -27.68 46.74
CA GLY Q 1 -23.09 -28.46 47.12
C GLY Q 1 -23.40 -29.55 46.11
N SER Q 2 -22.39 -30.33 45.75
CA SER Q 2 -22.53 -31.40 44.75
C SER Q 2 -23.14 -30.84 43.48
N HIS Q 3 -22.77 -29.61 43.15
CA HIS Q 3 -23.31 -28.91 42.00
C HIS Q 3 -22.25 -27.98 41.43
N SER Q 4 -21.75 -28.33 40.24
CA SER Q 4 -20.66 -27.62 39.59
C SER Q 4 -20.48 -28.33 38.26
N MET Q 5 -20.07 -27.67 37.19
CA MET Q 5 -19.87 -28.44 35.95
C MET Q 5 -18.87 -27.99 34.88
N ARG Q 6 -19.27 -28.15 33.61
CA ARG Q 6 -18.31 -28.31 32.52
C ARG Q 6 -18.47 -27.35 31.36
N TYR Q 7 -17.54 -27.46 30.42
CA TYR Q 7 -17.63 -26.78 29.16
C TYR Q 7 -17.50 -27.76 28.00
N PHE Q 8 -18.38 -27.56 27.01
CA PHE Q 8 -18.54 -28.45 25.87
C PHE Q 8 -18.17 -27.74 24.57
N PHE Q 9 -17.51 -28.47 23.68
CA PHE Q 9 -17.12 -27.94 22.39
C PHE Q 9 -17.33 -29.03 21.33
N THR Q 10 -17.85 -28.65 20.17
CA THR Q 10 -18.05 -29.60 19.09
C THR Q 10 -17.62 -28.93 17.78
N SER Q 11 -16.78 -29.61 17.00
CA SER Q 11 -16.32 -29.08 15.73
C SER Q 11 -16.50 -30.11 14.63
N VAL Q 12 -17.20 -29.74 13.57
CA VAL Q 12 -17.55 -30.70 12.52
C VAL Q 12 -16.96 -30.35 11.16
N SER Q 13 -16.17 -31.28 10.64
CA SER Q 13 -15.60 -31.20 9.31
C SER Q 13 -16.72 -31.48 8.31
N ARG Q 14 -16.91 -30.57 7.36
CA ARG Q 14 -18.03 -30.67 6.44
C ARG Q 14 -17.71 -31.59 5.24
N PRO Q 15 -18.72 -32.31 4.72
CA PRO Q 15 -18.60 -33.35 3.68
C PRO Q 15 -18.11 -32.86 2.32
N GLY Q 16 -16.94 -32.24 2.30
CA GLY Q 16 -16.38 -31.70 1.07
C GLY Q 16 -17.09 -30.37 0.93
N ARG Q 17 -17.86 -30.07 1.97
CA ARG Q 17 -18.60 -28.83 2.09
C ARG Q 17 -17.75 -27.72 2.68
N GLY Q 18 -16.66 -27.37 2.00
CA GLY Q 18 -15.83 -26.26 2.39
C GLY Q 18 -15.06 -26.34 3.69
N GLU Q 19 -15.45 -25.50 4.64
CA GLU Q 19 -14.73 -25.31 5.89
C GLU Q 19 -15.55 -25.71 7.13
N PRO Q 20 -14.85 -26.14 8.20
CA PRO Q 20 -15.49 -26.66 9.42
C PRO Q 20 -16.50 -25.75 10.14
N ARG Q 21 -17.33 -26.38 10.96
CA ARG Q 21 -18.30 -25.69 11.79
C ARG Q 21 -17.94 -25.86 13.27
N PHE Q 22 -18.29 -24.89 14.11
CA PHE Q 22 -17.97 -25.03 15.53
C PHE Q 22 -19.10 -24.54 16.42
N ILE Q 23 -19.44 -25.35 17.41
CA ILE Q 23 -20.52 -25.07 18.35
C ILE Q 23 -19.93 -25.13 19.75
N ALA Q 24 -19.95 -23.99 20.44
CA ALA Q 24 -19.43 -23.88 21.79
C ALA Q 24 -20.55 -23.70 22.78
N VAL Q 25 -20.64 -24.62 23.74
CA VAL Q 25 -21.67 -24.53 24.76
C VAL Q 25 -21.04 -24.63 26.15
N GLY Q 26 -21.65 -23.96 27.14
CA GLY Q 26 -21.15 -24.01 28.49
C GLY Q 26 -22.25 -24.28 29.50
N TYR Q 27 -21.88 -24.50 30.76
CA TYR Q 27 -22.83 -25.15 31.67
C TYR Q 27 -22.42 -25.01 33.17
N VAL Q 28 -23.40 -24.75 34.05
CA VAL Q 28 -23.27 -24.84 35.52
C VAL Q 28 -24.45 -25.53 36.21
N ASP Q 29 -24.13 -26.68 36.78
CA ASP Q 29 -25.15 -27.63 37.19
C ASP Q 29 -25.98 -27.93 35.94
N ASP Q 30 -27.17 -28.50 36.13
CA ASP Q 30 -27.99 -28.84 35.00
C ASP Q 30 -28.55 -27.61 34.25
N THR Q 31 -28.02 -26.45 34.60
CA THR Q 31 -28.31 -25.20 33.89
C THR Q 31 -27.25 -24.77 32.84
N GLN Q 32 -27.56 -24.88 31.55
CA GLN Q 32 -26.65 -24.43 30.49
C GLN Q 32 -26.50 -22.90 30.51
N PHE Q 33 -25.38 -22.38 30.03
CA PHE Q 33 -25.10 -20.93 30.15
C PHE Q 33 -24.99 -20.22 28.81
N VAL Q 34 -24.13 -20.74 27.94
CA VAL Q 34 -23.79 -20.05 26.72
C VAL Q 34 -24.03 -20.88 25.46
N ARG Q 35 -24.37 -20.19 24.37
CA ARG Q 35 -24.66 -20.81 23.09
C ARG Q 35 -23.89 -20.02 22.02
N PHE Q 36 -22.81 -20.62 21.52
CA PHE Q 36 -22.07 -20.03 20.41
C PHE Q 36 -22.10 -20.89 19.16
N ASP Q 37 -22.38 -20.26 18.03
CA ASP Q 37 -22.37 -20.93 16.74
C ASP Q 37 -21.83 -19.97 15.68
N SER Q 38 -21.00 -20.49 14.77
CA SER Q 38 -20.30 -19.68 13.79
C SER Q 38 -21.12 -19.36 12.53
N ASP Q 39 -22.18 -20.12 12.27
CA ASP Q 39 -23.05 -19.80 11.15
C ASP Q 39 -24.31 -19.12 11.68
N ALA Q 40 -24.26 -18.74 12.96
CA ALA Q 40 -25.30 -17.93 13.57
C ALA Q 40 -25.10 -16.50 13.09
N ALA Q 41 -26.15 -15.69 13.13
CA ALA Q 41 -26.06 -14.32 12.65
C ALA Q 41 -25.17 -13.49 13.58
N SER Q 42 -25.00 -13.97 14.81
CA SER Q 42 -24.10 -13.32 15.75
C SER Q 42 -22.84 -14.16 15.92
N GLN Q 43 -21.68 -13.55 15.66
CA GLN Q 43 -20.39 -14.21 15.82
C GLN Q 43 -19.91 -14.02 17.24
N ARG Q 44 -20.82 -13.52 18.08
CA ARG Q 44 -20.58 -13.40 19.49
C ARG Q 44 -21.27 -14.57 20.15
N MET Q 45 -20.96 -14.82 21.41
CA MET Q 45 -21.64 -15.85 22.16
C MET Q 45 -22.81 -15.21 22.90
N GLU Q 46 -23.98 -15.84 22.82
CA GLU Q 46 -25.19 -15.26 23.37
C GLU Q 46 -25.53 -15.91 24.70
N PRO Q 47 -26.03 -15.11 25.65
CA PRO Q 47 -26.46 -15.62 26.96
C PRO Q 47 -27.91 -16.10 26.94
N ARG Q 48 -28.14 -17.34 27.33
CA ARG Q 48 -29.49 -17.88 27.36
C ARG Q 48 -30.05 -17.96 28.77
N ALA Q 49 -29.17 -18.03 29.75
CA ALA Q 49 -29.57 -17.92 31.16
C ALA Q 49 -29.54 -16.47 31.59
N PRO Q 50 -30.56 -16.04 32.34
CA PRO Q 50 -30.72 -14.64 32.78
C PRO Q 50 -29.65 -14.22 33.79
N TRP Q 51 -29.15 -15.19 34.55
CA TRP Q 51 -28.22 -14.92 35.64
C TRP Q 51 -26.76 -14.91 35.20
N ILE Q 52 -26.55 -14.83 33.89
CA ILE Q 52 -25.23 -14.58 33.33
C ILE Q 52 -25.32 -13.25 32.58
N GLU Q 53 -26.56 -12.76 32.48
CA GLU Q 53 -26.82 -11.47 31.86
C GLU Q 53 -26.57 -10.33 32.84
N GLN Q 54 -26.07 -10.69 34.03
CA GLN Q 54 -25.58 -9.73 35.00
C GLN Q 54 -24.13 -9.38 34.67
N GLU Q 55 -23.61 -9.97 33.60
CA GLU Q 55 -22.26 -9.70 33.16
C GLU Q 55 -22.26 -8.61 32.10
N GLY Q 56 -21.26 -7.75 32.16
CA GLY Q 56 -21.19 -6.62 31.25
C GLY Q 56 -20.36 -6.96 30.02
N PRO Q 57 -20.32 -6.03 29.05
CA PRO Q 57 -19.57 -6.15 27.79
C PRO Q 57 -18.10 -6.43 28.02
N GLU Q 58 -17.59 -6.05 29.19
CA GLU Q 58 -16.22 -6.36 29.59
C GLU Q 58 -16.01 -7.87 29.62
N TYR Q 59 -17.08 -8.60 29.93
CA TYR Q 59 -17.02 -10.06 30.02
C TYR Q 59 -17.41 -10.70 28.68
N TRP Q 60 -18.10 -9.95 27.83
CA TRP Q 60 -18.57 -10.51 26.56
C TRP Q 60 -17.51 -10.37 25.47
N ASP Q 61 -16.92 -9.19 25.37
CA ASP Q 61 -15.89 -8.93 24.39
C ASP Q 61 -14.64 -9.74 24.72
N GLY Q 62 -14.43 -10.00 26.01
CA GLY Q 62 -13.31 -10.80 26.48
C GLY Q 62 -13.56 -12.29 26.52
N GLU Q 63 -14.72 -12.72 26.04
CA GLU Q 63 -15.07 -14.13 26.02
C GLU Q 63 -15.57 -14.54 24.63
N THR Q 64 -15.71 -13.54 23.76
CA THR Q 64 -16.13 -13.73 22.38
C THR Q 64 -14.92 -13.92 21.48
N ARG Q 65 -13.78 -13.45 21.94
CA ARG Q 65 -12.53 -13.58 21.21
C ARG Q 65 -12.01 -14.98 21.44
N LYS Q 66 -12.22 -15.46 22.66
CA LYS Q 66 -11.71 -16.76 23.09
C LYS Q 66 -12.38 -17.97 22.42
N VAL Q 67 -13.69 -17.89 22.17
CA VAL Q 67 -14.40 -18.97 21.52
C VAL Q 67 -14.11 -18.99 20.03
N LYS Q 68 -13.90 -17.81 19.45
CA LYS Q 68 -13.43 -17.71 18.07
C LYS Q 68 -12.06 -18.37 17.99
N ALA Q 69 -11.25 -18.13 19.01
CA ALA Q 69 -9.93 -18.77 19.11
C ALA Q 69 -10.04 -20.29 19.22
N HIS Q 70 -11.01 -20.76 20.00
CA HIS Q 70 -11.24 -22.20 20.16
C HIS Q 70 -11.67 -22.81 18.82
N SER Q 71 -12.50 -22.06 18.11
CA SER Q 71 -12.98 -22.47 16.79
C SER Q 71 -11.84 -22.52 15.80
N GLN Q 72 -10.86 -21.65 15.97
CA GLN Q 72 -9.74 -21.58 15.05
C GLN Q 72 -8.77 -22.72 15.32
N THR Q 73 -8.45 -22.94 16.60
CA THR Q 73 -7.56 -24.02 16.98
C THR Q 73 -8.18 -25.35 16.58
N HIS Q 74 -9.51 -25.41 16.61
CA HIS Q 74 -10.21 -26.61 16.14
C HIS Q 74 -10.11 -26.79 14.62
N ARG Q 75 -10.49 -25.72 13.91
CA ARG Q 75 -10.53 -25.71 12.45
C ARG Q 75 -9.16 -26.03 11.85
N VAL Q 76 -8.12 -25.80 12.64
CA VAL Q 76 -6.77 -26.15 12.24
C VAL Q 76 -6.39 -27.58 12.70
N ASP Q 77 -6.80 -27.92 13.92
CA ASP Q 77 -6.52 -29.23 14.51
C ASP Q 77 -7.06 -30.38 13.67
N LEU Q 78 -8.25 -30.21 13.11
CA LEU Q 78 -8.82 -31.25 12.26
C LEU Q 78 -8.00 -31.43 10.99
N GLY Q 79 -7.43 -30.33 10.50
CA GLY Q 79 -6.56 -30.38 9.35
C GLY Q 79 -5.33 -31.20 9.70
N THR Q 80 -4.84 -31.05 10.93
CA THR Q 80 -3.69 -31.85 11.36
C THR Q 80 -4.02 -33.34 11.47
N LEU Q 81 -5.01 -33.63 12.31
CA LEU Q 81 -5.37 -35.01 12.64
C LEU Q 81 -5.77 -35.79 11.39
N ARG Q 82 -6.53 -35.15 10.51
CA ARG Q 82 -6.90 -35.79 9.25
C ARG Q 82 -5.71 -35.79 8.30
N GLY Q 83 -4.76 -34.90 8.53
CA GLY Q 83 -3.56 -34.86 7.73
C GLY Q 83 -2.60 -36.01 8.01
N TYR Q 84 -2.68 -36.57 9.22
CA TYR Q 84 -1.75 -37.63 9.64
C TYR Q 84 -2.38 -39.00 9.90
N TYR Q 85 -3.71 -39.09 9.81
CA TYR Q 85 -4.36 -40.39 9.85
C TYR Q 85 -4.49 -40.91 8.42
N ASN Q 86 -5.60 -41.57 8.14
CA ASN Q 86 -5.89 -42.06 6.80
C ASN Q 86 -7.27 -41.57 6.35
N GLN Q 87 -7.29 -40.42 5.67
CA GLN Q 87 -8.54 -39.77 5.27
C GLN Q 87 -8.65 -39.37 3.81
N SER Q 88 -9.84 -38.87 3.49
CA SER Q 88 -10.13 -38.17 2.26
C SER Q 88 -10.69 -36.82 2.69
N GLU Q 89 -10.34 -35.74 2.00
CA GLU Q 89 -10.81 -34.42 2.40
C GLU Q 89 -12.30 -34.30 2.08
N ALA Q 90 -12.76 -35.20 1.23
CA ALA Q 90 -14.18 -35.33 0.94
C ALA Q 90 -14.90 -35.95 2.13
N GLY Q 91 -14.11 -36.49 3.05
CA GLY Q 91 -14.64 -37.13 4.25
C GLY Q 91 -15.18 -36.10 5.22
N SER Q 92 -15.96 -36.56 6.18
CA SER Q 92 -16.60 -35.68 7.13
C SER Q 92 -16.31 -36.17 8.53
N HIS Q 93 -15.45 -35.47 9.26
CA HIS Q 93 -15.07 -35.96 10.57
C HIS Q 93 -15.47 -35.00 11.66
N THR Q 94 -15.38 -35.47 12.90
CA THR Q 94 -15.85 -34.70 14.03
C THR Q 94 -14.85 -34.72 15.18
N VAL Q 95 -14.57 -33.53 15.72
CA VAL Q 95 -13.67 -33.37 16.84
C VAL Q 95 -14.35 -32.59 17.97
N GLN Q 96 -14.51 -33.21 19.15
CA GLN Q 96 -15.17 -32.55 20.27
C GLN Q 96 -14.29 -32.45 21.49
N ARG Q 97 -14.42 -31.34 22.20
CA ARG Q 97 -13.60 -31.09 23.37
C ARG Q 97 -14.45 -30.80 24.57
N MET Q 98 -13.79 -30.83 25.72
CA MET Q 98 -14.43 -30.61 27.01
C MET Q 98 -13.40 -30.15 28.00
N TYR Q 99 -13.75 -29.17 28.83
CA TYR Q 99 -12.91 -28.89 30.00
C TYR Q 99 -13.70 -28.19 31.10
N GLY Q 100 -13.35 -28.48 32.34
CA GLY Q 100 -13.98 -27.82 33.46
C GLY Q 100 -13.71 -28.51 34.77
N CYS Q 101 -14.35 -27.98 35.81
CA CYS Q 101 -14.04 -28.34 37.16
C CYS Q 101 -15.30 -28.70 37.91
N ASP Q 102 -15.16 -29.48 38.97
CA ASP Q 102 -16.27 -29.69 39.87
C ASP Q 102 -15.87 -29.18 41.23
N VAL Q 103 -16.86 -29.01 42.08
CA VAL Q 103 -16.62 -28.43 43.38
C VAL Q 103 -17.45 -29.18 44.43
N GLY Q 104 -16.93 -29.27 45.65
CA GLY Q 104 -17.61 -30.01 46.70
C GLY Q 104 -18.68 -29.19 47.39
N SER Q 105 -19.18 -29.71 48.50
CA SER Q 105 -20.24 -29.06 49.25
C SER Q 105 -19.79 -27.78 49.97
N ASP Q 106 -18.53 -27.73 50.39
CA ASP Q 106 -17.97 -26.49 50.98
C ASP Q 106 -17.63 -25.48 49.91
N TRP Q 107 -18.06 -25.77 48.69
CA TRP Q 107 -17.82 -24.90 47.54
C TRP Q 107 -16.34 -24.76 47.18
N ARG Q 108 -15.49 -25.61 47.77
CA ARG Q 108 -14.07 -25.62 47.44
C ARG Q 108 -13.83 -26.63 46.32
N PHE Q 109 -12.64 -26.58 45.71
CA PHE Q 109 -12.33 -27.35 44.51
C PHE Q 109 -12.44 -28.87 44.69
N LEU Q 110 -13.36 -29.48 43.96
CA LEU Q 110 -13.37 -30.92 43.77
C LEU Q 110 -12.58 -31.14 42.49
N ARG Q 111 -12.12 -32.36 42.22
CA ARG Q 111 -11.18 -32.55 41.13
C ARG Q 111 -11.82 -32.17 39.79
N GLY Q 112 -11.01 -31.65 38.87
CA GLY Q 112 -11.53 -31.18 37.61
C GLY Q 112 -11.15 -32.10 36.47
N TYR Q 113 -11.61 -31.77 35.28
CA TYR Q 113 -11.42 -32.64 34.12
C TYR Q 113 -11.07 -31.82 32.90
N HIS Q 114 -10.56 -32.51 31.88
CA HIS Q 114 -10.13 -31.89 30.66
C HIS Q 114 -9.92 -32.98 29.60
N GLN Q 115 -10.85 -33.10 28.66
CA GLN Q 115 -10.83 -34.22 27.71
C GLN Q 115 -11.06 -33.83 26.26
N TYR Q 116 -10.56 -34.66 25.34
CA TYR Q 116 -10.71 -34.44 23.90
C TYR Q 116 -11.35 -35.67 23.27
N ALA Q 117 -11.70 -35.55 21.99
CA ALA Q 117 -12.24 -36.65 21.21
C ALA Q 117 -12.13 -36.40 19.72
N TYR Q 118 -11.60 -37.38 18.99
CA TYR Q 118 -11.59 -37.37 17.54
C TYR Q 118 -12.92 -38.00 17.09
N ASP Q 119 -12.92 -38.65 15.93
CA ASP Q 119 -14.09 -39.39 15.46
C ASP Q 119 -14.51 -40.41 16.50
N GLY Q 120 -13.56 -41.19 17.01
CA GLY Q 120 -13.86 -42.18 18.02
C GLY Q 120 -14.28 -41.60 19.36
N LYS Q 121 -14.13 -42.41 20.41
CA LYS Q 121 -14.52 -42.02 21.76
C LYS Q 121 -13.41 -41.24 22.47
N ASP Q 122 -12.58 -41.94 23.23
CA ASP Q 122 -11.52 -41.30 24.02
C ASP Q 122 -10.25 -41.18 23.20
N TYR Q 123 -9.73 -39.96 23.08
CA TYR Q 123 -8.46 -39.75 22.41
C TYR Q 123 -7.46 -39.28 23.46
N ILE Q 124 -7.57 -38.03 23.89
CA ILE Q 124 -6.75 -37.52 24.98
C ILE Q 124 -7.62 -36.86 26.05
N ALA Q 125 -7.44 -37.32 27.29
CA ALA Q 125 -8.16 -36.81 28.43
C ALA Q 125 -7.20 -36.63 29.59
N LEU Q 126 -7.43 -35.59 30.39
CA LEU Q 126 -6.65 -35.40 31.61
C LEU Q 126 -6.97 -36.55 32.56
N LYS Q 127 -5.94 -37.10 33.19
CA LYS Q 127 -6.13 -38.17 34.16
C LYS Q 127 -6.58 -37.52 35.46
N GLU Q 128 -7.04 -38.31 36.43
CA GLU Q 128 -7.62 -37.78 37.67
C GLU Q 128 -6.57 -37.10 38.55
N ASP Q 129 -5.44 -36.76 37.96
CA ASP Q 129 -4.34 -36.09 38.65
C ASP Q 129 -4.14 -34.72 38.02
N LEU Q 130 -2.92 -34.17 38.07
CA LEU Q 130 -2.69 -32.81 37.59
C LEU Q 130 -2.09 -32.75 36.19
N ARG Q 131 -0.89 -33.31 36.05
CA ARG Q 131 -0.10 -33.16 34.83
C ARG Q 131 -0.26 -34.36 33.89
N SER Q 132 -0.80 -35.45 34.43
CA SER Q 132 -0.85 -36.71 33.72
C SER Q 132 -1.88 -36.75 32.59
N TRP Q 133 -1.71 -37.69 31.67
CA TRP Q 133 -2.63 -37.85 30.54
C TRP Q 133 -2.97 -39.32 30.27
N THR Q 134 -4.06 -39.55 29.55
CA THR Q 134 -4.39 -40.91 29.13
C THR Q 134 -4.47 -41.04 27.61
N ALA Q 135 -3.44 -41.63 27.05
CA ALA Q 135 -3.38 -41.90 25.61
C ALA Q 135 -3.26 -43.39 25.39
N ALA Q 136 -3.85 -43.89 24.31
CA ALA Q 136 -3.81 -45.31 24.00
C ALA Q 136 -3.57 -45.54 22.52
N ASP Q 137 -3.36 -44.46 21.78
CA ASP Q 137 -3.05 -44.55 20.37
C ASP Q 137 -1.56 -44.22 20.21
N MET Q 138 -1.14 -43.89 19.00
CA MET Q 138 0.24 -43.49 18.76
C MET Q 138 0.29 -41.99 18.49
N ALA Q 139 -0.70 -41.51 17.74
CA ALA Q 139 -0.85 -40.09 17.48
C ALA Q 139 -1.25 -39.40 18.78
N ALA Q 140 -1.95 -40.13 19.63
CA ALA Q 140 -2.34 -39.64 20.94
C ALA Q 140 -1.09 -39.32 21.74
N GLN Q 141 -0.10 -40.19 21.61
CA GLN Q 141 1.16 -40.05 22.30
C GLN Q 141 1.98 -38.86 21.79
N THR Q 142 2.01 -38.65 20.47
CA THR Q 142 2.78 -37.53 19.91
C THR Q 142 2.12 -36.20 20.23
N THR Q 143 0.79 -36.16 20.20
CA THR Q 143 0.11 -34.91 20.50
C THR Q 143 0.15 -34.61 22.00
N LYS Q 144 0.21 -35.64 22.83
CA LYS Q 144 0.34 -35.39 24.27
C LYS Q 144 1.78 -35.05 24.60
N HIS Q 145 2.70 -35.48 23.73
CA HIS Q 145 4.10 -35.09 23.84
C HIS Q 145 4.23 -33.61 23.52
N LYS Q 146 3.46 -33.14 22.56
CA LYS Q 146 3.45 -31.73 22.20
C LYS Q 146 3.04 -30.85 23.39
N TRP Q 147 2.32 -31.45 24.34
CA TRP Q 147 1.93 -30.75 25.56
C TRP Q 147 2.87 -31.11 26.70
N GLU Q 148 3.68 -32.14 26.49
CA GLU Q 148 4.71 -32.48 27.46
C GLU Q 148 5.87 -31.52 27.28
N ALA Q 149 6.00 -30.93 26.10
CA ALA Q 149 7.05 -29.95 25.86
C ALA Q 149 6.59 -28.56 26.35
N ALA Q 150 5.35 -28.20 26.03
CA ALA Q 150 4.83 -26.87 26.36
C ALA Q 150 4.34 -26.74 27.81
N HIS Q 151 4.25 -27.86 28.51
CA HIS Q 151 3.77 -27.88 29.90
C HIS Q 151 2.40 -27.21 30.02
N VAL Q 152 1.44 -27.74 29.26
CA VAL Q 152 0.11 -27.17 29.18
C VAL Q 152 -0.70 -27.63 30.38
N ALA Q 153 -0.50 -28.87 30.79
CA ALA Q 153 -1.32 -29.51 31.83
C ALA Q 153 -1.40 -28.72 33.13
N GLU Q 154 -0.28 -28.17 33.57
CA GLU Q 154 -0.24 -27.43 34.83
C GLU Q 154 -0.64 -25.96 34.67
N GLN Q 155 -0.39 -25.40 33.49
CA GLN Q 155 -0.78 -24.02 33.22
C GLN Q 155 -2.30 -24.00 33.04
N LEU Q 156 -2.85 -25.20 32.91
CA LEU Q 156 -4.27 -25.45 32.81
C LEU Q 156 -4.79 -25.87 34.19
N ARG Q 157 -3.91 -26.45 35.00
CA ARG Q 157 -4.24 -26.83 36.37
C ARG Q 157 -4.43 -25.58 37.22
N ALA Q 158 -3.69 -24.53 36.87
CA ALA Q 158 -3.82 -23.25 37.56
C ALA Q 158 -5.12 -22.58 37.13
N TYR Q 159 -5.76 -23.18 36.12
CA TYR Q 159 -7.04 -22.71 35.63
C TYR Q 159 -8.16 -23.54 36.24
N LEU Q 160 -7.90 -24.82 36.48
CA LEU Q 160 -8.89 -25.72 37.08
C LEU Q 160 -9.18 -25.30 38.52
N GLU Q 161 -8.16 -24.77 39.20
CA GLU Q 161 -8.33 -24.21 40.53
C GLU Q 161 -7.95 -22.74 40.46
N GLY Q 162 -8.88 -21.86 40.78
CA GLY Q 162 -8.54 -20.44 40.83
C GLY Q 162 -8.98 -19.63 39.63
N THR Q 163 -9.55 -20.28 38.62
CA THR Q 163 -10.06 -19.57 37.45
C THR Q 163 -11.42 -20.11 37.04
N CYS Q 164 -11.56 -21.42 37.03
CA CYS Q 164 -12.86 -22.05 36.81
C CYS Q 164 -13.70 -22.04 38.08
N VAL Q 165 -13.03 -22.16 39.23
CA VAL Q 165 -13.70 -22.39 40.51
C VAL Q 165 -14.27 -21.14 41.18
N GLU Q 166 -13.51 -20.05 41.22
CA GLU Q 166 -14.00 -18.83 41.85
C GLU Q 166 -15.02 -18.11 40.96
N TRP Q 167 -14.91 -18.30 39.64
CA TRP Q 167 -15.95 -17.82 38.72
C TRP Q 167 -17.19 -18.68 38.87
N LEU Q 168 -16.97 -19.94 39.20
CA LEU Q 168 -18.05 -20.89 39.43
C LEU Q 168 -18.81 -20.45 40.68
N ARG Q 169 -18.06 -20.08 41.71
CA ARG Q 169 -18.62 -19.57 42.94
C ARG Q 169 -19.34 -18.26 42.66
N ARG Q 170 -18.78 -17.47 41.74
CA ARG Q 170 -19.39 -16.21 41.36
C ARG Q 170 -20.74 -16.42 40.69
N TYR Q 171 -20.82 -17.45 39.86
CA TYR Q 171 -22.06 -17.77 39.17
C TYR Q 171 -23.05 -18.34 40.18
N LEU Q 172 -22.51 -19.04 41.18
CA LEU Q 172 -23.30 -19.69 42.22
C LEU Q 172 -23.84 -18.67 43.23
N GLU Q 173 -23.23 -17.50 43.25
CA GLU Q 173 -23.64 -16.41 44.11
C GLU Q 173 -24.50 -15.42 43.32
N ASN Q 174 -24.36 -15.48 42.00
CA ASN Q 174 -25.12 -14.61 41.11
C ASN Q 174 -26.47 -15.20 40.71
N GLY Q 175 -26.67 -16.48 41.01
CA GLY Q 175 -27.92 -17.14 40.71
C GLY Q 175 -28.48 -17.96 41.86
N LYS Q 176 -28.30 -17.46 43.08
CA LYS Q 176 -28.72 -18.19 44.27
C LYS Q 176 -30.22 -18.42 44.29
N GLU Q 177 -30.97 -17.49 43.69
CA GLU Q 177 -32.43 -17.60 43.63
C GLU Q 177 -32.81 -18.72 42.66
N THR Q 178 -31.93 -19.01 41.72
CA THR Q 178 -32.17 -20.09 40.76
C THR Q 178 -31.44 -21.39 41.10
N LEU Q 179 -30.66 -21.40 42.19
CA LEU Q 179 -29.98 -22.65 42.56
C LEU Q 179 -30.14 -23.09 44.01
N GLN Q 180 -31.11 -22.53 44.73
CA GLN Q 180 -31.41 -23.05 46.06
C GLN Q 180 -32.40 -24.18 45.89
N ARG Q 181 -33.03 -24.22 44.72
CA ARG Q 181 -34.14 -25.13 44.49
C ARG Q 181 -33.68 -26.46 43.90
N THR Q 182 -33.79 -27.50 44.72
CA THR Q 182 -33.65 -28.88 44.28
C THR Q 182 -35.06 -29.44 44.23
N ASP Q 183 -35.75 -29.15 43.12
CA ASP Q 183 -37.19 -29.40 42.97
C ASP Q 183 -37.56 -30.86 43.25
N ALA Q 184 -38.35 -31.05 44.29
CA ALA Q 184 -38.82 -32.36 44.73
C ALA Q 184 -39.84 -32.96 43.76
N PRO Q 185 -39.73 -34.28 43.50
CA PRO Q 185 -40.60 -35.01 42.59
C PRO Q 185 -41.95 -35.41 43.16
N LYS Q 186 -43.00 -35.18 42.39
CA LYS Q 186 -44.31 -35.69 42.75
C LYS Q 186 -44.48 -36.95 41.92
N THR Q 187 -44.79 -38.06 42.59
CA THR Q 187 -44.89 -39.34 41.89
C THR Q 187 -46.32 -39.85 41.94
N HIS Q 188 -46.66 -40.68 40.97
CA HIS Q 188 -47.96 -41.32 40.96
C HIS Q 188 -47.67 -42.81 40.94
N MET Q 189 -48.61 -43.61 40.45
CA MET Q 189 -48.39 -45.04 40.35
C MET Q 189 -49.55 -45.62 39.56
N THR Q 190 -49.35 -45.86 38.27
CA THR Q 190 -50.43 -46.37 37.44
C THR Q 190 -50.11 -47.72 36.84
N HIS Q 191 -51.13 -48.37 36.30
CA HIS Q 191 -50.98 -49.71 35.73
C HIS Q 191 -51.79 -49.88 34.46
N HIS Q 192 -51.27 -50.70 33.55
CA HIS Q 192 -52.04 -51.18 32.42
C HIS Q 192 -51.54 -52.56 32.02
N ALA Q 193 -52.46 -53.49 31.81
CA ALA Q 193 -52.07 -54.84 31.41
C ALA Q 193 -52.52 -55.08 29.98
N VAL Q 194 -51.65 -55.71 29.21
CA VAL Q 194 -51.92 -55.96 27.79
C VAL Q 194 -52.22 -57.43 27.55
N SER Q 195 -51.43 -58.31 28.18
CA SER Q 195 -51.68 -59.74 28.13
C SER Q 195 -52.54 -60.15 29.31
N LEU Q 201 -46.78 -52.24 36.12
CA LEU Q 201 -47.09 -50.95 36.69
C LEU Q 201 -46.23 -49.87 36.02
N ARG Q 202 -45.63 -49.02 36.85
CA ARG Q 202 -44.88 -47.86 36.37
C ARG Q 202 -44.12 -47.20 37.51
N CYS Q 203 -42.79 -47.17 37.38
CA CYS Q 203 -41.98 -46.44 38.34
C CYS Q 203 -41.28 -45.27 37.64
N TRP Q 204 -41.69 -44.06 38.00
CA TRP Q 204 -41.30 -42.88 37.23
C TRP Q 204 -41.13 -41.62 38.08
N ALA Q 205 -40.40 -40.67 37.55
CA ALA Q 205 -40.21 -39.36 38.16
C ALA Q 205 -40.48 -38.26 37.13
N LEU Q 206 -41.01 -37.12 37.59
CA LEU Q 206 -41.57 -36.11 36.68
C LEU Q 206 -40.89 -34.73 36.61
N SER Q 207 -40.48 -34.19 37.75
CA SER Q 207 -40.00 -32.79 37.80
C SER Q 207 -38.68 -32.64 38.54
N PHE Q 208 -37.57 -32.44 37.81
CA PHE Q 208 -36.27 -32.33 38.48
C PHE Q 208 -35.29 -31.25 38.11
N TYR Q 209 -34.67 -30.70 39.14
CA TYR Q 209 -33.72 -29.63 38.93
C TYR Q 209 -32.32 -30.25 38.70
N PRO Q 210 -31.84 -31.11 39.64
CA PRO Q 210 -30.67 -31.91 39.21
C PRO Q 210 -31.07 -33.11 38.35
N ALA Q 211 -30.34 -33.36 37.26
CA ALA Q 211 -30.61 -34.51 36.40
C ALA Q 211 -30.26 -35.83 37.06
N GLU Q 212 -29.33 -35.78 38.01
CA GLU Q 212 -28.80 -36.97 38.65
C GLU Q 212 -29.76 -37.54 39.70
N ILE Q 213 -30.41 -38.66 39.35
CA ILE Q 213 -31.34 -39.31 40.27
C ILE Q 213 -31.43 -40.83 40.11
N THR Q 214 -31.36 -41.53 41.24
CA THR Q 214 -31.56 -42.98 41.27
C THR Q 214 -32.98 -43.41 41.59
N LEU Q 215 -33.49 -44.38 40.84
CA LEU Q 215 -34.84 -44.90 41.09
C LEU Q 215 -34.70 -46.37 41.46
N THR Q 216 -34.28 -46.64 42.70
CA THR Q 216 -34.06 -48.02 43.12
C THR Q 216 -35.38 -48.75 43.03
N TRP Q 217 -35.32 -49.81 42.26
CA TRP Q 217 -36.45 -50.60 41.87
C TRP Q 217 -36.36 -51.91 42.59
N GLN Q 218 -35.86 -51.86 43.82
CA GLN Q 218 -35.50 -53.08 44.51
C GLN Q 218 -36.81 -53.81 44.74
N ARG Q 219 -36.98 -54.95 44.08
CA ARG Q 219 -38.18 -55.75 44.27
C ARG Q 219 -38.02 -56.58 45.53
N ASP Q 220 -38.01 -55.88 46.67
CA ASP Q 220 -37.62 -56.43 47.96
C ASP Q 220 -36.14 -56.83 47.87
N GLY Q 221 -35.69 -57.75 48.72
CA GLY Q 221 -34.30 -58.14 48.71
C GLY Q 221 -33.99 -58.89 47.42
N GLU Q 222 -33.99 -58.19 46.30
CA GLU Q 222 -33.70 -58.77 45.00
C GLU Q 222 -32.94 -57.84 44.05
N ASP Q 223 -32.06 -58.43 43.24
CA ASP Q 223 -31.37 -57.68 42.19
C ASP Q 223 -31.79 -58.25 40.83
N GLN Q 224 -31.69 -57.42 39.80
CA GLN Q 224 -32.28 -57.75 38.52
C GLN Q 224 -31.37 -57.58 37.31
N THR Q 225 -31.85 -58.06 36.17
CA THR Q 225 -31.11 -57.94 34.93
C THR Q 225 -31.99 -57.87 33.67
N GLN Q 226 -33.29 -58.12 33.80
CA GLN Q 226 -34.10 -58.40 32.61
C GLN Q 226 -35.39 -57.60 32.35
N ASP Q 227 -36.18 -57.25 33.38
CA ASP Q 227 -37.54 -56.78 33.07
C ASP Q 227 -37.74 -55.36 32.51
N THR Q 228 -37.10 -54.32 33.05
CA THR Q 228 -37.30 -52.99 32.45
C THR Q 228 -36.21 -52.66 31.44
N GLU Q 229 -36.59 -51.80 30.50
CA GLU Q 229 -35.67 -51.32 29.51
C GLU Q 229 -35.27 -49.90 29.96
N LEU Q 230 -34.00 -49.73 30.35
CA LEU Q 230 -33.53 -48.45 30.88
C LEU Q 230 -33.50 -47.34 29.84
N VAL Q 231 -34.15 -46.23 30.15
CA VAL Q 231 -34.17 -45.07 29.28
C VAL Q 231 -33.30 -43.98 29.89
N GLU Q 232 -32.82 -43.07 29.06
CA GLU Q 232 -31.97 -41.98 29.51
C GLU Q 232 -32.81 -40.88 30.17
N THR Q 233 -32.17 -40.11 31.05
CA THR Q 233 -32.84 -38.98 31.69
C THR Q 233 -33.08 -37.93 30.61
N ARG Q 234 -34.20 -37.23 30.69
CA ARG Q 234 -34.61 -36.37 29.57
C ARG Q 234 -34.94 -34.97 30.05
N PRO Q 235 -34.64 -33.97 29.20
CA PRO Q 235 -34.93 -32.57 29.51
C PRO Q 235 -36.42 -32.31 29.40
N ALA Q 236 -36.99 -31.59 30.37
CA ALA Q 236 -38.40 -31.24 30.31
C ALA Q 236 -38.55 -29.86 29.70
N GLY Q 237 -37.51 -29.41 29.01
CA GLY Q 237 -37.55 -28.19 28.23
C GLY Q 237 -37.67 -26.90 29.01
N ASP Q 238 -37.65 -26.99 30.34
CA ASP Q 238 -37.82 -25.83 31.20
C ASP Q 238 -36.70 -25.68 32.20
N GLY Q 239 -35.85 -26.69 32.29
CA GLY Q 239 -34.80 -26.73 33.29
C GLY Q 239 -35.08 -27.87 34.25
N THR Q 240 -36.19 -28.56 34.03
CA THR Q 240 -36.53 -29.73 34.84
C THR Q 240 -36.38 -30.99 34.01
N PHE Q 241 -36.45 -32.14 34.67
CA PHE Q 241 -36.18 -33.41 34.02
C PHE Q 241 -37.24 -34.48 34.33
N GLN Q 242 -37.23 -35.54 33.52
CA GLN Q 242 -38.22 -36.60 33.65
C GLN Q 242 -37.55 -37.96 33.48
N PRO Q 250 -47.44 -60.03 36.03
CA PRO Q 250 -48.70 -60.75 36.29
C PRO Q 250 -49.61 -59.99 37.26
N SER Q 251 -50.91 -60.03 36.99
CA SER Q 251 -51.89 -59.14 37.63
C SER Q 251 -52.11 -59.40 39.13
N GLY Q 252 -51.43 -60.41 39.65
CA GLY Q 252 -51.56 -60.79 41.05
C GLY Q 252 -50.20 -60.77 41.72
N GLN Q 253 -49.18 -60.49 40.92
CA GLN Q 253 -47.80 -60.46 41.40
C GLN Q 253 -47.24 -59.05 41.22
N GLU Q 254 -48.14 -58.09 41.01
CA GLU Q 254 -47.79 -56.68 40.94
C GLU Q 254 -48.32 -55.90 42.16
N GLN Q 255 -47.91 -56.30 43.37
CA GLN Q 255 -48.49 -55.69 44.57
C GLN Q 255 -47.71 -55.88 45.90
N ARG Q 256 -46.49 -56.36 45.81
CA ARG Q 256 -45.68 -56.57 47.01
C ARG Q 256 -44.52 -55.59 46.94
N TYR Q 257 -44.22 -55.17 45.70
CA TYR Q 257 -43.08 -54.31 45.32
C TYR Q 257 -43.15 -52.81 45.56
N THR Q 258 -41.97 -52.18 45.63
CA THR Q 258 -41.88 -50.74 45.63
C THR Q 258 -40.66 -50.26 44.87
N CYS Q 259 -40.67 -48.99 44.53
CA CYS Q 259 -39.53 -48.33 43.91
C CYS Q 259 -39.00 -47.27 44.85
N HIS Q 260 -37.79 -47.47 45.35
CA HIS Q 260 -37.19 -46.48 46.22
C HIS Q 260 -36.48 -45.47 45.34
N VAL Q 261 -36.58 -44.20 45.69
CA VAL Q 261 -35.99 -43.16 44.85
C VAL Q 261 -35.08 -42.29 45.70
N GLN Q 262 -33.86 -42.07 45.21
CA GLN Q 262 -32.95 -41.15 45.85
C GLN Q 262 -32.57 -40.02 44.90
N HIS Q 263 -32.81 -38.80 45.38
CA HIS Q 263 -32.54 -37.58 44.63
C HIS Q 263 -31.90 -36.58 45.57
N GLU Q 264 -31.30 -35.54 45.01
CA GLU Q 264 -30.62 -34.53 45.80
C GLU Q 264 -31.64 -33.69 46.55
N GLY Q 265 -32.80 -33.50 45.94
CA GLY Q 265 -33.87 -32.75 46.57
C GLY Q 265 -34.79 -33.51 47.50
N LEU Q 266 -34.49 -34.77 47.77
CA LEU Q 266 -35.27 -35.52 48.76
C LEU Q 266 -34.39 -35.89 49.96
N PRO Q 267 -34.66 -35.24 51.10
CA PRO Q 267 -33.91 -35.49 52.34
C PRO Q 267 -34.22 -36.90 52.86
N LYS Q 268 -35.40 -37.40 52.53
CA LYS Q 268 -35.80 -38.73 52.99
C LYS Q 268 -36.11 -39.64 51.81
N PRO Q 269 -35.64 -40.89 51.87
CA PRO Q 269 -35.90 -41.92 50.86
C PRO Q 269 -37.37 -42.31 50.83
N LEU Q 270 -37.95 -42.33 49.64
CA LEU Q 270 -39.36 -42.64 49.51
C LEU Q 270 -39.59 -44.13 49.26
N THR Q 271 -40.40 -44.74 50.11
CA THR Q 271 -40.82 -46.13 49.93
C THR Q 271 -41.99 -46.21 48.95
N LEU R 1 -14.01 -16.84 32.31
CA LEU R 1 -14.21 -18.25 32.70
C LEU R 1 -13.50 -19.21 31.73
N LEU R 2 -13.42 -18.85 30.45
CA LEU R 2 -12.79 -19.74 29.48
C LEU R 2 -11.27 -19.75 29.61
N PHE R 3 -10.67 -20.86 29.17
CA PHE R 3 -9.24 -21.02 29.15
C PHE R 3 -8.63 -20.11 28.10
N GLY R 4 -7.67 -19.31 28.51
CA GLY R 4 -7.18 -18.21 27.70
C GLY R 4 -5.94 -18.53 26.90
N TYR R 5 -5.57 -19.81 26.90
CA TYR R 5 -4.41 -20.25 26.14
C TYR R 5 -4.85 -21.06 24.92
N PRO R 6 -4.25 -20.75 23.76
CA PRO R 6 -4.59 -21.47 22.53
C PRO R 6 -3.99 -22.87 22.55
N VAL R 7 -4.80 -23.88 22.88
CA VAL R 7 -4.31 -25.25 22.96
C VAL R 7 -4.30 -25.87 21.57
N TYR R 8 -3.21 -26.56 21.25
CA TYR R 8 -3.03 -27.14 19.92
C TYR R 8 -2.64 -28.61 20.00
N VAL R 9 -3.07 -29.39 19.02
CA VAL R 9 -2.82 -30.83 19.02
C VAL R 9 -1.71 -31.19 18.04
N MET S 1 -16.28 -42.19 13.02
CA MET S 1 -16.12 -43.16 11.94
C MET S 1 -16.85 -44.45 12.33
N ILE S 2 -17.26 -44.51 13.60
CA ILE S 2 -18.05 -45.62 14.12
C ILE S 2 -19.49 -45.13 14.33
N GLN S 3 -20.46 -46.01 14.11
CA GLN S 3 -21.86 -45.63 14.18
C GLN S 3 -22.53 -46.17 15.44
N ARG S 4 -23.38 -45.35 16.06
CA ARG S 4 -24.13 -45.77 17.23
C ARG S 4 -25.60 -45.43 17.03
N THR S 5 -26.49 -46.31 17.50
CA THR S 5 -27.92 -46.13 17.29
C THR S 5 -28.47 -45.03 18.18
N PRO S 6 -29.16 -44.05 17.58
CA PRO S 6 -29.76 -42.93 18.30
C PRO S 6 -31.02 -43.36 19.03
N LYS S 7 -31.19 -42.87 20.25
CA LYS S 7 -32.41 -43.12 21.01
C LYS S 7 -33.32 -41.91 20.98
N ILE S 8 -34.46 -42.09 20.32
CA ILE S 8 -35.45 -41.04 20.15
C ILE S 8 -36.58 -41.25 21.16
N GLN S 9 -37.11 -40.15 21.70
CA GLN S 9 -38.08 -40.24 22.78
C GLN S 9 -39.10 -39.10 22.68
N VAL S 10 -40.32 -39.45 22.27
CA VAL S 10 -41.36 -38.47 22.05
C VAL S 10 -42.24 -38.29 23.30
N TYR S 11 -42.46 -37.04 23.70
CA TYR S 11 -43.24 -36.77 24.90
C TYR S 11 -43.76 -35.34 25.02
N SER S 12 -44.29 -35.05 26.20
CA SER S 12 -44.89 -33.76 26.52
C SER S 12 -44.17 -33.12 27.70
N ARG S 13 -44.11 -31.79 27.71
CA ARG S 13 -43.46 -31.06 28.79
C ARG S 13 -44.21 -31.24 30.10
N HIS S 14 -45.54 -31.20 30.01
CA HIS S 14 -46.38 -31.45 31.17
C HIS S 14 -47.30 -32.63 30.89
N PRO S 15 -47.72 -33.33 31.95
CA PRO S 15 -48.75 -34.37 31.82
C PRO S 15 -49.93 -33.80 31.03
N ALA S 16 -50.35 -34.51 29.99
CA ALA S 16 -51.35 -33.98 29.07
C ALA S 16 -52.71 -33.77 29.73
N GLU S 17 -53.25 -32.57 29.57
CA GLU S 17 -54.58 -32.26 30.07
C GLU S 17 -55.43 -31.67 28.95
N ASN S 18 -56.71 -32.02 28.96
CA ASN S 18 -57.62 -31.68 27.86
C ASN S 18 -57.91 -30.19 27.72
N GLY S 19 -57.33 -29.57 26.70
CA GLY S 19 -57.61 -28.18 26.37
C GLY S 19 -56.56 -27.20 26.85
N LYS S 20 -55.62 -27.67 27.67
CA LYS S 20 -54.58 -26.81 28.21
C LYS S 20 -53.29 -26.90 27.41
N SER S 21 -52.79 -25.75 26.97
CA SER S 21 -51.60 -25.65 26.13
C SER S 21 -50.39 -26.37 26.74
N ASN S 22 -49.49 -26.84 25.89
CA ASN S 22 -48.32 -27.59 26.34
C ASN S 22 -47.18 -27.54 25.32
N PHE S 23 -46.17 -28.38 25.53
CA PHE S 23 -45.02 -28.45 24.64
C PHE S 23 -44.80 -29.86 24.10
N LEU S 24 -44.59 -29.96 22.79
CA LEU S 24 -44.13 -31.20 22.16
C LEU S 24 -42.63 -31.27 22.32
N ASN S 25 -42.12 -32.39 22.82
CA ASN S 25 -40.68 -32.56 22.97
C ASN S 25 -40.17 -33.92 22.50
N CYS S 26 -39.34 -33.88 21.45
CA CYS S 26 -38.64 -35.06 20.98
C CYS S 26 -37.19 -35.00 21.42
N TYR S 27 -36.82 -35.91 22.32
CA TYR S 27 -35.47 -35.91 22.85
C TYR S 27 -34.70 -37.06 22.23
N VAL S 28 -33.66 -36.70 21.48
CA VAL S 28 -32.84 -37.69 20.80
C VAL S 28 -31.45 -37.64 21.41
N SER S 29 -30.88 -38.82 21.66
CA SER S 29 -29.59 -38.87 22.35
C SER S 29 -28.86 -40.18 22.12
N GLY S 30 -27.53 -40.12 22.21
CA GLY S 30 -26.72 -41.31 22.10
C GLY S 30 -26.11 -41.49 20.73
N PHE S 31 -26.46 -40.60 19.80
CA PHE S 31 -25.95 -40.75 18.44
C PHE S 31 -24.59 -40.10 18.24
N HIS S 32 -23.92 -40.52 17.16
CA HIS S 32 -22.61 -40.00 16.76
C HIS S 32 -22.34 -40.50 15.33
N PRO S 33 -22.04 -39.58 14.40
CA PRO S 33 -22.03 -38.13 14.65
C PRO S 33 -23.41 -37.51 14.72
N SER S 34 -23.42 -36.20 14.83
CA SER S 34 -24.63 -35.43 15.11
C SER S 34 -25.49 -35.10 13.90
N ASP S 35 -25.20 -35.73 12.76
CA ASP S 35 -25.99 -35.50 11.57
C ASP S 35 -27.31 -36.24 11.72
N ILE S 36 -28.34 -35.52 12.16
CA ILE S 36 -29.63 -36.11 12.47
C ILE S 36 -30.69 -35.32 11.73
N GLU S 37 -31.53 -36.01 10.97
CA GLU S 37 -32.57 -35.32 10.21
C GLU S 37 -33.96 -35.61 10.76
N VAL S 38 -34.60 -34.61 11.35
CA VAL S 38 -35.87 -34.81 12.06
C VAL S 38 -37.06 -33.99 11.58
N ASP S 39 -38.24 -34.57 11.79
CA ASP S 39 -39.50 -33.91 11.52
C ASP S 39 -40.56 -34.25 12.57
N LEU S 40 -41.19 -33.23 13.15
CA LEU S 40 -42.31 -33.45 14.04
C LEU S 40 -43.58 -33.55 13.20
N LEU S 41 -44.41 -34.55 13.47
CA LEU S 41 -45.62 -34.70 12.66
C LEU S 41 -46.89 -34.68 13.50
N LYS S 42 -48.03 -34.60 12.82
CA LYS S 42 -49.33 -34.58 13.46
C LYS S 42 -50.26 -35.58 12.80
N ASN S 43 -50.98 -35.11 11.78
CA ASN S 43 -51.92 -35.93 11.05
C ASN S 43 -51.45 -36.24 9.63
N GLY S 44 -50.99 -35.22 8.94
CA GLY S 44 -50.36 -35.38 7.64
C GLY S 44 -48.94 -34.86 7.60
N GLU S 45 -48.81 -33.53 7.52
CA GLU S 45 -47.53 -32.83 7.52
C GLU S 45 -47.86 -31.37 7.78
N ARG S 46 -47.22 -30.74 8.77
CA ARG S 46 -47.62 -29.36 9.08
C ARG S 46 -46.57 -28.45 9.76
N ILE S 47 -45.88 -28.92 10.80
CA ILE S 47 -45.04 -28.00 11.57
C ILE S 47 -43.57 -27.93 11.11
N GLU S 48 -43.32 -27.11 10.08
CA GLU S 48 -41.96 -26.92 9.64
C GLU S 48 -41.30 -25.77 10.41
N LYS S 49 -41.99 -25.24 11.42
CA LYS S 49 -41.40 -24.20 12.25
C LYS S 49 -41.04 -24.78 13.62
N VAL S 50 -40.24 -25.85 13.63
CA VAL S 50 -39.84 -26.44 14.89
C VAL S 50 -38.54 -25.80 15.35
N GLU S 51 -38.49 -25.50 16.65
CA GLU S 51 -37.29 -24.91 17.23
C GLU S 51 -36.56 -25.94 18.10
N HIS S 52 -35.24 -25.83 18.10
CA HIS S 52 -34.39 -26.81 18.74
C HIS S 52 -33.48 -26.17 19.77
N SER S 53 -32.85 -27.03 20.57
CA SER S 53 -31.79 -26.60 21.47
C SER S 53 -30.49 -26.76 20.71
N ASP S 54 -29.40 -26.22 21.25
CA ASP S 54 -28.11 -26.30 20.58
C ASP S 54 -27.40 -27.61 20.85
N LEU S 55 -26.38 -27.90 20.04
CA LEU S 55 -25.73 -29.20 20.02
C LEU S 55 -24.90 -29.48 21.27
N SER S 56 -25.10 -30.65 21.86
CA SER S 56 -24.32 -31.12 23.02
C SER S 56 -24.05 -32.62 22.90
N PHE S 57 -23.23 -33.17 23.80
CA PHE S 57 -22.87 -34.60 23.66
C PHE S 57 -22.72 -35.41 24.96
N SER S 58 -23.52 -35.08 25.97
CA SER S 58 -23.55 -35.85 27.23
C SER S 58 -22.20 -36.10 27.89
N LYS S 59 -22.01 -37.34 28.32
CA LYS S 59 -20.85 -37.75 29.10
C LYS S 59 -19.86 -38.60 28.29
N ASP S 60 -20.37 -39.51 27.50
CA ASP S 60 -19.53 -40.41 26.71
C ASP S 60 -19.46 -40.00 25.24
N TRP S 61 -19.46 -38.69 24.99
CA TRP S 61 -19.28 -38.13 23.65
C TRP S 61 -20.43 -38.51 22.72
N SER S 62 -21.57 -38.88 23.32
CA SER S 62 -22.76 -39.21 22.55
C SER S 62 -23.66 -37.98 22.49
N PHE S 63 -23.89 -37.48 21.28
CA PHE S 63 -24.62 -36.22 21.14
C PHE S 63 -26.07 -36.34 21.58
N TYR S 64 -26.65 -35.22 22.01
CA TYR S 64 -28.06 -35.17 22.38
C TYR S 64 -28.69 -33.82 22.07
N LEU S 65 -29.87 -33.86 21.48
CA LEU S 65 -30.62 -32.65 21.17
C LEU S 65 -32.08 -32.84 21.53
N LEU S 66 -32.76 -31.74 21.82
CA LEU S 66 -34.17 -31.76 22.17
C LEU S 66 -34.90 -30.81 21.24
N TYR S 67 -35.75 -31.38 20.40
CA TYR S 67 -36.53 -30.59 19.46
C TYR S 67 -37.89 -30.33 20.10
N TYR S 68 -38.32 -29.08 20.10
CA TYR S 68 -39.54 -28.74 20.83
C TYR S 68 -40.44 -27.75 20.10
N THR S 69 -41.70 -27.72 20.51
CA THR S 69 -42.63 -26.72 20.03
C THR S 69 -43.80 -26.55 20.97
N GLU S 70 -44.64 -25.54 20.72
CA GLU S 70 -45.81 -25.32 21.56
C GLU S 70 -47.04 -25.82 20.82
N PHE S 71 -47.98 -26.40 21.56
CA PHE S 71 -49.20 -26.94 20.96
C PHE S 71 -50.32 -26.98 21.98
N THR S 72 -51.45 -27.57 21.60
CA THR S 72 -52.53 -27.85 22.54
C THR S 72 -52.93 -29.32 22.39
N PRO S 73 -52.80 -30.12 23.47
CA PRO S 73 -53.04 -31.57 23.55
C PRO S 73 -54.45 -32.02 23.22
N THR S 74 -54.52 -33.06 22.39
CA THR S 74 -55.80 -33.60 21.95
C THR S 74 -55.84 -35.12 21.84
N GLU S 75 -57.02 -35.68 22.06
CA GLU S 75 -57.26 -37.09 21.80
C GLU S 75 -57.64 -37.33 20.32
N LYS S 76 -57.85 -36.27 19.55
CA LYS S 76 -58.29 -36.44 18.15
C LYS S 76 -57.10 -36.43 17.19
N ASP S 77 -55.97 -35.88 17.62
CA ASP S 77 -54.81 -35.77 16.74
C ASP S 77 -53.58 -36.53 17.26
N GLU S 78 -52.84 -37.09 16.32
CA GLU S 78 -51.62 -37.83 16.62
C GLU S 78 -50.44 -36.89 16.70
N TYR S 79 -49.37 -37.30 17.38
CA TYR S 79 -48.14 -36.52 17.43
C TYR S 79 -46.96 -37.48 17.45
N ALA S 80 -46.09 -37.36 16.46
CA ALA S 80 -44.96 -38.27 16.35
C ALA S 80 -43.65 -37.59 15.93
N CYS S 81 -42.60 -38.38 15.83
CA CYS S 81 -41.29 -37.89 15.44
C CYS S 81 -40.69 -38.80 14.39
N ARG S 82 -40.40 -38.22 13.22
CA ARG S 82 -39.71 -38.90 12.14
C ARG S 82 -38.23 -38.57 12.27
N VAL S 83 -37.38 -39.59 12.37
CA VAL S 83 -35.96 -39.36 12.59
C VAL S 83 -35.11 -40.20 11.66
N ASN S 84 -34.26 -39.53 10.89
CA ASN S 84 -33.31 -40.20 10.01
C ASN S 84 -31.87 -40.09 10.49
N HIS S 85 -31.21 -41.24 10.50
CA HIS S 85 -29.79 -41.38 10.84
C HIS S 85 -29.12 -42.22 9.77
N VAL S 86 -27.81 -42.39 9.89
CA VAL S 86 -27.02 -43.14 8.93
C VAL S 86 -26.82 -44.60 9.35
N THR S 87 -27.34 -44.99 10.51
CA THR S 87 -27.22 -46.39 10.92
C THR S 87 -27.89 -47.30 9.90
N LEU S 88 -29.15 -47.03 9.59
CA LEU S 88 -29.87 -47.77 8.57
C LEU S 88 -30.55 -46.77 7.67
N SER S 89 -30.98 -47.22 6.49
CA SER S 89 -31.63 -46.32 5.54
C SER S 89 -33.16 -46.38 5.60
N GLN S 90 -33.69 -46.71 6.77
CA GLN S 90 -35.14 -46.67 6.98
C GLN S 90 -35.46 -45.80 8.19
N PRO S 91 -36.39 -44.85 8.02
CA PRO S 91 -36.75 -43.85 9.02
C PRO S 91 -37.31 -44.45 10.31
N LYS S 92 -37.62 -43.59 11.27
CA LYS S 92 -38.20 -44.02 12.54
C LYS S 92 -39.26 -43.01 12.93
N ILE S 93 -40.48 -43.48 13.16
CA ILE S 93 -41.59 -42.60 13.50
C ILE S 93 -42.19 -43.00 14.85
N VAL S 94 -41.74 -42.35 15.92
CA VAL S 94 -42.25 -42.69 17.25
C VAL S 94 -43.43 -41.81 17.62
N LYS S 95 -44.53 -42.43 18.03
CA LYS S 95 -45.78 -41.72 18.26
C LYS S 95 -45.96 -41.38 19.73
N TRP S 96 -46.83 -40.43 20.01
CA TRP S 96 -47.09 -40.00 21.38
C TRP S 96 -48.23 -40.82 21.99
N ASP S 97 -47.89 -41.93 22.64
CA ASP S 97 -48.93 -42.80 23.19
C ASP S 97 -49.02 -42.69 24.71
N ARG S 98 -49.31 -41.48 25.18
CA ARG S 98 -49.55 -41.19 26.60
C ARG S 98 -48.73 -42.01 27.61
N LYS T 6 -18.13 15.51 23.27
CA LYS T 6 -19.34 16.31 23.16
C LYS T 6 -20.53 15.62 23.82
N ALA T 7 -20.35 14.36 24.20
CA ALA T 7 -21.43 13.55 24.77
C ALA T 7 -21.20 13.28 26.26
N ASP T 8 -22.25 12.85 26.96
CA ASP T 8 -22.16 12.53 28.38
C ASP T 8 -23.09 11.37 28.73
N PRO T 9 -22.58 10.38 29.48
CA PRO T 9 -23.39 9.21 29.87
C PRO T 9 -23.91 9.24 31.32
N CYS T 10 -23.05 9.42 32.31
CA CYS T 10 -23.39 9.12 33.69
C CYS T 10 -23.61 10.30 34.64
N LEU T 11 -23.46 11.51 34.13
CA LEU T 11 -23.75 12.70 34.94
C LEU T 11 -25.23 13.01 34.83
N THR T 12 -25.89 12.29 33.93
CA THR T 12 -27.30 12.48 33.66
C THR T 12 -28.18 11.84 34.73
N PHE T 13 -29.23 12.56 35.11
CA PHE T 13 -30.20 12.11 36.10
C PHE T 13 -31.30 11.27 35.44
N ASN T 14 -30.89 10.43 34.50
CA ASN T 14 -31.82 9.68 33.66
C ASN T 14 -32.06 8.20 34.02
N PRO T 15 -31.10 7.54 34.71
CA PRO T 15 -31.50 6.19 35.11
C PRO T 15 -32.68 6.15 36.06
N ASP T 16 -33.88 6.29 35.49
CA ASP T 16 -35.13 6.01 36.19
C ASP T 16 -35.72 4.82 35.46
N LYS T 17 -35.60 4.83 34.13
CA LYS T 17 -36.09 3.72 33.33
C LYS T 17 -34.94 2.77 33.05
N CYS T 18 -34.75 1.81 33.95
CA CYS T 18 -33.87 0.68 33.69
C CYS T 18 -34.76 -0.48 33.30
N GLN T 19 -34.70 -0.89 32.04
CA GLN T 19 -35.62 -1.89 31.49
C GLN T 19 -35.50 -3.20 32.24
N LEU T 20 -36.61 -3.91 32.37
CA LEU T 20 -36.59 -5.21 33.03
C LEU T 20 -37.38 -6.25 32.24
N SER T 21 -36.87 -7.48 32.25
CA SER T 21 -37.50 -8.58 31.50
C SER T 21 -37.79 -9.75 32.43
N PHE T 22 -38.82 -10.53 32.09
CA PHE T 22 -39.23 -11.67 32.89
C PHE T 22 -39.09 -12.94 32.07
N GLN T 23 -38.73 -14.03 32.74
CA GLN T 23 -38.48 -15.27 32.01
C GLN T 23 -38.78 -16.51 32.85
N PRO T 24 -39.39 -17.53 32.24
CA PRO T 24 -39.67 -18.78 32.94
C PRO T 24 -38.46 -19.69 33.06
N ASP T 25 -37.94 -19.88 34.27
CA ASP T 25 -36.80 -20.75 34.50
C ASP T 25 -37.04 -21.66 35.71
N GLY T 26 -37.37 -22.92 35.44
CA GLY T 26 -37.62 -23.88 36.50
C GLY T 26 -38.87 -23.58 37.29
N ASN T 27 -39.92 -23.13 36.61
CA ASN T 27 -41.18 -22.74 37.24
C ASN T 27 -41.00 -21.61 38.24
N ARG T 28 -40.16 -20.65 37.89
CA ARG T 28 -39.96 -19.46 38.70
C ARG T 28 -39.89 -18.28 37.76
N CYS T 29 -40.49 -17.16 38.17
CA CYS T 29 -40.46 -15.97 37.33
C CYS T 29 -39.16 -15.22 37.57
N ALA T 30 -38.21 -15.42 36.67
CA ALA T 30 -36.92 -14.78 36.77
C ALA T 30 -37.02 -13.33 36.33
N VAL T 31 -36.65 -12.43 37.24
CA VAL T 31 -36.68 -11.01 37.00
C VAL T 31 -35.28 -10.55 36.63
N LEU T 32 -35.19 -9.72 35.60
CA LEU T 32 -33.91 -9.21 35.15
C LEU T 32 -34.03 -7.70 34.98
N ILE T 33 -33.57 -6.97 35.98
CA ILE T 33 -33.59 -5.52 35.96
C ILE T 33 -32.30 -5.02 35.33
N LYS T 34 -32.39 -4.57 34.09
CA LYS T 34 -31.22 -4.12 33.34
C LYS T 34 -31.08 -2.60 33.26
N CYS T 35 -30.01 -2.08 33.86
CA CYS T 35 -29.65 -0.68 33.70
C CYS T 35 -28.41 -0.57 32.83
N GLY T 36 -27.92 0.66 32.64
CA GLY T 36 -26.81 0.89 31.73
C GLY T 36 -25.48 0.31 32.18
N TRP T 37 -24.70 -0.18 31.22
CA TRP T 37 -23.36 -0.68 31.50
C TRP T 37 -22.32 0.32 31.03
N GLU T 38 -22.79 1.50 30.71
CA GLU T 38 -21.94 2.59 30.25
C GLU T 38 -21.67 3.47 31.45
N CYS T 39 -22.29 3.08 32.57
CA CYS T 39 -22.20 3.85 33.79
C CYS T 39 -21.82 2.95 34.96
N GLN T 40 -20.88 3.43 35.78
CA GLN T 40 -20.50 2.79 37.02
C GLN T 40 -21.30 3.53 38.10
N SER T 41 -21.32 3.00 39.33
CA SER T 41 -21.97 3.65 40.46
C SER T 41 -23.49 3.68 40.39
N VAL T 42 -24.06 3.36 39.22
CA VAL T 42 -25.49 3.13 39.12
C VAL T 42 -25.77 1.76 39.75
N ALA T 43 -26.12 1.81 41.04
CA ALA T 43 -26.32 0.59 41.81
C ALA T 43 -27.80 0.22 41.81
N ILE T 44 -28.09 -1.05 41.55
CA ILE T 44 -29.48 -1.49 41.54
C ILE T 44 -29.79 -2.41 42.72
N GLN T 45 -30.92 -2.13 43.38
CA GLN T 45 -31.38 -2.96 44.47
C GLN T 45 -32.83 -3.32 44.23
N TYR T 46 -33.14 -4.58 44.49
CA TYR T 46 -34.47 -5.14 44.27
C TYR T 46 -35.04 -5.61 45.59
N LYS T 47 -34.57 -6.75 46.07
CA LYS T 47 -34.96 -7.27 47.37
C LYS T 47 -33.90 -6.94 48.41
N ASN T 48 -32.97 -7.87 48.61
CA ASN T 48 -31.87 -7.67 49.55
C ASN T 48 -30.53 -7.87 48.86
N LYS T 49 -30.54 -7.81 47.52
CA LYS T 49 -29.34 -8.03 46.73
C LYS T 49 -28.99 -6.80 45.91
N THR T 50 -27.70 -6.44 45.93
CA THR T 50 -27.20 -5.29 45.20
C THR T 50 -26.20 -5.82 44.20
N ARG T 51 -26.34 -5.48 42.93
CA ARG T 51 -25.45 -6.05 41.93
C ARG T 51 -25.17 -5.10 40.77
N ASN T 52 -24.43 -4.03 41.06
CA ASN T 52 -23.85 -3.20 40.01
C ASN T 52 -24.88 -2.61 39.04
N ASN T 53 -24.73 -2.93 37.76
CA ASN T 53 -25.56 -2.36 36.70
C ASN T 53 -26.82 -3.17 36.37
N THR T 54 -26.73 -4.50 36.49
CA THR T 54 -27.86 -5.38 36.18
C THR T 54 -28.13 -6.36 37.30
N LEU T 55 -29.40 -6.57 37.62
CA LEU T 55 -29.79 -7.44 38.71
C LEU T 55 -30.62 -8.60 38.16
N ALA T 56 -30.44 -9.78 38.74
CA ALA T 56 -31.24 -10.94 38.38
C ALA T 56 -31.72 -11.67 39.63
N SER T 57 -33.03 -11.76 39.77
CA SER T 57 -33.64 -12.48 40.88
C SER T 57 -34.88 -13.22 40.42
N THR T 58 -35.83 -13.37 41.32
CA THR T 58 -37.11 -14.01 41.02
C THR T 58 -38.23 -13.29 41.75
N TRP T 59 -39.46 -13.39 41.22
CA TRP T 59 -40.61 -12.83 41.91
C TRP T 59 -41.67 -13.89 42.21
N GLN T 60 -42.16 -13.86 43.45
CA GLN T 60 -43.31 -14.67 43.85
C GLN T 60 -44.23 -13.78 44.67
N PRO T 61 -45.52 -14.16 44.80
CA PRO T 61 -46.48 -13.41 45.61
C PRO T 61 -45.95 -13.07 47.00
N GLY T 62 -45.88 -11.77 47.31
CA GLY T 62 -45.35 -11.31 48.57
C GLY T 62 -44.05 -10.55 48.39
N ASP T 63 -43.32 -10.89 47.33
CA ASP T 63 -42.04 -10.26 47.02
C ASP T 63 -42.22 -8.79 46.60
N PRO T 64 -41.17 -7.97 46.78
CA PRO T 64 -41.31 -6.52 46.59
C PRO T 64 -41.69 -6.15 45.15
N GLU T 65 -42.35 -5.01 44.98
CA GLU T 65 -42.72 -4.54 43.66
C GLU T 65 -42.20 -3.11 43.51
N TRP T 66 -41.16 -2.82 44.26
CA TRP T 66 -40.46 -1.55 44.17
C TRP T 66 -38.98 -1.88 44.09
N TYR T 67 -38.17 -0.94 43.61
CA TYR T 67 -36.74 -1.18 43.63
C TYR T 67 -35.99 0.14 43.74
N THR T 68 -34.81 0.11 44.35
CA THR T 68 -34.07 1.36 44.57
C THR T 68 -32.90 1.45 43.60
N VAL T 69 -32.68 2.64 43.05
CA VAL T 69 -31.56 2.87 42.13
C VAL T 69 -30.68 4.03 42.60
N SER T 70 -29.44 3.71 42.94
CA SER T 70 -28.49 4.70 43.45
C SER T 70 -27.62 5.25 42.32
N VAL T 71 -27.68 6.56 42.10
CA VAL T 71 -26.91 7.18 41.02
C VAL T 71 -26.30 8.51 41.48
N PRO T 72 -24.98 8.68 41.27
CA PRO T 72 -24.30 9.92 41.68
C PRO T 72 -24.73 11.10 40.84
N GLY T 73 -24.81 12.27 41.47
CA GLY T 73 -25.32 13.44 40.80
C GLY T 73 -24.28 14.34 40.15
N ALA T 74 -24.75 15.45 39.61
CA ALA T 74 -23.88 16.45 39.02
C ALA T 74 -23.13 17.17 40.13
N ASP T 75 -23.71 17.13 41.32
CA ASP T 75 -23.10 17.67 42.52
C ASP T 75 -22.04 16.71 43.03
N GLY T 76 -21.97 15.54 42.40
CA GLY T 76 -21.00 14.51 42.76
C GLY T 76 -21.55 13.61 43.83
N PHE T 77 -22.78 13.89 44.25
CA PHE T 77 -23.43 13.14 45.32
C PHE T 77 -24.42 12.11 44.79
N LEU T 78 -24.42 10.94 45.42
CA LEU T 78 -25.26 9.84 44.99
C LEU T 78 -26.66 9.93 45.59
N ARG T 79 -27.67 9.73 44.76
CA ARG T 79 -29.06 9.71 45.21
C ARG T 79 -29.74 8.40 44.82
N THR T 80 -30.38 7.78 45.80
CA THR T 80 -31.10 6.55 45.58
C THR T 80 -32.57 6.89 45.38
N VAL T 81 -33.16 6.39 44.29
CA VAL T 81 -34.52 6.72 43.94
C VAL T 81 -35.36 5.45 43.88
N ASN T 82 -36.51 5.46 44.54
CA ASN T 82 -37.40 4.32 44.49
C ASN T 82 -38.24 4.37 43.22
N ASN T 83 -38.21 3.28 42.47
CA ASN T 83 -38.97 3.16 41.24
C ASN T 83 -39.97 2.03 41.36
N THR T 84 -41.19 2.29 40.90
CA THR T 84 -42.27 1.32 41.00
C THR T 84 -42.56 0.61 39.69
N PHE T 85 -42.22 -0.67 39.63
CA PHE T 85 -42.65 -1.53 38.54
C PHE T 85 -43.23 -2.76 39.22
N ILE T 86 -44.49 -3.07 38.91
CA ILE T 86 -45.15 -4.22 39.55
C ILE T 86 -44.84 -5.52 38.83
N PHE T 87 -44.20 -6.44 39.56
CA PHE T 87 -43.77 -7.71 39.00
C PHE T 87 -44.96 -8.67 39.03
N GLU T 88 -45.95 -8.32 39.85
CA GLU T 88 -47.19 -9.09 39.97
C GLU T 88 -48.04 -8.99 38.70
N HIS T 89 -47.64 -8.15 37.75
CA HIS T 89 -48.45 -8.00 36.56
C HIS T 89 -47.79 -8.62 35.33
N MET T 90 -46.59 -9.15 35.50
CA MET T 90 -45.89 -9.80 34.39
C MET T 90 -45.26 -11.15 34.73
N CYS T 91 -45.16 -11.48 36.02
CA CYS T 91 -44.68 -12.80 36.41
C CYS T 91 -45.92 -13.67 36.48
N ASN T 92 -47.05 -12.98 36.61
CA ASN T 92 -48.33 -13.63 36.51
C ASN T 92 -48.69 -13.82 35.04
N THR T 93 -48.01 -13.06 34.18
CA THR T 93 -48.16 -13.16 32.74
C THR T 93 -47.12 -14.14 32.16
N ALA T 94 -45.90 -14.07 32.69
CA ALA T 94 -44.79 -14.91 32.22
C ALA T 94 -44.94 -16.38 32.62
N MET T 95 -45.40 -16.61 33.84
CA MET T 95 -45.60 -17.96 34.34
C MET T 95 -47.02 -18.42 34.07
N PHE T 96 -47.37 -18.70 32.82
CA PHE T 96 -48.77 -19.03 32.53
C PHE T 96 -49.07 -20.52 32.38
N MET T 97 -48.17 -21.27 31.77
CA MET T 97 -48.45 -22.68 31.55
C MET T 97 -48.23 -23.45 32.85
N SER T 98 -47.51 -22.84 33.79
CA SER T 98 -47.22 -23.48 35.07
C SER T 98 -48.36 -23.35 36.07
N ARG T 99 -49.37 -22.54 35.75
CA ARG T 99 -50.51 -22.35 36.65
C ARG T 99 -51.50 -23.49 36.52
N GLN T 100 -51.74 -23.91 35.27
CA GLN T 100 -52.70 -24.98 34.98
C GLN T 100 -52.26 -26.33 35.55
N TYR T 101 -50.97 -26.47 35.86
CA TYR T 101 -50.43 -27.76 36.27
C TYR T 101 -49.87 -27.76 37.70
N HIS T 102 -50.22 -26.72 38.46
CA HIS T 102 -49.93 -26.63 39.89
C HIS T 102 -48.44 -26.71 40.24
N MET T 103 -47.59 -26.03 39.46
CA MET T 103 -46.16 -25.97 39.77
C MET T 103 -45.73 -24.58 40.18
N TRP T 104 -46.64 -23.63 39.99
CA TRP T 104 -46.46 -22.25 40.45
C TRP T 104 -47.78 -21.81 41.07
N PRO T 105 -47.73 -21.10 42.22
CA PRO T 105 -46.65 -20.58 43.07
C PRO T 105 -45.69 -21.63 43.60
N PRO T 106 -44.46 -21.24 43.97
CA PRO T 106 -43.39 -22.10 44.50
C PRO T 106 -43.83 -23.10 45.57
N ARG T 107 -44.99 -22.86 46.16
CA ARG T 107 -45.54 -23.75 47.16
C ARG T 107 -46.29 -24.86 46.42
N LYS T 108 -46.06 -26.10 46.84
CA LYS T 108 -46.62 -27.29 46.17
C LYS T 108 -46.13 -27.45 44.73
N MET U 5 9.16 4.80 36.16
CA MET U 5 8.65 6.16 35.91
C MET U 5 7.16 6.23 35.54
N ARG U 6 6.85 7.03 34.51
CA ARG U 6 5.55 7.67 34.37
C ARG U 6 4.77 7.38 33.08
N TYR U 7 3.50 7.80 33.04
CA TYR U 7 2.68 7.72 31.83
C TYR U 7 1.93 9.01 31.52
N PHE U 8 2.02 9.49 30.29
CA PHE U 8 1.44 10.80 29.96
C PHE U 8 0.37 10.85 28.88
N PHE U 9 -0.59 11.73 29.11
CA PHE U 9 -1.73 11.85 28.24
C PHE U 9 -2.10 13.30 27.99
N THR U 10 -2.46 13.62 26.74
CA THR U 10 -2.88 14.98 26.41
C THR U 10 -4.07 14.95 25.44
N SER U 11 -5.11 15.71 25.73
CA SER U 11 -6.27 15.82 24.85
C SER U 11 -6.54 17.29 24.64
N VAL U 12 -6.54 17.73 23.38
CA VAL U 12 -6.65 19.15 23.08
C VAL U 12 -7.91 19.46 22.28
N SER U 13 -8.72 20.35 22.82
CA SER U 13 -9.95 20.76 22.17
C SER U 13 -9.61 21.56 20.91
N ARG U 14 -10.16 21.14 19.78
CA ARG U 14 -9.84 21.73 18.50
C ARG U 14 -10.65 22.97 18.16
N PRO U 15 -10.03 23.94 17.48
CA PRO U 15 -10.72 25.18 17.09
C PRO U 15 -11.81 24.91 16.05
N GLY U 16 -12.73 24.00 16.35
CA GLY U 16 -13.83 23.69 15.45
C GLY U 16 -13.43 22.73 14.34
N ARG U 17 -12.20 22.24 14.40
CA ARG U 17 -11.71 21.27 13.43
C ARG U 17 -12.06 19.85 13.84
N GLY U 18 -13.37 19.58 13.88
CA GLY U 18 -13.89 18.28 14.25
C GLY U 18 -13.73 17.93 15.72
N GLU U 19 -12.89 16.96 16.00
CA GLU U 19 -12.79 16.41 17.35
C GLU U 19 -11.41 16.59 17.98
N PRO U 20 -11.34 16.59 19.33
CA PRO U 20 -10.05 16.80 20.02
C PRO U 20 -8.93 15.86 19.57
N ARG U 21 -7.71 16.21 19.96
CA ARG U 21 -6.54 15.42 19.60
C ARG U 21 -6.10 14.68 20.84
N PHE U 22 -5.50 13.51 20.67
CA PHE U 22 -5.08 12.72 21.82
C PHE U 22 -3.70 12.13 21.61
N ILE U 23 -2.85 12.34 22.61
CA ILE U 23 -1.48 11.87 22.58
C ILE U 23 -1.20 11.07 23.84
N ALA U 24 -0.91 9.79 23.63
CA ALA U 24 -0.58 8.87 24.71
C ALA U 24 0.89 8.49 24.62
N VAL U 25 1.65 8.80 25.66
CA VAL U 25 3.07 8.48 25.70
C VAL U 25 3.32 7.76 27.00
N GLY U 26 4.35 6.92 27.05
CA GLY U 26 4.70 6.29 28.30
C GLY U 26 6.19 6.31 28.54
N TYR U 27 6.60 5.90 29.73
CA TYR U 27 7.96 6.13 30.17
C TYR U 27 8.35 5.06 31.20
N VAL U 28 9.59 4.59 31.10
CA VAL U 28 10.24 3.87 32.18
C VAL U 28 11.62 4.51 32.30
N ASP U 29 11.88 5.10 33.47
CA ASP U 29 12.99 6.04 33.62
C ASP U 29 12.80 7.15 32.57
N ASP U 30 13.88 7.65 31.98
CA ASP U 30 13.78 8.72 31.00
C ASP U 30 13.66 8.19 29.58
N THR U 31 13.49 6.87 29.45
CA THR U 31 13.32 6.23 28.14
C THR U 31 11.83 6.05 27.87
N GLN U 32 11.31 6.83 26.93
CA GLN U 32 9.92 6.75 26.55
C GLN U 32 9.64 5.36 25.97
N PHE U 33 8.40 4.90 26.11
CA PHE U 33 8.07 3.53 25.76
C PHE U 33 7.08 3.38 24.63
N VAL U 34 5.92 4.02 24.78
CA VAL U 34 4.83 3.81 23.84
C VAL U 34 4.38 5.11 23.21
N ARG U 35 3.90 5.01 21.98
CA ARG U 35 3.50 6.19 21.21
C ARG U 35 2.14 5.98 20.55
N PHE U 36 1.12 6.61 21.10
CA PHE U 36 -0.19 6.64 20.47
C PHE U 36 -0.56 8.06 20.08
N ASP U 37 -1.10 8.20 18.88
CA ASP U 37 -1.60 9.46 18.40
C ASP U 37 -2.88 9.22 17.61
N SER U 38 -3.85 10.12 17.77
CA SER U 38 -5.18 9.89 17.22
C SER U 38 -5.26 10.26 15.74
N ASP U 39 -4.35 11.11 15.29
CA ASP U 39 -4.27 11.45 13.88
C ASP U 39 -3.09 10.74 13.22
N ALA U 40 -2.53 9.76 13.91
CA ALA U 40 -1.49 8.91 13.35
C ALA U 40 -2.11 7.92 12.37
N ALA U 41 -1.28 7.44 11.44
CA ALA U 41 -1.75 6.51 10.41
C ALA U 41 -2.10 5.16 11.04
N SER U 42 -1.56 4.90 12.22
CA SER U 42 -1.88 3.68 12.95
C SER U 42 -2.81 4.01 14.10
N GLN U 43 -3.96 3.35 14.15
CA GLN U 43 -4.93 3.57 15.22
C GLN U 43 -4.62 2.65 16.38
N ARG U 44 -3.47 1.99 16.29
CA ARG U 44 -2.96 1.16 17.36
C ARG U 44 -1.92 2.00 18.07
N MET U 45 -1.46 1.54 19.23
CA MET U 45 -0.39 2.23 19.93
C MET U 45 0.94 1.65 19.48
N GLU U 46 1.90 2.52 19.17
CA GLU U 46 3.17 2.06 18.60
C GLU U 46 4.31 2.03 19.59
N PRO U 47 5.09 0.95 19.56
CA PRO U 47 6.33 0.83 20.30
C PRO U 47 7.51 1.20 19.40
N ARG U 48 8.28 2.20 19.81
CA ARG U 48 9.47 2.63 19.08
C ARG U 48 10.73 2.16 19.82
N ALA U 49 10.55 1.85 21.10
CA ALA U 49 11.60 1.25 21.91
C ALA U 49 11.62 -0.26 21.70
N PRO U 50 12.82 -0.85 21.56
CA PRO U 50 13.03 -2.26 21.19
C PRO U 50 12.66 -3.37 22.17
N TRP U 51 12.75 -3.18 23.48
CA TRP U 51 12.50 -4.30 24.39
C TRP U 51 11.06 -4.39 24.88
N ILE U 52 10.14 -3.73 24.17
CA ILE U 52 8.73 -3.87 24.50
C ILE U 52 7.99 -4.59 23.37
N GLU U 53 8.68 -4.81 22.26
CA GLU U 53 8.13 -5.64 21.20
C GLU U 53 8.39 -7.10 21.53
N GLN U 54 8.88 -7.32 22.75
CA GLN U 54 9.04 -8.66 23.32
C GLN U 54 7.69 -9.08 23.89
N GLU U 55 6.71 -8.19 23.77
CA GLU U 55 5.35 -8.45 24.21
C GLU U 55 4.54 -8.89 23.00
N GLY U 56 3.60 -9.80 23.21
CA GLY U 56 2.85 -10.34 22.09
C GLY U 56 1.57 -9.58 21.82
N PRO U 57 0.86 -9.96 20.75
CA PRO U 57 -0.41 -9.34 20.32
C PRO U 57 -1.47 -9.37 21.41
N GLU U 58 -1.33 -10.33 22.33
CA GLU U 58 -2.16 -10.42 23.53
C GLU U 58 -1.99 -9.16 24.36
N TYR U 59 -0.81 -8.56 24.24
CA TYR U 59 -0.47 -7.33 24.93
C TYR U 59 -0.80 -6.13 24.06
N TRP U 60 -0.95 -6.31 22.76
CA TRP U 60 -1.22 -5.14 21.92
C TRP U 60 -2.72 -4.85 21.75
N ASP U 61 -3.53 -5.87 21.44
CA ASP U 61 -4.98 -5.61 21.36
C ASP U 61 -5.60 -5.36 22.73
N GLY U 62 -5.01 -5.94 23.78
CA GLY U 62 -5.52 -5.73 25.12
C GLY U 62 -4.99 -4.40 25.63
N GLU U 63 -4.33 -3.67 24.74
CA GLU U 63 -3.76 -2.39 25.13
C GLU U 63 -4.01 -1.19 24.22
N THR U 64 -4.56 -1.42 23.04
CA THR U 64 -4.91 -0.34 22.13
C THR U 64 -6.36 0.06 22.35
N ARG U 65 -7.11 -0.86 22.95
CA ARG U 65 -8.52 -0.66 23.24
C ARG U 65 -8.55 0.22 24.49
N LYS U 66 -7.59 0.01 25.37
CA LYS U 66 -7.49 0.77 26.61
C LYS U 66 -7.08 2.21 26.31
N VAL U 67 -6.21 2.38 25.31
CA VAL U 67 -5.76 3.72 24.94
C VAL U 67 -6.84 4.48 24.15
N LYS U 68 -7.58 3.76 23.31
CA LYS U 68 -8.74 4.38 22.67
C LYS U 68 -9.76 4.77 23.75
N ALA U 69 -9.90 3.92 24.76
CA ALA U 69 -10.77 4.20 25.89
C ALA U 69 -10.34 5.46 26.64
N HIS U 70 -9.03 5.64 26.81
CA HIS U 70 -8.51 6.86 27.43
C HIS U 70 -8.83 8.06 26.57
N SER U 71 -8.72 7.87 25.27
CA SER U 71 -9.03 8.94 24.33
C SER U 71 -10.49 9.33 24.46
N GLN U 72 -11.35 8.36 24.77
CA GLN U 72 -12.77 8.61 24.89
C GLN U 72 -13.14 9.28 26.21
N THR U 73 -12.59 8.79 27.31
CA THR U 73 -12.84 9.40 28.60
C THR U 73 -12.31 10.84 28.63
N HIS U 74 -11.24 11.07 27.87
CA HIS U 74 -10.70 12.41 27.69
C HIS U 74 -11.68 13.26 26.90
N ARG U 75 -12.05 12.70 25.75
CA ARG U 75 -12.88 13.34 24.76
C ARG U 75 -14.26 13.73 25.30
N VAL U 76 -14.71 13.06 26.35
CA VAL U 76 -15.94 13.44 27.04
C VAL U 76 -15.65 14.36 28.23
N ASP U 77 -14.56 14.08 28.96
CA ASP U 77 -14.20 14.90 30.12
C ASP U 77 -13.99 16.37 29.77
N LEU U 78 -13.39 16.65 28.62
CA LEU U 78 -13.20 18.05 28.22
C LEU U 78 -14.56 18.73 28.00
N GLY U 79 -15.50 17.94 27.46
CA GLY U 79 -16.87 18.40 27.25
C GLY U 79 -17.53 18.72 28.58
N THR U 80 -17.22 17.92 29.60
CA THR U 80 -17.73 18.16 30.94
C THR U 80 -17.16 19.45 31.55
N LEU U 81 -15.84 19.51 31.61
CA LEU U 81 -15.10 20.61 32.22
C LEU U 81 -15.43 21.95 31.57
N ARG U 82 -15.53 21.97 30.24
CA ARG U 82 -15.95 23.17 29.53
C ARG U 82 -17.45 23.34 29.66
N GLY U 83 -18.14 22.25 29.97
CA GLY U 83 -19.57 22.25 30.19
C GLY U 83 -19.98 22.88 31.51
N TYR U 84 -19.08 22.91 32.47
CA TYR U 84 -19.41 23.35 33.82
C TYR U 84 -18.75 24.68 34.22
N TYR U 85 -17.86 25.18 33.37
CA TYR U 85 -17.34 26.54 33.49
C TYR U 85 -18.14 27.55 32.66
N ASN U 86 -17.39 28.50 32.10
CA ASN U 86 -17.93 29.51 31.22
C ASN U 86 -17.11 29.53 29.92
N GLN U 87 -17.57 28.79 28.91
CA GLN U 87 -16.80 28.66 27.67
C GLN U 87 -17.52 28.98 26.37
N SER U 88 -16.72 28.90 25.31
CA SER U 88 -17.18 28.96 23.95
C SER U 88 -16.74 27.67 23.28
N GLU U 89 -17.59 27.09 22.44
CA GLU U 89 -17.23 25.83 21.80
C GLU U 89 -16.19 26.13 20.73
N ALA U 90 -16.13 27.41 20.36
CA ALA U 90 -15.10 27.92 19.45
C ALA U 90 -13.76 27.99 20.16
N GLY U 91 -13.79 27.89 21.50
CA GLY U 91 -12.57 27.93 22.28
C GLY U 91 -11.81 26.63 22.14
N SER U 92 -10.53 26.67 22.48
CA SER U 92 -9.67 25.49 22.35
C SER U 92 -8.90 25.30 23.64
N HIS U 93 -9.26 24.25 24.38
CA HIS U 93 -8.68 24.01 25.69
C HIS U 93 -7.94 22.67 25.73
N THR U 94 -7.16 22.45 26.78
CA THR U 94 -6.32 21.25 26.86
C THR U 94 -6.45 20.53 28.21
N VAL U 95 -6.60 19.22 28.16
CA VAL U 95 -6.71 18.39 29.35
C VAL U 95 -5.66 17.29 29.32
N GLN U 96 -4.74 17.32 30.28
CA GLN U 96 -3.66 16.34 30.29
C GLN U 96 -3.58 15.55 31.60
N ARG U 97 -3.27 14.26 31.48
CA ARG U 97 -3.29 13.37 32.63
C ARG U 97 -2.00 12.59 32.83
N MET U 98 -1.88 12.04 34.04
CA MET U 98 -0.72 11.26 34.46
C MET U 98 -1.12 10.35 35.62
N TYR U 99 -0.58 9.15 35.64
CA TYR U 99 -0.67 8.26 36.79
C TYR U 99 0.47 7.25 36.81
N GLY U 100 0.99 6.94 37.99
CA GLY U 100 2.06 5.96 38.10
C GLY U 100 2.85 5.89 39.39
N CYS U 101 3.87 5.04 39.38
CA CYS U 101 4.57 4.60 40.57
C CYS U 101 6.09 4.72 40.49
N ASP U 102 6.73 4.78 41.65
CA ASP U 102 8.19 4.70 41.74
C ASP U 102 8.60 3.51 42.60
N VAL U 103 9.86 3.08 42.47
CA VAL U 103 10.37 1.95 43.23
C VAL U 103 11.82 2.19 43.66
N GLY U 104 12.21 1.60 44.78
CA GLY U 104 13.54 1.79 45.34
C GLY U 104 14.58 0.88 44.70
N SER U 105 15.76 0.81 45.32
CA SER U 105 16.87 0.00 44.81
C SER U 105 16.59 -1.49 44.90
N ASP U 106 15.85 -1.89 45.92
CA ASP U 106 15.40 -3.27 46.06
C ASP U 106 14.22 -3.52 45.14
N TRP U 107 13.92 -2.53 44.30
CA TRP U 107 12.80 -2.56 43.36
C TRP U 107 11.46 -2.64 44.09
N ARG U 108 11.47 -2.43 45.39
CA ARG U 108 10.24 -2.56 46.13
C ARG U 108 9.46 -1.26 46.08
N PHE U 109 8.19 -1.36 46.45
CA PHE U 109 7.24 -0.30 46.21
C PHE U 109 7.59 0.98 46.96
N LEU U 110 8.00 2.00 46.22
CA LEU U 110 8.07 3.35 46.75
C LEU U 110 6.77 4.03 46.34
N ARG U 111 6.41 5.12 47.00
CA ARG U 111 5.08 5.70 46.81
C ARG U 111 4.90 6.26 45.40
N GLY U 112 3.67 6.16 44.90
CA GLY U 112 3.37 6.59 43.53
C GLY U 112 2.53 7.85 43.45
N TYR U 113 2.28 8.30 42.23
CA TYR U 113 1.56 9.55 41.99
C TYR U 113 0.57 9.42 40.84
N HIS U 114 -0.38 10.33 40.78
CA HIS U 114 -1.42 10.33 39.76
C HIS U 114 -2.14 11.68 39.80
N GLN U 115 -1.96 12.48 38.76
CA GLN U 115 -2.48 13.85 38.74
C GLN U 115 -3.20 14.15 37.43
N TYR U 116 -4.12 15.12 37.47
CA TYR U 116 -4.91 15.46 36.29
C TYR U 116 -4.72 16.94 35.96
N ALA U 117 -5.19 17.36 34.78
CA ALA U 117 -5.09 18.78 34.41
C ALA U 117 -5.99 19.21 33.26
N TYR U 118 -6.71 20.31 33.48
CA TYR U 118 -7.43 21.09 32.47
C TYR U 118 -6.45 22.14 31.90
N ASP U 119 -6.96 23.29 31.47
CA ASP U 119 -6.14 24.41 30.98
C ASP U 119 -5.09 24.98 31.92
N GLY U 120 -5.51 25.37 33.12
CA GLY U 120 -4.59 25.97 34.09
C GLY U 120 -3.59 24.96 34.61
N LYS U 121 -3.01 25.22 35.78
CA LYS U 121 -1.95 24.33 36.27
C LYS U 121 -2.46 23.10 37.05
N ASP U 122 -2.41 23.13 38.38
CA ASP U 122 -2.87 21.96 39.16
C ASP U 122 -4.26 22.17 39.77
N TYR U 123 -5.15 21.21 39.54
CA TYR U 123 -6.52 21.23 40.09
C TYR U 123 -6.69 20.13 41.11
N ILE U 124 -6.76 18.90 40.59
CA ILE U 124 -6.89 17.73 41.43
C ILE U 124 -5.74 16.77 41.14
N ALA U 125 -5.03 16.43 42.21
CA ALA U 125 -3.90 15.51 42.16
C ALA U 125 -4.04 14.58 43.35
N LEU U 126 -3.66 13.32 43.16
CA LEU U 126 -3.65 12.40 44.28
C LEU U 126 -2.58 12.80 45.28
N LYS U 127 -2.90 12.71 46.56
CA LYS U 127 -1.93 12.99 47.58
C LYS U 127 -1.07 11.73 47.62
N GLU U 128 0.09 11.81 48.24
CA GLU U 128 1.04 10.69 48.22
C GLU U 128 0.57 9.53 49.10
N ASP U 129 -0.74 9.47 49.29
CA ASP U 129 -1.43 8.49 50.12
C ASP U 129 -2.30 7.59 49.24
N LEU U 130 -3.36 7.03 49.82
CA LEU U 130 -4.19 6.03 49.17
C LEU U 130 -5.51 6.55 48.58
N ARG U 131 -6.38 7.01 49.46
CA ARG U 131 -7.74 7.39 49.09
C ARG U 131 -7.87 8.91 48.95
N SER U 132 -6.87 9.62 49.46
CA SER U 132 -6.97 11.07 49.57
C SER U 132 -6.88 11.76 48.22
N TRP U 133 -7.30 13.02 48.20
CA TRP U 133 -7.23 13.84 47.01
C TRP U 133 -6.68 15.22 47.35
N THR U 134 -6.19 15.92 46.34
CA THR U 134 -5.79 17.31 46.55
C THR U 134 -6.59 18.22 45.64
N ALA U 135 -7.60 18.87 46.22
CA ALA U 135 -8.38 19.85 45.50
C ALA U 135 -8.23 21.16 46.24
N ALA U 136 -8.21 22.26 45.49
CA ALA U 136 -8.08 23.56 46.09
C ALA U 136 -9.01 24.52 45.38
N ASP U 137 -9.77 24.00 44.42
CA ASP U 137 -10.75 24.83 43.73
C ASP U 137 -12.13 24.38 44.23
N MET U 138 -13.18 24.73 43.49
CA MET U 138 -14.54 24.29 43.84
C MET U 138 -15.08 23.24 42.88
N ALA U 139 -14.81 23.40 41.58
CA ALA U 139 -15.22 22.40 40.61
C ALA U 139 -14.40 21.13 40.86
N ALA U 140 -13.17 21.31 41.33
CA ALA U 140 -12.31 20.20 41.69
C ALA U 140 -12.95 19.37 42.81
N GLN U 141 -13.61 20.04 43.75
CA GLN U 141 -14.26 19.38 44.88
C GLN U 141 -15.50 18.55 44.47
N THR U 142 -16.32 19.14 43.61
CA THR U 142 -17.54 18.47 43.16
C THR U 142 -17.12 17.29 42.28
N THR U 143 -16.03 17.50 41.56
CA THR U 143 -15.50 16.46 40.68
C THR U 143 -14.84 15.32 41.47
N LYS U 144 -14.28 15.65 42.63
CA LYS U 144 -13.65 14.64 43.50
C LYS U 144 -14.69 13.84 44.28
N HIS U 145 -15.87 14.41 44.43
CA HIS U 145 -16.97 13.67 45.04
C HIS U 145 -17.35 12.46 44.19
N LYS U 146 -17.35 12.64 42.86
CA LYS U 146 -17.65 11.54 41.94
C LYS U 146 -16.68 10.38 42.06
N TRP U 147 -15.48 10.65 42.57
CA TRP U 147 -14.47 9.61 42.81
C TRP U 147 -14.40 9.10 44.23
N GLU U 148 -14.99 9.80 45.18
CA GLU U 148 -15.12 9.18 46.48
C GLU U 148 -16.33 8.26 46.40
N ALA U 149 -17.24 8.59 45.50
CA ALA U 149 -18.48 7.82 45.34
C ALA U 149 -18.25 6.52 44.57
N ALA U 150 -17.46 6.59 43.50
CA ALA U 150 -17.21 5.41 42.70
C ALA U 150 -16.14 4.57 43.40
N HIS U 151 -15.51 5.17 44.41
CA HIS U 151 -14.46 4.53 45.19
C HIS U 151 -13.35 4.00 44.26
N VAL U 152 -12.78 4.90 43.47
CA VAL U 152 -11.77 4.54 42.47
C VAL U 152 -10.38 4.43 43.08
N ALA U 153 -10.06 5.34 43.99
CA ALA U 153 -8.70 5.51 44.50
C ALA U 153 -8.02 4.23 44.99
N GLU U 154 -8.77 3.35 45.64
CA GLU U 154 -8.17 2.13 46.17
C GLU U 154 -8.05 1.06 45.07
N GLN U 155 -8.99 1.10 44.11
CA GLN U 155 -8.97 0.16 42.98
C GLN U 155 -7.91 0.59 41.98
N LEU U 156 -7.41 1.80 42.17
CA LEU U 156 -6.35 2.41 41.38
C LEU U 156 -5.05 2.22 42.16
N ARG U 157 -5.20 2.10 43.47
CA ARG U 157 -4.10 1.80 44.37
C ARG U 157 -3.70 0.35 44.09
N ALA U 158 -4.69 -0.43 43.68
CA ALA U 158 -4.46 -1.82 43.30
C ALA U 158 -3.79 -1.90 41.93
N TYR U 159 -3.72 -0.75 41.26
CA TYR U 159 -3.01 -0.66 39.99
C TYR U 159 -1.62 -0.08 40.18
N LEU U 160 -1.50 0.87 41.10
CA LEU U 160 -0.23 1.50 41.40
C LEU U 160 0.67 0.48 42.04
N GLU U 161 0.06 -0.44 42.78
CA GLU U 161 0.77 -1.55 43.39
C GLU U 161 0.27 -2.88 42.85
N GLY U 162 1.16 -3.62 42.21
CA GLY U 162 0.84 -4.95 41.74
C GLY U 162 0.52 -4.99 40.26
N THR U 163 0.45 -3.81 39.64
CA THR U 163 0.18 -3.72 38.21
C THR U 163 1.11 -2.72 37.50
N CYS U 164 1.32 -1.57 38.12
CA CYS U 164 2.29 -0.61 37.61
C CYS U 164 3.69 -1.09 37.97
N VAL U 165 3.80 -1.70 39.14
CA VAL U 165 5.10 -2.03 39.71
C VAL U 165 5.72 -3.35 39.23
N GLU U 166 4.93 -4.42 39.15
CA GLU U 166 5.48 -5.72 38.74
C GLU U 166 5.73 -5.72 37.24
N TRP U 167 4.96 -4.91 36.52
CA TRP U 167 5.18 -4.72 35.08
C TRP U 167 6.43 -3.88 34.89
N LEU U 168 6.69 -2.99 35.85
CA LEU U 168 7.89 -2.18 35.82
C LEU U 168 9.10 -3.07 36.03
N ARG U 169 9.03 -3.98 37.00
CA ARG U 169 10.12 -4.92 37.21
C ARG U 169 10.26 -5.86 36.03
N ARG U 170 9.14 -6.20 35.40
CA ARG U 170 9.16 -7.07 34.23
C ARG U 170 9.93 -6.37 33.10
N TYR U 171 9.75 -5.06 32.99
CA TYR U 171 10.45 -4.28 31.99
C TYR U 171 11.92 -4.13 32.36
N LEU U 172 12.20 -4.07 33.66
CA LEU U 172 13.55 -3.90 34.17
C LEU U 172 14.35 -5.20 34.07
N GLU U 173 13.64 -6.31 33.90
CA GLU U 173 14.28 -7.60 33.72
C GLU U 173 14.33 -7.88 32.23
N ASN U 174 13.43 -7.24 31.49
CA ASN U 174 13.38 -7.38 30.04
C ASN U 174 14.28 -6.37 29.32
N GLY U 175 14.78 -5.38 30.06
CA GLY U 175 15.66 -4.38 29.50
C GLY U 175 16.89 -4.13 30.34
N LYS U 176 17.40 -5.18 30.97
CA LYS U 176 18.56 -5.07 31.85
C LYS U 176 19.82 -4.66 31.09
N GLU U 177 19.94 -5.12 29.85
CA GLU U 177 21.09 -4.82 29.02
C GLU U 177 21.10 -3.39 28.48
N THR U 178 19.93 -2.80 28.34
CA THR U 178 19.80 -1.43 27.85
C THR U 178 19.58 -0.41 28.97
N LEU U 179 19.49 -0.91 30.20
CA LEU U 179 19.31 -0.06 31.37
C LEU U 179 20.32 -0.41 32.44
N GLN U 180 21.41 -1.03 32.01
CA GLN U 180 22.56 -1.29 32.86
C GLN U 180 23.39 -0.01 32.84
N ARG U 181 23.08 0.88 31.91
CA ARG U 181 23.90 2.06 31.67
C ARG U 181 23.44 3.24 32.52
N THR U 182 24.24 3.56 33.53
CA THR U 182 24.13 4.82 34.25
C THR U 182 25.33 5.63 33.78
N ASP U 183 25.22 6.21 32.59
CA ASP U 183 26.34 6.86 31.93
C ASP U 183 26.91 8.01 32.76
N MET U 189 36.18 22.00 30.00
CA MET U 189 36.26 23.23 30.75
C MET U 189 36.79 24.36 29.86
N THR U 190 35.88 25.20 29.35
CA THR U 190 36.27 26.28 28.44
C THR U 190 35.93 27.67 29.00
N HIS U 191 36.39 28.71 28.32
CA HIS U 191 36.21 30.11 28.75
C HIS U 191 35.89 30.99 27.54
N HIS U 192 35.15 32.07 27.80
CA HIS U 192 35.02 33.15 26.84
C HIS U 192 34.93 34.49 27.53
N ALA U 193 35.82 35.39 27.15
CA ALA U 193 35.83 36.75 27.66
C ALA U 193 35.71 37.72 26.51
N VAL U 194 34.88 38.75 26.68
CA VAL U 194 34.73 39.79 25.66
C VAL U 194 35.39 41.04 26.21
N SER U 195 35.18 41.29 27.51
CA SER U 195 35.85 42.35 28.23
C SER U 195 37.12 41.80 28.88
N LEU U 201 33.79 30.83 33.08
CA LEU U 201 34.11 29.60 32.38
C LEU U 201 32.90 28.79 31.91
N ARG U 202 32.93 27.49 32.21
CA ARG U 202 31.98 26.55 31.63
C ARG U 202 32.04 25.19 32.34
N CYS U 203 30.96 24.79 33.01
CA CYS U 203 30.92 23.48 33.65
C CYS U 203 29.81 22.60 33.06
N TRP U 204 30.18 21.45 32.52
CA TRP U 204 29.31 20.72 31.59
C TRP U 204 29.25 19.22 31.81
N ALA U 205 28.16 18.64 31.30
CA ALA U 205 27.99 17.21 31.23
C ALA U 205 27.56 16.89 29.80
N LEU U 206 28.01 15.76 29.28
CA LEU U 206 27.82 15.43 27.87
C LEU U 206 26.96 14.21 27.64
N SER U 207 27.24 13.15 28.39
CA SER U 207 26.56 11.89 28.16
C SER U 207 26.11 11.24 29.45
N PHE U 208 24.84 11.41 29.81
CA PHE U 208 24.34 10.73 30.99
C PHE U 208 22.95 10.15 30.73
N TYR U 209 22.73 8.96 31.28
CA TYR U 209 21.55 8.17 30.99
C TYR U 209 20.33 8.54 31.85
N PRO U 210 20.49 8.55 33.19
CA PRO U 210 19.38 9.22 33.88
C PRO U 210 19.52 10.73 33.74
N ALA U 211 18.41 11.42 33.46
CA ALA U 211 18.44 12.87 33.31
C ALA U 211 18.73 13.58 34.62
N GLU U 212 18.46 12.91 35.72
CA GLU U 212 18.61 13.51 37.05
C GLU U 212 20.07 13.59 37.47
N ILE U 213 20.60 14.81 37.46
CA ILE U 213 21.99 15.08 37.82
C ILE U 213 22.13 16.45 38.49
N THR U 214 22.81 16.47 39.62
CA THR U 214 23.13 17.74 40.29
C THR U 214 24.53 18.23 39.94
N GLN U 226 22.65 34.64 41.53
CA GLN U 226 22.53 35.84 40.69
C GLN U 226 23.25 35.66 39.36
N ASP U 227 24.42 35.04 39.40
CA ASP U 227 25.29 34.96 38.23
C ASP U 227 24.89 33.87 37.23
N THR U 228 24.37 32.75 37.74
CA THR U 228 24.04 31.63 36.88
C THR U 228 22.65 31.74 36.25
N GLU U 229 22.56 31.30 34.99
CA GLU U 229 21.31 31.25 34.24
C GLU U 229 20.82 29.81 34.13
N LEU U 230 19.71 29.48 34.77
CA LEU U 230 19.23 28.11 34.73
C LEU U 230 18.66 27.74 33.35
N VAL U 231 19.25 26.69 32.76
CA VAL U 231 18.78 26.14 31.51
C VAL U 231 18.26 24.75 31.85
N GLU U 232 17.38 24.19 31.02
CA GLU U 232 16.87 22.86 31.30
C GLU U 232 17.83 21.77 30.84
N THR U 233 17.75 20.61 31.47
CA THR U 233 18.47 19.43 31.02
C THR U 233 17.76 19.02 29.74
N ARG U 234 18.51 18.54 28.76
CA ARG U 234 17.95 18.37 27.43
C ARG U 234 18.25 16.99 26.83
N PRO U 235 17.31 16.45 26.06
CA PRO U 235 17.50 15.15 25.40
C PRO U 235 18.50 15.26 24.26
N ALA U 236 19.43 14.31 24.18
CA ALA U 236 20.41 14.30 23.10
C ALA U 236 19.96 13.38 21.97
N GLY U 237 18.68 13.06 21.95
CA GLY U 237 18.08 12.33 20.84
C GLY U 237 18.49 10.88 20.69
N ASP U 238 19.33 10.38 21.60
CA ASP U 238 19.82 9.01 21.54
C ASP U 238 19.52 8.25 22.82
N GLY U 239 19.04 8.97 23.83
CA GLY U 239 18.80 8.38 25.13
C GLY U 239 19.69 8.99 26.19
N THR U 240 20.51 9.95 25.77
CA THR U 240 21.38 10.68 26.69
C THR U 240 20.90 12.11 26.88
N PHE U 241 21.46 12.80 27.87
CA PHE U 241 21.05 14.16 28.18
C PHE U 241 22.25 15.09 28.31
N GLN U 242 21.99 16.38 28.27
CA GLN U 242 23.02 17.41 28.30
C GLN U 242 22.59 18.58 29.18
N LYS U 243 23.57 19.30 29.72
CA LYS U 243 23.28 20.48 30.54
C LYS U 243 24.23 21.63 30.21
N TRP U 244 23.69 22.85 30.22
CA TRP U 244 24.42 24.02 29.76
C TRP U 244 24.59 25.01 30.94
N ALA U 245 25.53 24.72 31.84
CA ALA U 245 25.74 25.58 33.03
C ALA U 245 27.10 26.28 33.09
N ALA U 246 27.09 27.60 32.94
CA ALA U 246 28.33 28.37 32.87
C ALA U 246 28.28 29.65 33.71
N VAL U 247 29.45 30.08 34.17
CA VAL U 247 29.58 31.32 34.94
C VAL U 247 30.90 31.98 34.54
N VAL U 248 30.83 33.27 34.24
CA VAL U 248 32.00 34.05 33.83
C VAL U 248 32.26 35.16 34.84
N VAL U 249 33.53 35.48 35.05
CA VAL U 249 33.94 36.41 36.09
C VAL U 249 35.12 37.21 35.51
N PRO U 250 35.39 38.42 36.05
CA PRO U 250 36.51 39.31 35.71
C PRO U 250 37.85 38.61 35.39
N SER U 251 38.64 39.21 34.51
CA SER U 251 39.72 38.52 33.79
C SER U 251 40.89 37.85 34.54
N GLY U 252 40.96 37.93 35.87
CA GLY U 252 42.10 37.34 36.56
C GLY U 252 41.93 36.34 37.70
N GLN U 253 40.70 36.08 38.12
CA GLN U 253 40.41 35.22 39.27
C GLN U 253 39.49 34.00 39.01
N GLU U 254 39.54 33.44 37.80
CA GLU U 254 38.73 32.26 37.46
C GLU U 254 39.54 30.96 37.58
N GLN U 255 40.02 30.63 38.77
CA GLN U 255 40.98 29.53 38.89
C GLN U 255 41.00 28.84 40.26
N ARG U 256 39.98 29.10 41.09
CA ARG U 256 39.93 28.47 42.40
C ARG U 256 38.71 27.58 42.50
N TYR U 257 37.68 27.91 41.72
CA TYR U 257 36.44 27.17 41.74
C TYR U 257 36.59 25.85 41.03
N THR U 258 35.66 24.95 41.29
CA THR U 258 35.56 23.72 40.55
C THR U 258 34.08 23.50 40.37
N CYS U 259 33.71 22.56 39.54
CA CYS U 259 32.31 22.23 39.44
C CYS U 259 32.18 20.92 40.15
N HIS U 260 31.46 20.95 41.26
CA HIS U 260 31.25 19.73 41.99
C HIS U 260 30.10 19.14 41.23
N VAL U 261 30.20 17.87 40.88
CA VAL U 261 29.16 17.26 40.10
C VAL U 261 28.76 15.99 40.79
N GLN U 262 27.46 15.83 40.99
CA GLN U 262 26.92 14.58 41.48
C GLN U 262 25.93 13.99 40.48
N HIS U 263 26.20 12.75 40.11
CA HIS U 263 25.38 12.01 39.18
C HIS U 263 25.23 10.64 39.81
N GLU U 264 24.21 9.89 39.41
CA GLU U 264 24.05 8.57 40.02
C GLU U 264 25.05 7.57 39.45
N GLY U 265 25.35 7.72 38.17
CA GLY U 265 26.31 6.85 37.50
C GLY U 265 27.71 7.33 37.79
N LEU U 266 27.80 8.29 38.70
CA LEU U 266 29.06 8.79 39.19
C LEU U 266 29.14 8.40 40.66
N PRO U 267 29.95 7.39 40.97
CA PRO U 267 30.07 6.91 42.35
C PRO U 267 30.78 7.91 43.24
N LYS U 268 31.68 8.69 42.65
CA LYS U 268 32.47 9.66 43.41
C LYS U 268 32.32 11.08 42.90
N PRO U 269 32.25 12.05 43.82
CA PRO U 269 32.19 13.46 43.42
C PRO U 269 33.50 13.92 42.78
N LEU U 270 33.38 14.57 41.62
CA LEU U 270 34.54 15.03 40.87
C LEU U 270 34.91 16.47 41.23
N THR U 271 36.15 16.68 41.64
CA THR U 271 36.66 18.03 41.86
C THR U 271 37.10 18.63 40.53
N LEU V 1 -0.05 -2.87 32.96
CA LEU V 1 0.69 -1.61 33.00
C LEU V 1 -0.20 -0.40 32.85
N LEU V 2 -1.17 -0.46 31.94
CA LEU V 2 -2.11 0.64 31.83
C LEU V 2 -3.28 0.47 32.80
N PHE V 3 -3.87 1.59 33.19
CA PHE V 3 -5.02 1.55 34.06
C PHE V 3 -6.30 1.09 33.36
N GLY V 4 -6.97 0.11 33.96
CA GLY V 4 -8.06 -0.57 33.29
C GLY V 4 -9.45 -0.11 33.66
N TYR V 5 -9.55 0.95 34.45
CA TYR V 5 -10.85 1.52 34.79
C TYR V 5 -11.05 2.87 34.12
N PRO V 6 -12.22 3.08 33.50
CA PRO V 6 -12.55 4.33 32.82
C PRO V 6 -12.80 5.45 33.82
N VAL V 7 -11.82 6.34 33.98
CA VAL V 7 -11.95 7.42 34.94
C VAL V 7 -12.80 8.52 34.32
N TYR V 8 -13.75 9.03 35.10
CA TYR V 8 -14.70 10.02 34.60
C TYR V 8 -14.79 11.21 35.57
N VAL V 9 -14.88 12.42 35.02
CA VAL V 9 -14.87 13.62 35.86
C VAL V 9 -16.25 14.24 35.95
N MET W 1 -5.83 28.71 28.96
CA MET W 1 -6.27 30.09 28.88
C MET W 1 -5.15 31.02 29.34
N ILE W 2 -4.13 30.43 29.97
CA ILE W 2 -2.95 31.15 30.43
C ILE W 2 -1.72 30.76 29.59
N GLN W 3 -0.82 31.73 29.36
CA GLN W 3 0.34 31.56 28.49
C GLN W 3 1.66 31.44 29.25
N ARG W 4 2.55 30.58 28.78
CA ARG W 4 3.88 30.42 29.38
C ARG W 4 4.99 30.53 28.33
N THR W 5 6.11 31.14 28.72
CA THR W 5 7.22 31.44 27.81
C THR W 5 8.08 30.22 27.43
N PRO W 6 8.26 30.01 26.11
CA PRO W 6 9.08 28.91 25.57
C PRO W 6 10.59 29.17 25.66
N LYS W 7 11.33 28.16 26.07
CA LYS W 7 12.78 28.21 26.05
C LYS W 7 13.23 27.33 24.90
N ILE W 8 13.81 27.94 23.88
CA ILE W 8 14.30 27.20 22.73
C ILE W 8 15.82 27.05 22.91
N GLN W 9 16.34 25.91 22.47
CA GLN W 9 17.72 25.54 22.77
C GLN W 9 18.29 24.78 21.59
N VAL W 10 19.09 25.45 20.78
CA VAL W 10 19.63 24.86 19.57
C VAL W 10 21.03 24.29 19.82
N TYR W 11 21.24 23.05 19.39
CA TYR W 11 22.51 22.37 19.64
C TYR W 11 22.75 21.16 18.75
N SER W 12 23.79 20.41 19.11
CA SER W 12 24.22 19.22 18.38
C SER W 12 24.18 18.02 19.32
N ARG W 13 23.90 16.85 18.75
CA ARG W 13 23.83 15.62 19.54
C ARG W 13 25.21 15.26 20.07
N HIS W 14 26.22 15.42 19.21
CA HIS W 14 27.61 15.23 19.60
C HIS W 14 28.35 16.53 19.32
N PRO W 15 29.44 16.78 20.08
CA PRO W 15 30.32 17.92 19.82
C PRO W 15 30.69 18.01 18.34
N ALA W 16 30.52 19.18 17.75
CA ALA W 16 30.69 19.33 16.32
C ALA W 16 32.13 19.09 15.89
N GLU W 17 32.30 18.25 14.89
CA GLU W 17 33.61 17.95 14.32
C GLU W 17 33.51 18.27 12.85
N ASN W 18 34.58 18.81 12.27
CA ASN W 18 34.50 19.33 10.92
C ASN W 18 34.28 18.22 9.89
N GLY W 19 33.05 18.13 9.40
CA GLY W 19 32.75 17.18 8.35
C GLY W 19 32.11 15.89 8.79
N LYS W 20 32.03 15.69 10.10
CA LYS W 20 31.50 14.42 10.59
C LYS W 20 30.01 14.55 10.87
N SER W 21 29.24 13.65 10.26
CA SER W 21 27.78 13.68 10.34
C SER W 21 27.28 13.69 11.78
N ASN W 22 26.14 14.35 11.99
CA ASN W 22 25.54 14.48 13.31
C ASN W 22 24.06 14.83 13.19
N PHE W 23 23.46 15.23 14.31
CA PHE W 23 22.06 15.62 14.35
C PHE W 23 21.92 17.05 14.87
N LEU W 24 21.14 17.85 14.16
CA LEU W 24 20.72 19.17 14.66
C LEU W 24 19.52 18.99 15.56
N ASN W 25 19.59 19.60 16.74
CA ASN W 25 18.50 19.50 17.69
C ASN W 25 18.09 20.84 18.30
N CYS W 26 16.87 21.29 17.98
CA CYS W 26 16.27 22.49 18.55
C CYS W 26 15.23 22.07 19.60
N TYR W 27 15.53 22.33 20.88
CA TYR W 27 14.69 21.87 21.98
C TYR W 27 13.91 23.00 22.64
N VAL W 28 12.59 22.90 22.57
CA VAL W 28 11.70 23.92 23.12
C VAL W 28 10.93 23.37 24.31
N SER W 29 10.80 24.19 25.35
CA SER W 29 10.15 23.72 26.58
C SER W 29 9.64 24.83 27.50
N GLY W 30 8.63 24.52 28.30
CA GLY W 30 8.13 25.47 29.28
C GLY W 30 6.87 26.20 28.85
N PHE W 31 6.45 25.93 27.62
CA PHE W 31 5.28 26.59 27.04
C PHE W 31 3.94 25.92 27.35
N HIS W 32 2.86 26.65 27.14
CA HIS W 32 1.51 26.13 27.30
C HIS W 32 0.56 27.17 26.70
N PRO W 33 -0.33 26.75 25.79
CA PRO W 33 -0.51 25.37 25.31
C PRO W 33 0.56 24.87 24.34
N SER W 34 0.33 23.66 23.82
CA SER W 34 1.30 22.97 22.99
C SER W 34 1.21 23.31 21.51
N ASP W 35 0.40 24.31 21.16
CA ASP W 35 0.26 24.73 19.76
C ASP W 35 1.49 25.55 19.37
N ILE W 36 2.46 24.86 18.79
CA ILE W 36 3.75 25.47 18.44
C ILE W 36 4.12 25.12 17.00
N GLU W 37 4.50 26.14 16.24
CA GLU W 37 4.89 25.98 14.84
C GLU W 37 6.39 26.19 14.69
N VAL W 38 7.13 25.15 14.28
CA VAL W 38 8.57 25.28 14.26
C VAL W 38 9.18 25.09 12.89
N ASP W 39 10.31 25.76 12.66
CA ASP W 39 11.06 25.38 11.48
C ASP W 39 12.56 25.52 11.74
N LEU W 40 13.29 24.49 11.36
CA LEU W 40 14.74 24.52 11.44
C LEU W 40 15.22 25.29 10.22
N LEU W 41 16.19 26.16 10.46
CA LEU W 41 16.67 27.06 9.43
C LEU W 41 18.12 26.78 9.12
N LYS W 42 18.62 27.32 8.02
CA LYS W 42 20.02 27.14 7.66
C LYS W 42 20.61 28.49 7.30
N ASN W 43 20.53 28.82 6.02
CA ASN W 43 20.96 30.11 5.51
C ASN W 43 19.68 30.85 5.18
N GLY W 44 18.76 30.14 4.56
CA GLY W 44 17.41 30.62 4.38
C GLY W 44 16.43 29.68 5.05
N GLU W 45 16.09 28.58 4.37
CA GLU W 45 15.21 27.56 4.92
C GLU W 45 15.27 26.42 3.92
N ARG W 46 15.39 25.19 4.41
CA ARG W 46 15.65 24.10 3.49
C ARG W 46 15.06 22.79 3.98
N ILE W 47 15.21 22.50 5.27
CA ILE W 47 14.79 21.21 5.77
C ILE W 47 13.34 21.27 6.24
N GLU W 48 12.43 21.18 5.27
CA GLU W 48 11.01 21.15 5.55
C GLU W 48 10.60 19.71 5.78
N LYS W 49 11.60 18.84 5.77
CA LYS W 49 11.42 17.45 6.08
C LYS W 49 12.02 17.20 7.46
N VAL W 50 11.59 18.01 8.42
CA VAL W 50 12.07 17.86 9.79
C VAL W 50 11.13 16.90 10.48
N GLU W 51 11.69 15.95 11.20
CA GLU W 51 10.88 15.00 11.94
C GLU W 51 10.97 15.36 13.40
N HIS W 52 9.88 15.12 14.13
CA HIS W 52 9.75 15.59 15.48
C HIS W 52 9.51 14.48 16.49
N SER W 53 9.64 14.82 17.77
CA SER W 53 9.25 13.90 18.82
C SER W 53 7.81 14.21 19.17
N ASP W 54 7.15 13.28 19.85
CA ASP W 54 5.76 13.50 20.21
C ASP W 54 5.62 14.23 21.53
N LEU W 55 4.44 14.77 21.77
CA LEU W 55 4.19 15.72 22.85
C LEU W 55 4.19 15.11 24.26
N SER W 56 4.86 15.80 25.16
CA SER W 56 4.88 15.47 26.59
C SER W 56 4.82 16.80 27.34
N PHE W 57 4.73 16.74 28.67
CA PHE W 57 4.58 17.98 29.44
C PHE W 57 5.35 18.04 30.77
N SER W 58 6.52 17.40 30.80
CA SER W 58 7.46 17.49 31.92
C SER W 58 6.85 17.22 33.30
N LYS W 59 7.20 18.07 34.27
CA LYS W 59 6.83 17.84 35.66
C LYS W 59 5.71 18.76 36.13
N ASP W 60 5.79 20.03 35.76
CA ASP W 60 4.79 21.02 36.17
C ASP W 60 3.85 21.34 35.02
N TRP W 61 3.53 20.32 34.23
CA TRP W 61 2.56 20.42 33.14
C TRP W 61 3.04 21.38 32.04
N SER W 62 4.34 21.62 32.00
CA SER W 62 4.95 22.46 30.97
C SER W 62 5.50 21.59 29.84
N PHE W 63 4.97 21.77 28.65
CA PHE W 63 5.26 20.88 27.53
C PHE W 63 6.72 20.98 27.07
N TYR W 64 7.23 19.91 26.44
CA TYR W 64 8.58 19.94 25.88
C TYR W 64 8.73 19.06 24.63
N LEU W 65 9.36 19.62 23.59
CA LEU W 65 9.64 18.89 22.36
C LEU W 65 11.03 19.19 21.85
N LEU W 66 11.58 18.23 21.11
CA LEU W 66 12.88 18.39 20.50
C LEU W 66 12.75 18.10 19.02
N TYR W 67 12.93 19.13 18.20
CA TYR W 67 12.86 18.96 16.76
C TYR W 67 14.26 18.75 16.22
N TYR W 68 14.41 17.73 15.38
CA TYR W 68 15.74 17.32 14.96
C TYR W 68 15.84 17.02 13.49
N THR W 69 17.07 16.99 13.00
CA THR W 69 17.34 16.60 11.63
C THR W 69 18.77 16.08 11.53
N GLU W 70 19.13 15.59 10.35
CA GLU W 70 20.46 15.05 10.12
C GLU W 70 21.28 16.12 9.42
N PHE W 71 22.55 16.28 9.80
CA PHE W 71 23.36 17.31 9.16
C PHE W 71 24.87 17.07 9.22
N THR W 72 25.60 18.06 8.71
CA THR W 72 27.05 18.12 8.83
C THR W 72 27.45 19.52 9.31
N PRO W 73 28.12 19.60 10.46
CA PRO W 73 28.56 20.88 11.02
C PRO W 73 29.51 21.61 10.09
N THR W 74 29.26 22.90 9.88
CA THR W 74 30.07 23.69 8.97
C THR W 74 30.37 25.06 9.56
N GLU W 75 31.56 25.58 9.29
CA GLU W 75 31.93 26.93 9.71
C GLU W 75 31.45 27.91 8.65
N LYS W 76 31.03 27.37 7.51
CA LYS W 76 30.61 28.18 6.37
C LYS W 76 29.11 28.38 6.31
N ASP W 77 28.36 27.50 6.97
CA ASP W 77 26.90 27.58 6.91
C ASP W 77 26.27 27.78 8.28
N GLU W 78 25.20 28.58 8.30
CA GLU W 78 24.48 28.90 9.52
C GLU W 78 23.39 27.84 9.75
N TYR W 79 22.96 27.72 11.00
CA TYR W 79 21.86 26.84 11.37
C TYR W 79 21.08 27.52 12.50
N ALA W 80 19.78 27.72 12.30
CA ALA W 80 18.99 28.37 13.32
C ALA W 80 17.64 27.70 13.50
N CYS W 81 16.87 28.21 14.45
CA CYS W 81 15.56 27.67 14.73
C CYS W 81 14.58 28.82 14.88
N ARG W 82 13.56 28.83 14.02
CA ARG W 82 12.48 29.80 14.17
C ARG W 82 11.29 29.17 14.90
N VAL W 83 10.94 29.82 16.01
CA VAL W 83 9.92 29.36 16.95
C VAL W 83 8.97 30.50 17.32
N ASN W 84 7.69 30.28 17.06
CA ASN W 84 6.63 31.20 17.45
C ASN W 84 5.73 30.60 18.53
N HIS W 85 5.37 31.39 19.54
CA HIS W 85 4.42 30.94 20.55
C HIS W 85 3.35 32.01 20.64
N VAL W 86 2.35 31.80 21.50
CA VAL W 86 1.21 32.70 21.63
C VAL W 86 1.48 33.72 22.74
N THR W 87 2.66 33.66 23.36
CA THR W 87 3.04 34.61 24.40
C THR W 87 3.00 36.01 23.84
N LEU W 88 3.71 36.15 22.72
CA LEU W 88 3.76 37.36 21.92
C LEU W 88 3.56 36.92 20.48
N SER W 89 3.19 37.88 19.63
CA SER W 89 2.99 37.59 18.22
C SER W 89 4.25 38.00 17.46
N GLN W 90 5.37 37.86 18.14
CA GLN W 90 6.68 38.17 17.56
C GLN W 90 7.56 36.94 17.58
N PRO W 91 8.09 36.55 16.41
CA PRO W 91 8.88 35.34 16.27
C PRO W 91 10.18 35.38 17.06
N LYS W 92 10.91 34.27 17.08
CA LYS W 92 12.20 34.17 17.72
C LYS W 92 13.09 33.27 16.87
N ILE W 93 14.28 33.76 16.53
CA ILE W 93 15.20 32.99 15.70
C ILE W 93 16.48 32.77 16.48
N VAL W 94 16.57 31.63 17.15
CA VAL W 94 17.78 31.38 17.93
C VAL W 94 18.78 30.62 17.08
N LYS W 95 20.00 31.15 17.04
CA LYS W 95 21.01 30.63 16.14
C LYS W 95 21.94 29.68 16.87
N TRP W 96 22.61 28.85 16.08
CA TRP W 96 23.50 27.82 16.59
C TRP W 96 24.92 28.36 16.72
N ASP W 97 25.22 28.91 17.89
CA ASP W 97 26.50 29.59 18.15
C ASP W 97 27.48 28.84 19.04
N ARG W 98 28.02 27.72 18.55
CA ARG W 98 29.04 26.93 19.25
C ARG W 98 28.84 26.80 20.76
N LYS X 6 -6.08 -25.40 4.44
CA LYS X 6 -5.48 -26.23 5.48
C LYS X 6 -4.32 -25.51 6.14
N ALA X 7 -4.61 -24.60 7.08
CA ALA X 7 -3.52 -23.81 7.63
C ALA X 7 -2.95 -24.50 8.86
N ASP X 8 -1.70 -24.19 9.18
CA ASP X 8 -1.00 -24.76 10.33
C ASP X 8 0.04 -23.79 10.84
N PRO X 9 0.12 -23.63 12.17
CA PRO X 9 1.08 -22.71 12.80
C PRO X 9 2.41 -23.37 13.19
N CYS X 10 2.36 -24.25 14.20
CA CYS X 10 3.56 -24.69 14.93
C CYS X 10 4.07 -26.12 14.71
N LEU X 11 3.46 -26.87 13.80
CA LEU X 11 3.98 -28.21 13.51
C LEU X 11 5.13 -28.05 12.54
N THR X 12 5.24 -26.84 12.02
CA THR X 12 6.28 -26.55 11.06
C THR X 12 7.59 -26.32 11.78
N PHE X 13 8.65 -26.95 11.28
CA PHE X 13 9.98 -26.76 11.83
C PHE X 13 10.66 -25.63 11.06
N ASN X 14 9.94 -24.52 10.85
CA ASN X 14 10.45 -23.48 9.94
C ASN X 14 11.23 -22.29 10.54
N PRO X 15 11.10 -22.01 11.85
CA PRO X 15 12.00 -20.96 12.32
C PRO X 15 13.48 -21.30 12.19
N ASP X 16 14.04 -21.05 11.02
CA ASP X 16 15.49 -21.06 10.83
C ASP X 16 15.80 -19.59 10.63
N LYS X 17 14.88 -18.92 9.96
CA LYS X 17 14.95 -17.49 9.74
C LYS X 17 14.15 -16.78 10.82
N CYS X 18 14.81 -16.40 11.91
CA CYS X 18 14.18 -15.52 12.87
C CYS X 18 14.68 -14.12 12.54
N GLN X 19 13.78 -13.30 11.98
CA GLN X 19 14.16 -12.00 11.43
C GLN X 19 14.72 -11.11 12.52
N LEU X 20 15.72 -10.30 12.20
CA LEU X 20 16.34 -9.47 13.23
C LEU X 20 16.57 -8.01 12.85
N SER X 21 16.41 -7.14 13.84
CA SER X 21 16.62 -5.71 13.60
C SER X 21 17.63 -5.13 14.58
N PHE X 22 18.38 -4.12 14.15
CA PHE X 22 19.39 -3.51 15.00
C PHE X 22 19.12 -2.01 15.16
N GLN X 23 19.40 -1.46 16.34
CA GLN X 23 19.10 -0.04 16.56
C GLN X 23 20.01 0.60 17.60
N PRO X 24 20.42 1.86 17.36
CA PRO X 24 21.25 2.60 18.31
C PRO X 24 20.42 3.13 19.48
N ASP X 25 20.62 2.58 20.68
CA ASP X 25 19.86 3.02 21.85
C ASP X 25 20.78 3.26 23.06
N GLY X 26 21.05 4.53 23.35
CA GLY X 26 21.92 4.89 24.46
C GLY X 26 23.37 4.50 24.19
N ASN X 27 23.80 4.69 22.96
CA ASN X 27 25.15 4.35 22.51
C ASN X 27 25.51 2.88 22.68
N ARG X 28 24.53 2.01 22.42
CA ARG X 28 24.74 0.57 22.43
C ARG X 28 23.93 -0.04 21.30
N CYS X 29 24.46 -1.09 20.67
CA CYS X 29 23.77 -1.72 19.56
C CYS X 29 22.71 -2.72 20.04
N ALA X 30 21.46 -2.27 20.02
CA ALA X 30 20.35 -3.10 20.45
C ALA X 30 19.98 -4.10 19.36
N VAL X 31 20.06 -5.38 19.72
CA VAL X 31 19.75 -6.48 18.82
C VAL X 31 18.35 -7.00 19.12
N LEU X 32 17.58 -7.28 18.06
CA LEU X 32 16.22 -7.77 18.23
C LEU X 32 15.96 -9.00 17.39
N ILE X 33 16.01 -10.18 18.00
CA ILE X 33 15.67 -11.38 17.25
C ILE X 33 14.18 -11.68 17.41
N LYS X 34 13.44 -11.39 16.36
CA LYS X 34 12.00 -11.64 16.32
C LYS X 34 11.72 -12.91 15.55
N CYS X 35 11.16 -13.88 16.27
CA CYS X 35 10.68 -15.12 15.67
C CYS X 35 9.17 -15.07 15.64
N GLY X 36 8.52 -16.14 15.20
CA GLY X 36 7.10 -16.11 14.99
C GLY X 36 6.25 -15.95 16.24
N TRP X 37 5.16 -15.20 16.10
CA TRP X 37 4.19 -15.03 17.18
C TRP X 37 2.92 -15.82 16.92
N GLU X 38 3.00 -16.73 15.96
CA GLU X 38 1.88 -17.60 15.63
C GLU X 38 2.08 -18.90 16.38
N CYS X 39 3.23 -19.01 17.05
CA CYS X 39 3.60 -20.22 17.77
C CYS X 39 4.12 -20.02 19.19
N GLN X 40 3.70 -20.91 20.08
CA GLN X 40 4.24 -21.00 21.43
C GLN X 40 5.30 -22.10 21.34
N SER X 41 6.10 -22.25 22.38
CA SER X 41 7.15 -23.28 22.50
C SER X 41 8.36 -23.04 21.60
N VAL X 42 8.26 -22.07 20.68
CA VAL X 42 9.45 -21.62 19.96
C VAL X 42 10.28 -20.74 20.90
N ALA X 43 11.26 -21.35 21.56
CA ALA X 43 12.05 -20.66 22.57
C ALA X 43 13.31 -20.09 21.94
N ILE X 44 13.60 -18.82 22.22
CA ILE X 44 14.79 -18.19 21.64
C ILE X 44 15.88 -17.89 22.70
N GLN X 45 17.12 -18.24 22.38
CA GLN X 45 18.26 -17.99 23.26
C GLN X 45 19.35 -17.27 22.46
N TYR X 46 19.99 -16.26 23.07
CA TYR X 46 21.00 -15.44 22.39
C TYR X 46 22.38 -15.51 23.05
N LYS X 47 22.52 -14.87 24.21
CA LYS X 47 23.77 -14.97 24.96
C LYS X 47 23.54 -16.03 26.02
N ASN X 48 23.10 -15.59 27.19
CA ASN X 48 22.76 -16.49 28.29
C ASN X 48 21.34 -16.16 28.72
N LYS X 49 20.61 -15.49 27.82
CA LYS X 49 19.27 -15.01 28.10
C LYS X 49 18.22 -15.63 27.17
N THR X 50 17.13 -16.13 27.75
CA THR X 50 16.07 -16.81 27.00
C THR X 50 14.75 -16.09 27.16
N ARG X 51 14.10 -15.69 26.06
CA ARG X 51 12.88 -14.87 26.14
C ARG X 51 11.84 -15.15 25.05
N ASN X 52 11.17 -16.29 25.17
CA ASN X 52 9.93 -16.58 24.45
C ASN X 52 10.00 -16.47 22.93
N ASN X 53 9.15 -15.62 22.35
CA ASN X 53 9.03 -15.48 20.90
C ASN X 53 9.90 -14.37 20.31
N THR X 54 10.07 -13.28 21.05
CA THR X 54 10.85 -12.15 20.57
C THR X 54 11.84 -11.72 21.64
N LEU X 55 13.10 -11.52 21.25
CA LEU X 55 14.12 -11.15 22.22
C LEU X 55 14.78 -9.83 21.85
N ALA X 56 15.16 -9.09 22.89
CA ALA X 56 15.89 -7.84 22.76
C ALA X 56 17.10 -7.81 23.68
N SER X 57 18.28 -7.68 23.11
CA SER X 57 19.51 -7.56 23.87
C SER X 57 20.44 -6.53 23.23
N THR X 58 21.74 -6.71 23.41
CA THR X 58 22.74 -5.81 22.82
C THR X 58 23.95 -6.59 22.34
N TRP X 59 24.68 -6.05 21.37
CA TRP X 59 25.93 -6.69 20.94
C TRP X 59 27.15 -5.76 21.07
N GLN X 60 28.23 -6.31 21.62
CA GLN X 60 29.52 -5.62 21.67
C GLN X 60 30.62 -6.59 21.25
N PRO X 61 31.80 -6.08 20.86
CA PRO X 61 32.94 -6.93 20.48
C PRO X 61 33.25 -8.04 21.49
N GLY X 62 33.16 -9.28 21.02
CA GLY X 62 33.41 -10.44 21.87
C GLY X 62 32.14 -11.23 22.10
N ASP X 63 31.00 -10.54 22.06
CA ASP X 63 29.71 -11.17 22.27
C ASP X 63 29.33 -12.11 21.13
N PRO X 64 28.49 -13.12 21.40
CA PRO X 64 28.23 -14.19 20.43
C PRO X 64 27.63 -13.74 19.10
N GLU X 65 27.84 -14.55 18.06
CA GLU X 65 27.35 -14.28 16.71
C GLU X 65 26.53 -15.47 16.22
N TRP X 66 25.96 -16.16 17.21
CA TRP X 66 25.04 -17.27 17.04
C TRP X 66 23.84 -17.07 17.94
N TYR X 67 22.78 -17.82 17.69
CA TYR X 67 21.64 -17.90 18.59
C TYR X 67 20.92 -19.23 18.42
N THR X 68 20.31 -19.72 19.49
CA THR X 68 19.64 -21.02 19.44
C THR X 68 18.11 -20.86 19.44
N VAL X 69 17.45 -21.66 18.63
CA VAL X 69 15.99 -21.67 18.60
C VAL X 69 15.43 -23.07 18.83
N SER X 70 14.71 -23.24 19.93
CA SER X 70 14.15 -24.52 20.29
C SER X 70 12.71 -24.62 19.78
N VAL X 71 12.45 -25.60 18.93
CA VAL X 71 11.14 -25.77 18.33
C VAL X 71 10.74 -27.25 18.27
N PRO X 72 9.55 -27.58 18.79
CA PRO X 72 9.01 -28.94 18.76
C PRO X 72 8.63 -29.36 17.35
N GLY X 73 8.87 -30.63 17.03
CA GLY X 73 8.62 -31.15 15.70
C GLY X 73 7.26 -31.81 15.58
N ALA X 74 7.02 -32.45 14.44
CA ALA X 74 5.77 -33.16 14.20
C ALA X 74 5.73 -34.43 15.06
N ASP X 75 6.90 -34.89 15.47
CA ASP X 75 7.02 -36.03 16.37
C ASP X 75 6.71 -35.63 17.80
N GLY X 76 6.55 -34.32 18.02
CA GLY X 76 6.19 -33.79 19.32
C GLY X 76 7.39 -33.51 20.20
N PHE X 77 8.57 -33.82 19.67
CA PHE X 77 9.80 -33.65 20.42
C PHE X 77 10.50 -32.36 19.97
N LEU X 78 11.08 -31.66 20.93
CA LEU X 78 11.72 -30.36 20.69
C LEU X 78 13.17 -30.44 20.22
N ARG X 79 13.52 -29.62 19.23
CA ARG X 79 14.92 -29.55 18.77
C ARG X 79 15.46 -28.12 18.83
N THR X 80 16.64 -27.98 19.40
CA THR X 80 17.31 -26.69 19.52
C THR X 80 18.25 -26.53 18.34
N VAL X 81 18.15 -25.39 17.65
CA VAL X 81 18.88 -25.16 16.40
C VAL X 81 19.82 -23.96 16.47
N ASN X 82 21.07 -24.16 16.06
CA ASN X 82 22.02 -23.05 16.01
C ASN X 82 21.89 -22.29 14.71
N ASN X 83 21.69 -20.99 14.79
CA ASN X 83 21.71 -20.14 13.61
C ASN X 83 22.80 -19.13 13.81
N THR X 84 23.66 -18.96 12.81
CA THR X 84 24.76 -18.04 12.92
C THR X 84 24.47 -16.77 12.12
N PHE X 85 24.33 -15.67 12.84
CA PHE X 85 24.22 -14.37 12.20
C PHE X 85 25.27 -13.48 12.83
N ILE X 86 26.10 -12.88 11.99
CA ILE X 86 27.16 -12.03 12.48
C ILE X 86 26.61 -10.65 12.82
N PHE X 87 26.62 -10.34 14.11
CA PHE X 87 26.08 -9.09 14.61
C PHE X 87 27.15 -8.01 14.50
N GLU X 88 28.39 -8.46 14.37
CA GLU X 88 29.52 -7.57 14.16
C GLU X 88 29.42 -6.93 12.77
N HIS X 89 28.50 -7.44 11.96
CA HIS X 89 28.37 -6.99 10.58
C HIS X 89 27.13 -6.15 10.34
N MET X 90 26.33 -5.96 11.39
CA MET X 90 25.15 -5.10 11.29
C MET X 90 25.06 -4.12 12.46
N CYS X 91 25.87 -4.35 13.48
CA CYS X 91 25.96 -3.43 14.62
C CYS X 91 27.06 -2.39 14.41
N ASN X 92 27.99 -2.67 13.51
CA ASN X 92 28.99 -1.69 13.13
C ASN X 92 28.37 -0.70 12.15
N THR X 93 27.25 -1.11 11.56
CA THR X 93 26.53 -0.28 10.60
C THR X 93 25.52 0.60 11.32
N ALA X 94 24.85 0.04 12.34
CA ALA X 94 23.87 0.78 13.12
C ALA X 94 24.59 1.79 14.02
N MET X 95 25.71 1.37 14.60
CA MET X 95 26.51 2.23 15.46
C MET X 95 27.62 2.90 14.65
N PHE X 96 27.26 3.86 13.80
CA PHE X 96 28.28 4.49 12.98
C PHE X 96 28.58 5.89 13.49
N MET X 97 27.54 6.57 13.99
CA MET X 97 27.68 7.95 14.46
C MET X 97 28.32 8.07 15.85
N SER X 98 28.26 7.01 16.65
CA SER X 98 28.88 7.03 17.97
C SER X 98 30.35 6.64 17.87
N ARG X 99 30.74 6.19 16.69
CA ARG X 99 32.09 5.74 16.40
C ARG X 99 32.98 6.95 16.10
N GLN X 100 32.39 7.92 15.40
CA GLN X 100 33.07 9.13 14.96
C GLN X 100 33.55 9.93 16.17
N TYR X 101 32.90 9.69 17.30
CA TYR X 101 33.16 10.46 18.51
C TYR X 101 33.63 9.49 19.61
N HIS X 102 33.92 8.26 19.20
CA HIS X 102 34.50 7.23 20.08
C HIS X 102 33.71 6.92 21.34
N MET X 103 32.40 6.72 21.21
CA MET X 103 31.59 6.35 22.36
C MET X 103 31.14 4.89 22.25
N TRP X 104 31.38 4.30 21.10
CA TRP X 104 31.18 2.86 20.90
C TRP X 104 32.43 2.36 20.20
N PRO X 105 32.97 1.18 20.60
CA PRO X 105 32.57 0.16 21.58
C PRO X 105 32.31 0.67 23.00
N PRO X 106 31.49 -0.06 23.76
CA PRO X 106 31.00 0.31 25.11
C PRO X 106 32.02 0.86 26.07
N ARG X 107 33.30 0.56 25.88
CA ARG X 107 34.32 1.14 26.74
C ARG X 107 34.85 2.46 26.18
N LYS X 108 34.89 3.46 27.05
CA LYS X 108 35.34 4.81 26.70
C LYS X 108 34.49 5.50 25.62
#